data_8FFS
#
_entry.id   8FFS
#
_cell.length_a   1.00
_cell.length_b   1.00
_cell.length_c   1.00
_cell.angle_alpha   90.00
_cell.angle_beta   90.00
_cell.angle_gamma   90.00
#
_symmetry.space_group_name_H-M   'P 1'
#
loop_
_entity.id
_entity.type
_entity.pdbx_description
1 polymer 'Efflux pump membrane transporter'
2 non-polymer 'ERYTHROMYCIN A'
#
_entity_poly.entity_id   1
_entity_poly.type   'polypeptide(L)'
_entity_poly.pdbx_seq_one_letter_code
;MPNFFIDRPIFAWVIAIIIMLAGGLSILKLPVAQYPTIAPPAISITAMYPGADAETVQNTVTQVIEQNMNGIDHLMYMSS
NGDSTGTATITLTFESGTDPDIAQVQVQNKLALATPLLPQEVQQQGISVEKASSSFLMVVGVINTNGTMNQDDISDYVAA
NMKDPISRTSGVGDVQLFGSQYAMRIWMDPNKLNNFQLTPVDVISALKAQNAQVAAGQLGGTPPVKGQQLNASIIAQTRL
TNTEEFGNILLKVNQDGSQVRLRDVAKIELGGESYDVVAKFNGQPASGLGIKLATGANALDTANAIRAELAKMEPFFPSG
MKIVYPYDTTPFVKISIHEVVKTLVEAIILVFLVMYLFLQNFRATLIPTIAVPVVLLGTFAVLAAFGFSINTLTMFGMVL
AIGLLVDDAIVVVENVERVMAEEGLPPKEATRKSMGQIQGALVGIAMVLSAVFIPMAFFGGSTGAIYRQFSITIVSAMAL
SVLVALILTPALCATMLKPIQKGSHGATTGFFGWFNRMFDKSTHHYTDSVGNILRSTGRYLVLYLIIVVGMAWLFVRLPS
SFLPDEDQGVFLSMAQLPAGATQERTQKVLDEMTNYYLTKEKDNVESVFAVNGFGFAGRGQNTGIAFVSLKDWSQRPGEE
NKVEAITARAMGYFSQIKDAMVFAFNLPAIVELGTATGFDFELIDQGGLGHEKLTQARNQLFGMVAQHPDVLTGVRPNGL
EDTPQFKIDIDQEKAQALGVSISDINTTLGAAWGGSYVNDFIDRGRVKKVYIMSEAKYRMLPEDIGKWYVRGSDGQMVPF
SAFSTSRWEYGSPRLERYNGLPSLEILGQAAPGKSTGEAMALMEELAGKLPSGIGYDWTGMSYQERLSGNQAPALYAISL
IVVFLCLAALYESWSIPFSVMLVVPLGVVGALLAATFRGLTNDVYFQVGLLTTIGLSAKNAILIVEFAKDLMEKEGKGLI
EATLEAVRMRLRPILMTSLAFILGVMPLVISSGAGSGAQNAVGTGVMGGMVTATILAIFFVPVFFVVVRRRFSKKSEDIE
HSHQVEHH
;
_entity_poly.pdbx_strand_id   A,B,C
#
loop_
_chem_comp.id
_chem_comp.type
_chem_comp.name
_chem_comp.formula
ERY non-polymer 'ERYTHROMYCIN A' 'C37 H67 N O13'
#
# COMPACT_ATOMS: atom_id res chain seq x y z
N MET A 1 -40.70 9.84 0.37
CA MET A 1 -41.97 10.08 1.03
C MET A 1 -42.46 8.83 1.72
N PRO A 2 -42.74 8.92 3.02
CA PRO A 2 -43.31 7.76 3.73
C PRO A 2 -44.65 7.32 3.16
N ASN A 3 -45.43 8.25 2.62
CA ASN A 3 -46.73 7.89 2.06
C ASN A 3 -46.56 6.98 0.85
N PHE A 4 -45.34 6.92 0.30
CA PHE A 4 -45.04 5.89 -0.68
C PHE A 4 -45.02 4.51 -0.04
N PHE A 5 -44.39 4.39 1.12
CA PHE A 5 -44.29 3.08 1.77
C PHE A 5 -45.53 2.73 2.56
N ILE A 6 -46.38 3.71 2.86
CA ILE A 6 -47.64 3.38 3.53
C ILE A 6 -48.49 2.49 2.65
N ASP A 7 -48.56 2.79 1.35
CA ASP A 7 -49.32 1.98 0.42
C ASP A 7 -48.59 0.72 -0.02
N ARG A 8 -47.30 0.59 0.30
CA ARG A 8 -46.50 -0.58 -0.07
C ARG A 8 -45.79 -1.09 1.16
N PRO A 9 -46.53 -1.65 2.12
CA PRO A 9 -45.87 -2.16 3.32
C PRO A 9 -44.88 -3.28 3.05
N ILE A 10 -45.17 -4.14 2.08
CA ILE A 10 -44.31 -5.29 1.84
C ILE A 10 -42.95 -4.86 1.34
N PHE A 11 -42.90 -3.79 0.54
CA PHE A 11 -41.62 -3.21 0.17
C PHE A 11 -40.82 -2.82 1.41
N ALA A 12 -41.48 -2.18 2.37
CA ALA A 12 -40.80 -1.84 3.62
C ALA A 12 -40.34 -3.09 4.34
N TRP A 13 -41.15 -4.14 4.32
CA TRP A 13 -40.75 -5.38 4.98
C TRP A 13 -39.51 -5.98 4.34
N VAL A 14 -39.43 -5.98 3.01
CA VAL A 14 -38.25 -6.57 2.38
C VAL A 14 -37.02 -5.71 2.64
N ILE A 15 -37.20 -4.39 2.73
CA ILE A 15 -36.07 -3.54 3.08
C ILE A 15 -35.58 -3.86 4.48
N ALA A 16 -36.51 -4.00 5.41
CA ALA A 16 -36.13 -4.39 6.78
C ALA A 16 -35.45 -5.75 6.79
N ILE A 17 -35.92 -6.67 5.95
CA ILE A 17 -35.35 -8.02 5.93
C ILE A 17 -33.91 -7.98 5.43
N ILE A 18 -33.66 -7.23 4.35
CA ILE A 18 -32.30 -7.19 3.85
C ILE A 18 -31.38 -6.48 4.85
N ILE A 19 -31.89 -5.46 5.54
CA ILE A 19 -31.08 -4.82 6.57
C ILE A 19 -30.74 -5.80 7.68
N MET A 20 -31.73 -6.57 8.14
CA MET A 20 -31.48 -7.52 9.21
C MET A 20 -30.51 -8.61 8.78
N LEU A 21 -30.64 -9.07 7.53
CA LEU A 21 -29.71 -10.09 7.03
C LEU A 21 -28.29 -9.56 6.98
N ALA A 22 -28.12 -8.33 6.47
CA ALA A 22 -26.79 -7.73 6.43
C ALA A 22 -26.23 -7.60 7.83
N GLY A 23 -27.06 -7.18 8.78
CA GLY A 23 -26.60 -7.04 10.14
C GLY A 23 -26.18 -8.37 10.75
N GLY A 24 -26.95 -9.42 10.51
CA GLY A 24 -26.62 -10.74 11.02
C GLY A 24 -25.32 -11.25 10.47
N LEU A 25 -25.14 -11.12 9.15
CA LEU A 25 -23.89 -11.55 8.54
C LEU A 25 -22.71 -10.77 9.08
N SER A 26 -22.87 -9.45 9.22
CA SER A 26 -21.78 -8.64 9.77
C SER A 26 -21.46 -9.05 11.19
N ILE A 27 -22.48 -9.28 12.01
CA ILE A 27 -22.26 -9.73 13.38
C ILE A 27 -21.47 -11.03 13.38
N LEU A 28 -21.82 -11.95 12.49
CA LEU A 28 -21.07 -13.20 12.39
C LEU A 28 -19.63 -12.95 11.95
N LYS A 29 -19.40 -11.90 11.18
CA LYS A 29 -18.07 -11.65 10.62
C LYS A 29 -17.42 -10.39 11.16
N LEU A 30 -17.70 -10.02 12.41
CA LEU A 30 -17.09 -8.81 12.93
C LEU A 30 -16.03 -9.13 13.97
N PRO A 31 -14.85 -8.52 13.89
CA PRO A 31 -13.85 -8.74 14.93
C PRO A 31 -14.33 -8.19 16.27
N VAL A 32 -13.91 -8.85 17.34
CA VAL A 32 -14.25 -8.44 18.70
C VAL A 32 -12.95 -8.22 19.46
N ALA A 33 -12.80 -7.04 20.05
CA ALA A 33 -11.61 -6.70 20.81
C ALA A 33 -12.01 -5.79 21.95
N GLN A 34 -11.14 -5.66 22.95
CA GLN A 34 -11.44 -4.77 24.06
C GLN A 34 -11.47 -3.31 23.59
N TYR A 35 -10.44 -2.89 22.86
CA TYR A 35 -10.37 -1.56 22.31
C TYR A 35 -9.76 -1.64 20.92
N PRO A 36 -10.09 -0.71 20.04
CA PRO A 36 -9.48 -0.69 18.72
C PRO A 36 -8.09 -0.06 18.78
N THR A 37 -7.48 0.07 17.62
CA THR A 37 -6.18 0.73 17.54
C THR A 37 -6.33 2.20 17.90
N ILE A 38 -5.78 2.60 19.04
CA ILE A 38 -5.88 3.96 19.52
C ILE A 38 -4.53 4.67 19.51
N ALA A 39 -3.51 4.06 20.09
CA ALA A 39 -2.21 4.70 20.16
C ALA A 39 -1.63 4.88 18.77
N PRO A 40 -0.83 5.93 18.56
CA PRO A 40 -0.16 6.09 17.28
C PRO A 40 0.78 4.93 17.03
N PRO A 41 0.94 4.51 15.78
CA PRO A 41 1.83 3.38 15.50
C PRO A 41 3.25 3.70 15.95
N ALA A 42 3.85 2.75 16.65
CA ALA A 42 5.20 2.92 17.19
C ALA A 42 6.02 1.69 16.87
N ILE A 43 7.27 1.89 16.51
CA ILE A 43 8.17 0.82 16.11
C ILE A 43 9.34 0.79 17.08
N SER A 44 9.63 -0.39 17.61
CA SER A 44 10.70 -0.57 18.60
C SER A 44 11.84 -1.36 17.98
N ILE A 45 13.04 -0.81 18.08
CA ILE A 45 14.26 -1.47 17.66
C ILE A 45 15.01 -1.91 18.91
N THR A 46 15.22 -3.21 19.05
CA THR A 46 15.90 -3.75 20.23
C THR A 46 17.17 -4.47 19.81
N ALA A 47 18.31 -3.97 20.26
CA ALA A 47 19.59 -4.60 20.01
C ALA A 47 20.28 -4.82 21.33
N MET A 48 21.01 -5.93 21.44
CA MET A 48 21.68 -6.28 22.68
C MET A 48 23.17 -6.42 22.44
N TYR A 49 23.96 -5.86 23.35
CA TYR A 49 25.42 -5.98 23.36
C TYR A 49 25.78 -6.66 24.67
N PRO A 50 25.97 -7.97 24.66
CA PRO A 50 26.17 -8.70 25.92
C PRO A 50 27.33 -8.19 26.74
N GLY A 51 27.11 -8.01 28.04
CA GLY A 51 28.16 -7.56 28.93
C GLY A 51 28.69 -6.18 28.62
N ALA A 52 27.80 -5.23 28.32
CA ALA A 52 28.19 -3.87 28.00
C ALA A 52 27.42 -2.91 28.89
N ASP A 53 28.04 -1.77 29.20
CA ASP A 53 27.40 -0.77 30.04
C ASP A 53 26.56 0.18 29.19
N ALA A 54 25.93 1.13 29.87
CA ALA A 54 25.05 2.07 29.18
C ALA A 54 25.83 2.94 28.19
N GLU A 55 26.98 3.45 28.64
CA GLU A 55 27.78 4.32 27.77
C GLU A 55 28.24 3.57 26.53
N THR A 56 28.73 2.34 26.72
CA THR A 56 29.17 1.53 25.59
C THR A 56 28.03 1.27 24.63
N VAL A 57 26.87 0.85 25.17
CA VAL A 57 25.73 0.55 24.32
C VAL A 57 25.32 1.77 23.52
N GLN A 58 25.21 2.92 24.18
CA GLN A 58 24.87 4.14 23.48
C GLN A 58 25.85 4.40 22.36
N ASN A 59 27.13 4.64 22.72
CA ASN A 59 28.11 5.11 21.77
C ASN A 59 28.37 4.13 20.64
N THR A 60 28.11 2.84 20.85
CA THR A 60 28.41 1.90 19.80
C THR A 60 27.21 1.40 19.03
N VAL A 61 25.99 1.59 19.53
CA VAL A 61 24.82 1.06 18.86
C VAL A 61 23.81 2.17 18.61
N THR A 62 23.42 2.86 19.68
CA THR A 62 22.26 3.72 19.62
C THR A 62 22.54 4.93 18.75
N GLN A 63 23.70 5.55 18.93
CA GLN A 63 24.03 6.72 18.14
C GLN A 63 24.11 6.35 16.66
N VAL A 64 24.71 5.21 16.35
CA VAL A 64 24.84 4.80 14.96
C VAL A 64 23.47 4.59 14.33
N ILE A 65 22.60 3.86 15.03
CA ILE A 65 21.28 3.57 14.49
C ILE A 65 20.49 4.87 14.31
N GLU A 66 20.56 5.76 15.29
CA GLU A 66 19.85 7.03 15.18
C GLU A 66 20.36 7.85 14.01
N GLN A 67 21.69 7.89 13.83
CA GLN A 67 22.25 8.66 12.73
C GLN A 67 21.84 8.08 11.38
N ASN A 68 21.63 6.77 11.30
CA ASN A 68 21.25 6.16 10.03
C ASN A 68 19.74 5.94 9.90
N MET A 69 18.93 6.55 10.75
CA MET A 69 17.47 6.48 10.63
C MET A 69 16.93 7.71 9.92
N ASN A 70 17.25 7.79 8.62
CA ASN A 70 16.84 8.90 7.79
C ASN A 70 16.00 8.40 6.64
N GLY A 71 15.03 9.21 6.22
CA GLY A 71 14.23 8.90 5.06
C GLY A 71 12.93 8.16 5.34
N ILE A 72 12.59 7.96 6.61
CA ILE A 72 11.32 7.33 6.93
C ILE A 72 10.21 8.38 6.93
N ASP A 73 9.00 7.95 6.62
CA ASP A 73 7.89 8.85 6.41
C ASP A 73 6.98 8.92 7.63
N HIS A 74 6.38 10.09 7.82
CA HIS A 74 5.37 10.32 8.86
C HIS A 74 5.92 9.98 10.24
N LEU A 75 7.12 10.46 10.52
CA LEU A 75 7.79 10.22 11.79
C LEU A 75 7.56 11.42 12.71
N MET A 76 6.99 11.18 13.88
CA MET A 76 6.73 12.28 14.81
C MET A 76 7.93 12.54 15.70
N TYR A 77 8.41 11.51 16.40
CA TYR A 77 9.60 11.65 17.23
C TYR A 77 10.19 10.27 17.45
N MET A 78 11.47 10.25 17.83
CA MET A 78 12.14 9.01 18.18
C MET A 78 12.85 9.18 19.51
N SER A 79 12.84 8.12 20.31
CA SER A 79 13.52 8.11 21.59
C SER A 79 14.20 6.77 21.78
N SER A 80 15.27 6.77 22.57
CA SER A 80 16.10 5.59 22.71
C SER A 80 16.76 5.60 24.08
N ASN A 81 17.28 4.44 24.48
CA ASN A 81 17.98 4.33 25.74
C ASN A 81 18.87 3.10 25.73
N GLY A 82 19.88 3.13 26.58
CA GLY A 82 20.75 1.98 26.77
C GLY A 82 21.02 1.77 28.25
N ASP A 83 21.00 0.52 28.70
CA ASP A 83 21.10 0.24 30.12
C ASP A 83 22.24 -0.73 30.42
N SER A 84 22.48 -0.94 31.72
CA SER A 84 23.62 -1.72 32.15
C SER A 84 23.56 -3.16 31.68
N THR A 85 22.35 -3.66 31.39
CA THR A 85 22.24 -5.04 30.92
C THR A 85 22.87 -5.20 29.55
N GLY A 86 22.85 -4.14 28.74
CA GLY A 86 23.40 -4.20 27.41
C GLY A 86 22.38 -4.08 26.31
N THR A 87 21.17 -3.61 26.60
CA THR A 87 20.09 -3.55 25.64
C THR A 87 19.84 -2.11 25.21
N ALA A 88 19.82 -1.89 23.90
CA ALA A 88 19.48 -0.59 23.33
C ALA A 88 18.08 -0.68 22.74
N THR A 89 17.17 0.16 23.22
CA THR A 89 15.79 0.16 22.77
C THR A 89 15.50 1.50 22.12
N ILE A 90 15.28 1.49 20.82
CA ILE A 90 15.00 2.70 20.05
C ILE A 90 13.55 2.63 19.60
N THR A 91 12.76 3.63 19.98
CA THR A 91 11.35 3.66 19.66
C THR A 91 11.05 4.83 18.73
N LEU A 92 10.43 4.53 17.59
CA LEU A 92 10.03 5.54 16.63
C LEU A 92 8.50 5.60 16.61
N THR A 93 7.95 6.79 16.83
CA THR A 93 6.51 6.98 16.88
C THR A 93 6.06 7.74 15.65
N PHE A 94 5.08 7.19 14.95
CA PHE A 94 4.61 7.74 13.69
C PHE A 94 3.28 8.45 13.87
N GLU A 95 2.86 9.15 12.81
CA GLU A 95 1.61 9.88 12.86
C GLU A 95 0.43 8.93 12.92
N SER A 96 -0.74 9.47 13.26
CA SER A 96 -1.89 8.66 13.57
C SER A 96 -2.35 7.83 12.38
N GLY A 97 -2.36 8.42 11.19
CA GLY A 97 -2.88 7.71 10.04
C GLY A 97 -1.91 6.76 9.38
N THR A 98 -0.69 6.66 9.88
CA THR A 98 0.35 5.89 9.22
C THR A 98 0.01 4.41 9.20
N ASP A 99 0.35 3.75 8.11
CA ASP A 99 0.17 2.31 8.01
C ASP A 99 1.28 1.62 8.78
N PRO A 100 0.97 0.83 9.81
CA PRO A 100 2.04 0.24 10.62
C PRO A 100 2.96 -0.69 9.83
N ASP A 101 2.44 -1.43 8.87
CA ASP A 101 3.27 -2.37 8.13
C ASP A 101 4.33 -1.64 7.30
N ILE A 102 3.91 -0.60 6.58
CA ILE A 102 4.86 0.16 5.77
C ILE A 102 5.90 0.82 6.66
N ALA A 103 5.46 1.39 7.79
CA ALA A 103 6.41 2.03 8.69
C ALA A 103 7.42 1.03 9.21
N GLN A 104 6.95 -0.15 9.62
CA GLN A 104 7.86 -1.14 10.16
C GLN A 104 8.85 -1.60 9.11
N VAL A 105 8.38 -1.81 7.87
CA VAL A 105 9.30 -2.28 6.84
C VAL A 105 10.32 -1.21 6.49
N GLN A 106 9.92 0.06 6.48
CA GLN A 106 10.88 1.13 6.22
C GLN A 106 11.93 1.20 7.33
N VAL A 107 11.48 1.12 8.58
CA VAL A 107 12.41 1.15 9.70
C VAL A 107 13.38 -0.02 9.60
N GLN A 108 12.85 -1.20 9.29
CA GLN A 108 13.70 -2.39 9.22
C GLN A 108 14.68 -2.31 8.07
N ASN A 109 14.26 -1.75 6.93
CA ASN A 109 15.18 -1.61 5.81
C ASN A 109 16.32 -0.65 6.14
N LYS A 110 15.99 0.47 6.78
CA LYS A 110 17.05 1.38 7.21
C LYS A 110 17.98 0.70 8.20
N LEU A 111 17.43 -0.08 9.12
CA LEU A 111 18.27 -0.81 10.07
C LEU A 111 19.15 -1.83 9.36
N ALA A 112 18.62 -2.48 8.33
CA ALA A 112 19.41 -3.46 7.58
C ALA A 112 20.58 -2.77 6.89
N LEU A 113 20.34 -1.59 6.34
CA LEU A 113 21.44 -0.83 5.77
C LEU A 113 22.46 -0.43 6.82
N ALA A 114 22.00 -0.10 8.03
CA ALA A 114 22.91 0.35 9.08
C ALA A 114 23.61 -0.78 9.80
N THR A 115 23.14 -2.02 9.66
CA THR A 115 23.68 -3.14 10.42
C THR A 115 25.19 -3.34 10.29
N PRO A 116 25.80 -3.26 9.11
CA PRO A 116 27.25 -3.49 9.03
C PRO A 116 28.07 -2.51 9.84
N LEU A 117 27.49 -1.37 10.24
CA LEU A 117 28.19 -0.40 11.07
C LEU A 117 28.15 -0.73 12.55
N LEU A 118 27.34 -1.68 12.95
CA LEU A 118 27.23 -2.04 14.36
C LEU A 118 28.36 -2.97 14.77
N PRO A 119 28.68 -3.03 16.05
CA PRO A 119 29.68 -3.99 16.51
C PRO A 119 29.25 -5.40 16.20
N GLN A 120 30.22 -6.25 15.89
CA GLN A 120 29.90 -7.58 15.36
C GLN A 120 29.13 -8.40 16.39
N GLU A 121 29.37 -8.18 17.67
CA GLU A 121 28.62 -8.89 18.70
C GLU A 121 27.14 -8.54 18.63
N VAL A 122 26.83 -7.26 18.40
CA VAL A 122 25.45 -6.85 18.25
C VAL A 122 24.84 -7.51 17.01
N GLN A 123 25.59 -7.58 15.92
CA GLN A 123 25.09 -8.24 14.72
C GLN A 123 24.78 -9.71 14.99
N GLN A 124 25.67 -10.40 15.70
CA GLN A 124 25.43 -11.81 16.01
C GLN A 124 24.19 -11.97 16.86
N GLN A 125 24.02 -11.11 17.87
CA GLN A 125 22.82 -11.17 18.68
C GLN A 125 21.57 -10.91 17.87
N GLY A 126 21.69 -10.16 16.79
CA GLY A 126 20.55 -9.85 15.95
C GLY A 126 19.74 -8.70 16.51
N ILE A 127 19.28 -7.85 15.61
CA ILE A 127 18.50 -6.66 15.97
C ILE A 127 17.08 -6.88 15.49
N SER A 128 16.12 -6.76 16.40
CA SER A 128 14.73 -7.07 16.13
C SER A 128 13.93 -5.77 16.06
N VAL A 129 13.19 -5.59 14.97
CA VAL A 129 12.32 -4.44 14.77
C VAL A 129 10.89 -4.92 14.90
N GLU A 130 10.18 -4.44 15.91
CA GLU A 130 8.82 -4.91 16.18
C GLU A 130 7.91 -3.74 16.45
N LYS A 131 6.62 -3.91 16.21
CA LYS A 131 5.67 -2.85 16.52
C LYS A 131 5.38 -2.92 18.01
N ALA A 132 5.56 -1.82 18.71
CA ALA A 132 5.38 -1.84 20.16
C ALA A 132 3.99 -1.45 20.62
N SER A 133 3.30 -0.63 19.83
CA SER A 133 1.98 -0.16 20.23
C SER A 133 1.05 -1.29 20.65
N SER A 134 1.36 -2.52 20.26
CA SER A 134 0.49 -3.63 20.57
C SER A 134 0.58 -4.01 22.05
N SER A 135 -0.33 -4.88 22.47
CA SER A 135 -0.32 -5.35 23.86
C SER A 135 -0.80 -6.80 23.91
N PHE A 136 -0.26 -7.59 24.82
CA PHE A 136 -0.60 -9.00 24.89
C PHE A 136 -2.07 -9.26 25.18
N LEU A 137 -2.67 -10.24 24.51
CA LEU A 137 -4.04 -10.60 24.83
C LEU A 137 -4.00 -11.36 26.13
N MET A 138 -3.14 -12.35 26.21
CA MET A 138 -2.96 -13.08 27.45
C MET A 138 -1.53 -13.57 27.53
N VAL A 139 -1.10 -13.95 28.73
CA VAL A 139 0.23 -14.53 28.89
C VAL A 139 0.11 -15.84 29.64
N VAL A 140 0.03 -16.95 28.90
CA VAL A 140 -0.05 -18.24 29.56
C VAL A 140 1.29 -18.56 30.20
N GLY A 141 1.27 -18.92 31.48
CA GLY A 141 2.48 -19.25 32.20
C GLY A 141 2.53 -20.73 32.48
N VAL A 142 3.75 -21.27 32.51
CA VAL A 142 3.99 -22.68 32.77
C VAL A 142 4.86 -22.78 34.01
N ILE A 143 4.43 -23.62 34.97
CA ILE A 143 5.13 -23.78 36.23
C ILE A 143 5.43 -25.26 36.43
N ASN A 144 6.36 -25.52 37.33
CA ASN A 144 6.68 -26.89 37.72
C ASN A 144 6.34 -27.06 39.20
N THR A 145 5.40 -27.95 39.49
CA THR A 145 5.02 -28.20 40.88
C THR A 145 6.17 -28.79 41.67
N ASN A 146 6.88 -29.76 41.08
CA ASN A 146 8.02 -30.34 41.74
C ASN A 146 9.22 -29.38 41.67
N GLY A 147 10.31 -29.80 42.28
CA GLY A 147 11.55 -29.07 42.16
C GLY A 147 12.43 -29.55 41.03
N THR A 148 11.88 -30.37 40.12
CA THR A 148 12.69 -31.00 39.09
C THR A 148 13.28 -30.01 38.11
N MET A 149 12.54 -28.98 37.73
CA MET A 149 12.93 -28.09 36.65
C MET A 149 13.08 -26.67 37.17
N ASN A 150 14.14 -25.99 36.71
CA ASN A 150 14.27 -24.57 36.95
C ASN A 150 13.60 -23.81 35.81
N GLN A 151 13.73 -22.49 35.82
CA GLN A 151 13.05 -21.71 34.80
C GLN A 151 13.65 -21.94 33.42
N ASP A 152 14.94 -22.31 33.37
CA ASP A 152 15.57 -22.59 32.08
C ASP A 152 14.97 -23.84 31.44
N ASP A 153 14.78 -24.89 32.25
CA ASP A 153 14.18 -26.11 31.70
C ASP A 153 12.78 -25.85 31.21
N ILE A 154 12.01 -25.09 31.98
CA ILE A 154 10.63 -24.77 31.58
C ILE A 154 10.62 -23.97 30.30
N SER A 155 11.51 -22.97 30.21
CA SER A 155 11.57 -22.14 29.01
C SER A 155 11.94 -22.98 27.79
N ASP A 156 12.91 -23.88 27.95
CA ASP A 156 13.30 -24.73 26.84
C ASP A 156 12.16 -25.64 26.41
N TYR A 157 11.46 -26.24 27.37
CA TYR A 157 10.34 -27.09 27.03
C TYR A 157 9.27 -26.31 26.31
N VAL A 158 8.98 -25.10 26.77
CA VAL A 158 7.99 -24.27 26.10
C VAL A 158 8.41 -23.98 24.67
N ALA A 159 9.65 -23.51 24.49
CA ALA A 159 10.13 -23.18 23.15
C ALA A 159 10.06 -24.38 22.23
N ALA A 160 10.32 -25.57 22.75
CA ALA A 160 10.32 -26.75 21.92
C ALA A 160 8.94 -27.30 21.62
N ASN A 161 8.00 -27.24 22.57
CA ASN A 161 6.78 -28.01 22.46
C ASN A 161 5.49 -27.20 22.52
N MET A 162 5.55 -25.89 22.68
CA MET A 162 4.29 -25.17 22.80
C MET A 162 4.17 -24.01 21.84
N LYS A 163 5.26 -23.35 21.49
CA LYS A 163 5.16 -22.13 20.69
C LYS A 163 4.55 -22.42 19.32
N ASP A 164 5.00 -23.49 18.68
CA ASP A 164 4.44 -23.83 17.36
C ASP A 164 2.97 -24.20 17.40
N PRO A 165 2.51 -25.12 18.27
CA PRO A 165 1.07 -25.43 18.29
C PRO A 165 0.22 -24.21 18.60
N ILE A 166 0.69 -23.36 19.50
CA ILE A 166 -0.06 -22.17 19.84
C ILE A 166 -0.03 -21.17 18.69
N SER A 167 1.13 -21.01 18.05
CA SER A 167 1.21 -20.11 16.92
C SER A 167 0.34 -20.57 15.76
N ARG A 168 0.05 -21.86 15.68
CA ARG A 168 -0.80 -22.38 14.62
C ARG A 168 -2.29 -22.29 14.95
N THR A 169 -2.65 -21.82 16.13
CA THR A 169 -4.06 -21.69 16.45
C THR A 169 -4.68 -20.56 15.64
N SER A 170 -5.99 -20.40 15.79
CA SER A 170 -6.75 -19.46 14.99
C SER A 170 -6.71 -18.08 15.62
N GLY A 171 -6.26 -17.10 14.84
CA GLY A 171 -6.32 -15.72 15.25
C GLY A 171 -5.26 -15.26 16.23
N VAL A 172 -4.13 -15.98 16.32
CA VAL A 172 -3.03 -15.56 17.21
C VAL A 172 -2.03 -14.81 16.35
N GLY A 173 -1.83 -13.52 16.68
CA GLY A 173 -0.93 -12.70 15.87
C GLY A 173 0.52 -13.14 15.95
N ASP A 174 0.99 -13.41 17.17
CA ASP A 174 2.35 -13.87 17.39
C ASP A 174 2.48 -14.25 18.86
N VAL A 175 3.48 -15.07 19.17
CA VAL A 175 3.69 -15.49 20.55
C VAL A 175 5.10 -15.18 20.99
N GLN A 176 5.24 -14.48 22.12
CA GLN A 176 6.55 -14.14 22.62
C GLN A 176 6.90 -14.98 23.84
N LEU A 177 7.92 -15.81 23.72
CA LEU A 177 8.36 -16.60 24.86
C LEU A 177 9.18 -15.71 25.76
N PHE A 178 8.73 -15.54 26.99
CA PHE A 178 9.44 -14.67 27.91
C PHE A 178 10.80 -15.24 28.30
N GLY A 179 10.95 -16.55 28.22
CA GLY A 179 12.22 -17.17 28.55
C GLY A 179 13.11 -17.32 27.32
N SER A 180 13.98 -18.32 27.33
CA SER A 180 14.84 -18.55 26.17
C SER A 180 15.11 -20.05 26.08
N GLN A 181 15.56 -20.47 24.90
CA GLN A 181 15.94 -21.85 24.72
C GLN A 181 17.13 -22.21 25.60
N TYR A 182 17.52 -23.48 25.55
CA TYR A 182 18.75 -23.89 26.19
C TYR A 182 19.94 -23.26 25.46
N ALA A 183 21.09 -23.32 26.12
CA ALA A 183 22.34 -22.89 25.52
C ALA A 183 23.46 -23.60 26.24
N MET A 184 24.46 -24.04 25.49
CA MET A 184 25.59 -24.72 26.10
C MET A 184 26.41 -23.67 26.85
N ARG A 185 26.25 -23.60 28.17
CA ARG A 185 26.98 -22.67 28.99
C ARG A 185 28.31 -23.32 29.37
N ILE A 186 29.40 -22.64 29.09
CA ILE A 186 30.75 -23.10 29.43
C ILE A 186 31.26 -22.20 30.53
N TRP A 187 31.34 -22.73 31.74
CA TRP A 187 31.77 -21.95 32.89
C TRP A 187 33.26 -22.17 33.11
N MET A 188 34.06 -21.14 32.82
CA MET A 188 35.50 -21.24 32.89
C MET A 188 36.00 -21.05 34.31
N ASP A 189 37.18 -21.61 34.57
CA ASP A 189 37.85 -21.51 35.86
C ASP A 189 39.20 -20.85 35.62
N PRO A 190 39.43 -19.63 36.11
CA PRO A 190 40.72 -18.97 35.85
C PRO A 190 41.90 -19.72 36.41
N ASN A 191 41.73 -20.40 37.54
CA ASN A 191 42.84 -21.13 38.13
C ASN A 191 43.32 -22.24 37.22
N LYS A 192 42.41 -23.04 36.71
CA LYS A 192 42.79 -24.13 35.80
C LYS A 192 43.36 -23.59 34.51
N LEU A 193 42.74 -22.52 33.98
CA LEU A 193 43.26 -21.89 32.77
C LEU A 193 44.71 -21.48 32.96
N ASN A 194 45.01 -20.80 34.07
CA ASN A 194 46.38 -20.38 34.33
C ASN A 194 47.29 -21.58 34.52
N ASN A 195 46.77 -22.63 35.18
CA ASN A 195 47.59 -23.81 35.43
C ASN A 195 48.01 -24.47 34.13
N PHE A 196 47.17 -24.41 33.10
CA PHE A 196 47.52 -24.95 31.80
C PHE A 196 48.02 -23.89 30.83
N GLN A 197 48.26 -22.67 31.32
CA GLN A 197 48.77 -21.58 30.49
C GLN A 197 47.86 -21.31 29.30
N LEU A 198 46.56 -21.27 29.57
CA LEU A 198 45.54 -21.00 28.57
C LEU A 198 44.72 -19.80 28.97
N THR A 199 44.31 -19.01 28.00
CA THR A 199 43.45 -17.86 28.17
C THR A 199 42.08 -18.14 27.55
N PRO A 200 41.08 -17.31 27.84
CA PRO A 200 39.78 -17.48 27.17
C PRO A 200 39.86 -17.36 25.66
N VAL A 201 40.89 -16.68 25.13
CA VAL A 201 41.04 -16.58 23.69
C VAL A 201 41.22 -17.96 23.06
N ASP A 202 42.02 -18.80 23.70
CA ASP A 202 42.24 -20.14 23.17
C ASP A 202 40.96 -20.96 23.19
N VAL A 203 40.17 -20.81 24.26
CA VAL A 203 38.88 -21.50 24.34
C VAL A 203 37.98 -21.03 23.21
N ILE A 204 37.95 -19.71 22.97
CA ILE A 204 37.12 -19.17 21.89
C ILE A 204 37.56 -19.74 20.55
N SER A 205 38.87 -19.77 20.30
CA SER A 205 39.39 -20.27 19.03
C SER A 205 39.00 -21.72 18.83
N ALA A 206 39.19 -22.54 19.87
CA ALA A 206 38.85 -23.96 19.76
C ALA A 206 37.36 -24.14 19.51
N LEU A 207 36.53 -23.40 20.23
CA LEU A 207 35.09 -23.56 20.06
C LEU A 207 34.64 -23.14 18.68
N LYS A 208 35.19 -22.04 18.16
CA LYS A 208 34.84 -21.63 16.81
C LYS A 208 35.27 -22.67 15.79
N ALA A 209 36.46 -23.22 15.95
CA ALA A 209 36.95 -24.19 14.99
C ALA A 209 36.18 -25.50 15.04
N GLN A 210 35.68 -25.90 16.21
CA GLN A 210 35.14 -27.25 16.35
C GLN A 210 33.87 -27.45 15.54
N ASN A 211 32.90 -26.55 15.68
CA ASN A 211 31.62 -26.68 15.01
C ASN A 211 31.61 -25.88 13.73
N ALA A 212 31.17 -26.50 12.64
CA ALA A 212 31.13 -25.85 11.34
C ALA A 212 30.27 -26.70 10.42
N GLN A 213 30.15 -26.25 9.17
CA GLN A 213 29.40 -26.96 8.15
C GLN A 213 30.29 -27.13 6.94
N VAL A 214 30.25 -28.30 6.32
CA VAL A 214 31.11 -28.65 5.20
C VAL A 214 30.24 -28.88 3.99
N ALA A 215 30.49 -28.12 2.92
CA ALA A 215 29.79 -28.32 1.65
C ALA A 215 30.55 -29.38 0.85
N ALA A 216 30.35 -30.62 1.23
CA ALA A 216 31.18 -31.71 0.74
C ALA A 216 30.78 -32.19 -0.65
N GLY A 217 29.81 -31.56 -1.29
CA GLY A 217 29.50 -31.95 -2.66
C GLY A 217 28.90 -33.35 -2.74
N GLN A 218 29.13 -34.00 -3.88
CA GLN A 218 28.49 -35.28 -4.18
C GLN A 218 29.48 -36.23 -4.82
N LEU A 219 29.20 -37.52 -4.68
CA LEU A 219 29.83 -38.51 -5.53
C LEU A 219 29.24 -38.43 -6.92
N GLY A 220 30.11 -38.48 -7.93
CA GLY A 220 29.61 -38.45 -9.29
C GLY A 220 28.85 -37.19 -9.61
N GLY A 221 29.25 -36.07 -9.04
CA GLY A 221 28.61 -34.81 -9.33
C GLY A 221 28.93 -34.32 -10.72
N THR A 222 28.10 -33.42 -11.19
CA THR A 222 28.33 -32.84 -12.50
C THR A 222 29.49 -31.88 -12.43
N PRO A 223 30.40 -31.88 -13.42
CA PRO A 223 30.42 -32.71 -14.63
C PRO A 223 30.94 -34.10 -14.34
N PRO A 224 30.23 -35.13 -14.76
CA PRO A 224 30.64 -36.49 -14.42
C PRO A 224 31.55 -37.11 -15.46
N VAL A 225 32.23 -38.20 -15.07
CA VAL A 225 32.96 -39.00 -16.04
C VAL A 225 31.97 -39.82 -16.86
N LYS A 226 32.31 -40.03 -18.13
CA LYS A 226 31.48 -40.89 -18.97
C LYS A 226 31.40 -42.28 -18.36
N GLY A 227 30.18 -42.78 -18.22
CA GLY A 227 29.94 -44.09 -17.68
C GLY A 227 29.60 -44.12 -16.20
N GLN A 228 29.65 -42.98 -15.52
CA GLN A 228 29.28 -42.93 -14.12
C GLN A 228 27.83 -43.38 -13.94
N GLN A 229 27.55 -44.04 -12.82
CA GLN A 229 26.21 -44.55 -12.58
C GLN A 229 25.68 -44.33 -11.17
N LEU A 230 26.48 -43.76 -10.26
CA LEU A 230 26.03 -43.53 -8.90
C LEU A 230 26.30 -42.09 -8.53
N ASN A 231 25.27 -41.39 -8.06
CA ASN A 231 25.38 -40.01 -7.61
C ASN A 231 24.80 -39.91 -6.21
N ALA A 232 25.65 -39.68 -5.22
CA ALA A 232 25.24 -39.58 -3.84
C ALA A 232 25.85 -38.35 -3.22
N SER A 233 25.05 -37.58 -2.50
CA SER A 233 25.57 -36.43 -1.78
C SER A 233 26.48 -36.89 -0.65
N ILE A 234 27.56 -36.15 -0.44
CA ILE A 234 28.52 -36.46 0.61
C ILE A 234 28.15 -35.67 1.85
N ILE A 235 28.09 -36.35 2.99
CA ILE A 235 27.74 -35.72 4.26
C ILE A 235 28.91 -35.94 5.20
N ALA A 236 29.56 -34.85 5.59
CA ALA A 236 30.63 -34.88 6.58
C ALA A 236 30.31 -33.81 7.62
N GLN A 237 29.52 -34.18 8.61
CA GLN A 237 29.05 -33.23 9.63
C GLN A 237 29.74 -33.58 10.95
N THR A 238 30.86 -32.92 11.21
CA THR A 238 31.57 -33.08 12.48
C THR A 238 31.02 -32.04 13.45
N ARG A 239 29.78 -32.26 13.86
CA ARG A 239 29.08 -31.36 14.77
C ARG A 239 29.02 -31.98 16.16
N LEU A 240 28.96 -31.12 17.17
CA LEU A 240 28.90 -31.55 18.56
C LEU A 240 27.52 -31.20 19.12
N THR A 241 26.88 -32.18 19.76
CA THR A 241 25.50 -32.02 20.19
C THR A 241 25.38 -31.98 21.71
N ASN A 242 25.90 -32.98 22.42
CA ASN A 242 25.70 -33.03 23.85
C ASN A 242 26.82 -32.32 24.58
N THR A 243 26.74 -32.34 25.91
CA THR A 243 27.73 -31.64 26.72
C THR A 243 29.08 -32.33 26.66
N GLU A 244 29.10 -33.66 26.63
CA GLU A 244 30.37 -34.38 26.73
C GLU A 244 31.23 -34.14 25.51
N GLU A 245 30.62 -33.98 24.34
CA GLU A 245 31.39 -33.68 23.14
C GLU A 245 32.08 -32.33 23.27
N PHE A 246 31.38 -31.34 23.82
CA PHE A 246 32.02 -30.06 24.07
C PHE A 246 33.14 -30.20 25.09
N GLY A 247 32.90 -30.96 26.16
CA GLY A 247 33.93 -31.15 27.16
C GLY A 247 35.15 -31.86 26.59
N ASN A 248 34.94 -32.69 25.58
CA ASN A 248 36.02 -33.47 24.98
C ASN A 248 36.86 -32.68 24.00
N ILE A 249 36.48 -31.44 23.70
CA ILE A 249 37.22 -30.60 22.76
C ILE A 249 38.67 -30.46 23.20
N LEU A 250 39.60 -30.65 22.28
CA LEU A 250 41.01 -30.49 22.59
C LEU A 250 41.38 -29.01 22.58
N LEU A 251 42.16 -28.59 23.57
CA LEU A 251 42.64 -27.22 23.65
C LEU A 251 44.14 -27.09 23.44
N LYS A 252 44.93 -27.93 24.09
CA LYS A 252 46.39 -27.83 23.99
C LYS A 252 46.97 -29.21 24.24
N VAL A 253 48.14 -29.45 23.64
CA VAL A 253 48.88 -30.69 23.86
C VAL A 253 50.13 -30.35 24.64
N ASN A 254 50.31 -30.99 25.79
CA ASN A 254 51.42 -30.67 26.67
C ASN A 254 52.73 -31.18 26.10
N GLN A 255 53.83 -30.73 26.71
CA GLN A 255 55.15 -31.18 26.28
C GLN A 255 55.32 -32.67 26.49
N ASP A 256 54.79 -33.20 27.59
CA ASP A 256 54.94 -34.62 27.87
C ASP A 256 54.11 -35.50 26.94
N GLY A 257 53.24 -34.91 26.13
CA GLY A 257 52.36 -35.64 25.25
C GLY A 257 50.93 -35.73 25.73
N SER A 258 50.67 -35.34 26.97
CA SER A 258 49.29 -35.30 27.45
C SER A 258 48.53 -34.17 26.77
N GLN A 259 47.20 -34.26 26.84
CA GLN A 259 46.32 -33.34 26.15
C GLN A 259 45.40 -32.65 27.14
N VAL A 260 45.06 -31.40 26.84
CA VAL A 260 44.22 -30.58 27.68
C VAL A 260 42.86 -30.48 27.01
N ARG A 261 41.87 -31.18 27.57
CA ARG A 261 40.52 -31.12 27.06
C ARG A 261 39.79 -29.92 27.65
N LEU A 262 38.65 -29.58 27.04
CA LEU A 262 37.88 -28.44 27.52
C LEU A 262 37.33 -28.71 28.92
N ARG A 263 36.91 -29.94 29.19
CA ARG A 263 36.35 -30.27 30.49
C ARG A 263 37.36 -30.04 31.59
N ASP A 264 38.65 -30.08 31.26
CA ASP A 264 39.67 -29.95 32.29
C ASP A 264 39.77 -28.53 32.83
N VAL A 265 39.35 -27.54 32.04
CA VAL A 265 39.49 -26.14 32.44
C VAL A 265 38.16 -25.43 32.56
N ALA A 266 37.05 -26.12 32.31
CA ALA A 266 35.77 -25.44 32.33
C ALA A 266 34.68 -26.44 32.69
N LYS A 267 33.52 -25.90 33.04
CA LYS A 267 32.37 -26.69 33.45
C LYS A 267 31.28 -26.52 32.41
N ILE A 268 31.02 -27.58 31.65
CA ILE A 268 30.10 -27.52 30.52
C ILE A 268 28.77 -28.11 30.94
N GLU A 269 27.69 -27.37 30.68
CA GLU A 269 26.35 -27.84 31.00
C GLU A 269 25.33 -26.98 30.28
N LEU A 270 24.15 -27.54 30.06
CA LEU A 270 23.07 -26.79 29.43
C LEU A 270 22.50 -25.78 30.41
N GLY A 271 22.29 -24.56 29.93
CA GLY A 271 21.73 -23.51 30.75
C GLY A 271 21.05 -22.48 29.89
N GLY A 272 20.41 -21.52 30.53
CA GLY A 272 19.69 -20.50 29.79
C GLY A 272 20.60 -19.54 29.08
N GLU A 273 20.04 -18.83 28.11
CA GLU A 273 20.81 -17.81 27.40
C GLU A 273 21.11 -16.63 28.31
N SER A 274 20.16 -16.25 29.15
CA SER A 274 20.32 -15.10 30.03
C SER A 274 19.77 -15.44 31.41
N TYR A 275 20.48 -14.99 32.44
CA TYR A 275 20.07 -15.20 33.82
C TYR A 275 19.68 -13.89 34.49
N ASP A 276 19.51 -12.83 33.72
CA ASP A 276 19.14 -11.53 34.28
C ASP A 276 17.74 -11.55 34.86
N VAL A 277 16.82 -12.22 34.20
CA VAL A 277 15.41 -12.22 34.57
C VAL A 277 15.07 -13.57 35.20
N VAL A 278 14.56 -13.55 36.42
CA VAL A 278 14.11 -14.74 37.12
C VAL A 278 12.62 -14.59 37.39
N ALA A 279 11.82 -15.44 36.78
CA ALA A 279 10.37 -15.36 36.89
C ALA A 279 9.86 -16.47 37.80
N LYS A 280 9.01 -16.10 38.76
CA LYS A 280 8.41 -17.07 39.66
C LYS A 280 6.91 -16.81 39.75
N PHE A 281 6.15 -17.88 39.75
CA PHE A 281 4.69 -17.83 39.88
C PHE A 281 4.33 -18.46 41.21
N ASN A 282 3.83 -17.64 42.13
CA ASN A 282 3.48 -18.09 43.48
C ASN A 282 4.68 -18.70 44.18
N GLY A 283 5.87 -18.18 43.89
CA GLY A 283 7.08 -18.68 44.49
C GLY A 283 7.65 -19.91 43.83
N GLN A 284 7.01 -20.45 42.81
CA GLN A 284 7.48 -21.60 42.06
C GLN A 284 8.11 -21.16 40.76
N PRO A 285 9.18 -21.84 40.31
CA PRO A 285 9.81 -21.44 39.05
C PRO A 285 8.81 -21.49 37.90
N ALA A 286 8.90 -20.51 37.01
CA ALA A 286 7.91 -20.44 35.96
C ALA A 286 8.49 -19.73 34.75
N SER A 287 7.88 -19.98 33.60
CA SER A 287 8.18 -19.27 32.37
C SER A 287 6.90 -19.15 31.58
N GLY A 288 6.68 -17.98 30.99
CA GLY A 288 5.45 -17.72 30.28
C GLY A 288 5.73 -17.30 28.85
N LEU A 289 4.68 -17.38 28.04
CA LEU A 289 4.71 -16.95 26.66
C LEU A 289 3.52 -16.03 26.41
N GLY A 290 3.80 -14.83 25.88
CA GLY A 290 2.76 -13.85 25.66
C GLY A 290 2.17 -13.97 24.28
N ILE A 291 0.84 -13.89 24.20
CA ILE A 291 0.11 -14.04 22.96
C ILE A 291 -0.51 -12.69 22.60
N LYS A 292 -0.34 -12.27 21.36
CA LYS A 292 -0.95 -11.06 20.86
C LYS A 292 -2.03 -11.42 19.85
N LEU A 293 -3.15 -10.71 19.91
CA LEU A 293 -4.27 -11.01 19.03
C LEU A 293 -3.95 -10.61 17.60
N ALA A 294 -4.32 -11.48 16.67
CA ALA A 294 -4.16 -11.16 15.26
C ALA A 294 -5.18 -10.11 14.84
N THR A 295 -4.84 -9.34 13.82
CA THR A 295 -5.72 -8.27 13.38
C THR A 295 -7.02 -8.84 12.83
N GLY A 296 -8.13 -8.25 13.24
CA GLY A 296 -9.43 -8.67 12.80
C GLY A 296 -9.79 -10.08 13.22
N ALA A 297 -9.47 -10.43 14.46
CA ALA A 297 -9.77 -11.74 14.99
C ALA A 297 -10.57 -11.61 16.28
N ASN A 298 -11.59 -12.44 16.42
CA ASN A 298 -12.43 -12.43 17.60
C ASN A 298 -11.60 -12.79 18.83
N ALA A 299 -11.44 -11.84 19.76
CA ALA A 299 -10.62 -12.08 20.93
C ALA A 299 -11.14 -13.24 21.74
N LEU A 300 -12.46 -13.32 21.93
CA LEU A 300 -13.03 -14.40 22.73
C LEU A 300 -12.77 -15.75 22.08
N ASP A 301 -12.97 -15.84 20.76
CA ASP A 301 -12.78 -17.11 20.06
C ASP A 301 -11.31 -17.53 20.11
N THR A 302 -10.40 -16.58 19.94
CA THR A 302 -8.98 -16.90 20.03
C THR A 302 -8.61 -17.38 21.42
N ALA A 303 -9.16 -16.75 22.46
CA ALA A 303 -8.87 -17.18 23.81
C ALA A 303 -9.38 -18.59 24.06
N ASN A 304 -10.60 -18.88 23.58
CA ASN A 304 -11.14 -20.22 23.74
C ASN A 304 -10.30 -21.24 22.99
N ALA A 305 -9.82 -20.88 21.79
CA ALA A 305 -8.98 -21.78 21.03
C ALA A 305 -7.65 -22.04 21.75
N ILE A 306 -7.07 -20.99 22.33
CA ILE A 306 -5.82 -21.15 23.07
C ILE A 306 -6.03 -22.10 24.24
N ARG A 307 -7.11 -21.90 24.99
CA ARG A 307 -7.37 -22.77 26.13
C ARG A 307 -7.62 -24.20 25.68
N ALA A 308 -8.34 -24.37 24.57
CA ALA A 308 -8.58 -25.71 24.06
C ALA A 308 -7.29 -26.41 23.67
N GLU A 309 -6.39 -25.69 23.00
CA GLU A 309 -5.13 -26.30 22.60
C GLU A 309 -4.27 -26.63 23.81
N LEU A 310 -4.22 -25.75 24.80
CA LEU A 310 -3.45 -26.03 25.99
C LEU A 310 -4.01 -27.24 26.73
N ALA A 311 -5.33 -27.35 26.81
CA ALA A 311 -5.94 -28.53 27.41
C ALA A 311 -5.62 -29.78 26.60
N LYS A 312 -5.58 -29.65 25.27
CA LYS A 312 -5.24 -30.79 24.42
C LYS A 312 -3.82 -31.26 24.68
N MET A 313 -2.89 -30.33 24.85
CA MET A 313 -1.49 -30.68 25.10
C MET A 313 -1.20 -31.02 26.55
N GLU A 314 -2.13 -30.75 27.47
CA GLU A 314 -1.92 -31.03 28.88
C GLU A 314 -1.51 -32.46 29.18
N PRO A 315 -2.13 -33.50 28.63
CA PRO A 315 -1.71 -34.87 28.99
C PRO A 315 -0.26 -35.19 28.65
N PHE A 316 0.28 -34.62 27.58
CA PHE A 316 1.62 -34.98 27.14
C PHE A 316 2.72 -34.23 27.89
N PHE A 317 2.37 -33.32 28.79
CA PHE A 317 3.39 -32.65 29.57
C PHE A 317 4.04 -33.64 30.53
N PRO A 318 5.33 -33.45 30.83
CA PRO A 318 5.99 -34.29 31.82
C PRO A 318 5.41 -34.06 33.20
N SER A 319 5.91 -34.83 34.16
CA SER A 319 5.43 -34.73 35.53
C SER A 319 5.70 -33.34 36.09
N GLY A 320 4.69 -32.77 36.74
CA GLY A 320 4.83 -31.50 37.42
C GLY A 320 4.56 -30.28 36.58
N MET A 321 4.37 -30.42 35.27
CA MET A 321 4.11 -29.27 34.41
C MET A 321 2.63 -28.89 34.52
N LYS A 322 2.37 -27.66 34.93
CA LYS A 322 1.01 -27.16 35.10
C LYS A 322 0.87 -25.85 34.35
N ILE A 323 -0.26 -25.66 33.69
CA ILE A 323 -0.54 -24.44 32.96
C ILE A 323 -1.31 -23.49 33.86
N VAL A 324 -0.84 -22.24 33.94
CA VAL A 324 -1.51 -21.21 34.72
C VAL A 324 -1.60 -19.95 33.86
N TYR A 325 -2.52 -19.06 34.21
CA TYR A 325 -2.72 -17.86 33.43
C TYR A 325 -2.50 -16.62 34.29
N PRO A 326 -1.28 -16.08 34.30
CA PRO A 326 -1.02 -14.87 35.09
C PRO A 326 -1.92 -13.70 34.73
N TYR A 327 -1.91 -13.29 33.47
CA TYR A 327 -2.62 -12.11 33.03
C TYR A 327 -3.55 -12.50 31.89
N ASP A 328 -4.82 -12.16 32.02
CA ASP A 328 -5.81 -12.48 31.01
C ASP A 328 -6.95 -11.49 31.11
N THR A 329 -7.25 -10.82 29.99
CA THR A 329 -8.34 -9.86 29.94
C THR A 329 -9.57 -10.38 29.23
N THR A 330 -9.52 -11.58 28.66
CA THR A 330 -10.68 -12.15 27.98
C THR A 330 -11.93 -12.20 28.83
N PRO A 331 -11.91 -12.67 30.08
CA PRO A 331 -13.15 -12.63 30.87
C PRO A 331 -13.70 -11.23 31.04
N PHE A 332 -12.84 -10.24 31.20
CA PHE A 332 -13.31 -8.86 31.34
C PHE A 332 -13.99 -8.38 30.06
N VAL A 333 -13.41 -8.70 28.91
CA VAL A 333 -14.01 -8.30 27.64
C VAL A 333 -15.38 -8.94 27.50
N LYS A 334 -15.47 -10.23 27.81
CA LYS A 334 -16.74 -10.93 27.72
C LYS A 334 -17.77 -10.31 28.65
N ILE A 335 -17.36 -9.99 29.87
CA ILE A 335 -18.29 -9.42 30.84
C ILE A 335 -18.79 -8.06 30.38
N SER A 336 -17.88 -7.21 29.91
CA SER A 336 -18.29 -5.88 29.46
C SER A 336 -19.24 -5.98 28.27
N ILE A 337 -18.91 -6.83 27.31
CA ILE A 337 -19.76 -6.96 26.12
C ILE A 337 -21.12 -7.51 26.51
N HIS A 338 -21.15 -8.50 27.39
CA HIS A 338 -22.42 -9.06 27.83
C HIS A 338 -23.25 -8.03 28.57
N GLU A 339 -22.60 -7.20 29.39
CA GLU A 339 -23.31 -6.14 30.09
C GLU A 339 -23.93 -5.16 29.11
N VAL A 340 -23.18 -4.79 28.07
CA VAL A 340 -23.71 -3.87 27.06
C VAL A 340 -24.91 -4.50 26.35
N VAL A 341 -24.79 -5.76 25.96
CA VAL A 341 -25.89 -6.41 25.24
C VAL A 341 -27.11 -6.53 26.15
N LYS A 342 -26.90 -6.87 27.41
CA LYS A 342 -28.00 -6.93 28.36
C LYS A 342 -28.66 -5.57 28.51
N THR A 343 -27.85 -4.51 28.53
CA THR A 343 -28.42 -3.17 28.63
C THR A 343 -29.29 -2.86 27.43
N LEU A 344 -28.84 -3.22 26.24
CA LEU A 344 -29.65 -2.98 25.04
C LEU A 344 -30.96 -3.75 25.10
N VAL A 345 -30.90 -5.03 25.47
CA VAL A 345 -32.11 -5.84 25.50
C VAL A 345 -33.08 -5.30 26.54
N GLU A 346 -32.56 -4.95 27.72
CA GLU A 346 -33.42 -4.40 28.76
C GLU A 346 -34.00 -3.05 28.33
N ALA A 347 -33.25 -2.29 27.54
CA ALA A 347 -33.78 -1.03 27.01
C ALA A 347 -34.96 -1.29 26.10
N ILE A 348 -34.85 -2.30 25.24
CA ILE A 348 -35.97 -2.65 24.37
C ILE A 348 -37.18 -3.10 25.19
N ILE A 349 -36.94 -3.92 26.21
CA ILE A 349 -38.03 -4.37 27.06
C ILE A 349 -38.71 -3.18 27.74
N LEU A 350 -37.90 -2.24 28.24
CA LEU A 350 -38.46 -1.08 28.92
C LEU A 350 -39.22 -0.18 27.97
N VAL A 351 -38.75 -0.08 26.73
CA VAL A 351 -39.50 0.68 25.72
C VAL A 351 -40.87 0.03 25.53
N PHE A 352 -40.89 -1.29 25.42
CA PHE A 352 -42.16 -2.01 25.30
C PHE A 352 -43.07 -1.71 26.49
N LEU A 353 -42.52 -1.79 27.70
CA LEU A 353 -43.33 -1.61 28.89
C LEU A 353 -43.87 -0.18 28.99
N VAL A 354 -43.03 0.81 28.68
CA VAL A 354 -43.46 2.20 28.75
C VAL A 354 -44.53 2.48 27.71
N MET A 355 -44.33 1.98 26.49
CA MET A 355 -45.33 2.20 25.45
C MET A 355 -46.64 1.52 25.80
N TYR A 356 -46.57 0.40 26.53
CA TYR A 356 -47.81 -0.21 27.00
C TYR A 356 -48.47 0.65 28.07
N LEU A 357 -47.67 1.39 28.83
CA LEU A 357 -48.22 2.18 29.91
C LEU A 357 -49.02 3.36 29.40
N PHE A 358 -48.47 4.09 28.43
CA PHE A 358 -49.11 5.30 27.97
C PHE A 358 -50.19 5.04 26.92
N LEU A 359 -50.05 3.97 26.15
CA LEU A 359 -50.97 3.71 25.06
C LEU A 359 -51.96 2.60 25.34
N GLN A 360 -51.66 1.68 26.26
CA GLN A 360 -52.55 0.57 26.59
C GLN A 360 -52.98 -0.20 25.34
N ASN A 361 -52.16 -0.18 24.30
CA ASN A 361 -52.50 -0.79 23.02
C ASN A 361 -51.42 -1.82 22.70
N PHE A 362 -51.79 -3.09 22.69
CA PHE A 362 -50.78 -4.13 22.55
C PHE A 362 -50.10 -4.07 21.20
N ARG A 363 -50.87 -3.84 20.13
CA ARG A 363 -50.27 -3.81 18.81
C ARG A 363 -49.35 -2.62 18.65
N ALA A 364 -49.67 -1.50 19.29
CA ALA A 364 -48.85 -0.31 19.18
C ALA A 364 -47.47 -0.55 19.76
N THR A 365 -47.40 -1.23 20.89
CA THR A 365 -46.10 -1.45 21.54
C THR A 365 -45.21 -2.37 20.72
N LEU A 366 -45.78 -3.18 19.84
CA LEU A 366 -44.97 -4.09 19.05
C LEU A 366 -44.17 -3.36 17.99
N ILE A 367 -44.62 -2.16 17.58
CA ILE A 367 -43.94 -1.46 16.49
C ILE A 367 -42.50 -1.07 16.87
N PRO A 368 -42.24 -0.38 17.98
CA PRO A 368 -40.84 -0.13 18.34
C PRO A 368 -40.09 -1.41 18.62
N THR A 369 -40.77 -2.43 19.14
CA THR A 369 -40.13 -3.69 19.47
C THR A 369 -39.53 -4.35 18.25
N ILE A 370 -40.08 -4.11 17.07
CA ILE A 370 -39.53 -4.65 15.83
C ILE A 370 -38.86 -3.58 14.99
N ALA A 371 -38.89 -2.33 15.44
CA ALA A 371 -38.24 -1.24 14.73
C ALA A 371 -36.82 -0.98 15.23
N VAL A 372 -36.63 -0.96 16.55
CA VAL A 372 -35.29 -0.72 17.10
C VAL A 372 -34.31 -1.82 16.75
N PRO A 373 -34.63 -3.10 16.87
CA PRO A 373 -33.64 -4.13 16.47
C PRO A 373 -33.20 -4.03 15.03
N VAL A 374 -34.09 -3.60 14.12
CA VAL A 374 -33.69 -3.41 12.74
C VAL A 374 -32.60 -2.35 12.66
N VAL A 375 -32.78 -1.25 13.37
CA VAL A 375 -31.77 -0.19 13.39
C VAL A 375 -30.47 -0.70 13.96
N LEU A 376 -30.53 -1.51 15.02
CA LEU A 376 -29.30 -2.04 15.61
C LEU A 376 -28.56 -2.94 14.63
N LEU A 377 -29.28 -3.85 13.97
CA LEU A 377 -28.64 -4.76 13.04
C LEU A 377 -28.02 -4.00 11.86
N GLY A 378 -28.76 -3.04 11.33
CA GLY A 378 -28.19 -2.23 10.27
C GLY A 378 -26.99 -1.43 10.72
N THR A 379 -26.98 -1.01 11.98
CA THR A 379 -25.82 -0.32 12.52
C THR A 379 -24.62 -1.26 12.55
N PHE A 380 -24.83 -2.51 12.93
CA PHE A 380 -23.72 -3.47 12.87
C PHE A 380 -23.24 -3.66 11.44
N ALA A 381 -24.17 -3.69 10.49
CA ALA A 381 -23.79 -3.87 9.09
C ALA A 381 -22.93 -2.71 8.60
N VAL A 382 -23.40 -1.48 8.81
CA VAL A 382 -22.64 -0.33 8.35
C VAL A 382 -21.35 -0.18 9.13
N LEU A 383 -21.33 -0.64 10.38
CA LEU A 383 -20.10 -0.65 11.16
C LEU A 383 -19.08 -1.58 10.54
N ALA A 384 -19.52 -2.76 10.11
CA ALA A 384 -18.62 -3.69 9.43
C ALA A 384 -18.15 -3.12 8.10
N ALA A 385 -19.02 -2.34 7.44
CA ALA A 385 -18.64 -1.75 6.16
C ALA A 385 -17.45 -0.81 6.32
N PHE A 386 -17.46 0.01 7.36
CA PHE A 386 -16.34 0.91 7.62
C PHE A 386 -15.11 0.19 8.13
N GLY A 387 -15.22 -1.09 8.46
CA GLY A 387 -14.10 -1.84 8.99
C GLY A 387 -13.94 -1.79 10.49
N PHE A 388 -14.81 -1.08 11.19
CA PHE A 388 -14.76 -1.04 12.64
C PHE A 388 -15.06 -2.41 13.22
N SER A 389 -14.43 -2.72 14.34
CA SER A 389 -14.68 -3.98 15.04
C SER A 389 -15.74 -3.76 16.12
N ILE A 390 -16.04 -4.81 16.86
CA ILE A 390 -16.95 -4.73 18.00
C ILE A 390 -16.09 -4.60 19.25
N ASN A 391 -15.97 -3.40 19.77
CA ASN A 391 -15.12 -3.13 20.92
C ASN A 391 -15.92 -2.38 21.98
N THR A 392 -15.23 -2.00 23.06
CA THR A 392 -15.90 -1.31 24.15
C THR A 392 -16.46 0.03 23.68
N LEU A 393 -15.65 0.81 22.96
CA LEU A 393 -16.10 2.12 22.50
C LEU A 393 -17.28 1.99 21.57
N THR A 394 -17.21 1.06 20.62
CA THR A 394 -18.30 0.88 19.67
C THR A 394 -19.59 0.46 20.36
N MET A 395 -19.50 -0.50 21.27
CA MET A 395 -20.71 -0.97 21.93
C MET A 395 -21.30 0.09 22.84
N PHE A 396 -20.46 0.88 23.51
CA PHE A 396 -21.00 1.93 24.34
C PHE A 396 -21.58 3.05 23.49
N GLY A 397 -21.05 3.26 22.29
CA GLY A 397 -21.72 4.14 21.35
C GLY A 397 -23.07 3.60 20.94
N MET A 398 -23.18 2.29 20.80
CA MET A 398 -24.49 1.68 20.56
C MET A 398 -25.44 1.96 21.71
N VAL A 399 -24.97 1.83 22.95
CA VAL A 399 -25.83 2.07 24.11
C VAL A 399 -26.24 3.53 24.18
N LEU A 400 -25.30 4.44 23.98
CA LEU A 400 -25.62 5.86 24.04
C LEU A 400 -26.58 6.26 22.93
N ALA A 401 -26.57 5.53 21.83
CA ALA A 401 -27.48 5.84 20.73
C ALA A 401 -28.89 5.33 20.99
N ILE A 402 -29.10 4.57 22.07
CA ILE A 402 -30.40 3.97 22.32
C ILE A 402 -31.47 5.05 22.43
N GLY A 403 -31.14 6.15 23.10
CA GLY A 403 -32.11 7.22 23.27
C GLY A 403 -32.64 7.73 21.95
N LEU A 404 -31.74 7.97 21.00
CA LEU A 404 -32.17 8.50 19.71
C LEU A 404 -33.07 7.50 18.97
N LEU A 405 -32.69 6.23 18.99
CA LEU A 405 -33.46 5.23 18.24
C LEU A 405 -34.86 5.07 18.85
N VAL A 406 -34.93 4.92 20.17
CA VAL A 406 -36.23 4.74 20.80
C VAL A 406 -37.07 5.99 20.64
N ASP A 407 -36.44 7.17 20.65
CA ASP A 407 -37.20 8.39 20.40
C ASP A 407 -37.78 8.40 19.00
N ASP A 408 -36.98 7.98 18.01
CA ASP A 408 -37.46 7.99 16.63
C ASP A 408 -38.63 7.03 16.44
N ALA A 409 -38.58 5.88 17.11
CA ALA A 409 -39.71 4.95 17.02
C ALA A 409 -40.94 5.50 17.75
N ILE A 410 -40.74 5.97 18.98
CA ILE A 410 -41.84 6.39 19.83
C ILE A 410 -42.57 7.58 19.23
N VAL A 411 -41.81 8.52 18.66
CA VAL A 411 -42.43 9.73 18.12
C VAL A 411 -43.45 9.36 17.05
N VAL A 412 -43.02 8.54 16.09
CA VAL A 412 -43.91 8.17 14.99
C VAL A 412 -45.11 7.39 15.51
N VAL A 413 -44.86 6.38 16.34
CA VAL A 413 -45.96 5.52 16.78
C VAL A 413 -46.97 6.32 17.59
N GLU A 414 -46.48 7.15 18.51
CA GLU A 414 -47.38 7.95 19.34
C GLU A 414 -48.14 8.96 18.51
N ASN A 415 -47.46 9.63 17.59
CA ASN A 415 -48.13 10.65 16.79
C ASN A 415 -49.24 10.03 15.95
N VAL A 416 -48.97 8.86 15.37
CA VAL A 416 -50.03 8.14 14.68
C VAL A 416 -51.16 7.81 15.63
N GLU A 417 -50.80 7.36 16.84
CA GLU A 417 -51.81 7.01 17.83
C GLU A 417 -52.63 8.22 18.25
N ARG A 418 -51.97 9.37 18.44
CA ARG A 418 -52.69 10.57 18.85
C ARG A 418 -53.66 11.03 17.77
N VAL A 419 -53.22 11.03 16.51
CA VAL A 419 -54.08 11.46 15.42
C VAL A 419 -55.29 10.53 15.33
N MET A 420 -55.06 9.23 15.48
CA MET A 420 -56.13 8.26 15.36
C MET A 420 -57.20 8.48 16.42
N ALA A 421 -56.81 8.98 17.58
CA ALA A 421 -57.77 9.17 18.66
C ALA A 421 -58.51 10.49 18.53
N GLU A 422 -57.77 11.58 18.32
CA GLU A 422 -58.40 12.90 18.27
C GLU A 422 -59.31 13.05 17.07
N GLU A 423 -58.79 12.71 15.88
CA GLU A 423 -59.59 12.87 14.68
C GLU A 423 -60.54 11.70 14.43
N GLY A 424 -60.21 10.52 14.93
CA GLY A 424 -61.02 9.35 14.67
C GLY A 424 -60.80 8.70 13.33
N LEU A 425 -59.68 9.01 12.66
CA LEU A 425 -59.40 8.46 11.35
C LEU A 425 -59.08 6.97 11.46
N PRO A 426 -59.26 6.22 10.38
CA PRO A 426 -58.78 4.85 10.33
C PRO A 426 -57.26 4.82 10.38
N PRO A 427 -56.66 3.69 10.74
CA PRO A 427 -55.20 3.67 10.96
C PRO A 427 -54.39 4.15 9.77
N LYS A 428 -54.80 3.79 8.55
CA LYS A 428 -54.00 4.16 7.39
C LYS A 428 -54.06 5.67 7.13
N GLU A 429 -55.25 6.24 7.14
CA GLU A 429 -55.39 7.67 6.94
C GLU A 429 -54.73 8.47 8.06
N ALA A 430 -54.87 7.98 9.29
CA ALA A 430 -54.22 8.62 10.42
C ALA A 430 -52.70 8.59 10.26
N THR A 431 -52.17 7.47 9.80
CA THR A 431 -50.72 7.37 9.57
C THR A 431 -50.30 8.36 8.49
N ARG A 432 -51.09 8.48 7.42
CA ARG A 432 -50.76 9.45 6.39
C ARG A 432 -50.70 10.85 6.95
N LYS A 433 -51.70 11.22 7.76
CA LYS A 433 -51.73 12.56 8.34
C LYS A 433 -50.53 12.79 9.27
N SER A 434 -50.23 11.81 10.11
CA SER A 434 -49.13 11.96 11.06
C SER A 434 -47.80 12.09 10.34
N MET A 435 -47.57 11.26 9.33
CA MET A 435 -46.31 11.36 8.59
C MET A 435 -46.24 12.66 7.82
N GLY A 436 -47.36 13.14 7.30
CA GLY A 436 -47.36 14.45 6.67
C GLY A 436 -46.97 15.51 7.66
N GLN A 437 -47.35 15.34 8.91
CA GLN A 437 -46.98 16.29 9.94
C GLN A 437 -45.51 16.24 10.31
N ILE A 438 -44.89 15.07 10.37
CA ILE A 438 -43.57 14.95 10.97
C ILE A 438 -42.46 14.53 10.01
N GLN A 439 -42.71 14.36 8.71
CA GLN A 439 -41.65 13.88 7.83
C GLN A 439 -40.52 14.90 7.67
N GLY A 440 -40.88 16.15 7.37
CA GLY A 440 -39.86 17.18 7.23
C GLY A 440 -39.13 17.41 8.54
N ALA A 441 -39.85 17.33 9.65
CA ALA A 441 -39.20 17.46 10.95
C ALA A 441 -38.18 16.36 11.15
N LEU A 442 -38.52 15.12 10.79
CA LEU A 442 -37.59 14.02 10.96
C LEU A 442 -36.35 14.20 10.09
N VAL A 443 -36.54 14.62 8.84
CA VAL A 443 -35.38 14.84 7.98
C VAL A 443 -34.49 15.93 8.55
N GLY A 444 -35.09 17.03 8.99
CA GLY A 444 -34.31 18.10 9.60
C GLY A 444 -33.59 17.65 10.86
N ILE A 445 -34.24 16.81 11.66
CA ILE A 445 -33.61 16.28 12.86
C ILE A 445 -32.41 15.42 12.49
N ALA A 446 -32.54 14.60 11.45
CA ALA A 446 -31.41 13.81 10.99
C ALA A 446 -30.26 14.70 10.58
N MET A 447 -30.55 15.75 9.82
CA MET A 447 -29.49 16.66 9.40
C MET A 447 -28.85 17.36 10.59
N VAL A 448 -29.65 17.76 11.57
CA VAL A 448 -29.12 18.45 12.74
C VAL A 448 -28.24 17.53 13.55
N LEU A 449 -28.70 16.31 13.80
CA LEU A 449 -27.91 15.37 14.59
C LEU A 449 -26.64 14.97 13.86
N SER A 450 -26.68 14.93 12.53
CA SER A 450 -25.45 14.68 11.78
C SER A 450 -24.42 15.76 12.05
N ALA A 451 -24.85 17.01 12.10
CA ALA A 451 -23.93 18.12 12.33
C ALA A 451 -23.41 18.13 13.76
N VAL A 452 -24.08 17.46 14.70
CA VAL A 452 -23.67 17.55 16.10
C VAL A 452 -22.75 16.41 16.51
N PHE A 453 -22.60 15.37 15.69
CA PHE A 453 -21.72 14.26 16.00
C PHE A 453 -20.56 14.11 15.03
N ILE A 454 -20.75 14.48 13.77
CA ILE A 454 -19.67 14.32 12.78
C ILE A 454 -18.40 15.04 13.17
N PRO A 455 -18.50 16.29 13.66
CA PRO A 455 -17.24 16.98 13.97
C PRO A 455 -16.33 16.17 14.88
N MET A 456 -16.90 15.29 15.69
CA MET A 456 -16.10 14.51 16.63
C MET A 456 -15.06 13.68 15.91
N ALA A 457 -15.43 13.13 14.76
CA ALA A 457 -14.52 12.25 14.03
C ALA A 457 -13.30 12.98 13.50
N PHE A 458 -13.33 14.31 13.53
CA PHE A 458 -12.22 15.08 12.96
C PHE A 458 -11.17 15.49 13.98
N PHE A 459 -11.34 15.11 15.24
CA PHE A 459 -10.31 15.40 16.22
C PHE A 459 -9.09 14.55 15.91
N GLY A 460 -7.90 15.06 16.24
CA GLY A 460 -6.68 14.35 15.91
C GLY A 460 -6.12 13.51 17.05
N GLY A 461 -5.00 12.85 16.80
CA GLY A 461 -4.37 12.05 17.82
C GLY A 461 -5.22 10.86 18.23
N SER A 462 -4.79 10.20 19.29
CA SER A 462 -5.52 9.04 19.77
C SER A 462 -6.89 9.43 20.27
N THR A 463 -6.99 10.61 20.89
CA THR A 463 -8.26 11.05 21.41
C THR A 463 -9.25 11.14 20.27
N GLY A 464 -8.80 11.66 19.14
CA GLY A 464 -9.66 11.77 17.99
C GLY A 464 -10.14 10.40 17.56
N ALA A 465 -9.26 9.42 17.64
CA ALA A 465 -9.61 8.07 17.24
C ALA A 465 -10.77 7.55 18.07
N ILE A 466 -10.67 7.75 19.38
CA ILE A 466 -11.73 7.29 20.27
C ILE A 466 -13.03 7.98 19.92
N TYR A 467 -12.96 9.29 19.72
CA TYR A 467 -14.16 10.04 19.39
C TYR A 467 -14.74 9.52 18.08
N ARG A 468 -13.87 9.24 17.13
CA ARG A 468 -14.34 8.77 15.83
C ARG A 468 -15.12 7.49 15.98
N GLN A 469 -14.64 6.59 16.83
CA GLN A 469 -15.35 5.35 17.06
C GLN A 469 -16.78 5.67 17.45
N PHE A 470 -16.94 6.46 18.50
CA PHE A 470 -18.27 6.79 18.98
C PHE A 470 -19.04 7.56 17.92
N SER A 471 -18.41 8.55 17.32
CA SER A 471 -19.11 9.39 16.35
C SER A 471 -19.65 8.57 15.20
N ILE A 472 -18.81 7.75 14.60
CA ILE A 472 -19.24 6.97 13.45
C ILE A 472 -20.30 5.98 13.87
N THR A 473 -20.19 5.44 15.08
CA THR A 473 -21.22 4.53 15.56
C THR A 473 -22.55 5.26 15.75
N ILE A 474 -22.52 6.40 16.45
CA ILE A 474 -23.75 7.11 16.76
C ILE A 474 -24.40 7.66 15.50
N VAL A 475 -23.58 8.19 14.59
CA VAL A 475 -24.13 8.76 13.36
C VAL A 475 -24.78 7.66 12.52
N SER A 476 -24.13 6.51 12.41
CA SER A 476 -24.73 5.40 11.69
C SER A 476 -26.06 5.01 12.31
N ALA A 477 -26.09 4.86 13.63
CA ALA A 477 -27.33 4.48 14.30
C ALA A 477 -28.42 5.50 14.06
N MET A 478 -28.09 6.78 14.19
CA MET A 478 -29.10 7.83 14.04
C MET A 478 -29.63 7.90 12.61
N ALA A 479 -28.73 7.86 11.64
CA ALA A 479 -29.15 7.95 10.24
C ALA A 479 -30.03 6.77 9.88
N LEU A 480 -29.65 5.58 10.33
CA LEU A 480 -30.47 4.41 10.03
C LEU A 480 -31.80 4.46 10.76
N SER A 481 -31.82 5.01 11.98
CA SER A 481 -33.08 5.13 12.70
C SER A 481 -34.03 6.06 11.96
N VAL A 482 -33.50 7.17 11.45
CA VAL A 482 -34.33 8.08 10.66
C VAL A 482 -34.83 7.40 9.41
N LEU A 483 -33.96 6.65 8.73
CA LEU A 483 -34.36 5.96 7.51
C LEU A 483 -35.47 4.96 7.80
N VAL A 484 -35.35 4.21 8.89
CA VAL A 484 -36.39 3.25 9.25
C VAL A 484 -37.69 3.97 9.61
N ALA A 485 -37.59 5.06 10.37
CA ALA A 485 -38.78 5.78 10.78
C ALA A 485 -39.47 6.43 9.59
N LEU A 486 -38.76 6.66 8.49
CA LEU A 486 -39.39 7.16 7.28
C LEU A 486 -39.88 6.04 6.36
N ILE A 487 -39.54 4.79 6.64
CA ILE A 487 -39.81 3.70 5.71
C ILE A 487 -40.63 2.61 6.38
N LEU A 488 -40.06 2.01 7.43
CA LEU A 488 -40.66 0.81 8.01
C LEU A 488 -41.78 1.16 8.97
N THR A 489 -41.51 2.09 9.89
CA THR A 489 -42.48 2.42 10.94
C THR A 489 -43.80 2.95 10.40
N PRO A 490 -43.86 3.84 9.40
CA PRO A 490 -45.18 4.22 8.88
C PRO A 490 -45.96 3.05 8.32
N ALA A 491 -45.30 2.14 7.61
CA ALA A 491 -45.99 0.97 7.08
C ALA A 491 -46.51 0.09 8.21
N LEU A 492 -45.69 -0.13 9.24
CA LEU A 492 -46.12 -0.92 10.37
C LEU A 492 -47.32 -0.29 11.06
N CYS A 493 -47.29 1.03 11.23
CA CYS A 493 -48.43 1.72 11.82
C CYS A 493 -49.67 1.57 10.95
N ALA A 494 -49.51 1.64 9.64
CA ALA A 494 -50.66 1.52 8.75
C ALA A 494 -51.28 0.13 8.84
N THR A 495 -50.45 -0.90 8.93
CA THR A 495 -50.98 -2.26 8.88
C THR A 495 -51.30 -2.83 10.26
N MET A 496 -50.33 -2.77 11.18
CA MET A 496 -50.50 -3.44 12.46
C MET A 496 -51.58 -2.79 13.31
N LEU A 497 -51.60 -1.47 13.36
CA LEU A 497 -52.46 -0.76 14.30
C LEU A 497 -53.93 -0.95 13.98
N LYS A 498 -54.72 -1.20 15.00
CA LYS A 498 -56.16 -1.30 14.93
C LYS A 498 -56.81 0.02 15.28
N PRO A 499 -57.97 0.33 14.72
CA PRO A 499 -58.64 1.59 15.06
C PRO A 499 -59.04 1.62 16.52
N ILE A 500 -59.01 2.82 17.09
CA ILE A 500 -59.32 3.00 18.51
C ILE A 500 -60.84 3.05 18.63
N GLN A 501 -61.42 1.98 19.19
CA GLN A 501 -62.86 1.88 19.29
C GLN A 501 -63.42 2.85 20.32
N LYS A 502 -64.62 3.36 20.04
CA LYS A 502 -65.35 4.26 20.94
C LYS A 502 -64.53 5.51 21.26
N GLY A 503 -63.83 6.04 20.26
CA GLY A 503 -63.05 7.24 20.46
C GLY A 503 -61.91 7.00 21.42
N SER A 504 -61.53 8.06 22.15
CA SER A 504 -60.44 7.98 23.13
C SER A 504 -60.98 7.38 24.44
N HIS A 505 -61.44 6.14 24.34
CA HIS A 505 -62.04 5.44 25.47
C HIS A 505 -60.95 4.77 26.31
N GLY A 506 -60.25 5.60 27.08
CA GLY A 506 -59.23 5.09 27.96
C GLY A 506 -59.84 4.23 29.06
N ALA A 507 -59.07 3.24 29.52
CA ALA A 507 -59.53 2.38 30.60
C ALA A 507 -59.74 3.19 31.88
N THR A 508 -60.77 2.83 32.63
CA THR A 508 -61.12 3.55 33.86
C THR A 508 -61.00 2.67 35.09
N THR A 509 -60.51 1.45 34.96
CA THR A 509 -60.40 0.52 36.08
C THR A 509 -58.97 0.03 36.20
N GLY A 510 -58.55 -0.20 37.44
CA GLY A 510 -57.24 -0.75 37.69
C GLY A 510 -56.15 0.31 37.59
N PHE A 511 -54.91 -0.19 37.49
CA PHE A 511 -53.76 0.69 37.41
C PHE A 511 -53.84 1.58 36.17
N PHE A 512 -54.20 1.00 35.04
CA PHE A 512 -54.33 1.81 33.83
C PHE A 512 -55.51 2.76 33.92
N GLY A 513 -56.54 2.38 34.66
CA GLY A 513 -57.64 3.29 34.90
C GLY A 513 -57.20 4.50 35.67
N TRP A 514 -56.36 4.29 36.69
CA TRP A 514 -55.89 5.40 37.50
C TRP A 514 -54.82 6.21 36.79
N PHE A 515 -54.00 5.55 35.96
CA PHE A 515 -52.95 6.27 35.25
C PHE A 515 -53.55 7.24 34.25
N ASN A 516 -54.56 6.80 33.50
CA ASN A 516 -55.14 7.64 32.45
C ASN A 516 -55.71 8.92 33.04
N ARG A 517 -56.41 8.82 34.16
CA ARG A 517 -56.98 10.01 34.77
C ARG A 517 -55.90 10.85 35.43
N MET A 518 -54.87 10.21 35.99
CA MET A 518 -53.77 10.97 36.58
C MET A 518 -53.05 11.77 35.51
N PHE A 519 -52.77 11.14 34.37
CA PHE A 519 -52.01 11.82 33.33
C PHE A 519 -52.80 12.98 32.73
N ASP A 520 -54.11 12.80 32.55
CA ASP A 520 -54.92 13.87 32.00
C ASP A 520 -54.90 15.09 32.92
N LYS A 521 -55.01 14.86 34.23
CA LYS A 521 -54.86 15.96 35.16
C LYS A 521 -53.46 16.55 35.09
N SER A 522 -52.45 15.69 34.97
CA SER A 522 -51.08 16.18 34.85
C SER A 522 -50.90 17.01 33.59
N THR A 523 -51.46 16.56 32.48
CA THR A 523 -51.34 17.30 31.23
C THR A 523 -52.07 18.64 31.31
N HIS A 524 -53.27 18.64 31.91
CA HIS A 524 -54.00 19.89 32.04
C HIS A 524 -53.25 20.87 32.94
N HIS A 525 -52.71 20.38 34.05
CA HIS A 525 -51.93 21.24 34.93
C HIS A 525 -50.70 21.77 34.22
N TYR A 526 -50.04 20.94 33.40
CA TYR A 526 -48.88 21.40 32.67
C TYR A 526 -49.24 22.50 31.69
N THR A 527 -50.29 22.29 30.89
CA THR A 527 -50.64 23.26 29.87
C THR A 527 -51.27 24.50 30.49
N ASP A 528 -51.68 24.41 31.75
CA ASP A 528 -52.09 25.61 32.46
C ASP A 528 -50.88 26.37 32.98
N SER A 529 -49.90 25.64 33.55
CA SER A 529 -48.70 26.28 34.07
C SER A 529 -47.95 26.99 32.96
N VAL A 530 -47.82 26.35 31.80
CA VAL A 530 -47.16 26.99 30.67
C VAL A 530 -47.88 28.27 30.29
N GLY A 531 -49.21 28.28 30.42
CA GLY A 531 -49.97 29.50 30.23
C GLY A 531 -49.50 30.60 31.15
N ASN A 532 -49.25 30.26 32.41
CA ASN A 532 -48.77 31.26 33.37
C ASN A 532 -47.31 31.63 33.09
N ILE A 533 -46.53 30.70 32.55
CA ILE A 533 -45.15 31.01 32.21
C ILE A 533 -45.11 32.04 31.09
N LEU A 534 -46.04 31.95 30.14
CA LEU A 534 -45.98 32.81 28.97
C LEU A 534 -46.48 34.22 29.27
N ARG A 535 -47.11 34.43 30.42
CA ARG A 535 -47.56 35.78 30.76
C ARG A 535 -46.38 36.69 31.06
N SER A 536 -45.35 36.17 31.73
CA SER A 536 -44.15 36.94 32.07
C SER A 536 -42.93 36.18 31.57
N THR A 537 -42.56 36.41 30.31
CA THR A 537 -41.44 35.69 29.73
C THR A 537 -40.12 36.19 30.29
N GLY A 538 -40.02 37.48 30.56
CA GLY A 538 -38.78 38.09 31.00
C GLY A 538 -38.20 37.46 32.26
N ARG A 539 -39.06 37.17 33.23
CA ARG A 539 -38.59 36.55 34.46
C ARG A 539 -37.94 35.21 34.18
N TYR A 540 -38.55 34.42 33.29
CA TYR A 540 -37.99 33.13 32.98
C TYR A 540 -36.78 33.25 32.05
N LEU A 541 -36.67 34.36 31.31
CA LEU A 541 -35.41 34.63 30.62
C LEU A 541 -34.29 34.88 31.61
N VAL A 542 -34.58 35.60 32.70
CA VAL A 542 -33.60 35.78 33.75
C VAL A 542 -33.25 34.43 34.37
N LEU A 543 -34.25 33.57 34.56
CA LEU A 543 -33.98 32.23 35.07
C LEU A 543 -33.07 31.46 34.13
N TYR A 544 -33.30 31.57 32.83
CA TYR A 544 -32.44 30.89 31.87
C TYR A 544 -31.02 31.42 31.93
N LEU A 545 -30.86 32.73 32.10
CA LEU A 545 -29.51 33.28 32.23
C LEU A 545 -28.83 32.76 33.49
N ILE A 546 -29.57 32.65 34.58
CA ILE A 546 -29.01 32.09 35.81
C ILE A 546 -28.56 30.65 35.56
N ILE A 547 -29.39 29.89 34.85
CA ILE A 547 -29.06 28.50 34.55
C ILE A 547 -27.80 28.42 33.70
N VAL A 548 -27.67 29.31 32.72
CA VAL A 548 -26.50 29.30 31.84
C VAL A 548 -25.24 29.64 32.63
N VAL A 549 -25.33 30.65 33.51
CA VAL A 549 -24.17 31.00 34.32
C VAL A 549 -23.78 29.84 35.22
N GLY A 550 -24.76 29.17 35.82
CA GLY A 550 -24.46 28.00 36.62
C GLY A 550 -23.81 26.90 35.81
N MET A 551 -24.27 26.72 34.56
CA MET A 551 -23.66 25.72 33.70
C MET A 551 -22.20 26.04 33.44
N ALA A 552 -21.90 27.30 33.15
CA ALA A 552 -20.52 27.69 32.92
C ALA A 552 -19.68 27.46 34.17
N TRP A 553 -20.23 27.79 35.34
CA TRP A 553 -19.51 27.60 36.59
C TRP A 553 -19.20 26.13 36.84
N LEU A 554 -20.20 25.26 36.63
CA LEU A 554 -19.98 23.83 36.83
C LEU A 554 -18.98 23.28 35.83
N PHE A 555 -19.07 23.71 34.57
CA PHE A 555 -18.17 23.22 33.54
C PHE A 555 -16.73 23.60 33.85
N VAL A 556 -16.51 24.83 34.32
CA VAL A 556 -15.18 25.23 34.74
C VAL A 556 -14.73 24.41 35.94
N ARG A 557 -15.62 24.21 36.91
CA ARG A 557 -15.23 23.57 38.16
C ARG A 557 -14.95 22.09 37.96
N LEU A 558 -15.60 21.46 36.99
CA LEU A 558 -15.52 20.01 36.84
C LEU A 558 -14.12 19.61 36.37
N PRO A 559 -13.48 18.65 37.03
CA PRO A 559 -12.17 18.15 36.55
C PRO A 559 -12.32 17.41 35.24
N SER A 560 -11.19 17.15 34.62
CA SER A 560 -11.15 16.40 33.36
C SER A 560 -10.21 15.21 33.49
N SER A 561 -10.50 14.18 32.70
CA SER A 561 -9.68 12.98 32.68
C SER A 561 -9.84 12.31 31.33
N PHE A 562 -9.07 11.25 31.11
CA PHE A 562 -9.05 10.61 29.81
C PHE A 562 -10.03 9.45 29.72
N LEU A 563 -9.86 8.44 30.57
CA LEU A 563 -10.72 7.26 30.52
C LEU A 563 -10.77 6.63 31.91
N PRO A 564 -11.95 6.22 32.38
CA PRO A 564 -12.05 5.65 33.73
C PRO A 564 -11.24 4.37 33.85
N ASP A 565 -10.65 4.18 35.02
CA ASP A 565 -9.97 2.93 35.32
C ASP A 565 -10.99 1.85 35.65
N GLU A 566 -10.63 0.61 35.34
CA GLU A 566 -11.54 -0.51 35.52
C GLU A 566 -10.89 -1.59 36.36
N ASP A 567 -11.72 -2.38 37.04
CA ASP A 567 -11.26 -3.51 37.83
C ASP A 567 -11.11 -4.70 36.90
N GLN A 568 -10.05 -4.66 36.09
CA GLN A 568 -9.86 -5.68 35.07
C GLN A 568 -9.48 -7.03 35.64
N GLY A 569 -9.17 -7.11 36.93
CA GLY A 569 -8.77 -8.35 37.55
C GLY A 569 -7.29 -8.47 37.80
N VAL A 570 -6.47 -7.55 37.32
CA VAL A 570 -5.03 -7.57 37.52
C VAL A 570 -4.57 -6.15 37.85
N PHE A 571 -3.60 -6.04 38.74
CA PHE A 571 -3.04 -4.73 39.06
C PHE A 571 -1.54 -4.86 39.26
N LEU A 572 -0.77 -4.40 38.29
CA LEU A 572 0.68 -4.56 38.36
C LEU A 572 1.31 -3.93 39.59
N SER A 573 2.26 -4.63 40.20
CA SER A 573 2.98 -4.07 41.33
C SER A 573 4.45 -3.95 40.97
N MET A 574 5.18 -3.07 41.63
CA MET A 574 6.57 -2.84 41.30
C MET A 574 7.39 -2.67 42.57
N ALA A 575 8.64 -3.13 42.51
CA ALA A 575 9.58 -2.96 43.60
C ALA A 575 10.89 -2.45 43.04
N GLN A 576 11.47 -1.43 43.69
CA GLN A 576 12.72 -0.83 43.23
C GLN A 576 13.69 -0.72 44.40
N LEU A 577 14.67 -1.62 44.42
CA LEU A 577 15.69 -1.64 45.45
C LEU A 577 16.62 -0.45 45.27
N PRO A 578 17.39 -0.09 46.30
CA PRO A 578 18.38 0.97 46.14
C PRO A 578 19.43 0.59 45.13
N ALA A 579 20.28 1.57 44.81
CA ALA A 579 21.27 1.38 43.76
C ALA A 579 22.27 0.29 44.15
N GLY A 580 22.60 -0.56 43.19
CA GLY A 580 23.59 -1.59 43.41
C GLY A 580 23.10 -2.81 44.16
N ALA A 581 21.82 -2.88 44.49
CA ALA A 581 21.30 -4.06 45.16
C ALA A 581 21.33 -5.24 44.21
N THR A 582 21.70 -6.41 44.72
CA THR A 582 21.86 -7.57 43.88
C THR A 582 20.52 -8.24 43.61
N GLN A 583 20.58 -9.30 42.81
CA GLN A 583 19.38 -10.03 42.43
C GLN A 583 18.75 -10.71 43.64
N GLU A 584 19.57 -11.20 44.56
CA GLU A 584 19.06 -11.94 45.70
C GLU A 584 18.22 -11.06 46.61
N ARG A 585 18.67 -9.82 46.83
CA ARG A 585 17.91 -8.90 47.67
C ARG A 585 16.56 -8.56 47.04
N THR A 586 16.57 -8.32 45.72
CA THR A 586 15.31 -8.06 45.04
C THR A 586 14.40 -9.28 45.11
N GLN A 587 14.98 -10.47 45.05
CA GLN A 587 14.17 -11.68 45.17
C GLN A 587 13.55 -11.78 46.55
N LYS A 588 14.30 -11.41 47.58
CA LYS A 588 13.76 -11.40 48.93
C LYS A 588 12.60 -10.43 49.05
N VAL A 589 12.75 -9.24 48.47
CA VAL A 589 11.67 -8.25 48.51
C VAL A 589 10.45 -8.77 47.77
N LEU A 590 10.65 -9.35 46.59
CA LEU A 590 9.52 -9.87 45.83
C LEU A 590 8.85 -11.02 46.55
N ASP A 591 9.62 -11.85 47.26
CA ASP A 591 9.02 -12.91 48.05
C ASP A 591 8.20 -12.35 49.19
N GLU A 592 8.66 -11.27 49.82
CA GLU A 592 7.84 -10.61 50.83
C GLU A 592 6.53 -10.10 50.22
N MET A 593 6.61 -9.50 49.04
CA MET A 593 5.41 -9.02 48.37
C MET A 593 4.44 -10.15 48.08
N THR A 594 4.97 -11.26 47.57
CA THR A 594 4.13 -12.41 47.27
C THR A 594 3.50 -12.97 48.53
N ASN A 595 4.26 -13.03 49.62
CA ASN A 595 3.71 -13.52 50.87
C ASN A 595 2.59 -12.63 51.35
N TYR A 596 2.77 -11.32 51.26
CA TYR A 596 1.70 -10.39 51.65
C TYR A 596 0.46 -10.63 50.82
N TYR A 597 0.62 -10.70 49.49
CA TYR A 597 -0.55 -10.85 48.63
C TYR A 597 -1.27 -12.17 48.89
N LEU A 598 -0.51 -13.25 49.04
CA LEU A 598 -1.12 -14.56 49.20
C LEU A 598 -1.57 -14.86 50.62
N THR A 599 -1.23 -14.01 51.59
CA THR A 599 -1.64 -14.23 52.97
C THR A 599 -2.64 -13.17 53.42
N LYS A 600 -2.30 -11.89 53.30
CA LYS A 600 -3.21 -10.87 53.79
C LYS A 600 -4.34 -10.58 52.81
N GLU A 601 -4.20 -11.01 51.56
CA GLU A 601 -5.22 -10.84 50.55
C GLU A 601 -5.60 -12.17 49.93
N LYS A 602 -5.75 -13.21 50.75
CA LYS A 602 -5.97 -14.55 50.21
C LYS A 602 -7.33 -14.66 49.56
N ASP A 603 -8.32 -13.89 50.03
CA ASP A 603 -9.65 -13.97 49.45
C ASP A 603 -9.70 -13.35 48.06
N ASN A 604 -8.94 -12.28 47.85
CA ASN A 604 -9.00 -11.54 46.60
C ASN A 604 -7.98 -12.03 45.58
N VAL A 605 -6.72 -12.11 45.97
CA VAL A 605 -5.66 -12.46 45.05
C VAL A 605 -5.65 -13.96 44.80
N GLU A 606 -5.65 -14.34 43.52
CA GLU A 606 -5.55 -15.74 43.14
C GLU A 606 -4.10 -16.17 42.92
N SER A 607 -3.31 -15.35 42.26
CA SER A 607 -1.91 -15.68 42.03
C SER A 607 -1.15 -14.41 41.74
N VAL A 608 0.16 -14.44 41.98
CA VAL A 608 1.00 -13.29 41.70
C VAL A 608 2.22 -13.71 40.92
N PHE A 609 2.31 -13.28 39.66
CA PHE A 609 3.45 -13.64 38.83
C PHE A 609 4.54 -12.61 38.99
N ALA A 610 5.57 -12.92 39.77
CA ALA A 610 6.63 -11.96 40.03
C ALA A 610 7.85 -12.20 39.16
N VAL A 611 8.36 -11.14 38.55
CA VAL A 611 9.55 -11.26 37.71
C VAL A 611 10.67 -10.38 38.24
N ASN A 612 11.81 -10.98 38.57
CA ASN A 612 12.93 -10.23 39.09
C ASN A 612 13.89 -9.91 37.96
N GLY A 613 14.53 -8.74 38.03
CA GLY A 613 15.47 -8.35 37.00
C GLY A 613 14.88 -7.37 36.02
N PHE A 614 13.56 -7.24 36.02
CA PHE A 614 12.91 -6.27 35.13
C PHE A 614 12.16 -5.23 35.93
N GLY A 615 12.13 -4.01 35.41
CA GLY A 615 11.39 -2.95 36.07
C GLY A 615 10.76 -2.09 34.99
N PHE A 616 9.69 -1.40 35.32
CA PHE A 616 9.01 -0.59 34.32
C PHE A 616 9.96 0.45 33.78
N ALA A 617 10.70 1.10 34.66
CA ALA A 617 11.67 2.11 34.21
C ALA A 617 12.75 1.47 33.36
N GLY A 618 13.36 0.41 33.87
CA GLY A 618 14.40 -0.28 33.12
C GLY A 618 14.82 -1.58 33.77
N ARG A 619 15.50 -2.43 33.03
CA ARG A 619 15.98 -3.69 33.59
C ARG A 619 17.11 -3.42 34.56
N GLY A 620 17.36 -4.35 35.47
CA GLY A 620 18.42 -4.18 36.46
C GLY A 620 18.20 -5.09 37.63
N GLN A 621 19.27 -5.56 38.25
CA GLN A 621 19.12 -6.51 39.34
C GLN A 621 18.26 -5.95 40.46
N ASN A 622 18.30 -4.63 40.63
CA ASN A 622 17.60 -4.00 41.74
C ASN A 622 16.17 -3.62 41.41
N THR A 623 15.53 -4.29 40.46
CA THR A 623 14.16 -4.00 40.09
C THR A 623 13.35 -5.28 40.05
N GLY A 624 12.04 -5.13 40.21
CA GLY A 624 11.13 -6.27 40.15
C GLY A 624 9.70 -5.89 39.84
N ILE A 625 9.00 -6.73 39.12
CA ILE A 625 7.61 -6.50 38.74
C ILE A 625 6.78 -7.67 39.22
N ALA A 626 5.51 -7.42 39.52
CA ALA A 626 4.63 -8.49 39.97
C ALA A 626 3.24 -8.34 39.36
N PHE A 627 2.85 -9.28 38.51
CA PHE A 627 1.53 -9.24 37.92
C PHE A 627 0.56 -10.00 38.80
N VAL A 628 0.04 -9.35 39.82
CA VAL A 628 -0.91 -10.01 40.72
C VAL A 628 -2.28 -10.09 40.09
N SER A 629 -2.85 -11.29 40.02
CA SER A 629 -4.13 -11.44 39.36
C SER A 629 -5.18 -11.81 40.39
N LEU A 630 -6.22 -11.00 40.49
CA LEU A 630 -7.28 -11.22 41.46
C LEU A 630 -8.23 -12.31 40.98
N LYS A 631 -9.12 -12.72 41.87
CA LYS A 631 -10.09 -13.75 41.54
C LYS A 631 -11.21 -13.14 40.70
N ASP A 632 -12.20 -13.97 40.37
CA ASP A 632 -13.34 -13.51 39.59
C ASP A 632 -14.11 -12.44 40.37
N TRP A 633 -14.70 -11.49 39.64
CA TRP A 633 -15.42 -10.42 40.30
C TRP A 633 -16.57 -10.96 41.13
N SER A 634 -17.19 -12.04 40.68
CA SER A 634 -18.31 -12.62 41.43
C SER A 634 -17.85 -13.11 42.79
N GLN A 635 -16.57 -13.48 42.92
CA GLN A 635 -16.03 -13.92 44.19
C GLN A 635 -15.46 -12.79 45.02
N ARG A 636 -15.58 -11.55 44.57
CA ARG A 636 -15.03 -10.39 45.26
C ARG A 636 -16.13 -9.37 45.48
N PRO A 637 -17.08 -9.66 46.37
CA PRO A 637 -18.17 -8.72 46.62
C PRO A 637 -17.69 -7.54 47.45
N GLY A 638 -18.47 -6.47 47.39
CA GLY A 638 -18.13 -5.31 48.18
C GLY A 638 -17.14 -4.41 47.47
N GLU A 639 -17.04 -3.17 47.96
CA GLU A 639 -16.07 -2.25 47.40
C GLU A 639 -14.67 -2.58 47.88
N GLU A 640 -14.53 -3.06 49.12
CA GLU A 640 -13.21 -3.28 49.69
C GLU A 640 -12.50 -4.45 49.03
N ASN A 641 -13.18 -5.22 48.20
CA ASN A 641 -12.54 -6.28 47.43
C ASN A 641 -12.26 -5.88 45.99
N LYS A 642 -12.43 -4.62 45.65
CA LYS A 642 -12.11 -4.14 44.32
C LYS A 642 -10.66 -3.71 44.25
N VAL A 643 -10.17 -3.54 43.02
CA VAL A 643 -8.75 -3.32 42.77
C VAL A 643 -8.27 -2.05 43.47
N GLU A 644 -9.11 -1.02 43.50
CA GLU A 644 -8.69 0.25 44.09
C GLU A 644 -8.43 0.10 45.58
N ALA A 645 -9.35 -0.52 46.31
CA ALA A 645 -9.18 -0.71 47.75
C ALA A 645 -8.01 -1.64 48.04
N ILE A 646 -7.87 -2.70 47.26
CA ILE A 646 -6.77 -3.63 47.45
C ILE A 646 -5.44 -2.90 47.27
N THR A 647 -5.34 -2.10 46.22
CA THR A 647 -4.12 -1.34 45.98
C THR A 647 -3.84 -0.37 47.11
N ALA A 648 -4.88 0.31 47.61
CA ALA A 648 -4.68 1.25 48.71
C ALA A 648 -4.16 0.54 49.95
N ARG A 649 -4.76 -0.60 50.29
CA ARG A 649 -4.30 -1.34 51.46
C ARG A 649 -2.86 -1.82 51.27
N ALA A 650 -2.54 -2.31 50.08
CA ALA A 650 -1.18 -2.78 49.82
C ALA A 650 -0.18 -1.65 49.93
N MET A 651 -0.49 -0.49 49.36
CA MET A 651 0.38 0.66 49.48
C MET A 651 0.55 1.06 50.95
N GLY A 652 -0.52 0.92 51.73
CA GLY A 652 -0.39 1.14 53.16
C GLY A 652 0.59 0.19 53.80
N TYR A 653 0.54 -1.08 53.43
CA TYR A 653 1.46 -2.05 54.01
C TYR A 653 2.86 -1.89 53.46
N PHE A 654 2.98 -1.64 52.15
CA PHE A 654 4.30 -1.63 51.53
C PHE A 654 5.10 -0.39 51.91
N SER A 655 4.44 0.68 52.32
CA SER A 655 5.17 1.86 52.77
C SER A 655 5.98 1.56 54.03
N GLN A 656 5.63 0.50 54.74
CA GLN A 656 6.38 0.12 55.92
C GLN A 656 7.74 -0.48 55.56
N ILE A 657 7.87 -1.00 54.33
CA ILE A 657 9.10 -1.67 53.94
C ILE A 657 10.22 -0.65 53.86
N LYS A 658 11.37 -1.00 54.46
CA LYS A 658 12.50 -0.07 54.58
C LYS A 658 13.56 -0.28 53.52
N ASP A 659 13.85 -1.52 53.14
CA ASP A 659 14.97 -1.80 52.26
C ASP A 659 14.64 -1.68 50.79
N ALA A 660 13.40 -1.35 50.43
CA ALA A 660 13.02 -1.21 49.03
C ALA A 660 12.01 -0.08 48.92
N MET A 661 11.58 0.20 47.69
CA MET A 661 10.59 1.23 47.41
C MET A 661 9.54 0.62 46.49
N VAL A 662 8.54 -0.01 47.07
CA VAL A 662 7.61 -0.84 46.32
C VAL A 662 6.28 -0.12 46.13
N PHE A 663 5.78 -0.13 44.89
CA PHE A 663 4.54 0.52 44.54
C PHE A 663 3.54 -0.51 44.03
N ALA A 664 2.26 -0.21 44.22
CA ALA A 664 1.18 -0.99 43.63
C ALA A 664 0.22 -0.03 42.95
N PHE A 665 -0.26 -0.41 41.77
CA PHE A 665 -1.19 0.45 41.04
C PHE A 665 -1.98 -0.39 40.05
N ASN A 666 -3.07 0.18 39.53
CA ASN A 666 -3.91 -0.55 38.59
C ASN A 666 -3.50 -0.24 37.16
N LEU A 667 -3.77 -1.16 36.25
CA LEU A 667 -3.44 -0.96 34.85
C LEU A 667 -4.32 0.12 34.25
N PRO A 668 -3.80 0.87 33.28
CA PRO A 668 -4.58 1.92 32.62
C PRO A 668 -5.75 1.32 31.85
N ALA A 669 -6.76 2.12 31.52
CA ALA A 669 -7.86 1.61 30.72
C ALA A 669 -7.37 1.12 29.37
N ILE A 670 -6.61 1.94 28.67
CA ILE A 670 -6.04 1.50 27.40
C ILE A 670 -4.58 1.19 27.64
N VAL A 671 -4.28 -0.06 27.96
CA VAL A 671 -2.90 -0.41 28.29
C VAL A 671 -1.93 -0.05 27.18
N GLU A 672 -2.36 -0.16 25.93
CA GLU A 672 -1.46 0.13 24.81
C GLU A 672 -0.93 1.56 24.88
N LEU A 673 -1.79 2.50 25.23
CA LEU A 673 -1.35 3.89 25.36
C LEU A 673 -0.89 4.16 26.78
N GLY A 674 -0.88 3.12 27.60
CA GLY A 674 -0.41 3.27 28.97
C GLY A 674 -1.11 4.36 29.72
N THR A 675 -0.37 5.16 30.47
CA THR A 675 -0.97 6.20 31.29
C THR A 675 -1.29 7.45 30.48
N ALA A 676 -2.29 8.20 30.92
CA ALA A 676 -2.64 9.43 30.24
C ALA A 676 -2.71 10.62 31.18
N THR A 677 -2.62 10.41 32.49
CA THR A 677 -2.68 11.50 33.44
C THR A 677 -1.32 12.18 33.55
N GLY A 678 -1.36 13.50 33.75
CA GLY A 678 -0.14 14.26 33.89
C GLY A 678 0.45 14.70 32.56
N PHE A 679 1.76 14.95 32.59
CA PHE A 679 2.47 15.40 31.42
C PHE A 679 3.76 14.59 31.28
N ASP A 680 4.45 14.79 30.16
CA ASP A 680 5.68 14.08 29.84
C ASP A 680 6.67 15.06 29.25
N PHE A 681 7.75 15.30 29.99
CA PHE A 681 8.70 16.37 29.70
C PHE A 681 10.07 15.77 29.43
N GLU A 682 10.75 16.30 28.42
CA GLU A 682 12.07 15.79 28.01
C GLU A 682 13.07 16.93 28.10
N LEU A 683 14.05 16.79 28.97
CA LEU A 683 15.11 17.79 29.10
C LEU A 683 16.25 17.41 28.16
N ILE A 684 16.40 18.14 27.06
CA ILE A 684 17.30 17.77 25.98
C ILE A 684 18.56 18.61 26.04
N ASP A 685 19.71 17.95 25.90
CA ASP A 685 21.01 18.63 25.83
C ASP A 685 21.28 18.98 24.37
N GLN A 686 20.94 20.19 23.97
CA GLN A 686 21.09 20.62 22.59
C GLN A 686 22.40 21.36 22.36
N GLY A 687 23.24 21.49 23.37
CA GLY A 687 24.51 22.18 23.21
C GLY A 687 25.70 21.26 23.35
N GLY A 688 25.45 19.96 23.40
CA GLY A 688 26.54 19.03 23.63
C GLY A 688 27.22 19.22 24.96
N LEU A 689 26.45 19.51 26.00
CA LEU A 689 27.02 19.81 27.31
C LEU A 689 27.66 18.57 27.92
N GLY A 690 26.96 17.45 27.90
CA GLY A 690 27.43 16.23 28.53
C GLY A 690 26.42 15.72 29.53
N HIS A 691 26.61 14.48 29.97
CA HIS A 691 25.67 13.87 30.90
C HIS A 691 25.65 14.61 32.23
N GLU A 692 26.83 14.97 32.74
CA GLU A 692 26.92 15.60 34.05
C GLU A 692 26.23 16.96 34.05
N LYS A 693 26.49 17.76 33.02
CA LYS A 693 25.86 19.06 32.93
C LYS A 693 24.34 18.94 32.82
N LEU A 694 23.88 17.95 32.05
CA LEU A 694 22.46 17.74 31.90
C LEU A 694 21.82 17.31 33.23
N THR A 695 22.50 16.46 33.99
CA THR A 695 21.99 16.07 35.29
C THR A 695 21.93 17.26 36.24
N GLN A 696 22.94 18.13 36.19
CA GLN A 696 22.89 19.34 37.00
C GLN A 696 21.72 20.22 36.60
N ALA A 697 21.48 20.35 35.30
CA ALA A 697 20.34 21.13 34.84
C ALA A 697 19.03 20.53 35.33
N ARG A 698 18.94 19.21 35.31
CA ARG A 698 17.74 18.55 35.82
C ARG A 698 17.55 18.82 37.30
N ASN A 699 18.64 18.80 38.07
CA ASN A 699 18.53 19.08 39.50
C ASN A 699 18.07 20.51 39.75
N GLN A 700 18.60 21.46 38.97
CA GLN A 700 18.18 22.84 39.11
C GLN A 700 16.71 23.01 38.77
N LEU A 701 16.27 22.37 37.69
CA LEU A 701 14.85 22.42 37.34
C LEU A 701 14.00 21.79 38.43
N PHE A 702 14.48 20.69 39.03
CA PHE A 702 13.73 20.06 40.10
C PHE A 702 13.60 20.98 41.30
N GLY A 703 14.65 21.74 41.60
CA GLY A 703 14.52 22.73 42.67
C GLY A 703 13.47 23.78 42.34
N MET A 704 13.51 24.29 41.11
CA MET A 704 12.52 25.31 40.74
C MET A 704 11.10 24.76 40.80
N VAL A 705 10.91 23.50 40.39
CA VAL A 705 9.58 22.89 40.45
C VAL A 705 9.22 22.53 41.89
N ALA A 706 10.21 22.37 42.76
CA ALA A 706 9.92 22.26 44.17
C ALA A 706 9.31 23.55 44.68
N GLN A 707 9.81 24.69 44.20
CA GLN A 707 9.01 25.90 44.32
C GLN A 707 7.80 25.80 43.39
N HIS A 708 6.80 26.63 43.62
CA HIS A 708 5.51 26.55 42.94
C HIS A 708 4.87 25.17 43.14
N PRO A 709 4.51 24.81 44.38
CA PRO A 709 3.82 23.53 44.59
C PRO A 709 2.33 23.61 44.32
N ASP A 710 1.81 24.81 44.07
CA ASP A 710 0.37 24.95 43.81
C ASP A 710 0.01 24.49 42.41
N VAL A 711 0.97 24.40 41.50
CA VAL A 711 0.72 24.08 40.11
C VAL A 711 1.26 22.71 39.72
N LEU A 712 2.52 22.45 40.02
CA LEU A 712 3.14 21.17 39.69
C LEU A 712 3.18 20.28 40.91
N THR A 713 2.81 19.01 40.72
CA THR A 713 2.90 18.04 41.78
C THR A 713 3.46 16.74 41.23
N GLY A 714 4.22 16.04 42.07
CA GLY A 714 4.70 14.72 41.73
C GLY A 714 5.69 14.65 40.59
N VAL A 715 6.40 15.73 40.27
CA VAL A 715 7.42 15.65 39.24
C VAL A 715 8.54 14.74 39.73
N ARG A 716 9.11 13.97 38.80
CA ARG A 716 10.06 12.93 39.15
C ARG A 716 10.79 12.51 37.90
N PRO A 717 12.03 12.05 38.02
CA PRO A 717 12.72 11.50 36.85
C PRO A 717 12.07 10.19 36.43
N ASN A 718 12.16 9.91 35.13
CA ASN A 718 11.72 8.62 34.61
C ASN A 718 12.87 7.64 34.50
N GLY A 719 14.10 8.07 34.75
CA GLY A 719 15.25 7.21 34.58
C GLY A 719 15.85 6.73 35.89
N LEU A 720 17.16 6.53 35.89
CA LEU A 720 17.88 6.04 37.06
C LEU A 720 19.05 6.96 37.37
N GLU A 721 19.27 7.21 38.65
CA GLU A 721 20.39 8.03 39.07
C GLU A 721 21.70 7.27 38.87
N ASP A 722 22.79 8.03 38.81
CA ASP A 722 24.10 7.44 38.63
C ASP A 722 24.45 6.54 39.81
N THR A 723 25.14 5.44 39.50
CA THR A 723 25.54 4.45 40.47
C THR A 723 27.05 4.26 40.36
N PRO A 724 27.70 3.85 41.44
CA PRO A 724 29.14 3.60 41.38
C PRO A 724 29.46 2.50 40.36
N GLN A 725 30.58 2.67 39.68
CA GLN A 725 31.00 1.72 38.66
C GLN A 725 32.48 1.40 38.84
N PHE A 726 32.87 0.23 38.38
CA PHE A 726 34.25 -0.24 38.51
C PHE A 726 35.00 0.07 37.22
N LYS A 727 36.08 0.84 37.34
CA LYS A 727 36.84 1.27 36.19
C LYS A 727 38.20 0.59 36.18
N ILE A 728 38.54 -0.03 35.05
CA ILE A 728 39.81 -0.72 34.86
C ILE A 728 40.65 0.10 33.89
N ASP A 729 41.79 0.57 34.35
CA ASP A 729 42.71 1.34 33.51
C ASP A 729 43.87 0.45 33.12
N ILE A 730 43.92 0.07 31.85
CA ILE A 730 45.00 -0.76 31.34
C ILE A 730 46.18 0.13 31.00
N ASP A 731 47.34 -0.17 31.60
CA ASP A 731 48.54 0.60 31.32
C ASP A 731 49.16 0.10 30.02
N GLN A 732 49.09 0.92 28.98
CA GLN A 732 49.64 0.53 27.69
C GLN A 732 51.13 0.30 27.77
N GLU A 733 51.84 1.16 28.51
CA GLU A 733 53.29 1.02 28.62
C GLU A 733 53.66 -0.30 29.28
N LYS A 734 52.99 -0.63 30.39
CA LYS A 734 53.27 -1.89 31.06
C LYS A 734 52.82 -3.07 30.21
N ALA A 735 51.69 -2.93 29.52
CA ALA A 735 51.21 -4.02 28.69
C ALA A 735 52.20 -4.35 27.58
N GLN A 736 52.78 -3.33 26.96
CA GLN A 736 53.76 -3.58 25.91
C GLN A 736 55.10 -3.99 26.51
N ALA A 737 55.39 -3.58 27.73
CA ALA A 737 56.61 -4.02 28.40
C ALA A 737 56.62 -5.54 28.56
N LEU A 738 55.48 -6.09 28.97
CA LEU A 738 55.29 -7.53 28.88
C LEU A 738 54.89 -7.90 27.47
N GLY A 739 54.80 -9.20 27.21
CA GLY A 739 54.43 -9.62 25.88
C GLY A 739 52.97 -9.55 25.57
N VAL A 740 52.17 -9.06 26.51
CA VAL A 740 50.71 -9.12 26.38
C VAL A 740 50.23 -8.06 25.40
N SER A 741 49.12 -8.34 24.73
CA SER A 741 48.54 -7.47 23.74
C SER A 741 47.17 -7.00 24.20
N ILE A 742 46.79 -5.78 23.80
CA ILE A 742 45.56 -5.18 24.30
C ILE A 742 44.36 -6.00 23.91
N SER A 743 44.37 -6.54 22.68
CA SER A 743 43.25 -7.34 22.22
C SER A 743 43.05 -8.56 23.10
N ASP A 744 44.15 -9.22 23.48
CA ASP A 744 44.04 -10.36 24.38
C ASP A 744 43.46 -9.96 25.72
N ILE A 745 43.92 -8.83 26.26
CA ILE A 745 43.42 -8.38 27.57
C ILE A 745 41.93 -8.12 27.51
N ASN A 746 41.50 -7.38 26.49
CA ASN A 746 40.08 -7.04 26.37
C ASN A 746 39.24 -8.28 26.13
N THR A 747 39.72 -9.20 25.29
CA THR A 747 38.97 -10.42 25.04
C THR A 747 38.83 -11.24 26.31
N THR A 748 39.93 -11.38 27.06
CA THR A 748 39.88 -12.12 28.31
C THR A 748 38.89 -11.48 29.27
N LEU A 749 38.97 -10.17 29.44
CA LEU A 749 38.09 -9.49 30.38
C LEU A 749 36.63 -9.64 29.97
N GLY A 750 36.32 -9.35 28.71
CA GLY A 750 34.94 -9.41 28.26
C GLY A 750 34.37 -10.81 28.32
N ALA A 751 35.11 -11.79 27.82
CA ALA A 751 34.62 -13.16 27.84
C ALA A 751 34.46 -13.66 29.27
N ALA A 752 35.40 -13.34 30.15
CA ALA A 752 35.36 -13.87 31.49
C ALA A 752 34.22 -13.26 32.29
N TRP A 753 34.07 -11.93 32.23
CA TRP A 753 33.14 -11.28 33.12
C TRP A 753 31.76 -11.06 32.50
N GLY A 754 31.71 -10.69 31.24
CA GLY A 754 30.44 -10.43 30.60
C GLY A 754 29.91 -11.61 29.81
N GLY A 755 30.82 -12.43 29.31
CA GLY A 755 30.42 -13.60 28.54
C GLY A 755 30.48 -13.33 27.05
N SER A 756 30.57 -14.42 26.29
CA SER A 756 30.70 -14.31 24.85
C SER A 756 29.87 -15.41 24.20
N TYR A 757 29.11 -15.03 23.17
CA TYR A 757 28.35 -15.99 22.39
C TYR A 757 29.23 -16.44 21.24
N VAL A 758 29.82 -17.63 21.38
CA VAL A 758 30.85 -18.09 20.46
C VAL A 758 30.24 -18.52 19.14
N ASN A 759 29.38 -19.54 19.16
CA ASN A 759 28.74 -20.04 17.95
C ASN A 759 27.49 -20.82 18.34
N ASP A 760 26.99 -21.63 17.41
CA ASP A 760 25.76 -22.37 17.59
C ASP A 760 26.04 -23.87 17.60
N PHE A 761 25.07 -24.63 18.06
CA PHE A 761 25.13 -26.08 17.99
C PHE A 761 23.73 -26.63 17.83
N ILE A 762 23.64 -27.87 17.35
CA ILE A 762 22.37 -28.50 17.01
C ILE A 762 21.98 -29.43 18.16
N ASP A 763 20.84 -29.16 18.78
CA ASP A 763 20.32 -29.97 19.87
C ASP A 763 18.88 -30.34 19.55
N ARG A 764 18.63 -31.64 19.36
CA ARG A 764 17.30 -32.13 19.03
C ARG A 764 16.75 -31.41 17.80
N GLY A 765 17.63 -31.12 16.86
CA GLY A 765 17.21 -30.42 15.65
C GLY A 765 16.75 -29.01 15.89
N ARG A 766 17.43 -28.28 16.76
CA ARG A 766 17.16 -26.86 16.97
C ARG A 766 18.48 -26.15 17.17
N VAL A 767 18.68 -25.02 16.48
CA VAL A 767 19.91 -24.28 16.64
C VAL A 767 19.90 -23.56 17.98
N LYS A 768 20.95 -23.77 18.76
CA LYS A 768 21.06 -23.18 20.08
C LYS A 768 22.41 -22.51 20.24
N LYS A 769 22.46 -21.45 21.03
CA LYS A 769 23.66 -20.66 21.21
C LYS A 769 24.63 -21.36 22.16
N VAL A 770 25.89 -20.96 22.07
CA VAL A 770 26.96 -21.44 22.95
C VAL A 770 27.64 -20.24 23.56
N TYR A 771 27.50 -20.09 24.88
CA TYR A 771 28.10 -18.99 25.61
C TYR A 771 29.23 -19.51 26.49
N ILE A 772 30.24 -18.68 26.71
CA ILE A 772 31.28 -18.96 27.67
C ILE A 772 31.37 -17.78 28.63
N MET A 773 31.55 -18.08 29.91
CA MET A 773 31.72 -17.06 30.92
C MET A 773 32.40 -17.71 32.11
N SER A 774 32.93 -16.89 33.00
CA SER A 774 33.54 -17.44 34.20
C SER A 774 32.48 -18.12 35.05
N GLU A 775 32.89 -19.15 35.76
CA GLU A 775 32.05 -19.65 36.83
C GLU A 775 31.90 -18.53 37.85
N ALA A 776 30.70 -18.43 38.43
CA ALA A 776 30.35 -17.23 39.18
C ALA A 776 31.35 -16.92 40.28
N LYS A 777 31.97 -17.95 40.85
CA LYS A 777 32.87 -17.74 41.99
C LYS A 777 33.97 -16.75 41.67
N TYR A 778 34.41 -16.70 40.41
CA TYR A 778 35.62 -16.00 40.03
C TYR A 778 35.34 -14.67 39.35
N ARG A 779 34.11 -14.16 39.43
CA ARG A 779 33.80 -12.86 38.85
C ARG A 779 32.84 -12.07 39.72
N MET A 780 32.92 -12.23 41.03
CA MET A 780 31.96 -11.58 41.93
C MET A 780 32.47 -10.29 42.53
N LEU A 781 33.73 -10.22 42.91
CA LEU A 781 34.27 -9.08 43.62
C LEU A 781 35.43 -8.46 42.86
N PRO A 782 35.74 -7.19 43.10
CA PRO A 782 36.89 -6.59 42.40
C PRO A 782 38.20 -7.31 42.66
N GLU A 783 38.34 -7.99 43.79
CA GLU A 783 39.54 -8.77 44.03
C GLU A 783 39.67 -9.93 43.06
N ASP A 784 38.59 -10.31 42.39
CA ASP A 784 38.65 -11.46 41.48
C ASP A 784 39.38 -11.12 40.20
N ILE A 785 39.67 -9.84 39.97
CA ILE A 785 40.42 -9.42 38.78
C ILE A 785 41.79 -10.06 38.80
N GLY A 786 42.42 -10.11 39.97
CA GLY A 786 43.76 -10.65 40.06
C GLY A 786 43.85 -12.12 39.72
N LYS A 787 42.72 -12.82 39.78
CA LYS A 787 42.74 -14.25 39.50
C LYS A 787 42.89 -14.56 38.02
N TRP A 788 42.82 -13.57 37.14
CA TRP A 788 42.87 -13.79 35.71
C TRP A 788 44.23 -13.44 35.15
N TYR A 789 44.75 -14.32 34.29
CA TYR A 789 46.08 -14.18 33.74
C TYR A 789 45.98 -14.17 32.21
N VAL A 790 46.82 -13.35 31.58
CA VAL A 790 46.85 -13.22 30.13
C VAL A 790 48.22 -13.66 29.64
N ARG A 791 48.24 -14.53 28.64
CA ARG A 791 49.51 -15.00 28.10
C ARG A 791 50.23 -13.89 27.36
N GLY A 792 51.56 -13.84 27.53
CA GLY A 792 52.39 -12.90 26.81
C GLY A 792 53.10 -13.57 25.64
N SER A 793 53.79 -12.74 24.85
CA SER A 793 54.51 -13.26 23.70
C SER A 793 55.59 -14.24 24.11
N ASP A 794 56.21 -14.03 25.28
CA ASP A 794 57.21 -14.96 25.77
C ASP A 794 56.61 -16.27 26.26
N GLY A 795 55.28 -16.36 26.29
CA GLY A 795 54.61 -17.55 26.80
C GLY A 795 54.37 -17.57 28.28
N GLN A 796 54.67 -16.48 28.98
CA GLN A 796 54.51 -16.40 30.42
C GLN A 796 53.16 -15.75 30.74
N MET A 797 52.35 -16.42 31.55
CA MET A 797 51.08 -15.85 31.96
C MET A 797 51.31 -14.65 32.88
N VAL A 798 50.59 -13.58 32.62
CA VAL A 798 50.79 -12.30 33.29
C VAL A 798 49.55 -11.97 34.10
N PRO A 799 49.69 -11.61 35.37
CA PRO A 799 48.51 -11.27 36.18
C PRO A 799 47.85 -10.00 35.68
N PHE A 800 46.55 -9.88 35.94
CA PHE A 800 45.82 -8.69 35.55
C PHE A 800 46.23 -7.49 36.40
N SER A 801 46.78 -7.76 37.59
CA SER A 801 47.21 -6.66 38.44
C SER A 801 48.54 -6.09 37.98
N ALA A 802 49.22 -6.77 37.06
CA ALA A 802 50.51 -6.28 36.58
C ALA A 802 50.35 -5.04 35.73
N PHE A 803 49.36 -5.01 34.85
CA PHE A 803 49.23 -3.97 33.85
C PHE A 803 47.91 -3.21 33.96
N SER A 804 47.35 -3.10 35.17
CA SER A 804 46.06 -2.46 35.30
C SER A 804 45.95 -1.82 36.68
N THR A 805 45.03 -0.86 36.77
CA THR A 805 44.65 -0.24 38.02
C THR A 805 43.14 -0.19 38.10
N SER A 806 42.62 -0.14 39.32
CA SER A 806 41.19 -0.22 39.55
C SER A 806 40.72 0.97 40.37
N ARG A 807 39.65 1.61 39.92
CA ARG A 807 39.10 2.77 40.60
C ARG A 807 37.59 2.63 40.67
N TRP A 808 36.99 3.37 41.60
CA TRP A 808 35.55 3.47 41.72
C TRP A 808 35.13 4.84 41.25
N GLU A 809 34.34 4.89 40.19
CA GLU A 809 33.81 6.14 39.65
C GLU A 809 32.29 6.06 39.62
N TYR A 810 31.67 7.06 39.04
CA TYR A 810 30.22 7.11 38.92
C TYR A 810 29.82 7.10 37.45
N GLY A 811 28.77 6.35 37.15
CA GLY A 811 28.29 6.25 35.78
C GLY A 811 26.80 6.05 35.77
N SER A 812 26.20 6.36 34.64
CA SER A 812 24.76 6.25 34.50
C SER A 812 24.38 4.81 34.18
N PRO A 813 23.54 4.17 34.98
CA PRO A 813 23.11 2.80 34.63
C PRO A 813 22.18 2.76 33.44
N ARG A 814 21.57 3.88 33.07
CA ARG A 814 20.62 3.92 31.97
C ARG A 814 20.66 5.31 31.33
N LEU A 815 21.36 5.41 30.22
CA LEU A 815 21.36 6.62 29.41
C LEU A 815 20.17 6.59 28.47
N GLU A 816 19.72 7.77 28.07
CA GLU A 816 18.58 7.87 27.17
C GLU A 816 18.72 9.12 26.30
N ARG A 817 18.14 9.05 25.11
CA ARG A 817 18.21 10.13 24.15
C ARG A 817 16.81 10.40 23.59
N TYR A 818 16.59 11.63 23.15
CA TYR A 818 15.34 12.03 22.52
C TYR A 818 15.64 12.77 21.23
N ASN A 819 15.11 12.26 20.12
CA ASN A 819 15.35 12.83 18.81
C ASN A 819 16.84 12.95 18.50
N GLY A 820 17.61 11.97 18.93
CA GLY A 820 19.01 11.91 18.63
C GLY A 820 19.93 12.71 19.53
N LEU A 821 19.42 13.30 20.60
CA LEU A 821 20.26 14.08 21.49
C LEU A 821 20.13 13.58 22.92
N PRO A 822 21.17 13.71 23.73
CA PRO A 822 21.09 13.23 25.12
C PRO A 822 19.95 13.90 25.85
N SER A 823 19.25 13.13 26.67
CA SER A 823 18.00 13.61 27.24
C SER A 823 17.75 12.96 28.59
N LEU A 824 16.91 13.63 29.37
CA LEU A 824 16.37 13.11 30.61
C LEU A 824 14.88 13.34 30.60
N GLU A 825 14.10 12.28 30.84
CA GLU A 825 12.66 12.38 30.80
C GLU A 825 12.12 12.77 32.18
N ILE A 826 11.34 13.84 32.23
CA ILE A 826 10.70 14.30 33.44
C ILE A 826 9.21 14.12 33.24
N LEU A 827 8.57 13.40 34.16
CA LEU A 827 7.13 13.23 34.10
C LEU A 827 6.53 13.62 35.44
N GLY A 828 5.42 14.35 35.39
CA GLY A 828 4.78 14.86 36.57
C GLY A 828 3.29 14.89 36.40
N GLN A 829 2.65 15.79 37.14
CA GLN A 829 1.21 15.92 37.12
C GLN A 829 0.82 17.33 37.54
N ALA A 830 -0.23 17.84 36.93
CA ALA A 830 -0.76 19.14 37.32
C ALA A 830 -1.41 19.04 38.69
N ALA A 831 -1.18 20.03 39.53
CA ALA A 831 -1.72 20.01 40.88
C ALA A 831 -3.24 20.08 40.83
N PRO A 832 -3.93 19.54 41.83
CA PRO A 832 -5.39 19.55 41.81
C PRO A 832 -5.94 20.96 41.69
N GLY A 833 -6.98 21.09 40.88
CA GLY A 833 -7.57 22.39 40.60
C GLY A 833 -6.90 23.15 39.47
N LYS A 834 -5.81 22.63 38.92
CA LYS A 834 -5.11 23.26 37.81
C LYS A 834 -5.23 22.38 36.57
N SER A 835 -5.40 23.01 35.42
CA SER A 835 -5.47 22.26 34.18
C SER A 835 -4.07 21.86 33.73
N THR A 836 -4.02 20.89 32.83
CA THR A 836 -2.73 20.44 32.31
C THR A 836 -2.05 21.53 31.49
N GLY A 837 -2.84 22.39 30.84
CA GLY A 837 -2.26 23.42 30.00
C GLY A 837 -1.39 24.40 30.79
N GLU A 838 -1.91 24.87 31.92
CA GLU A 838 -1.12 25.81 32.71
C GLU A 838 0.08 25.14 33.35
N ALA A 839 -0.05 23.86 33.72
CA ALA A 839 1.10 23.15 34.25
C ALA A 839 2.20 23.03 33.21
N MET A 840 1.82 22.70 31.98
CA MET A 840 2.79 22.62 30.89
C MET A 840 3.42 23.97 30.63
N ALA A 841 2.62 25.04 30.69
CA ALA A 841 3.15 26.38 30.49
C ALA A 841 4.17 26.73 31.55
N LEU A 842 3.89 26.40 32.80
CA LEU A 842 4.83 26.68 33.88
C LEU A 842 6.11 25.88 33.70
N MET A 843 5.99 24.62 33.28
CA MET A 843 7.18 23.82 33.01
C MET A 843 8.00 24.45 31.90
N GLU A 844 7.34 24.95 30.86
CA GLU A 844 8.06 25.59 29.77
C GLU A 844 8.81 26.82 30.24
N GLU A 845 8.16 27.65 31.06
CA GLU A 845 8.83 28.84 31.58
C GLU A 845 10.04 28.47 32.43
N LEU A 846 9.86 27.50 33.33
CA LEU A 846 10.97 27.07 34.18
C LEU A 846 12.13 26.54 33.36
N ALA A 847 11.83 25.72 32.35
CA ALA A 847 12.88 25.22 31.47
C ALA A 847 13.55 26.36 30.72
N GLY A 848 12.78 27.42 30.40
CA GLY A 848 13.39 28.59 29.81
C GLY A 848 14.40 29.24 30.72
N LYS A 849 14.16 29.20 32.03
CA LYS A 849 15.11 29.78 32.97
C LYS A 849 16.40 28.96 33.10
N LEU A 850 16.47 27.76 32.52
CA LEU A 850 17.60 26.86 32.68
C LEU A 850 18.84 27.38 31.95
N PRO A 851 20.04 26.89 32.27
CA PRO A 851 21.25 27.42 31.63
C PRO A 851 21.26 27.18 30.14
N SER A 852 22.19 27.87 29.47
CA SER A 852 22.28 27.84 28.02
C SER A 852 22.69 26.45 27.54
N GLY A 853 22.20 26.11 26.35
CA GLY A 853 22.50 24.82 25.75
C GLY A 853 21.56 23.70 26.15
N ILE A 854 20.63 23.95 27.05
CA ILE A 854 19.67 22.96 27.50
C ILE A 854 18.32 23.30 26.89
N GLY A 855 17.79 22.37 26.08
CA GLY A 855 16.47 22.52 25.50
C GLY A 855 15.49 21.54 26.12
N TYR A 856 14.25 21.63 25.63
CA TYR A 856 13.18 20.80 26.13
C TYR A 856 12.23 20.45 25.00
N ASP A 857 11.39 19.44 25.24
CA ASP A 857 10.38 19.07 24.27
C ASP A 857 9.40 18.11 24.94
N TRP A 858 8.12 18.27 24.62
CA TRP A 858 7.11 17.37 25.14
C TRP A 858 7.05 16.11 24.29
N THR A 859 6.58 15.02 24.89
CA THR A 859 6.48 13.75 24.19
C THR A 859 5.26 13.00 24.67
N GLY A 860 4.83 12.04 23.86
CA GLY A 860 3.71 11.20 24.24
C GLY A 860 2.42 12.00 24.34
N MET A 861 1.72 11.82 25.46
CA MET A 861 0.43 12.48 25.65
C MET A 861 0.58 13.99 25.59
N SER A 862 1.65 14.52 26.20
CA SER A 862 1.87 15.96 26.16
C SER A 862 2.07 16.44 24.73
N TYR A 863 2.83 15.69 23.93
CA TYR A 863 3.03 16.07 22.55
C TYR A 863 1.71 16.06 21.79
N GLN A 864 0.89 15.04 22.01
CA GLN A 864 -0.38 14.96 21.30
C GLN A 864 -1.28 16.13 21.66
N GLU A 865 -1.44 16.41 22.96
CA GLU A 865 -2.33 17.49 23.35
C GLU A 865 -1.78 18.84 22.95
N ARG A 866 -0.46 18.97 22.89
CA ARG A 866 0.13 20.19 22.35
C ARG A 866 -0.21 20.35 20.88
N LEU A 867 -0.16 19.25 20.13
CA LEU A 867 -0.49 19.29 18.70
C LEU A 867 -1.98 19.38 18.45
N SER A 868 -2.79 18.67 19.25
CA SER A 868 -4.22 18.59 19.04
C SER A 868 -5.01 19.61 19.86
N GLY A 869 -4.34 20.60 20.45
CA GLY A 869 -5.04 21.59 21.23
C GLY A 869 -5.87 22.51 20.36
N ASN A 870 -6.93 23.05 20.96
CA ASN A 870 -7.83 24.04 20.37
C ASN A 870 -8.61 23.50 19.18
N GLN A 871 -8.64 22.19 18.97
CA GLN A 871 -9.47 21.64 17.90
C GLN A 871 -10.94 21.67 18.27
N ALA A 872 -11.26 21.49 19.55
CA ALA A 872 -12.65 21.42 19.97
C ALA A 872 -13.42 22.69 19.68
N PRO A 873 -12.94 23.89 20.03
CA PRO A 873 -13.73 25.10 19.74
C PRO A 873 -14.05 25.29 18.27
N ALA A 874 -13.08 25.04 17.38
CA ALA A 874 -13.33 25.23 15.96
C ALA A 874 -14.38 24.27 15.45
N LEU A 875 -14.24 22.99 15.79
CA LEU A 875 -15.18 21.99 15.33
C LEU A 875 -16.58 22.26 15.87
N TYR A 876 -16.67 22.65 17.14
CA TYR A 876 -17.99 22.92 17.71
C TYR A 876 -18.61 24.18 17.12
N ALA A 877 -17.80 25.19 16.82
CA ALA A 877 -18.32 26.36 16.14
C ALA A 877 -18.87 26.01 14.77
N ILE A 878 -18.13 25.17 14.03
CA ILE A 878 -18.61 24.71 12.73
C ILE A 878 -19.92 23.96 12.89
N SER A 879 -20.00 23.11 13.91
CA SER A 879 -21.22 22.36 14.16
C SER A 879 -22.39 23.29 14.45
N LEU A 880 -22.15 24.34 15.24
CA LEU A 880 -23.20 25.30 15.56
C LEU A 880 -23.67 26.01 14.31
N ILE A 881 -22.74 26.42 13.46
CA ILE A 881 -23.10 27.11 12.22
C ILE A 881 -23.97 26.21 11.35
N VAL A 882 -23.54 24.96 11.19
CA VAL A 882 -24.28 24.03 10.33
C VAL A 882 -25.66 23.75 10.91
N VAL A 883 -25.74 23.59 12.23
CA VAL A 883 -27.04 23.35 12.87
C VAL A 883 -27.96 24.52 12.63
N PHE A 884 -27.44 25.74 12.78
CA PHE A 884 -28.26 26.92 12.55
C PHE A 884 -28.77 26.97 11.12
N LEU A 885 -27.89 26.65 10.16
CA LEU A 885 -28.32 26.67 8.76
C LEU A 885 -29.38 25.61 8.49
N CYS A 886 -29.19 24.41 9.02
CA CYS A 886 -30.17 23.35 8.80
C CYS A 886 -31.51 23.73 9.41
N LEU A 887 -31.50 24.30 10.60
CA LEU A 887 -32.75 24.70 11.23
C LEU A 887 -33.41 25.83 10.47
N ALA A 888 -32.62 26.76 9.93
CA ALA A 888 -33.18 27.83 9.13
C ALA A 888 -33.85 27.27 7.89
N ALA A 889 -33.24 26.26 7.26
CA ALA A 889 -33.88 25.59 6.13
C ALA A 889 -35.18 24.93 6.56
N LEU A 890 -35.16 24.26 7.72
CA LEU A 890 -36.33 23.52 8.16
C LEU A 890 -37.50 24.46 8.46
N TYR A 891 -37.25 25.55 9.17
CA TYR A 891 -38.30 26.44 9.59
C TYR A 891 -38.55 27.59 8.63
N GLU A 892 -37.76 27.70 7.57
CA GLU A 892 -37.93 28.77 6.59
C GLU A 892 -37.92 30.14 7.27
N SER A 893 -36.98 30.31 8.19
CA SER A 893 -36.83 31.56 8.91
C SER A 893 -35.42 31.66 9.47
N TRP A 894 -34.95 32.89 9.64
CA TRP A 894 -33.64 33.12 10.22
C TRP A 894 -33.68 33.31 11.72
N SER A 895 -34.86 33.40 12.32
CA SER A 895 -35.00 33.68 13.74
C SER A 895 -35.55 32.51 14.52
N ILE A 896 -36.43 31.73 13.91
CA ILE A 896 -36.98 30.56 14.59
C ILE A 896 -35.92 29.59 15.08
N PRO A 897 -34.85 29.29 14.31
CA PRO A 897 -33.83 28.36 14.81
C PRO A 897 -33.21 28.76 16.14
N PHE A 898 -33.22 30.05 16.47
CA PHE A 898 -32.68 30.47 17.76
C PHE A 898 -33.48 29.87 18.90
N SER A 899 -34.78 29.69 18.71
CA SER A 899 -35.61 29.10 19.75
C SER A 899 -35.16 27.68 20.07
N VAL A 900 -34.85 26.90 19.03
CA VAL A 900 -34.40 25.54 19.25
C VAL A 900 -33.00 25.50 19.85
N MET A 901 -32.10 26.33 19.33
CA MET A 901 -30.70 26.23 19.73
C MET A 901 -30.50 26.63 21.18
N LEU A 902 -31.43 27.39 21.75
CA LEU A 902 -31.23 27.86 23.12
C LEU A 902 -31.44 26.75 24.15
N VAL A 903 -31.91 25.58 23.74
CA VAL A 903 -32.13 24.50 24.69
C VAL A 903 -30.87 23.71 25.01
N VAL A 904 -29.73 24.07 24.42
CA VAL A 904 -28.50 23.32 24.65
C VAL A 904 -28.11 23.32 26.12
N PRO A 905 -28.07 24.47 26.83
CA PRO A 905 -27.64 24.43 28.23
C PRO A 905 -28.56 23.62 29.11
N LEU A 906 -29.81 23.46 28.67
CA LEU A 906 -30.83 22.80 29.48
C LEU A 906 -30.46 21.35 29.76
N GLY A 907 -29.73 20.72 28.86
CA GLY A 907 -29.27 19.37 29.09
C GLY A 907 -27.89 19.34 29.72
N VAL A 908 -27.08 20.36 29.44
CA VAL A 908 -25.71 20.38 29.95
C VAL A 908 -25.71 20.55 31.46
N VAL A 909 -26.64 21.36 31.99
CA VAL A 909 -26.66 21.62 33.42
C VAL A 909 -26.85 20.32 34.19
N GLY A 910 -27.73 19.45 33.72
CA GLY A 910 -27.99 18.21 34.42
C GLY A 910 -26.81 17.26 34.38
N ALA A 911 -26.15 17.15 33.22
CA ALA A 911 -24.98 16.29 33.13
C ALA A 911 -23.89 16.79 34.07
N LEU A 912 -23.68 18.11 34.11
CA LEU A 912 -22.65 18.66 34.98
C LEU A 912 -23.02 18.45 36.45
N LEU A 913 -24.29 18.60 36.79
CA LEU A 913 -24.71 18.40 38.18
C LEU A 913 -24.58 16.95 38.60
N ALA A 914 -25.01 16.03 37.73
CA ALA A 914 -24.94 14.61 38.06
C ALA A 914 -23.50 14.15 38.18
N ALA A 915 -22.63 14.64 37.30
CA ALA A 915 -21.21 14.35 37.44
C ALA A 915 -20.64 14.93 38.72
N THR A 916 -21.03 16.17 39.04
CA THR A 916 -20.51 16.82 40.23
C THR A 916 -20.94 16.08 41.50
N PHE A 917 -22.21 15.68 41.55
CA PHE A 917 -22.71 14.98 42.74
C PHE A 917 -22.08 13.61 42.89
N ARG A 918 -21.79 12.95 41.78
CA ARG A 918 -21.15 11.65 41.79
C ARG A 918 -19.65 11.74 41.85
N GLY A 919 -19.09 12.94 41.83
CA GLY A 919 -17.65 13.10 41.90
C GLY A 919 -16.94 12.50 40.70
N LEU A 920 -17.63 12.47 39.56
CA LEU A 920 -17.02 11.95 38.34
C LEU A 920 -16.18 13.06 37.71
N THR A 921 -15.74 12.84 36.47
CA THR A 921 -14.85 13.76 35.80
C THR A 921 -15.24 13.87 34.34
N ASN A 922 -14.83 14.96 33.72
CA ASN A 922 -15.19 15.26 32.33
C ASN A 922 -14.31 14.43 31.39
N ASP A 923 -14.65 13.15 31.28
CA ASP A 923 -13.89 12.26 30.41
C ASP A 923 -14.58 12.06 29.08
N VAL A 924 -14.09 11.12 28.28
CA VAL A 924 -14.67 10.87 26.98
C VAL A 924 -16.13 10.46 27.08
N TYR A 925 -16.42 9.51 27.95
CA TYR A 925 -17.79 9.02 28.07
C TYR A 925 -18.74 10.14 28.43
N PHE A 926 -18.35 10.97 29.39
CA PHE A 926 -19.20 12.07 29.81
C PHE A 926 -19.48 12.99 28.63
N GLN A 927 -18.43 13.34 27.90
CA GLN A 927 -18.60 14.25 26.77
C GLN A 927 -19.56 13.67 25.77
N VAL A 928 -19.39 12.40 25.45
CA VAL A 928 -20.27 11.76 24.47
C VAL A 928 -21.70 11.77 24.99
N GLY A 929 -21.92 11.21 26.18
CA GLY A 929 -23.26 11.24 26.73
C GLY A 929 -23.84 12.63 26.74
N LEU A 930 -23.00 13.63 26.98
CA LEU A 930 -23.45 15.01 26.91
C LEU A 930 -23.96 15.36 25.53
N LEU A 931 -23.23 14.93 24.49
CA LEU A 931 -23.67 15.21 23.13
C LEU A 931 -24.98 14.49 22.81
N THR A 932 -25.13 13.24 23.27
CA THR A 932 -26.37 12.54 23.02
C THR A 932 -27.54 13.23 23.72
N THR A 933 -27.33 13.72 24.94
CA THR A 933 -28.37 14.48 25.63
C THR A 933 -28.70 15.74 24.86
N ILE A 934 -27.68 16.44 24.36
CA ILE A 934 -27.92 17.63 23.53
C ILE A 934 -28.78 17.27 22.35
N GLY A 935 -28.45 16.15 21.68
CA GLY A 935 -29.21 15.75 20.51
C GLY A 935 -30.66 15.44 20.84
N LEU A 936 -30.89 14.75 21.95
CA LEU A 936 -32.26 14.37 22.29
C LEU A 936 -33.09 15.59 22.68
N SER A 937 -32.51 16.49 23.47
CA SER A 937 -33.23 17.71 23.83
C SER A 937 -33.50 18.55 22.58
N ALA A 938 -32.53 18.60 21.68
CA ALA A 938 -32.73 19.35 20.44
C ALA A 938 -33.85 18.75 19.60
N LYS A 939 -33.93 17.43 19.55
CA LYS A 939 -35.02 16.78 18.82
C LYS A 939 -36.37 17.12 19.42
N ASN A 940 -36.47 17.07 20.75
CA ASN A 940 -37.73 17.41 21.41
C ASN A 940 -38.12 18.85 21.10
N ALA A 941 -37.15 19.78 21.20
CA ALA A 941 -37.43 21.18 20.93
C ALA A 941 -37.83 21.38 19.48
N ILE A 942 -37.16 20.69 18.55
CA ILE A 942 -37.48 20.82 17.14
C ILE A 942 -38.91 20.39 16.89
N LEU A 943 -39.31 19.27 17.45
CA LEU A 943 -40.68 18.80 17.24
C LEU A 943 -41.69 19.77 17.81
N ILE A 944 -41.42 20.29 19.01
CA ILE A 944 -42.35 21.23 19.63
C ILE A 944 -42.49 22.48 18.76
N VAL A 945 -41.36 23.03 18.31
CA VAL A 945 -41.40 24.26 17.53
C VAL A 945 -42.07 24.02 16.19
N GLU A 946 -41.80 22.88 15.56
CA GLU A 946 -42.42 22.58 14.27
C GLU A 946 -43.92 22.46 14.41
N PHE A 947 -44.39 21.79 15.46
CA PHE A 947 -45.83 21.68 15.67
C PHE A 947 -46.46 23.04 15.91
N ALA A 948 -45.80 23.88 16.71
CA ALA A 948 -46.34 25.20 16.98
C ALA A 948 -46.41 26.04 15.71
N LYS A 949 -45.35 25.98 14.90
CA LYS A 949 -45.33 26.74 13.66
C LYS A 949 -46.41 26.25 12.70
N ASP A 950 -46.58 24.95 12.58
CA ASP A 950 -47.62 24.42 11.71
C ASP A 950 -49.00 24.83 12.18
N LEU A 951 -49.23 24.83 13.49
CA LEU A 951 -50.51 25.28 14.00
C LEU A 951 -50.73 26.76 13.68
N MET A 952 -49.68 27.57 13.78
CA MET A 952 -49.82 28.98 13.44
C MET A 952 -50.12 29.18 11.96
N GLU A 953 -49.45 28.43 11.09
CA GLU A 953 -49.60 28.64 9.64
C GLU A 953 -50.82 27.92 9.10
N LYS A 954 -50.84 26.59 9.19
CA LYS A 954 -51.89 25.81 8.55
C LYS A 954 -53.24 26.03 9.22
N GLU A 955 -53.28 26.05 10.54
CA GLU A 955 -54.52 26.19 11.28
C GLU A 955 -54.89 27.64 11.55
N GLY A 956 -53.98 28.57 11.30
CA GLY A 956 -54.27 29.98 11.59
C GLY A 956 -54.51 30.28 13.05
N LYS A 957 -53.77 29.62 13.94
CA LYS A 957 -53.89 29.90 15.36
C LYS A 957 -53.13 31.17 15.73
N GLY A 958 -53.39 31.65 16.94
CA GLY A 958 -52.59 32.74 17.48
C GLY A 958 -51.22 32.26 17.91
N LEU A 959 -50.37 33.20 18.27
CA LEU A 959 -49.02 32.83 18.68
C LEU A 959 -49.04 32.00 19.96
N ILE A 960 -49.71 32.51 20.99
CA ILE A 960 -49.73 31.81 22.28
C ILE A 960 -50.56 30.54 22.18
N GLU A 961 -51.73 30.62 21.55
CA GLU A 961 -52.62 29.48 21.48
C GLU A 961 -51.96 28.30 20.76
N ALA A 962 -51.28 28.58 19.65
CA ALA A 962 -50.58 27.52 18.94
C ALA A 962 -49.47 26.94 19.79
N THR A 963 -48.78 27.78 20.56
CA THR A 963 -47.72 27.28 21.43
C THR A 963 -48.28 26.32 22.48
N LEU A 964 -49.38 26.70 23.12
CA LEU A 964 -49.98 25.84 24.12
C LEU A 964 -50.47 24.54 23.51
N GLU A 965 -51.13 24.62 22.35
CA GLU A 965 -51.60 23.40 21.71
C GLU A 965 -50.43 22.51 21.30
N ALA A 966 -49.31 23.11 20.91
CA ALA A 966 -48.15 22.31 20.54
C ALA A 966 -47.56 21.60 21.74
N VAL A 967 -47.36 22.33 22.84
CA VAL A 967 -46.75 21.71 24.01
C VAL A 967 -47.69 20.69 24.62
N ARG A 968 -49.00 20.86 24.41
CA ARG A 968 -49.93 19.83 24.86
C ARG A 968 -49.73 18.54 24.10
N MET A 969 -49.54 18.63 22.79
CA MET A 969 -49.47 17.43 21.97
C MET A 969 -48.15 16.70 22.16
N ARG A 970 -47.05 17.43 22.30
CA ARG A 970 -45.74 16.82 22.38
C ARG A 970 -45.37 16.36 23.78
N LEU A 971 -46.20 16.62 24.78
CA LEU A 971 -45.83 16.29 26.15
C LEU A 971 -45.70 14.79 26.34
N ARG A 972 -46.68 14.03 25.84
CA ARG A 972 -46.64 12.59 26.04
C ARG A 972 -45.44 11.92 25.38
N PRO A 973 -45.10 12.20 24.12
CA PRO A 973 -43.89 11.57 23.55
C PRO A 973 -42.63 11.90 24.31
N ILE A 974 -42.50 13.15 24.76
CA ILE A 974 -41.32 13.55 25.52
C ILE A 974 -41.23 12.75 26.81
N LEU A 975 -42.35 12.66 27.52
CA LEU A 975 -42.35 11.89 28.76
C LEU A 975 -42.04 10.42 28.51
N MET A 976 -42.61 9.86 27.44
CA MET A 976 -42.38 8.45 27.15
C MET A 976 -40.91 8.17 26.88
N THR A 977 -40.30 8.95 25.97
CA THR A 977 -38.90 8.70 25.64
C THR A 977 -38.01 8.96 26.84
N SER A 978 -38.29 10.03 27.59
CA SER A 978 -37.48 10.34 28.76
C SER A 978 -37.53 9.20 29.78
N LEU A 979 -38.73 8.72 30.08
CA LEU A 979 -38.88 7.64 31.05
C LEU A 979 -38.19 6.38 30.57
N ALA A 980 -38.36 6.04 29.30
CA ALA A 980 -37.74 4.83 28.76
C ALA A 980 -36.22 4.91 28.85
N PHE A 981 -35.66 6.05 28.45
CA PHE A 981 -34.21 6.20 28.49
C PHE A 981 -33.70 6.16 29.92
N ILE A 982 -34.37 6.85 30.83
CA ILE A 982 -33.88 6.93 32.20
C ILE A 982 -33.94 5.57 32.88
N LEU A 983 -35.03 4.83 32.68
CA LEU A 983 -35.10 3.49 33.23
C LEU A 983 -34.07 2.57 32.58
N GLY A 984 -33.85 2.72 31.27
CA GLY A 984 -32.86 1.89 30.61
C GLY A 984 -31.45 2.19 31.06
N VAL A 985 -31.13 3.45 31.31
CA VAL A 985 -29.79 3.83 31.74
C VAL A 985 -29.57 3.58 33.23
N MET A 986 -30.61 3.60 34.04
CA MET A 986 -30.45 3.50 35.49
C MET A 986 -29.57 2.34 35.93
N PRO A 987 -29.65 1.13 35.37
CA PRO A 987 -28.70 0.09 35.80
C PRO A 987 -27.25 0.46 35.56
N LEU A 988 -26.97 1.31 34.58
CA LEU A 988 -25.58 1.70 34.35
C LEU A 988 -25.03 2.55 35.49
N VAL A 989 -25.84 3.47 36.01
CA VAL A 989 -25.31 4.42 36.99
C VAL A 989 -25.13 3.74 38.35
N ILE A 990 -25.84 2.65 38.61
CA ILE A 990 -25.74 1.96 39.90
C ILE A 990 -24.86 0.72 39.83
N SER A 991 -24.47 0.28 38.64
CA SER A 991 -23.69 -0.94 38.52
C SER A 991 -22.35 -0.79 39.24
N SER A 992 -22.00 -1.80 40.03
CA SER A 992 -20.72 -1.85 40.73
C SER A 992 -20.16 -3.25 40.50
N GLY A 993 -19.19 -3.35 39.59
CA GLY A 993 -18.60 -4.63 39.27
C GLY A 993 -17.58 -4.49 38.18
N ALA A 994 -17.49 -5.50 37.33
CA ALA A 994 -16.59 -5.42 36.20
C ALA A 994 -17.11 -4.40 35.20
N GLY A 995 -16.21 -3.55 34.72
CA GLY A 995 -16.59 -2.54 33.76
C GLY A 995 -17.44 -1.41 34.31
N SER A 996 -17.52 -1.27 35.63
CA SER A 996 -18.40 -0.28 36.22
C SER A 996 -17.96 1.14 35.87
N GLY A 997 -16.66 1.36 35.77
CA GLY A 997 -16.14 2.70 35.53
C GLY A 997 -16.70 3.35 34.27
N ALA A 998 -16.59 2.66 33.15
CA ALA A 998 -17.19 3.17 31.92
C ALA A 998 -18.71 3.23 32.03
N GLN A 999 -19.30 2.19 32.63
CA GLN A 999 -20.76 2.17 32.78
C GLN A 999 -21.23 3.36 33.60
N ASN A 1000 -20.55 3.62 34.73
CA ASN A 1000 -20.94 4.75 35.55
C ASN A 1000 -20.73 6.07 34.81
N ALA A 1001 -19.57 6.20 34.15
CA ALA A 1001 -19.26 7.44 33.45
C ALA A 1001 -20.31 7.76 32.39
N VAL A 1002 -20.80 6.73 31.71
CA VAL A 1002 -21.86 6.94 30.72
C VAL A 1002 -23.18 7.25 31.41
N GLY A 1003 -23.60 6.35 32.30
CA GLY A 1003 -24.96 6.40 32.81
C GLY A 1003 -25.25 7.64 33.64
N THR A 1004 -24.32 8.00 34.52
CA THR A 1004 -24.57 9.15 35.39
C THR A 1004 -24.79 10.41 34.56
N GLY A 1005 -23.87 10.68 33.63
CA GLY A 1005 -23.99 11.87 32.82
C GLY A 1005 -25.27 11.87 31.99
N VAL A 1006 -25.57 10.76 31.34
CA VAL A 1006 -26.71 10.75 30.44
C VAL A 1006 -28.02 10.84 31.23
N MET A 1007 -28.09 10.18 32.39
CA MET A 1007 -29.29 10.25 33.21
C MET A 1007 -29.53 11.65 33.72
N GLY A 1008 -28.50 12.29 34.26
CA GLY A 1008 -28.68 13.66 34.72
C GLY A 1008 -29.08 14.59 33.60
N GLY A 1009 -28.44 14.43 32.44
CA GLY A 1009 -28.80 15.27 31.30
C GLY A 1009 -30.25 15.11 30.92
N MET A 1010 -30.72 13.86 30.83
CA MET A 1010 -32.12 13.63 30.49
C MET A 1010 -33.05 14.23 31.54
N VAL A 1011 -32.72 14.02 32.82
CA VAL A 1011 -33.63 14.44 33.88
C VAL A 1011 -33.83 15.94 33.84
N THR A 1012 -32.74 16.69 33.70
CA THR A 1012 -32.90 18.14 33.66
C THR A 1012 -33.46 18.61 32.33
N ALA A 1013 -32.98 18.04 31.22
CA ALA A 1013 -33.38 18.52 29.90
C ALA A 1013 -34.89 18.36 29.71
N THR A 1014 -35.42 17.17 29.95
CA THR A 1014 -36.83 16.96 29.72
C THR A 1014 -37.68 17.82 30.64
N ILE A 1015 -37.24 18.01 31.88
CA ILE A 1015 -37.98 18.87 32.80
C ILE A 1015 -37.85 20.33 32.38
N LEU A 1016 -36.66 20.76 32.01
CA LEU A 1016 -36.45 22.17 31.69
C LEU A 1016 -36.96 22.51 30.29
N ALA A 1017 -36.77 21.61 29.33
CA ALA A 1017 -37.11 21.94 27.94
C ALA A 1017 -38.61 22.20 27.80
N ILE A 1018 -39.44 21.37 28.44
CA ILE A 1018 -40.88 21.48 28.25
C ILE A 1018 -41.39 22.83 28.73
N PHE A 1019 -40.67 23.47 29.65
CA PHE A 1019 -41.07 24.79 30.14
C PHE A 1019 -40.33 25.93 29.46
N PHE A 1020 -39.13 25.69 28.96
CA PHE A 1020 -38.32 26.80 28.46
C PHE A 1020 -38.40 26.94 26.95
N VAL A 1021 -38.66 25.86 26.22
CA VAL A 1021 -38.79 25.96 24.76
C VAL A 1021 -40.06 26.70 24.35
N PRO A 1022 -41.20 26.61 25.05
CA PRO A 1022 -42.30 27.52 24.69
C PRO A 1022 -41.93 28.97 24.89
N VAL A 1023 -41.19 29.27 25.96
CA VAL A 1023 -40.75 30.64 26.21
C VAL A 1023 -39.83 31.10 25.09
N PHE A 1024 -38.90 30.24 24.69
CA PHE A 1024 -37.98 30.59 23.61
C PHE A 1024 -38.74 30.86 22.32
N PHE A 1025 -39.70 30.00 22.00
CA PHE A 1025 -40.45 30.18 20.76
C PHE A 1025 -41.28 31.45 20.80
N VAL A 1026 -41.91 31.74 21.94
CA VAL A 1026 -42.80 32.89 22.02
C VAL A 1026 -42.00 34.18 21.99
N VAL A 1027 -40.90 34.25 22.74
CA VAL A 1027 -40.10 35.46 22.79
C VAL A 1027 -39.57 35.79 21.40
N VAL A 1028 -39.05 34.79 20.69
CA VAL A 1028 -38.45 35.02 19.39
C VAL A 1028 -39.49 35.53 18.40
N ARG A 1029 -40.68 34.92 18.40
CA ARG A 1029 -41.69 35.31 17.44
C ARG A 1029 -42.15 36.75 17.66
N ARG A 1030 -42.31 37.16 18.91
CA ARG A 1030 -42.64 38.56 19.18
C ARG A 1030 -41.51 39.48 18.79
N ARG A 1031 -40.27 39.11 19.11
CA ARG A 1031 -39.13 39.97 18.82
C ARG A 1031 -38.94 40.16 17.32
N PHE A 1032 -39.08 39.08 16.56
CA PHE A 1032 -38.86 39.12 15.11
C PHE A 1032 -40.18 38.90 14.41
N SER A 1033 -40.83 40.00 14.00
CA SER A 1033 -42.11 39.95 13.31
C SER A 1033 -43.17 39.21 14.11
N MET B 1 -42.19 8.11 -18.78
CA MET B 1 -40.92 8.26 -19.51
C MET B 1 -40.96 7.74 -20.95
N PRO B 2 -41.52 6.54 -21.18
CA PRO B 2 -41.59 6.06 -22.57
C PRO B 2 -42.30 7.01 -23.51
N ASN B 3 -43.34 7.71 -23.05
CA ASN B 3 -44.04 8.66 -23.92
C ASN B 3 -43.11 9.80 -24.30
N PHE B 4 -42.28 10.25 -23.37
CA PHE B 4 -41.36 11.36 -23.65
C PHE B 4 -40.45 11.03 -24.83
N PHE B 5 -39.94 9.80 -24.88
CA PHE B 5 -39.07 9.44 -25.99
C PHE B 5 -39.86 8.99 -27.21
N ILE B 6 -41.13 8.61 -27.02
CA ILE B 6 -41.98 8.35 -28.17
C ILE B 6 -42.18 9.63 -28.97
N ASP B 7 -42.39 10.74 -28.28
CA ASP B 7 -42.55 12.00 -28.99
C ASP B 7 -41.23 12.55 -29.50
N ARG B 8 -40.09 12.10 -28.97
CA ARG B 8 -38.78 12.66 -29.28
C ARG B 8 -37.83 11.54 -29.70
N PRO B 9 -38.00 11.00 -30.91
CA PRO B 9 -37.14 9.88 -31.31
C PRO B 9 -35.67 10.23 -31.41
N ILE B 10 -35.35 11.47 -31.80
CA ILE B 10 -33.96 11.83 -32.02
C ILE B 10 -33.20 11.84 -30.71
N PHE B 11 -33.88 12.19 -29.61
CA PHE B 11 -33.27 12.11 -28.30
C PHE B 11 -32.85 10.68 -27.98
N ALA B 12 -33.74 9.72 -28.21
CA ALA B 12 -33.43 8.33 -27.95
C ALA B 12 -32.27 7.86 -28.82
N TRP B 13 -32.30 8.25 -30.10
CA TRP B 13 -31.22 7.88 -31.00
C TRP B 13 -29.89 8.44 -30.51
N VAL B 14 -29.90 9.68 -30.04
CA VAL B 14 -28.68 10.31 -29.55
C VAL B 14 -28.15 9.56 -28.34
N ILE B 15 -29.04 9.19 -27.42
CA ILE B 15 -28.61 8.45 -26.24
C ILE B 15 -27.96 7.13 -26.65
N ALA B 16 -28.60 6.40 -27.55
CA ALA B 16 -28.07 5.12 -27.98
C ALA B 16 -26.72 5.29 -28.67
N ILE B 17 -26.59 6.30 -29.52
CA ILE B 17 -25.35 6.49 -30.26
C ILE B 17 -24.23 6.89 -29.31
N ILE B 18 -24.53 7.71 -28.31
CA ILE B 18 -23.52 8.09 -27.34
C ILE B 18 -23.04 6.88 -26.56
N ILE B 19 -23.97 6.03 -26.16
CA ILE B 19 -23.60 4.81 -25.42
C ILE B 19 -22.70 3.94 -26.29
N MET B 20 -23.09 3.77 -27.56
CA MET B 20 -22.29 2.94 -28.46
C MET B 20 -20.90 3.52 -28.67
N LEU B 21 -20.81 4.85 -28.80
CA LEU B 21 -19.51 5.49 -29.00
C LEU B 21 -18.61 5.29 -27.79
N ALA B 22 -19.17 5.47 -26.60
CA ALA B 22 -18.40 5.23 -25.39
C ALA B 22 -17.94 3.78 -25.32
N GLY B 23 -18.82 2.85 -25.73
CA GLY B 23 -18.44 1.44 -25.72
C GLY B 23 -17.30 1.14 -26.65
N GLY B 24 -17.34 1.69 -27.87
CA GLY B 24 -16.25 1.47 -28.80
C GLY B 24 -14.93 2.03 -28.29
N LEU B 25 -14.98 3.25 -27.75
CA LEU B 25 -13.78 3.85 -27.21
C LEU B 25 -13.23 3.02 -26.05
N SER B 26 -14.11 2.50 -25.20
CA SER B 26 -13.66 1.64 -24.11
C SER B 26 -13.04 0.36 -24.64
N ILE B 27 -13.63 -0.22 -25.69
CA ILE B 27 -13.07 -1.43 -26.29
C ILE B 27 -11.66 -1.17 -26.75
N LEU B 28 -11.40 0.02 -27.30
CA LEU B 28 -10.06 0.33 -27.79
C LEU B 28 -9.03 0.24 -26.67
N LYS B 29 -9.40 0.62 -25.45
CA LYS B 29 -8.41 0.71 -24.38
C LYS B 29 -8.42 -0.53 -23.48
N LEU B 30 -9.49 -1.31 -23.50
CA LEU B 30 -9.62 -2.43 -22.58
C LEU B 30 -8.57 -3.51 -22.81
N PRO B 31 -7.92 -4.00 -21.76
CA PRO B 31 -6.97 -5.09 -21.91
C PRO B 31 -7.69 -6.41 -22.21
N VAL B 32 -6.94 -7.33 -22.81
CA VAL B 32 -7.46 -8.63 -23.21
C VAL B 32 -6.62 -9.70 -22.51
N ALA B 33 -7.29 -10.70 -21.96
CA ALA B 33 -6.61 -11.81 -21.30
C ALA B 33 -7.49 -13.04 -21.37
N GLN B 34 -6.89 -14.20 -21.17
CA GLN B 34 -7.67 -15.43 -21.16
C GLN B 34 -8.59 -15.47 -19.95
N TYR B 35 -8.05 -15.22 -18.77
CA TYR B 35 -8.78 -15.21 -17.52
C TYR B 35 -8.41 -13.94 -16.76
N PRO B 36 -9.27 -13.49 -15.86
CA PRO B 36 -8.87 -12.40 -14.95
C PRO B 36 -7.93 -12.91 -13.89
N THR B 37 -7.56 -12.06 -12.93
CA THR B 37 -6.70 -12.50 -11.84
C THR B 37 -7.49 -13.45 -10.97
N ILE B 38 -7.27 -14.75 -11.15
CA ILE B 38 -8.00 -15.77 -10.42
C ILE B 38 -7.15 -16.43 -9.34
N ALA B 39 -5.93 -16.80 -9.65
CA ALA B 39 -5.13 -17.58 -8.71
C ALA B 39 -4.81 -16.77 -7.47
N PRO B 40 -4.83 -17.41 -6.30
CA PRO B 40 -4.47 -16.70 -5.08
C PRO B 40 -3.00 -16.30 -5.12
N PRO B 41 -2.67 -15.15 -4.54
CA PRO B 41 -1.27 -14.71 -4.54
C PRO B 41 -0.41 -15.63 -3.67
N ALA B 42 0.86 -15.70 -4.05
CA ALA B 42 1.81 -16.53 -3.32
C ALA B 42 3.08 -15.73 -3.08
N ILE B 43 3.70 -15.95 -1.93
CA ILE B 43 4.96 -15.32 -1.55
C ILE B 43 5.95 -16.42 -1.21
N SER B 44 7.16 -16.33 -1.78
CA SER B 44 8.17 -17.36 -1.61
C SER B 44 9.32 -16.82 -0.77
N ILE B 45 9.77 -17.62 0.19
CA ILE B 45 10.90 -17.29 1.04
C ILE B 45 11.98 -18.33 0.76
N THR B 46 13.11 -17.90 0.22
CA THR B 46 14.18 -18.80 -0.15
C THR B 46 15.42 -18.51 0.69
N ALA B 47 15.89 -19.52 1.40
CA ALA B 47 17.09 -19.41 2.21
C ALA B 47 17.98 -20.60 1.91
N MET B 48 19.29 -20.39 2.00
CA MET B 48 20.26 -21.43 1.68
C MET B 48 21.12 -21.69 2.90
N TYR B 49 21.29 -22.96 3.24
CA TYR B 49 22.25 -23.38 4.24
C TYR B 49 23.32 -24.19 3.52
N PRO B 50 24.44 -23.59 3.15
CA PRO B 50 25.40 -24.29 2.29
C PRO B 50 25.90 -25.57 2.93
N GLY B 51 25.84 -26.65 2.15
CA GLY B 51 26.31 -27.93 2.61
C GLY B 51 25.56 -28.48 3.80
N ALA B 52 24.24 -28.38 3.77
CA ALA B 52 23.38 -28.93 4.81
C ALA B 52 22.44 -29.94 4.19
N ASP B 53 22.26 -31.07 4.87
CA ASP B 53 21.36 -32.09 4.37
C ASP B 53 19.91 -31.63 4.53
N ALA B 54 19.00 -32.41 3.92
CA ALA B 54 17.59 -32.05 3.96
C ALA B 54 17.06 -32.02 5.38
N GLU B 55 17.44 -33.00 6.20
CA GLU B 55 16.95 -33.05 7.57
C GLU B 55 17.41 -31.84 8.38
N THR B 56 18.66 -31.44 8.19
CA THR B 56 19.17 -30.27 8.91
C THR B 56 18.42 -29.02 8.51
N VAL B 57 18.12 -28.88 7.22
CA VAL B 57 17.45 -27.68 6.73
C VAL B 57 16.06 -27.55 7.35
N GLN B 58 15.31 -28.64 7.39
CA GLN B 58 13.97 -28.57 7.94
C GLN B 58 13.99 -28.16 9.40
N ASN B 59 14.92 -28.71 10.17
CA ASN B 59 14.94 -28.43 11.61
C ASN B 59 15.48 -27.05 11.91
N THR B 60 16.42 -26.56 11.12
CA THR B 60 17.15 -25.36 11.51
C THR B 60 16.52 -24.09 10.96
N VAL B 61 16.09 -24.08 9.69
CA VAL B 61 15.59 -22.87 9.05
C VAL B 61 14.09 -22.94 8.80
N THR B 62 13.61 -23.99 8.13
CA THR B 62 12.21 -24.01 7.72
C THR B 62 11.28 -23.99 8.92
N GLN B 63 11.57 -24.81 9.94
CA GLN B 63 10.70 -24.84 11.11
C GLN B 63 10.68 -23.49 11.81
N VAL B 64 11.83 -22.84 11.91
CA VAL B 64 11.90 -21.55 12.58
C VAL B 64 11.11 -20.50 11.80
N ILE B 65 11.26 -20.49 10.47
CA ILE B 65 10.58 -19.48 9.67
C ILE B 65 9.08 -19.70 9.69
N GLU B 66 8.66 -20.96 9.54
CA GLU B 66 7.23 -21.25 9.50
C GLU B 66 6.54 -20.86 10.80
N GLN B 67 7.20 -21.11 11.93
CA GLN B 67 6.61 -20.79 13.22
C GLN B 67 6.25 -19.32 13.33
N ASN B 68 7.12 -18.44 12.82
CA ASN B 68 6.83 -17.01 12.88
C ASN B 68 5.82 -16.60 11.83
N MET B 69 5.82 -17.27 10.68
CA MET B 69 4.96 -16.84 9.58
C MET B 69 3.49 -17.00 9.91
N ASN B 70 3.16 -17.91 10.81
CA ASN B 70 1.78 -18.08 11.24
C ASN B 70 1.26 -16.81 11.88
N GLY B 71 0.07 -16.38 11.44
CA GLY B 71 -0.57 -15.19 11.96
C GLY B 71 -0.66 -14.04 10.99
N ILE B 72 -0.01 -14.13 9.83
CA ILE B 72 -0.13 -13.07 8.84
C ILE B 72 -1.55 -13.01 8.32
N ASP B 73 -1.99 -11.82 7.96
CA ASP B 73 -3.37 -11.63 7.51
C ASP B 73 -3.62 -12.38 6.21
N HIS B 74 -4.82 -12.95 6.11
CA HIS B 74 -5.31 -13.57 4.88
C HIS B 74 -4.37 -14.66 4.38
N LEU B 75 -3.84 -15.44 5.30
CA LEU B 75 -2.97 -16.56 4.96
C LEU B 75 -3.85 -17.78 4.75
N MET B 76 -3.75 -18.40 3.57
CA MET B 76 -4.60 -19.54 3.26
C MET B 76 -3.92 -20.84 3.68
N TYR B 77 -2.72 -21.10 3.18
CA TYR B 77 -1.96 -22.28 3.59
C TYR B 77 -0.48 -22.04 3.29
N MET B 78 0.36 -22.86 3.91
CA MET B 78 1.80 -22.81 3.70
C MET B 78 2.30 -24.15 3.21
N SER B 79 3.46 -24.11 2.56
CA SER B 79 4.14 -25.33 2.16
C SER B 79 5.63 -25.05 2.17
N SER B 80 6.42 -26.11 2.29
CA SER B 80 7.85 -25.93 2.44
C SER B 80 8.58 -27.15 1.88
N ASN B 81 9.87 -26.97 1.62
CA ASN B 81 10.71 -28.08 1.20
C ASN B 81 12.16 -27.74 1.48
N GLY B 82 12.91 -28.72 1.99
CA GLY B 82 14.32 -28.56 2.22
C GLY B 82 15.15 -29.52 1.39
N ASP B 83 15.89 -28.98 0.43
CA ASP B 83 16.66 -29.82 -0.49
C ASP B 83 17.95 -30.27 0.17
N SER B 84 18.55 -31.31 -0.40
CA SER B 84 19.86 -31.75 0.07
C SER B 84 20.92 -30.70 -0.20
N THR B 85 20.68 -29.82 -1.16
CA THR B 85 21.61 -28.74 -1.45
C THR B 85 21.60 -27.67 -0.38
N GLY B 86 20.67 -27.73 0.57
CA GLY B 86 20.59 -26.74 1.62
C GLY B 86 19.56 -25.65 1.41
N THR B 87 18.94 -25.59 0.23
CA THR B 87 17.96 -24.55 -0.05
C THR B 87 16.65 -24.85 0.65
N ALA B 88 16.06 -23.83 1.27
CA ALA B 88 14.78 -23.96 1.93
C ALA B 88 13.81 -22.97 1.30
N THR B 89 12.66 -23.47 0.86
CA THR B 89 11.68 -22.65 0.17
C THR B 89 10.36 -22.72 0.93
N ILE B 90 9.95 -21.60 1.52
CA ILE B 90 8.68 -21.50 2.22
C ILE B 90 7.74 -20.74 1.30
N THR B 91 6.68 -21.39 0.86
CA THR B 91 5.70 -20.76 -0.01
C THR B 91 4.43 -20.48 0.76
N LEU B 92 4.03 -19.22 0.83
CA LEU B 92 2.84 -18.79 1.55
C LEU B 92 1.80 -18.37 0.53
N THR B 93 0.66 -19.06 0.53
CA THR B 93 -0.44 -18.75 -0.37
C THR B 93 -1.51 -17.98 0.39
N PHE B 94 -1.89 -16.82 -0.12
CA PHE B 94 -2.83 -15.93 0.56
C PHE B 94 -4.19 -16.01 -0.12
N GLU B 95 -5.21 -15.58 0.63
CA GLU B 95 -6.57 -15.62 0.11
C GLU B 95 -6.70 -14.73 -1.11
N SER B 96 -7.54 -15.15 -2.04
CA SER B 96 -7.72 -14.38 -3.27
C SER B 96 -8.27 -13.01 -2.97
N GLY B 97 -7.78 -12.01 -3.70
CA GLY B 97 -8.13 -10.63 -3.47
C GLY B 97 -7.17 -9.89 -2.58
N THR B 98 -6.27 -10.59 -1.89
CA THR B 98 -5.27 -9.95 -1.07
C THR B 98 -4.31 -9.16 -1.94
N ASP B 99 -3.94 -7.97 -1.49
CA ASP B 99 -2.95 -7.17 -2.21
C ASP B 99 -1.59 -7.81 -2.04
N PRO B 100 -0.97 -8.29 -3.11
CA PRO B 100 0.30 -9.01 -2.95
C PRO B 100 1.41 -8.15 -2.35
N ASP B 101 1.40 -6.84 -2.59
CA ASP B 101 2.46 -5.99 -2.08
C ASP B 101 2.44 -5.92 -0.56
N ILE B 102 1.25 -5.69 0.01
CA ILE B 102 1.14 -5.65 1.46
C ILE B 102 1.49 -7.01 2.06
N ALA B 103 1.10 -8.08 1.37
CA ALA B 103 1.45 -9.42 1.83
C ALA B 103 2.96 -9.59 1.88
N GLN B 104 3.66 -9.13 0.84
CA GLN B 104 5.11 -9.23 0.82
C GLN B 104 5.72 -8.42 1.95
N VAL B 105 5.17 -7.23 2.21
CA VAL B 105 5.70 -6.39 3.28
C VAL B 105 5.55 -7.10 4.63
N GLN B 106 4.37 -7.66 4.88
CA GLN B 106 4.15 -8.35 6.14
C GLN B 106 5.05 -9.57 6.27
N VAL B 107 5.23 -10.31 5.17
CA VAL B 107 6.11 -11.47 5.21
C VAL B 107 7.54 -11.04 5.51
N GLN B 108 7.97 -9.91 4.93
CA GLN B 108 9.31 -9.41 5.22
C GLN B 108 9.45 -9.04 6.69
N ASN B 109 8.42 -8.43 7.26
CA ASN B 109 8.48 -8.09 8.68
C ASN B 109 8.62 -9.33 9.54
N LYS B 110 7.81 -10.35 9.28
CA LYS B 110 7.92 -11.58 10.05
C LYS B 110 9.27 -12.25 9.86
N LEU B 111 9.78 -12.23 8.63
CA LEU B 111 11.08 -12.82 8.38
C LEU B 111 12.19 -12.09 9.12
N ALA B 112 12.08 -10.76 9.21
CA ALA B 112 13.05 -10.01 9.99
C ALA B 112 12.98 -10.38 11.46
N LEU B 113 11.77 -10.58 11.97
CA LEU B 113 11.65 -11.06 13.34
C LEU B 113 12.28 -12.42 13.55
N ALA B 114 12.15 -13.32 12.58
CA ALA B 114 12.63 -14.69 12.74
C ALA B 114 14.09 -14.88 12.35
N THR B 115 14.70 -13.91 11.67
CA THR B 115 16.06 -14.10 11.16
C THR B 115 17.11 -14.36 12.24
N PRO B 116 17.17 -13.63 13.35
CA PRO B 116 18.26 -13.87 14.30
C PRO B 116 18.32 -15.30 14.82
N LEU B 117 17.18 -15.97 14.92
CA LEU B 117 17.18 -17.36 15.38
C LEU B 117 17.84 -18.29 14.38
N LEU B 118 17.97 -17.88 13.12
CA LEU B 118 18.50 -18.74 12.09
C LEU B 118 20.01 -18.90 12.27
N PRO B 119 20.60 -19.96 11.69
CA PRO B 119 22.05 -20.09 11.74
C PRO B 119 22.74 -18.92 11.07
N GLN B 120 23.91 -18.56 11.58
CA GLN B 120 24.65 -17.45 11.01
C GLN B 120 24.99 -17.71 9.55
N GLU B 121 25.20 -18.97 9.19
CA GLU B 121 25.55 -19.30 7.81
C GLU B 121 24.45 -18.88 6.84
N VAL B 122 23.20 -19.14 7.20
CA VAL B 122 22.09 -18.80 6.30
C VAL B 122 21.80 -17.31 6.36
N GLN B 123 22.18 -16.65 7.45
CA GLN B 123 22.03 -15.21 7.51
C GLN B 123 23.00 -14.51 6.57
N GLN B 124 24.21 -15.07 6.42
CA GLN B 124 25.18 -14.48 5.50
C GLN B 124 24.70 -14.57 4.06
N GLN B 125 24.08 -15.69 3.69
CA GLN B 125 23.66 -15.89 2.31
C GLN B 125 22.63 -14.86 1.89
N GLY B 126 21.73 -14.49 2.79
CA GLY B 126 20.68 -13.56 2.45
C GLY B 126 19.41 -14.29 2.06
N ILE B 127 18.32 -14.00 2.75
CA ILE B 127 17.04 -14.63 2.46
C ILE B 127 16.25 -13.76 1.50
N SER B 128 15.53 -14.41 0.58
CA SER B 128 14.81 -13.71 -0.48
C SER B 128 13.31 -13.84 -0.23
N VAL B 129 12.60 -12.72 -0.28
CA VAL B 129 11.15 -12.69 -0.26
C VAL B 129 10.69 -12.14 -1.59
N GLU B 130 9.97 -12.96 -2.36
CA GLU B 130 9.56 -12.58 -3.70
C GLU B 130 8.18 -13.13 -3.98
N LYS B 131 7.39 -12.39 -4.75
CA LYS B 131 6.15 -12.92 -5.26
C LYS B 131 6.44 -14.11 -6.17
N ALA B 132 5.69 -15.19 -5.97
CA ALA B 132 6.02 -16.45 -6.62
C ALA B 132 4.91 -16.85 -7.58
N SER B 133 5.29 -17.69 -8.53
CA SER B 133 4.36 -18.33 -9.47
C SER B 133 4.64 -19.82 -9.45
N SER B 134 3.88 -20.56 -10.24
CA SER B 134 4.06 -22.00 -10.31
C SER B 134 4.38 -22.52 -11.70
N SER B 135 3.86 -21.92 -12.75
CA SER B 135 4.03 -22.44 -14.09
C SER B 135 4.68 -21.40 -14.99
N PHE B 136 5.43 -21.88 -15.97
CA PHE B 136 6.10 -21.01 -16.92
C PHE B 136 5.08 -20.44 -17.89
N LEU B 137 5.10 -19.13 -18.06
CA LEU B 137 4.28 -18.50 -19.09
C LEU B 137 4.80 -18.86 -20.47
N MET B 138 6.12 -18.89 -20.63
CA MET B 138 6.73 -19.04 -21.94
C MET B 138 8.13 -19.61 -21.75
N VAL B 139 8.54 -20.45 -22.69
CA VAL B 139 9.91 -20.94 -22.75
C VAL B 139 10.47 -20.55 -24.11
N VAL B 140 11.52 -19.75 -24.10
CA VAL B 140 12.18 -19.30 -25.32
C VAL B 140 13.53 -19.96 -25.38
N GLY B 141 13.74 -20.84 -26.36
CA GLY B 141 14.96 -21.58 -26.50
C GLY B 141 15.86 -20.97 -27.56
N VAL B 142 17.16 -21.15 -27.39
CA VAL B 142 18.16 -20.63 -28.31
C VAL B 142 19.00 -21.78 -28.81
N ILE B 143 19.15 -21.88 -30.12
CA ILE B 143 19.95 -22.92 -30.75
C ILE B 143 20.91 -22.24 -31.72
N ASN B 144 21.94 -22.98 -32.10
CA ASN B 144 22.90 -22.52 -33.10
C ASN B 144 22.84 -23.49 -34.27
N THR B 145 22.22 -23.05 -35.37
CA THR B 145 21.96 -23.95 -36.49
C THR B 145 23.25 -24.43 -37.13
N ASN B 146 24.32 -23.65 -37.03
CA ASN B 146 25.59 -24.06 -37.63
C ASN B 146 26.23 -25.23 -36.92
N GLY B 147 25.74 -25.60 -35.74
CA GLY B 147 26.33 -26.69 -34.99
C GLY B 147 27.75 -26.38 -34.59
N THR B 148 28.02 -25.11 -34.30
CA THR B 148 29.34 -24.67 -33.91
C THR B 148 29.50 -24.51 -32.39
N MET B 149 28.46 -24.06 -31.70
CA MET B 149 28.52 -23.79 -30.28
C MET B 149 27.82 -24.91 -29.53
N ASN B 150 28.45 -25.39 -28.46
CA ASN B 150 27.83 -26.38 -27.60
C ASN B 150 26.82 -25.68 -26.69
N GLN B 151 26.36 -26.39 -25.67
CA GLN B 151 25.37 -25.82 -24.78
C GLN B 151 25.98 -24.74 -23.90
N ASP B 152 27.25 -24.89 -23.54
CA ASP B 152 27.89 -23.90 -22.66
C ASP B 152 27.95 -22.53 -23.33
N ASP B 153 28.34 -22.50 -24.60
CA ASP B 153 28.46 -21.22 -25.30
C ASP B 153 27.10 -20.56 -25.47
N ILE B 154 26.10 -21.32 -25.88
CA ILE B 154 24.76 -20.77 -26.03
C ILE B 154 24.26 -20.25 -24.70
N SER B 155 24.44 -21.04 -23.64
CA SER B 155 23.95 -20.65 -22.32
C SER B 155 24.65 -19.40 -21.83
N ASP B 156 25.96 -19.29 -22.05
CA ASP B 156 26.68 -18.12 -21.62
C ASP B 156 26.22 -16.88 -22.39
N TYR B 157 26.04 -17.02 -23.70
CA TYR B 157 25.53 -15.90 -24.47
C TYR B 157 24.18 -15.47 -23.97
N VAL B 158 23.31 -16.43 -23.67
CA VAL B 158 21.99 -16.07 -23.15
C VAL B 158 22.12 -15.35 -21.82
N ALA B 159 22.88 -15.93 -20.89
CA ALA B 159 23.02 -15.32 -19.57
C ALA B 159 23.63 -13.93 -19.65
N ALA B 160 24.44 -13.67 -20.66
CA ALA B 160 25.13 -12.39 -20.76
C ALA B 160 24.39 -11.35 -21.57
N ASN B 161 23.47 -11.75 -22.44
CA ASN B 161 22.86 -10.79 -23.34
C ASN B 161 21.34 -10.82 -23.39
N MET B 162 20.69 -11.83 -22.85
CA MET B 162 19.26 -11.94 -23.01
C MET B 162 18.52 -12.09 -21.69
N LYS B 163 19.16 -12.66 -20.67
CA LYS B 163 18.46 -12.96 -19.44
C LYS B 163 18.06 -11.68 -18.72
N ASP B 164 19.01 -10.77 -18.53
CA ASP B 164 18.73 -9.54 -17.78
C ASP B 164 17.68 -8.65 -18.43
N PRO B 165 17.78 -8.30 -19.72
CA PRO B 165 16.75 -7.43 -20.31
C PRO B 165 15.36 -8.04 -20.24
N ILE B 166 15.26 -9.36 -20.41
CA ILE B 166 13.98 -10.03 -20.24
C ILE B 166 13.58 -10.05 -18.78
N SER B 167 14.54 -10.29 -17.88
CA SER B 167 14.22 -10.31 -16.46
C SER B 167 13.66 -8.99 -15.99
N ARG B 168 14.03 -7.89 -16.65
CA ARG B 168 13.53 -6.58 -16.29
C ARG B 168 12.38 -6.12 -17.16
N THR B 169 11.91 -6.96 -18.08
CA THR B 169 10.74 -6.60 -18.88
C THR B 169 9.51 -6.53 -18.00
N SER B 170 8.57 -5.67 -18.37
CA SER B 170 7.37 -5.48 -17.56
C SER B 170 6.58 -6.77 -17.47
N GLY B 171 6.21 -7.14 -16.25
CA GLY B 171 5.38 -8.30 -16.01
C GLY B 171 6.10 -9.62 -15.96
N VAL B 172 7.42 -9.64 -16.08
CA VAL B 172 8.18 -10.90 -16.05
C VAL B 172 8.53 -11.18 -14.60
N GLY B 173 7.80 -12.10 -13.98
CA GLY B 173 8.03 -12.40 -12.58
C GLY B 173 9.38 -13.03 -12.30
N ASP B 174 9.75 -14.02 -13.11
CA ASP B 174 10.98 -14.76 -12.87
C ASP B 174 11.45 -15.40 -14.16
N VAL B 175 12.77 -15.47 -14.34
CA VAL B 175 13.38 -16.09 -15.50
C VAL B 175 14.36 -17.14 -15.01
N GLN B 176 14.20 -18.37 -15.51
CA GLN B 176 15.11 -19.45 -15.20
C GLN B 176 15.90 -19.77 -16.45
N LEU B 177 17.23 -19.82 -16.32
CA LEU B 177 18.09 -20.12 -17.44
C LEU B 177 18.36 -21.62 -17.49
N PHE B 178 17.93 -22.27 -18.58
CA PHE B 178 18.17 -23.70 -18.75
C PHE B 178 19.58 -23.94 -19.28
N GLY B 179 20.55 -23.48 -18.50
CA GLY B 179 21.94 -23.58 -18.86
C GLY B 179 22.78 -23.01 -17.75
N SER B 180 23.96 -22.47 -18.08
CA SER B 180 24.81 -21.90 -17.06
C SER B 180 25.73 -20.86 -17.67
N GLN B 181 25.90 -19.75 -16.97
CA GLN B 181 26.82 -18.72 -17.39
C GLN B 181 28.25 -19.26 -17.34
N TYR B 182 29.12 -18.63 -18.13
CA TYR B 182 30.52 -19.03 -18.09
C TYR B 182 31.13 -18.72 -16.73
N ALA B 183 32.14 -19.50 -16.36
CA ALA B 183 32.87 -19.29 -15.13
C ALA B 183 34.28 -19.79 -15.35
N MET B 184 35.22 -19.20 -14.64
CA MET B 184 36.61 -19.66 -14.74
C MET B 184 36.75 -20.91 -13.91
N ARG B 185 36.63 -22.07 -14.55
CA ARG B 185 36.73 -23.35 -13.86
C ARG B 185 38.20 -23.72 -13.73
N ILE B 186 38.64 -23.98 -12.51
CA ILE B 186 39.98 -24.50 -12.24
C ILE B 186 39.81 -25.95 -11.82
N TRP B 187 40.25 -26.87 -12.66
CA TRP B 187 40.10 -28.30 -12.40
C TRP B 187 41.38 -28.84 -11.79
N MET B 188 41.38 -29.03 -10.47
CA MET B 188 42.57 -29.46 -9.76
C MET B 188 42.82 -30.95 -9.96
N ASP B 189 44.07 -31.34 -9.74
CA ASP B 189 44.50 -32.73 -9.87
C ASP B 189 45.19 -33.12 -8.57
N PRO B 190 44.62 -34.01 -7.77
CA PRO B 190 45.22 -34.33 -6.47
C PRO B 190 46.62 -34.89 -6.56
N ASN B 191 46.93 -35.63 -7.63
CA ASN B 191 48.27 -36.17 -7.77
C ASN B 191 49.29 -35.05 -7.90
N LYS B 192 49.01 -34.05 -8.73
CA LYS B 192 49.95 -32.96 -8.90
C LYS B 192 50.07 -32.11 -7.65
N LEU B 193 48.95 -31.84 -6.98
CA LEU B 193 49.00 -31.07 -5.74
C LEU B 193 49.84 -31.79 -4.70
N ASN B 194 49.63 -33.09 -4.55
CA ASN B 194 50.42 -33.86 -3.60
C ASN B 194 51.89 -33.90 -4.00
N ASN B 195 52.16 -33.98 -5.30
CA ASN B 195 53.53 -33.97 -5.76
C ASN B 195 54.23 -32.67 -5.39
N PHE B 196 53.52 -31.55 -5.51
CA PHE B 196 54.06 -30.26 -5.13
C PHE B 196 53.74 -29.90 -3.70
N GLN B 197 53.14 -30.81 -2.93
CA GLN B 197 52.87 -30.60 -1.51
C GLN B 197 52.01 -29.36 -1.28
N LEU B 198 50.99 -29.21 -2.10
CA LEU B 198 50.02 -28.12 -1.98
C LEU B 198 48.65 -28.68 -1.66
N THR B 199 47.78 -27.82 -1.16
CA THR B 199 46.40 -28.17 -0.86
C THR B 199 45.49 -27.13 -1.49
N PRO B 200 44.21 -27.47 -1.70
CA PRO B 200 43.28 -26.47 -2.23
C PRO B 200 43.22 -25.20 -1.39
N VAL B 201 43.61 -25.27 -0.12
CA VAL B 201 43.70 -24.05 0.68
C VAL B 201 44.72 -23.10 0.07
N ASP B 202 45.86 -23.62 -0.36
CA ASP B 202 46.87 -22.79 -1.00
C ASP B 202 46.34 -22.21 -2.31
N VAL B 203 45.58 -23.00 -3.06
CA VAL B 203 45.02 -22.51 -4.31
C VAL B 203 44.05 -21.37 -4.04
N ILE B 204 43.20 -21.53 -3.02
CA ILE B 204 42.25 -20.48 -2.69
C ILE B 204 42.97 -19.21 -2.26
N SER B 205 43.98 -19.36 -1.42
CA SER B 205 44.72 -18.18 -0.96
C SER B 205 45.41 -17.49 -2.12
N ALA B 206 46.00 -18.27 -3.03
CA ALA B 206 46.69 -17.68 -4.17
C ALA B 206 45.71 -16.94 -5.07
N LEU B 207 44.54 -17.54 -5.32
CA LEU B 207 43.54 -16.87 -6.13
C LEU B 207 43.08 -15.57 -5.49
N LYS B 208 42.82 -15.60 -4.19
CA LYS B 208 42.37 -14.39 -3.51
C LYS B 208 43.45 -13.32 -3.54
N ALA B 209 44.71 -13.71 -3.43
CA ALA B 209 45.78 -12.73 -3.41
C ALA B 209 46.04 -12.14 -4.80
N GLN B 210 46.02 -12.98 -5.83
CA GLN B 210 46.47 -12.54 -7.15
C GLN B 210 45.34 -12.14 -8.08
N ASN B 211 44.14 -12.68 -7.90
CA ASN B 211 42.98 -12.26 -8.65
C ASN B 211 42.12 -11.37 -7.76
N ALA B 212 42.57 -10.13 -7.59
CA ALA B 212 41.89 -9.19 -6.72
C ALA B 212 41.84 -7.82 -7.38
N GLN B 213 40.97 -6.97 -6.87
CA GLN B 213 40.77 -5.61 -7.40
C GLN B 213 41.13 -4.63 -6.30
N VAL B 214 42.41 -4.25 -6.24
CA VAL B 214 42.89 -3.39 -5.17
C VAL B 214 42.49 -1.94 -5.44
N ALA B 215 42.11 -1.24 -4.40
CA ALA B 215 41.66 0.15 -4.49
C ALA B 215 42.74 1.06 -3.93
N ALA B 216 43.60 1.57 -4.81
CA ALA B 216 44.56 2.60 -4.44
C ALA B 216 43.97 3.98 -4.68
N GLY B 217 44.53 4.97 -4.00
CA GLY B 217 43.92 6.28 -3.99
C GLY B 217 44.19 7.14 -5.21
N GLN B 218 44.53 8.40 -4.99
CA GLN B 218 44.77 9.33 -6.07
C GLN B 218 46.03 10.12 -5.81
N LEU B 219 46.58 10.71 -6.87
CA LEU B 219 47.60 11.74 -6.75
C LEU B 219 46.90 13.08 -6.81
N GLY B 220 47.22 13.96 -5.87
CA GLY B 220 46.56 15.23 -5.78
C GLY B 220 45.19 15.20 -5.15
N GLY B 221 44.82 14.09 -4.51
CA GLY B 221 43.52 14.02 -3.89
C GLY B 221 43.38 15.02 -2.76
N THR B 222 42.14 15.43 -2.55
CA THR B 222 41.86 16.42 -1.53
C THR B 222 42.15 15.84 -0.15
N PRO B 223 42.77 16.62 0.75
CA PRO B 223 43.22 18.00 0.59
C PRO B 223 44.57 18.09 -0.12
N PRO B 224 44.67 18.91 -1.15
CA PRO B 224 45.95 19.02 -1.86
C PRO B 224 46.83 20.11 -1.29
N VAL B 225 48.12 20.08 -1.62
CA VAL B 225 48.98 21.22 -1.29
C VAL B 225 48.62 22.39 -2.19
N LYS B 226 49.06 23.58 -1.80
CA LYS B 226 48.87 24.74 -2.64
C LYS B 226 49.67 24.57 -3.93
N GLY B 227 49.04 24.90 -5.06
CA GLY B 227 49.72 24.84 -6.34
C GLY B 227 49.71 23.49 -7.02
N GLN B 228 48.92 22.54 -6.53
CA GLN B 228 48.85 21.23 -7.17
C GLN B 228 48.27 21.33 -8.57
N GLN B 229 48.81 20.53 -9.49
CA GLN B 229 48.39 20.58 -10.88
C GLN B 229 47.89 19.24 -11.41
N LEU B 230 47.84 18.21 -10.58
CA LEU B 230 47.42 16.88 -11.03
C LEU B 230 46.33 16.34 -10.12
N ASN B 231 45.42 15.56 -10.70
CA ASN B 231 44.42 14.84 -9.95
C ASN B 231 44.26 13.44 -10.51
N ALA B 232 45.37 12.79 -10.84
CA ALA B 232 45.29 11.47 -11.43
C ALA B 232 44.83 10.45 -10.40
N SER B 233 44.34 9.32 -10.91
CA SER B 233 43.95 8.19 -10.08
C SER B 233 45.01 7.12 -10.18
N ILE B 234 45.26 6.44 -9.06
CA ILE B 234 46.23 5.36 -9.04
C ILE B 234 45.50 4.06 -9.31
N ILE B 235 45.99 3.28 -10.27
CA ILE B 235 45.42 1.99 -10.59
C ILE B 235 46.40 0.93 -10.12
N ALA B 236 45.92 0.00 -9.31
CA ALA B 236 46.70 -1.07 -8.72
C ALA B 236 46.19 -2.40 -9.25
N GLN B 237 46.67 -3.50 -8.67
CA GLN B 237 46.29 -4.83 -9.10
C GLN B 237 44.80 -4.94 -9.42
N THR B 238 44.50 -5.45 -10.61
CA THR B 238 43.13 -5.62 -11.07
C THR B 238 42.85 -7.09 -11.34
N ARG B 239 41.57 -7.41 -11.53
CA ARG B 239 41.15 -8.78 -11.71
C ARG B 239 41.62 -9.33 -13.05
N LEU B 240 41.95 -10.62 -13.06
CA LEU B 240 42.40 -11.27 -14.28
C LEU B 240 41.23 -11.47 -15.23
N THR B 241 41.56 -11.57 -16.52
CA THR B 241 40.52 -11.65 -17.54
C THR B 241 40.50 -12.98 -18.26
N ASN B 242 41.63 -13.37 -18.85
CA ASN B 242 41.63 -14.59 -19.64
C ASN B 242 42.18 -15.77 -18.84
N THR B 243 42.12 -16.94 -19.46
CA THR B 243 42.57 -18.15 -18.78
C THR B 243 44.08 -18.23 -18.70
N GLU B 244 44.79 -17.61 -19.63
CA GLU B 244 46.24 -17.61 -19.56
C GLU B 244 46.74 -16.89 -18.33
N GLU B 245 46.08 -15.79 -17.95
CA GLU B 245 46.48 -15.07 -16.76
C GLU B 245 46.25 -15.91 -15.51
N PHE B 246 45.14 -16.66 -15.47
CA PHE B 246 44.92 -17.56 -14.35
C PHE B 246 45.96 -18.67 -14.33
N GLY B 247 46.43 -19.09 -15.49
CA GLY B 247 47.46 -20.12 -15.53
C GLY B 247 48.75 -19.69 -14.85
N ASN B 248 49.10 -18.41 -14.95
CA ASN B 248 50.36 -17.93 -14.42
C ASN B 248 50.30 -17.60 -12.94
N ILE B 249 49.17 -17.84 -12.28
CA ILE B 249 49.06 -17.52 -10.86
C ILE B 249 50.07 -18.33 -10.09
N LEU B 250 51.03 -17.64 -9.46
CA LEU B 250 52.09 -18.33 -8.75
C LEU B 250 51.55 -18.98 -7.49
N LEU B 251 51.85 -20.26 -7.32
CA LEU B 251 51.40 -21.00 -6.16
C LEU B 251 52.49 -21.25 -5.13
N LYS B 252 53.71 -21.52 -5.57
CA LYS B 252 54.82 -21.79 -4.66
C LYS B 252 56.11 -21.64 -5.43
N VAL B 253 57.17 -21.29 -4.71
CA VAL B 253 58.51 -21.23 -5.25
C VAL B 253 59.34 -22.30 -4.55
N ASN B 254 59.85 -23.25 -5.31
CA ASN B 254 60.63 -24.33 -4.72
C ASN B 254 61.95 -23.81 -4.18
N GLN B 255 62.57 -24.62 -3.32
CA GLN B 255 63.81 -24.20 -2.68
C GLN B 255 64.93 -24.01 -3.70
N ASP B 256 64.86 -24.72 -4.82
CA ASP B 256 65.89 -24.55 -5.85
C ASP B 256 65.63 -23.34 -6.73
N GLY B 257 64.54 -22.62 -6.51
CA GLY B 257 64.18 -21.50 -7.35
C GLY B 257 63.10 -21.79 -8.36
N SER B 258 62.84 -23.07 -8.63
CA SER B 258 61.74 -23.44 -9.51
C SER B 258 60.41 -23.00 -8.91
N GLN B 259 59.48 -22.62 -9.77
CA GLN B 259 58.21 -22.06 -9.35
C GLN B 259 57.07 -22.84 -9.98
N VAL B 260 56.05 -23.14 -9.20
CA VAL B 260 54.90 -23.92 -9.64
C VAL B 260 53.69 -23.01 -9.71
N ARG B 261 52.95 -23.11 -10.81
CA ARG B 261 51.81 -22.24 -11.06
C ARG B 261 50.56 -23.08 -11.28
N LEU B 262 49.43 -22.41 -11.44
CA LEU B 262 48.16 -23.12 -11.57
C LEU B 262 48.14 -24.03 -12.78
N ARG B 263 48.96 -23.73 -13.79
CA ARG B 263 49.08 -24.64 -14.92
C ARG B 263 49.57 -26.01 -14.46
N ASP B 264 50.48 -26.03 -13.50
CA ASP B 264 51.17 -27.26 -13.14
C ASP B 264 50.28 -28.18 -12.32
N VAL B 265 49.32 -27.62 -11.59
CA VAL B 265 48.51 -28.41 -10.67
C VAL B 265 47.04 -28.47 -11.06
N ALA B 266 46.65 -27.81 -12.15
CA ALA B 266 45.25 -27.73 -12.49
C ALA B 266 45.09 -27.61 -14.00
N LYS B 267 43.84 -27.58 -14.44
CA LYS B 267 43.50 -27.46 -15.85
C LYS B 267 42.53 -26.29 -16.00
N ILE B 268 43.06 -25.08 -16.12
CA ILE B 268 42.24 -23.89 -16.22
C ILE B 268 41.44 -23.95 -17.50
N GLU B 269 40.18 -23.55 -17.43
CA GLU B 269 39.29 -23.70 -18.57
C GLU B 269 38.03 -22.88 -18.33
N LEU B 270 37.51 -22.28 -19.40
CA LEU B 270 36.23 -21.60 -19.34
C LEU B 270 35.11 -22.62 -19.41
N GLY B 271 34.27 -22.67 -18.37
CA GLY B 271 33.17 -23.60 -18.34
C GLY B 271 31.99 -22.98 -17.64
N GLY B 272 30.89 -23.72 -17.59
CA GLY B 272 29.69 -23.23 -16.95
C GLY B 272 29.85 -23.14 -15.44
N GLU B 273 29.03 -22.29 -14.82
CA GLU B 273 29.01 -22.26 -13.36
C GLU B 273 28.53 -23.57 -12.81
N SER B 274 27.50 -24.15 -13.39
CA SER B 274 26.97 -25.43 -12.96
C SER B 274 26.70 -26.30 -14.17
N TYR B 275 26.90 -27.60 -14.02
CA TYR B 275 26.68 -28.54 -15.10
C TYR B 275 25.45 -29.39 -14.87
N ASP B 276 24.57 -28.99 -13.96
CA ASP B 276 23.41 -29.80 -13.64
C ASP B 276 22.38 -29.78 -14.75
N VAL B 277 22.07 -28.60 -15.28
CA VAL B 277 20.97 -28.44 -16.22
C VAL B 277 21.50 -28.53 -17.63
N VAL B 278 20.92 -29.44 -18.41
CA VAL B 278 21.26 -29.64 -19.81
C VAL B 278 19.98 -29.68 -20.61
N ALA B 279 19.85 -28.81 -21.59
CA ALA B 279 18.64 -28.69 -22.39
C ALA B 279 18.92 -29.10 -23.82
N LYS B 280 17.95 -29.78 -24.43
CA LYS B 280 18.03 -30.17 -25.83
C LYS B 280 16.73 -29.81 -26.52
N PHE B 281 16.82 -29.21 -27.69
CA PHE B 281 15.65 -28.87 -28.49
C PHE B 281 15.62 -29.79 -29.69
N ASN B 282 14.70 -30.73 -29.69
CA ASN B 282 14.61 -31.75 -30.75
C ASN B 282 15.93 -32.48 -30.92
N GLY B 283 16.59 -32.74 -29.79
CA GLY B 283 17.86 -33.42 -29.82
C GLY B 283 19.06 -32.55 -30.12
N GLN B 284 18.85 -31.28 -30.37
CA GLN B 284 19.97 -30.38 -30.65
C GLN B 284 20.39 -29.69 -29.37
N PRO B 285 21.67 -29.55 -29.12
CA PRO B 285 22.11 -28.81 -27.93
C PRO B 285 21.59 -27.39 -27.94
N ALA B 286 20.93 -26.98 -26.87
CA ALA B 286 20.26 -25.69 -26.85
C ALA B 286 20.17 -25.16 -25.43
N SER B 287 19.94 -23.87 -25.31
CA SER B 287 19.71 -23.21 -24.04
C SER B 287 18.49 -22.33 -24.14
N GLY B 288 17.88 -22.03 -23.00
CA GLY B 288 16.65 -21.28 -23.05
C GLY B 288 16.37 -20.59 -21.73
N LEU B 289 15.31 -19.78 -21.75
CA LEU B 289 14.87 -19.05 -20.58
C LEU B 289 13.46 -19.50 -20.23
N GLY B 290 13.27 -19.90 -18.98
CA GLY B 290 11.95 -20.26 -18.51
C GLY B 290 11.28 -19.08 -17.84
N ILE B 291 10.39 -18.40 -18.55
CA ILE B 291 9.84 -17.13 -18.12
C ILE B 291 8.56 -17.37 -17.35
N LYS B 292 8.48 -16.81 -16.15
CA LYS B 292 7.30 -16.91 -15.30
C LYS B 292 6.60 -15.56 -15.24
N LEU B 293 5.29 -15.58 -15.43
CA LEU B 293 4.51 -14.35 -15.37
C LEU B 293 4.46 -13.82 -13.95
N ALA B 294 4.58 -12.50 -13.82
CA ALA B 294 4.41 -11.87 -12.52
C ALA B 294 2.95 -11.92 -12.10
N THR B 295 2.72 -11.93 -10.79
CA THR B 295 1.36 -11.97 -10.28
C THR B 295 0.59 -10.74 -10.73
N GLY B 296 -0.63 -10.97 -11.22
CA GLY B 296 -1.48 -9.87 -11.63
C GLY B 296 -0.96 -9.06 -12.78
N ALA B 297 -0.48 -9.73 -13.83
CA ALA B 297 -0.01 -9.06 -15.03
C ALA B 297 -0.67 -9.70 -16.23
N ASN B 298 -0.86 -8.93 -17.29
CA ASN B 298 -1.53 -9.43 -18.48
C ASN B 298 -0.60 -10.40 -19.20
N ALA B 299 -1.10 -11.59 -19.49
CA ALA B 299 -0.27 -12.60 -20.15
C ALA B 299 0.13 -12.17 -21.54
N LEU B 300 -0.82 -11.62 -22.31
CA LEU B 300 -0.50 -11.23 -23.68
C LEU B 300 0.44 -10.04 -23.72
N ASP B 301 0.23 -9.07 -22.84
CA ASP B 301 1.07 -7.87 -22.86
C ASP B 301 2.52 -8.22 -22.56
N THR B 302 2.74 -9.08 -21.56
CA THR B 302 4.10 -9.48 -21.26
C THR B 302 4.68 -10.32 -22.39
N ALA B 303 3.85 -11.16 -23.02
CA ALA B 303 4.35 -11.95 -24.15
C ALA B 303 4.76 -11.03 -25.30
N ASN B 304 3.95 -10.02 -25.60
CA ASN B 304 4.30 -9.09 -26.67
C ASN B 304 5.54 -8.30 -26.31
N ALA B 305 5.67 -7.87 -25.06
CA ALA B 305 6.86 -7.15 -24.64
C ALA B 305 8.10 -8.03 -24.78
N ILE B 306 7.99 -9.30 -24.41
CA ILE B 306 9.10 -10.23 -24.53
C ILE B 306 9.48 -10.40 -25.99
N ARG B 307 8.48 -10.53 -26.87
CA ARG B 307 8.78 -10.70 -28.29
C ARG B 307 9.43 -9.46 -28.86
N ALA B 308 8.99 -8.26 -28.45
CA ALA B 308 9.63 -7.04 -28.90
C ALA B 308 11.07 -6.97 -28.42
N GLU B 309 11.32 -7.36 -27.17
CA GLU B 309 12.67 -7.36 -26.64
C GLU B 309 13.57 -8.33 -27.40
N LEU B 310 13.04 -9.52 -27.71
CA LEU B 310 13.81 -10.48 -28.49
C LEU B 310 14.09 -9.95 -29.89
N ALA B 311 13.13 -9.25 -30.47
CA ALA B 311 13.34 -8.64 -31.77
C ALA B 311 14.46 -7.62 -31.71
N LYS B 312 14.52 -6.85 -30.63
CA LYS B 312 15.62 -5.91 -30.46
C LYS B 312 16.95 -6.63 -30.31
N MET B 313 16.96 -7.76 -29.60
CA MET B 313 18.20 -8.48 -29.37
C MET B 313 18.73 -9.13 -30.64
N GLU B 314 17.84 -9.60 -31.50
CA GLU B 314 18.23 -10.46 -32.63
C GLU B 314 19.38 -9.92 -33.48
N PRO B 315 19.44 -8.64 -33.84
CA PRO B 315 20.53 -8.19 -34.73
C PRO B 315 21.92 -8.47 -34.20
N PHE B 316 22.09 -8.47 -32.88
CA PHE B 316 23.41 -8.65 -32.30
C PHE B 316 23.78 -10.11 -32.09
N PHE B 317 22.94 -11.04 -32.53
CA PHE B 317 23.26 -12.45 -32.39
C PHE B 317 24.46 -12.80 -33.27
N PRO B 318 25.35 -13.67 -32.80
CA PRO B 318 26.40 -14.18 -33.67
C PRO B 318 25.82 -15.04 -34.77
N SER B 319 26.62 -15.28 -35.80
CA SER B 319 26.16 -16.02 -36.95
C SER B 319 25.69 -17.41 -36.54
N GLY B 320 24.53 -17.81 -37.06
CA GLY B 320 24.00 -19.12 -36.85
C GLY B 320 23.05 -19.23 -35.67
N MET B 321 23.09 -18.28 -34.75
CA MET B 321 22.19 -18.35 -33.60
C MET B 321 20.76 -18.12 -34.04
N LYS B 322 19.84 -18.84 -33.41
CA LYS B 322 18.44 -18.80 -33.78
C LYS B 322 17.61 -18.90 -32.52
N ILE B 323 16.52 -18.14 -32.45
CA ILE B 323 15.60 -18.19 -31.32
C ILE B 323 14.44 -19.08 -31.70
N VAL B 324 14.17 -20.09 -30.89
CA VAL B 324 13.02 -20.95 -31.08
C VAL B 324 12.10 -20.78 -29.87
N TYR B 325 10.84 -21.16 -30.05
CA TYR B 325 9.81 -20.99 -29.03
C TYR B 325 9.19 -22.36 -28.79
N PRO B 326 9.86 -23.22 -28.03
CA PRO B 326 9.38 -24.59 -27.88
C PRO B 326 8.18 -24.72 -26.98
N TYR B 327 7.68 -23.62 -26.42
CA TYR B 327 6.59 -23.71 -25.46
C TYR B 327 6.02 -22.32 -25.26
N ASP B 328 4.71 -22.17 -25.43
CA ASP B 328 4.08 -20.87 -25.32
C ASP B 328 2.58 -21.07 -25.23
N THR B 329 1.96 -20.47 -24.22
CA THR B 329 0.52 -20.59 -24.04
C THR B 329 -0.25 -19.41 -24.62
N THR B 330 0.44 -18.36 -25.05
CA THR B 330 -0.23 -17.20 -25.64
C THR B 330 -1.03 -17.52 -26.90
N PRO B 331 -0.54 -18.33 -27.84
CA PRO B 331 -1.37 -18.66 -29.01
C PRO B 331 -2.71 -19.24 -28.63
N PHE B 332 -2.76 -20.05 -27.58
CA PHE B 332 -4.04 -20.57 -27.13
C PHE B 332 -4.96 -19.45 -26.67
N VAL B 333 -4.42 -18.46 -25.97
CA VAL B 333 -5.25 -17.36 -25.51
C VAL B 333 -5.84 -16.62 -26.71
N LYS B 334 -4.99 -16.34 -27.70
CA LYS B 334 -5.48 -15.61 -28.87
C LYS B 334 -6.53 -16.40 -29.61
N ILE B 335 -6.29 -17.69 -29.82
CA ILE B 335 -7.26 -18.49 -30.57
C ILE B 335 -8.55 -18.66 -29.79
N SER B 336 -8.47 -18.76 -28.47
CA SER B 336 -9.68 -18.92 -27.67
C SER B 336 -10.52 -17.65 -27.71
N ILE B 337 -9.87 -16.49 -27.64
CA ILE B 337 -10.61 -15.24 -27.76
C ILE B 337 -11.26 -15.14 -29.12
N HIS B 338 -10.53 -15.50 -30.18
CA HIS B 338 -11.11 -15.48 -31.51
C HIS B 338 -12.32 -16.40 -31.59
N GLU B 339 -12.21 -17.58 -30.99
CA GLU B 339 -13.31 -18.54 -31.02
C GLU B 339 -14.53 -17.99 -30.29
N VAL B 340 -14.32 -17.37 -29.13
CA VAL B 340 -15.48 -16.88 -28.38
C VAL B 340 -16.14 -15.72 -29.10
N VAL B 341 -15.36 -14.88 -29.78
CA VAL B 341 -15.95 -13.79 -30.55
C VAL B 341 -16.73 -14.34 -31.75
N LYS B 342 -16.20 -15.38 -32.39
CA LYS B 342 -16.95 -16.04 -33.46
C LYS B 342 -18.25 -16.61 -32.93
N THR B 343 -18.22 -17.21 -31.74
CA THR B 343 -19.43 -17.70 -31.12
C THR B 343 -20.41 -16.57 -30.88
N LEU B 344 -19.91 -15.42 -30.44
CA LEU B 344 -20.79 -14.28 -30.18
C LEU B 344 -21.50 -13.82 -31.43
N VAL B 345 -20.76 -13.67 -32.54
CA VAL B 345 -21.40 -13.19 -33.76
C VAL B 345 -22.36 -14.24 -34.32
N GLU B 346 -22.02 -15.52 -34.19
CA GLU B 346 -22.97 -16.55 -34.60
C GLU B 346 -24.23 -16.48 -33.76
N ALA B 347 -24.09 -16.21 -32.47
CA ALA B 347 -25.25 -16.08 -31.60
C ALA B 347 -26.12 -14.91 -32.02
N ILE B 348 -25.50 -13.79 -32.38
CA ILE B 348 -26.26 -12.63 -32.83
C ILE B 348 -27.04 -12.97 -34.09
N ILE B 349 -26.38 -13.64 -35.03
CA ILE B 349 -27.07 -14.03 -36.27
C ILE B 349 -28.23 -14.95 -35.97
N LEU B 350 -28.02 -15.94 -35.09
CA LEU B 350 -29.08 -16.89 -34.77
C LEU B 350 -30.24 -16.21 -34.07
N VAL B 351 -29.96 -15.26 -33.19
CA VAL B 351 -31.02 -14.53 -32.50
C VAL B 351 -31.83 -13.72 -33.49
N PHE B 352 -31.16 -13.10 -34.46
CA PHE B 352 -31.89 -12.35 -35.48
C PHE B 352 -32.88 -13.23 -36.21
N LEU B 353 -32.45 -14.44 -36.59
CA LEU B 353 -33.33 -15.31 -37.36
C LEU B 353 -34.53 -15.75 -36.54
N VAL B 354 -34.34 -15.98 -35.25
CA VAL B 354 -35.43 -16.44 -34.40
C VAL B 354 -36.52 -15.38 -34.33
N MET B 355 -36.13 -14.13 -34.08
CA MET B 355 -37.11 -13.05 -34.02
C MET B 355 -37.77 -12.85 -35.38
N TYR B 356 -36.99 -12.92 -36.45
CA TYR B 356 -37.56 -12.74 -37.77
C TYR B 356 -38.58 -13.82 -38.09
N LEU B 357 -38.39 -15.01 -37.50
CA LEU B 357 -39.37 -16.07 -37.71
C LEU B 357 -40.72 -15.68 -37.14
N PHE B 358 -40.73 -15.05 -35.96
CA PHE B 358 -42.00 -14.68 -35.35
C PHE B 358 -42.50 -13.35 -35.88
N LEU B 359 -41.60 -12.38 -36.06
CA LEU B 359 -42.02 -11.06 -36.52
C LEU B 359 -42.34 -11.04 -38.00
N GLN B 360 -41.57 -11.79 -38.80
CA GLN B 360 -41.85 -11.94 -40.23
C GLN B 360 -41.87 -10.59 -40.94
N ASN B 361 -40.99 -9.69 -40.52
CA ASN B 361 -40.92 -8.36 -41.11
C ASN B 361 -39.55 -7.78 -40.75
N PHE B 362 -38.81 -7.32 -41.77
CA PHE B 362 -37.44 -6.89 -41.51
C PHE B 362 -37.40 -5.67 -40.59
N ARG B 363 -38.21 -4.66 -40.89
CA ARG B 363 -38.21 -3.46 -40.06
C ARG B 363 -38.61 -3.78 -38.64
N ALA B 364 -39.63 -4.64 -38.49
CA ALA B 364 -40.05 -5.05 -37.16
C ALA B 364 -38.93 -5.81 -36.44
N THR B 365 -38.25 -6.72 -37.16
CA THR B 365 -37.18 -7.49 -36.55
C THR B 365 -35.95 -6.65 -36.29
N LEU B 366 -35.78 -5.55 -37.01
CA LEU B 366 -34.59 -4.74 -36.84
C LEU B 366 -34.60 -4.04 -35.49
N ILE B 367 -35.78 -3.74 -34.97
CA ILE B 367 -35.87 -2.95 -33.72
C ILE B 367 -35.21 -3.67 -32.55
N PRO B 368 -35.51 -4.93 -32.25
CA PRO B 368 -34.75 -5.59 -31.18
C PRO B 368 -33.28 -5.79 -31.49
N THR B 369 -32.92 -5.98 -32.76
CA THR B 369 -31.51 -6.16 -33.09
C THR B 369 -30.71 -4.90 -32.81
N ILE B 370 -31.34 -3.74 -32.98
CA ILE B 370 -30.68 -2.49 -32.62
C ILE B 370 -30.32 -2.49 -31.14
N ALA B 371 -31.12 -3.18 -30.32
CA ALA B 371 -30.86 -3.20 -28.88
C ALA B 371 -29.63 -4.02 -28.54
N VAL B 372 -29.11 -4.81 -29.48
CA VAL B 372 -27.92 -5.61 -29.19
C VAL B 372 -26.65 -4.77 -29.14
N PRO B 373 -26.26 -4.05 -30.19
CA PRO B 373 -25.01 -3.29 -30.11
C PRO B 373 -25.00 -2.27 -28.99
N VAL B 374 -26.11 -1.58 -28.76
CA VAL B 374 -26.12 -0.56 -27.71
C VAL B 374 -25.85 -1.18 -26.35
N VAL B 375 -26.51 -2.30 -26.05
CA VAL B 375 -26.33 -2.94 -24.76
C VAL B 375 -24.92 -3.50 -24.63
N LEU B 376 -24.42 -4.14 -25.70
CA LEU B 376 -23.09 -4.73 -25.62
C LEU B 376 -22.02 -3.66 -25.43
N LEU B 377 -22.13 -2.55 -26.17
CA LEU B 377 -21.12 -1.51 -26.04
C LEU B 377 -21.24 -0.79 -24.70
N GLY B 378 -22.45 -0.63 -24.20
CA GLY B 378 -22.60 -0.13 -22.84
C GLY B 378 -21.95 -1.04 -21.83
N THR B 379 -22.07 -2.36 -22.05
CA THR B 379 -21.42 -3.31 -21.15
C THR B 379 -19.91 -3.17 -21.21
N PHE B 380 -19.36 -2.98 -22.41
CA PHE B 380 -17.92 -2.76 -22.54
C PHE B 380 -17.50 -1.49 -21.81
N ALA B 381 -18.30 -0.44 -21.92
CA ALA B 381 -17.99 0.80 -21.20
C ALA B 381 -17.99 0.56 -19.70
N VAL B 382 -18.97 -0.19 -19.20
CA VAL B 382 -19.04 -0.47 -17.77
C VAL B 382 -17.82 -1.28 -17.34
N LEU B 383 -17.44 -2.26 -18.14
CA LEU B 383 -16.25 -3.05 -17.83
C LEU B 383 -15.01 -2.15 -17.75
N ALA B 384 -14.89 -1.22 -18.69
CA ALA B 384 -13.75 -0.29 -18.65
C ALA B 384 -13.80 0.58 -17.40
N ALA B 385 -14.99 1.02 -17.01
CA ALA B 385 -15.11 1.93 -15.88
C ALA B 385 -14.63 1.29 -14.59
N PHE B 386 -14.98 0.03 -14.35
CA PHE B 386 -14.65 -0.65 -13.11
C PHE B 386 -13.35 -1.43 -13.17
N GLY B 387 -12.58 -1.29 -14.26
CA GLY B 387 -11.29 -1.92 -14.34
C GLY B 387 -11.30 -3.36 -14.82
N PHE B 388 -12.47 -3.90 -15.18
CA PHE B 388 -12.50 -5.26 -15.70
C PHE B 388 -11.88 -5.31 -17.09
N SER B 389 -11.50 -6.52 -17.50
CA SER B 389 -10.84 -6.72 -18.77
C SER B 389 -11.69 -7.58 -19.68
N ILE B 390 -11.33 -7.61 -20.95
CA ILE B 390 -12.00 -8.45 -21.93
C ILE B 390 -11.39 -9.85 -21.87
N ASN B 391 -11.99 -10.72 -21.07
CA ASN B 391 -11.54 -12.09 -20.96
C ASN B 391 -12.62 -13.04 -21.43
N THR B 392 -12.27 -14.33 -21.48
CA THR B 392 -13.22 -15.33 -21.93
C THR B 392 -14.44 -15.38 -21.03
N LEU B 393 -14.28 -15.02 -19.76
CA LEU B 393 -15.42 -15.05 -18.84
C LEU B 393 -16.41 -13.93 -19.15
N THR B 394 -15.89 -12.72 -19.36
CA THR B 394 -16.78 -11.62 -19.74
C THR B 394 -17.42 -11.89 -21.10
N MET B 395 -16.66 -12.49 -22.01
CA MET B 395 -17.24 -12.84 -23.31
C MET B 395 -18.34 -13.88 -23.15
N PHE B 396 -18.15 -14.86 -22.27
CA PHE B 396 -19.22 -15.82 -22.01
C PHE B 396 -20.43 -15.15 -21.43
N GLY B 397 -20.20 -14.20 -20.52
CA GLY B 397 -21.33 -13.44 -19.97
C GLY B 397 -22.09 -12.71 -21.05
N MET B 398 -21.38 -12.09 -21.98
CA MET B 398 -22.05 -11.38 -23.06
C MET B 398 -22.79 -12.35 -23.98
N VAL B 399 -22.21 -13.51 -24.24
CA VAL B 399 -22.88 -14.51 -25.07
C VAL B 399 -24.18 -14.95 -24.42
N LEU B 400 -24.14 -15.19 -23.11
CA LEU B 400 -25.38 -15.50 -22.40
C LEU B 400 -26.36 -14.34 -22.45
N ALA B 401 -25.87 -13.11 -22.30
CA ALA B 401 -26.74 -11.97 -22.23
C ALA B 401 -27.37 -11.62 -23.57
N ILE B 402 -26.79 -12.12 -24.67
CA ILE B 402 -27.40 -11.86 -25.98
C ILE B 402 -28.84 -12.33 -26.00
N GLY B 403 -29.08 -13.53 -25.49
CA GLY B 403 -30.44 -14.01 -25.38
C GLY B 403 -31.26 -13.19 -24.40
N LEU B 404 -30.62 -12.74 -23.32
CA LEU B 404 -31.35 -12.03 -22.27
C LEU B 404 -31.68 -10.61 -22.67
N LEU B 405 -30.72 -9.90 -23.29
CA LEU B 405 -30.89 -8.47 -23.47
C LEU B 405 -32.01 -8.15 -24.46
N VAL B 406 -32.25 -9.05 -25.42
CA VAL B 406 -33.32 -8.81 -26.38
C VAL B 406 -34.70 -9.14 -25.84
N ASP B 407 -34.79 -9.67 -24.61
CA ASP B 407 -36.07 -10.10 -24.09
C ASP B 407 -37.04 -8.92 -23.98
N ASP B 408 -36.62 -7.85 -23.32
CA ASP B 408 -37.51 -6.69 -23.18
C ASP B 408 -37.83 -6.08 -24.53
N ALA B 409 -36.84 -6.02 -25.43
CA ALA B 409 -37.08 -5.43 -26.74
C ALA B 409 -38.15 -6.20 -27.50
N ILE B 410 -38.09 -7.53 -27.50
CA ILE B 410 -39.07 -8.29 -28.26
C ILE B 410 -40.39 -8.35 -27.52
N VAL B 411 -40.37 -8.19 -26.21
CA VAL B 411 -41.63 -8.05 -25.47
C VAL B 411 -42.35 -6.80 -25.92
N VAL B 412 -41.61 -5.70 -26.07
CA VAL B 412 -42.21 -4.45 -26.51
C VAL B 412 -42.68 -4.55 -27.96
N VAL B 413 -41.81 -5.06 -28.83
CA VAL B 413 -42.11 -5.07 -30.26
C VAL B 413 -43.29 -5.98 -30.55
N GLU B 414 -43.29 -7.17 -29.96
CA GLU B 414 -44.38 -8.11 -30.19
C GLU B 414 -45.70 -7.54 -29.70
N ASN B 415 -45.69 -6.91 -28.53
CA ASN B 415 -46.91 -6.36 -27.98
C ASN B 415 -47.48 -5.27 -28.88
N VAL B 416 -46.61 -4.39 -29.37
CA VAL B 416 -47.06 -3.30 -30.22
C VAL B 416 -47.71 -3.84 -31.48
N GLU B 417 -47.07 -4.82 -32.12
CA GLU B 417 -47.63 -5.41 -33.33
C GLU B 417 -48.97 -6.08 -33.04
N ARG B 418 -49.08 -6.73 -31.89
CA ARG B 418 -50.34 -7.36 -31.53
C ARG B 418 -51.45 -6.32 -31.42
N VAL B 419 -51.14 -5.19 -30.78
CA VAL B 419 -52.14 -4.15 -30.61
C VAL B 419 -52.56 -3.59 -31.96
N MET B 420 -51.58 -3.36 -32.85
CA MET B 420 -51.91 -2.85 -34.17
C MET B 420 -52.81 -3.81 -34.91
N ALA B 421 -52.50 -5.10 -34.87
CA ALA B 421 -53.28 -6.07 -35.62
C ALA B 421 -54.65 -6.28 -35.00
N GLU B 422 -54.72 -6.39 -33.68
CA GLU B 422 -55.99 -6.74 -33.06
C GLU B 422 -56.85 -5.51 -32.78
N GLU B 423 -56.31 -4.31 -32.96
CA GLU B 423 -57.09 -3.10 -32.69
C GLU B 423 -57.04 -2.06 -33.80
N GLY B 424 -56.08 -2.14 -34.71
CA GLY B 424 -56.05 -1.22 -35.82
C GLY B 424 -55.47 0.14 -35.52
N LEU B 425 -54.84 0.33 -34.36
CA LEU B 425 -54.28 1.61 -34.02
C LEU B 425 -53.07 1.92 -34.89
N PRO B 426 -52.78 3.20 -35.13
CA PRO B 426 -51.55 3.57 -35.81
C PRO B 426 -50.34 3.22 -34.96
N PRO B 427 -49.16 3.08 -35.56
CA PRO B 427 -48.01 2.59 -34.79
C PRO B 427 -47.70 3.42 -33.55
N LYS B 428 -47.87 4.74 -33.63
CA LYS B 428 -47.56 5.56 -32.46
C LYS B 428 -48.55 5.32 -31.33
N GLU B 429 -49.85 5.36 -31.64
CA GLU B 429 -50.85 5.18 -30.59
C GLU B 429 -50.78 3.78 -30.00
N ALA B 430 -50.59 2.78 -30.86
CA ALA B 430 -50.40 1.42 -30.37
C ALA B 430 -49.18 1.33 -29.48
N THR B 431 -48.11 2.05 -29.84
CA THR B 431 -46.92 2.04 -29.00
C THR B 431 -47.20 2.65 -27.63
N ARG B 432 -47.95 3.74 -27.59
CA ARG B 432 -48.28 4.35 -26.31
C ARG B 432 -49.10 3.39 -25.45
N LYS B 433 -50.12 2.77 -26.06
CA LYS B 433 -50.95 1.83 -25.31
C LYS B 433 -50.13 0.65 -24.81
N SER B 434 -49.25 0.13 -25.65
CA SER B 434 -48.43 -1.01 -25.26
C SER B 434 -47.48 -0.65 -24.13
N MET B 435 -46.85 0.52 -24.22
CA MET B 435 -45.95 0.93 -23.15
C MET B 435 -46.71 1.12 -21.85
N GLY B 436 -47.96 1.55 -21.93
CA GLY B 436 -48.79 1.54 -20.74
C GLY B 436 -49.03 0.14 -20.21
N GLN B 437 -49.30 -0.80 -21.12
CA GLN B 437 -49.66 -2.15 -20.69
C GLN B 437 -48.51 -2.88 -20.02
N ILE B 438 -47.34 -2.91 -20.67
CA ILE B 438 -46.28 -3.81 -20.27
C ILE B 438 -45.11 -3.13 -19.59
N GLN B 439 -45.30 -1.91 -19.08
CA GLN B 439 -44.20 -1.22 -18.44
C GLN B 439 -43.71 -1.98 -17.21
N GLY B 440 -44.64 -2.59 -16.48
CA GLY B 440 -44.26 -3.35 -15.30
C GLY B 440 -43.47 -4.61 -15.63
N ALA B 441 -43.86 -5.28 -16.71
CA ALA B 441 -43.25 -6.57 -17.04
C ALA B 441 -41.77 -6.42 -17.35
N LEU B 442 -41.39 -5.36 -18.09
CA LEU B 442 -39.99 -5.16 -18.44
C LEU B 442 -39.13 -4.99 -17.20
N VAL B 443 -39.61 -4.19 -16.25
CA VAL B 443 -38.88 -3.98 -15.01
C VAL B 443 -38.76 -5.29 -14.25
N GLY B 444 -39.83 -6.08 -14.24
CA GLY B 444 -39.77 -7.37 -13.56
C GLY B 444 -38.74 -8.29 -14.17
N ILE B 445 -38.71 -8.37 -15.51
CA ILE B 445 -37.75 -9.24 -16.18
C ILE B 445 -36.34 -8.79 -15.87
N ALA B 446 -36.06 -7.49 -15.99
CA ALA B 446 -34.72 -7.00 -15.72
C ALA B 446 -34.32 -7.24 -14.27
N MET B 447 -35.21 -6.95 -13.32
CA MET B 447 -34.89 -7.13 -11.92
C MET B 447 -34.62 -8.58 -11.59
N VAL B 448 -35.44 -9.49 -12.12
CA VAL B 448 -35.30 -10.89 -11.76
C VAL B 448 -34.07 -11.48 -12.43
N LEU B 449 -33.73 -11.00 -13.63
CA LEU B 449 -32.57 -11.56 -14.32
C LEU B 449 -31.26 -10.94 -13.86
N SER B 450 -31.31 -9.80 -13.19
CA SER B 450 -30.07 -9.24 -12.65
C SER B 450 -29.93 -9.49 -11.17
N ALA B 451 -31.00 -9.86 -10.48
CA ALA B 451 -30.93 -10.08 -9.05
C ALA B 451 -30.25 -11.40 -8.73
N VAL B 452 -30.34 -12.38 -9.63
CA VAL B 452 -29.68 -13.66 -9.40
C VAL B 452 -28.17 -13.48 -9.33
N PHE B 453 -27.62 -12.60 -10.16
CA PHE B 453 -26.18 -12.48 -10.32
C PHE B 453 -25.55 -11.47 -9.37
N ILE B 454 -26.34 -10.84 -8.51
CA ILE B 454 -25.77 -9.88 -7.56
C ILE B 454 -25.08 -10.61 -6.41
N PRO B 455 -25.79 -11.53 -5.73
CA PRO B 455 -25.14 -12.14 -4.55
C PRO B 455 -23.87 -12.90 -4.88
N MET B 456 -23.80 -13.53 -6.04
CA MET B 456 -22.63 -14.35 -6.36
C MET B 456 -21.35 -13.54 -6.45
N ALA B 457 -21.46 -12.24 -6.69
CA ALA B 457 -20.28 -11.40 -6.84
C ALA B 457 -19.52 -11.22 -5.53
N PHE B 458 -20.22 -11.35 -4.40
CA PHE B 458 -19.58 -11.11 -3.12
C PHE B 458 -18.78 -12.31 -2.63
N PHE B 459 -18.99 -13.48 -3.21
CA PHE B 459 -18.29 -14.67 -2.74
C PHE B 459 -16.80 -14.59 -3.05
N GLY B 460 -16.01 -15.24 -2.20
CA GLY B 460 -14.58 -15.23 -2.31
C GLY B 460 -14.03 -16.46 -2.99
N GLY B 461 -12.72 -16.64 -2.87
CA GLY B 461 -12.04 -17.75 -3.49
C GLY B 461 -11.82 -17.51 -4.97
N SER B 462 -11.19 -18.47 -5.63
CA SER B 462 -10.96 -18.33 -7.06
C SER B 462 -12.30 -18.32 -7.78
N THR B 463 -13.25 -19.10 -7.27
CA THR B 463 -14.55 -19.17 -7.89
C THR B 463 -15.23 -17.81 -7.84
N GLY B 464 -15.05 -17.10 -6.74
CA GLY B 464 -15.68 -15.81 -6.59
C GLY B 464 -15.27 -14.88 -7.73
N ALA B 465 -14.01 -14.95 -8.11
CA ALA B 465 -13.53 -14.09 -9.20
C ALA B 465 -14.27 -14.42 -10.49
N ILE B 466 -14.39 -15.70 -10.80
CA ILE B 466 -15.09 -16.10 -12.00
C ILE B 466 -16.51 -15.60 -11.94
N TYR B 467 -17.16 -15.80 -10.80
CA TYR B 467 -18.54 -15.37 -10.65
C TYR B 467 -18.64 -13.87 -10.84
N ARG B 468 -17.67 -13.15 -10.29
CA ARG B 468 -17.71 -11.70 -10.38
C ARG B 468 -17.69 -11.23 -11.82
N GLN B 469 -16.92 -11.92 -12.65
CA GLN B 469 -16.85 -11.55 -14.06
C GLN B 469 -18.21 -11.65 -14.70
N PHE B 470 -18.89 -12.76 -14.47
CA PHE B 470 -20.23 -12.94 -15.02
C PHE B 470 -21.20 -11.94 -14.40
N SER B 471 -21.02 -11.65 -13.12
CA SER B 471 -21.91 -10.73 -12.45
C SER B 471 -21.85 -9.35 -13.09
N ILE B 472 -20.65 -8.83 -13.25
CA ILE B 472 -20.51 -7.49 -13.79
C ILE B 472 -21.05 -7.42 -15.20
N THR B 473 -20.81 -8.45 -15.98
CA THR B 473 -21.25 -8.39 -17.37
C THR B 473 -22.75 -8.59 -17.51
N ILE B 474 -23.32 -9.56 -16.80
CA ILE B 474 -24.74 -9.86 -16.96
C ILE B 474 -25.59 -8.73 -16.38
N VAL B 475 -25.24 -8.24 -15.20
CA VAL B 475 -26.02 -7.19 -14.57
C VAL B 475 -25.99 -5.93 -15.41
N SER B 476 -24.80 -5.57 -15.92
CA SER B 476 -24.73 -4.41 -16.80
C SER B 476 -25.56 -4.60 -18.04
N ALA B 477 -25.50 -5.80 -18.63
CA ALA B 477 -26.28 -6.05 -19.84
C ALA B 477 -27.77 -5.92 -19.57
N MET B 478 -28.25 -6.44 -18.45
CA MET B 478 -29.68 -6.39 -18.17
C MET B 478 -30.14 -4.97 -17.86
N ALA B 479 -29.33 -4.22 -17.11
CA ALA B 479 -29.69 -2.83 -16.84
C ALA B 479 -29.75 -2.01 -18.12
N LEU B 480 -28.75 -2.18 -18.99
CA LEU B 480 -28.79 -1.49 -20.27
C LEU B 480 -29.97 -1.96 -21.10
N SER B 481 -30.33 -3.23 -21.02
CA SER B 481 -31.44 -3.74 -21.81
C SER B 481 -32.75 -3.11 -21.40
N VAL B 482 -33.00 -3.02 -20.09
CA VAL B 482 -34.25 -2.42 -19.65
C VAL B 482 -34.26 -0.93 -19.97
N LEU B 483 -33.10 -0.28 -19.86
CA LEU B 483 -33.02 1.14 -20.22
C LEU B 483 -33.34 1.34 -21.69
N VAL B 484 -32.79 0.48 -22.54
CA VAL B 484 -33.05 0.57 -23.98
C VAL B 484 -34.52 0.33 -24.28
N ALA B 485 -35.10 -0.69 -23.68
CA ALA B 485 -36.50 -0.99 -23.93
C ALA B 485 -37.43 0.10 -23.42
N LEU B 486 -37.03 0.84 -22.39
CA LEU B 486 -37.82 1.96 -21.92
C LEU B 486 -37.51 3.26 -22.63
N ILE B 487 -36.44 3.32 -23.41
CA ILE B 487 -36.07 4.57 -24.08
C ILE B 487 -36.02 4.37 -25.58
N LEU B 488 -35.14 3.50 -26.05
CA LEU B 488 -34.88 3.41 -27.48
C LEU B 488 -36.00 2.67 -28.21
N THR B 489 -36.41 1.52 -27.68
CA THR B 489 -37.39 0.69 -28.39
C THR B 489 -38.71 1.41 -28.66
N PRO B 490 -39.32 2.13 -27.70
CA PRO B 490 -40.58 2.81 -28.04
C PRO B 490 -40.42 3.82 -29.16
N ALA B 491 -39.30 4.53 -29.19
CA ALA B 491 -39.09 5.50 -30.26
C ALA B 491 -38.98 4.83 -31.61
N LEU B 492 -38.26 3.70 -31.67
CA LEU B 492 -38.14 2.98 -32.92
C LEU B 492 -39.47 2.41 -33.37
N CYS B 493 -40.25 1.86 -32.43
CA CYS B 493 -41.52 1.26 -32.80
C CYS B 493 -42.48 2.29 -33.38
N ALA B 494 -42.42 3.53 -32.89
CA ALA B 494 -43.29 4.56 -33.41
C ALA B 494 -42.97 4.87 -34.87
N THR B 495 -41.68 4.91 -35.22
CA THR B 495 -41.26 5.38 -36.53
C THR B 495 -41.01 4.22 -37.50
N MET B 496 -40.16 3.28 -37.12
CA MET B 496 -39.74 2.24 -38.05
C MET B 496 -40.90 1.33 -38.45
N LEU B 497 -41.76 0.98 -37.48
CA LEU B 497 -42.85 0.04 -37.76
C LEU B 497 -43.82 0.61 -38.78
N LYS B 498 -44.15 -0.20 -39.73
CA LYS B 498 -45.14 0.19 -40.72
C LYS B 498 -46.55 -0.10 -40.23
N PRO B 499 -47.53 0.68 -40.66
CA PRO B 499 -48.91 0.43 -40.22
C PRO B 499 -49.43 -0.92 -40.70
N ILE B 500 -50.38 -1.46 -39.94
CA ILE B 500 -51.01 -2.73 -40.28
C ILE B 500 -52.46 -2.46 -40.66
N GLN B 501 -53.03 -3.41 -41.40
CA GLN B 501 -54.37 -3.25 -41.98
C GLN B 501 -55.46 -3.74 -41.00
N LYS B 502 -55.49 -3.10 -39.83
CA LYS B 502 -56.47 -3.39 -38.77
C LYS B 502 -56.42 -4.89 -38.48
N GLY B 503 -57.55 -5.58 -38.39
CA GLY B 503 -57.55 -7.01 -38.21
C GLY B 503 -56.86 -7.71 -39.38
N SER B 504 -55.83 -8.50 -39.10
CA SER B 504 -55.03 -9.07 -40.16
C SER B 504 -54.37 -10.36 -39.66
N HIS B 505 -53.62 -10.98 -40.56
CA HIS B 505 -52.86 -12.18 -40.27
C HIS B 505 -51.47 -12.03 -40.84
N GLY B 506 -50.51 -12.73 -40.25
CA GLY B 506 -49.11 -12.53 -40.62
C GLY B 506 -48.84 -12.87 -42.08
N ALA B 507 -49.31 -14.03 -42.53
CA ALA B 507 -49.07 -14.45 -43.90
C ALA B 507 -49.99 -15.61 -44.23
N THR B 508 -50.11 -15.90 -45.52
CA THR B 508 -50.95 -16.99 -45.98
C THR B 508 -50.22 -18.01 -46.86
N THR B 509 -49.02 -17.71 -47.31
CA THR B 509 -48.31 -18.57 -48.24
C THR B 509 -46.85 -18.70 -47.81
N GLY B 510 -46.16 -19.66 -48.41
CA GLY B 510 -44.76 -19.88 -48.12
C GLY B 510 -44.57 -20.50 -46.75
N PHE B 511 -43.30 -20.56 -46.34
CA PHE B 511 -42.98 -21.12 -45.03
C PHE B 511 -43.64 -20.33 -43.92
N PHE B 512 -43.63 -18.99 -44.02
CA PHE B 512 -44.32 -18.19 -43.02
C PHE B 512 -45.80 -18.49 -43.00
N GLY B 513 -46.38 -18.75 -44.18
CA GLY B 513 -47.78 -19.14 -44.21
C GLY B 513 -48.04 -20.41 -43.43
N TRP B 514 -47.19 -21.42 -43.64
CA TRP B 514 -47.33 -22.66 -42.89
C TRP B 514 -47.06 -22.44 -41.41
N PHE B 515 -46.03 -21.65 -41.10
CA PHE B 515 -45.67 -21.45 -39.69
C PHE B 515 -46.78 -20.75 -38.94
N ASN B 516 -47.41 -19.74 -39.55
CA ASN B 516 -48.47 -19.02 -38.86
C ASN B 516 -49.65 -19.92 -38.55
N ARG B 517 -50.01 -20.79 -39.50
CA ARG B 517 -51.13 -21.71 -39.25
C ARG B 517 -50.81 -22.64 -38.10
N MET B 518 -49.60 -23.21 -38.08
CA MET B 518 -49.24 -24.16 -37.04
C MET B 518 -49.23 -23.49 -35.68
N PHE B 519 -48.72 -22.26 -35.61
CA PHE B 519 -48.66 -21.57 -34.32
C PHE B 519 -50.06 -21.26 -33.81
N ASP B 520 -50.97 -20.86 -34.68
CA ASP B 520 -52.32 -20.56 -34.25
C ASP B 520 -53.01 -21.83 -33.75
N LYS B 521 -52.90 -22.92 -34.51
CA LYS B 521 -53.49 -24.18 -34.07
C LYS B 521 -52.85 -24.65 -32.77
N SER B 522 -51.53 -24.53 -32.67
CA SER B 522 -50.85 -24.92 -31.45
C SER B 522 -51.26 -24.04 -30.28
N THR B 523 -51.46 -22.74 -30.52
CA THR B 523 -51.93 -21.86 -29.45
C THR B 523 -53.32 -22.27 -28.98
N HIS B 524 -54.20 -22.61 -29.92
CA HIS B 524 -55.54 -23.05 -29.56
C HIS B 524 -55.48 -24.31 -28.71
N HIS B 525 -54.70 -25.30 -29.16
CA HIS B 525 -54.59 -26.55 -28.41
C HIS B 525 -53.97 -26.32 -27.05
N TYR B 526 -52.98 -25.43 -26.97
CA TYR B 526 -52.35 -25.14 -25.69
C TYR B 526 -53.33 -24.50 -24.72
N THR B 527 -54.15 -23.58 -25.21
CA THR B 527 -55.14 -22.95 -24.34
C THR B 527 -56.14 -23.98 -23.83
N ASP B 528 -56.59 -24.87 -24.71
CA ASP B 528 -57.50 -25.93 -24.28
C ASP B 528 -56.86 -26.81 -23.22
N SER B 529 -55.59 -27.18 -23.44
CA SER B 529 -54.89 -28.05 -22.49
C SER B 529 -54.74 -27.37 -21.15
N VAL B 530 -54.41 -26.08 -21.15
CA VAL B 530 -54.25 -25.35 -19.90
C VAL B 530 -55.58 -25.28 -19.15
N GLY B 531 -56.68 -25.06 -19.88
CA GLY B 531 -57.98 -25.09 -19.23
C GLY B 531 -58.24 -26.44 -18.58
N ASN B 532 -57.97 -27.52 -19.31
CA ASN B 532 -58.17 -28.85 -18.73
C ASN B 532 -57.33 -29.05 -17.49
N ILE B 533 -56.09 -28.57 -17.53
CA ILE B 533 -55.20 -28.73 -16.38
C ILE B 533 -55.77 -27.99 -15.18
N LEU B 534 -56.21 -26.75 -15.41
CA LEU B 534 -56.74 -25.96 -14.30
C LEU B 534 -57.99 -26.59 -13.72
N ARG B 535 -58.72 -27.37 -14.53
CA ARG B 535 -59.87 -28.08 -13.98
C ARG B 535 -59.46 -29.15 -12.97
N SER B 536 -58.22 -29.63 -13.04
CA SER B 536 -57.79 -30.80 -12.26
C SER B 536 -56.42 -30.54 -11.62
N THR B 537 -56.29 -29.38 -10.97
CA THR B 537 -55.00 -28.95 -10.43
C THR B 537 -54.41 -29.97 -9.46
N GLY B 538 -55.25 -30.78 -8.84
CA GLY B 538 -54.79 -31.74 -7.86
C GLY B 538 -53.77 -32.73 -8.40
N ARG B 539 -54.05 -33.31 -9.56
CA ARG B 539 -53.15 -34.31 -10.12
C ARG B 539 -51.78 -33.73 -10.39
N TYR B 540 -51.73 -32.53 -10.98
CA TYR B 540 -50.48 -32.02 -11.50
C TYR B 540 -49.54 -31.59 -10.39
N LEU B 541 -50.05 -31.38 -9.18
CA LEU B 541 -49.16 -31.12 -8.06
C LEU B 541 -48.35 -32.36 -7.72
N VAL B 542 -48.95 -33.54 -7.88
CA VAL B 542 -48.18 -34.77 -7.73
C VAL B 542 -47.10 -34.86 -8.81
N LEU B 543 -47.44 -34.46 -10.03
CA LEU B 543 -46.44 -34.44 -11.08
C LEU B 543 -45.31 -33.48 -10.74
N TYR B 544 -45.64 -32.32 -10.17
CA TYR B 544 -44.60 -31.39 -9.78
C TYR B 544 -43.73 -31.96 -8.67
N LEU B 545 -44.34 -32.67 -7.73
CA LEU B 545 -43.55 -33.31 -6.69
C LEU B 545 -42.59 -34.34 -7.28
N ILE B 546 -43.08 -35.10 -8.27
CA ILE B 546 -42.23 -36.07 -8.95
C ILE B 546 -41.07 -35.37 -9.65
N ILE B 547 -41.36 -34.23 -10.28
CA ILE B 547 -40.32 -33.47 -10.96
C ILE B 547 -39.27 -32.98 -9.96
N VAL B 548 -39.71 -32.51 -8.81
CA VAL B 548 -38.77 -32.02 -7.80
C VAL B 548 -37.92 -33.17 -7.27
N VAL B 549 -38.53 -34.32 -7.02
CA VAL B 549 -37.77 -35.48 -6.54
C VAL B 549 -36.75 -35.90 -7.59
N GLY B 550 -37.16 -35.91 -8.87
CA GLY B 550 -36.21 -36.23 -9.92
C GLY B 550 -35.08 -35.22 -10.00
N MET B 551 -35.37 -33.95 -9.80
CA MET B 551 -34.32 -32.94 -9.80
C MET B 551 -33.32 -33.20 -8.69
N ALA B 552 -33.82 -33.52 -7.50
CA ALA B 552 -32.92 -33.81 -6.39
C ALA B 552 -32.08 -35.04 -6.68
N TRP B 553 -32.71 -36.08 -7.24
CA TRP B 553 -31.98 -37.30 -7.55
C TRP B 553 -30.88 -37.04 -8.56
N LEU B 554 -31.18 -36.26 -9.59
CA LEU B 554 -30.17 -35.93 -10.59
C LEU B 554 -29.05 -35.10 -10.00
N PHE B 555 -29.39 -34.12 -9.17
CA PHE B 555 -28.37 -33.24 -8.60
C PHE B 555 -27.44 -34.01 -7.71
N VAL B 556 -27.97 -34.97 -6.94
CA VAL B 556 -27.13 -35.78 -6.08
C VAL B 556 -26.16 -36.62 -6.90
N ARG B 557 -26.63 -37.20 -7.99
CA ARG B 557 -25.82 -38.11 -8.78
C ARG B 557 -24.93 -37.43 -9.80
N LEU B 558 -24.99 -36.11 -9.92
CA LEU B 558 -24.16 -35.44 -10.90
C LEU B 558 -22.73 -35.31 -10.40
N PRO B 559 -21.74 -35.81 -11.13
CA PRO B 559 -20.36 -35.68 -10.68
C PRO B 559 -19.90 -34.23 -10.70
N SER B 560 -18.91 -33.93 -9.87
CA SER B 560 -18.44 -32.56 -9.70
C SER B 560 -17.03 -32.41 -10.24
N SER B 561 -16.70 -31.18 -10.63
CA SER B 561 -15.35 -30.82 -11.04
C SER B 561 -15.23 -29.31 -10.94
N PHE B 562 -14.02 -28.80 -11.13
CA PHE B 562 -13.78 -27.37 -10.99
C PHE B 562 -13.82 -26.65 -12.34
N LEU B 563 -12.90 -27.00 -13.24
CA LEU B 563 -12.81 -26.35 -14.52
C LEU B 563 -12.41 -27.36 -15.59
N PRO B 564 -13.03 -27.33 -16.76
CA PRO B 564 -12.72 -28.31 -17.79
C PRO B 564 -11.31 -28.12 -18.32
N ASP B 565 -10.69 -29.23 -18.70
CA ASP B 565 -9.39 -29.17 -19.34
C ASP B 565 -9.54 -28.69 -20.78
N GLU B 566 -8.50 -28.04 -21.27
CA GLU B 566 -8.50 -27.51 -22.62
C GLU B 566 -7.30 -28.08 -23.37
N ASP B 567 -7.35 -27.97 -24.68
CA ASP B 567 -6.23 -28.33 -25.55
C ASP B 567 -5.51 -27.04 -25.90
N GLN B 568 -4.49 -26.71 -25.12
CA GLN B 568 -3.79 -25.45 -25.26
C GLN B 568 -2.63 -25.52 -26.24
N GLY B 569 -2.48 -26.64 -26.94
CA GLY B 569 -1.43 -26.77 -27.92
C GLY B 569 -0.10 -27.20 -27.38
N VAL B 570 0.03 -27.30 -26.06
CA VAL B 570 1.27 -27.71 -25.41
C VAL B 570 0.92 -28.67 -24.29
N PHE B 571 1.86 -29.52 -23.93
CA PHE B 571 1.74 -30.33 -22.72
C PHE B 571 3.13 -30.65 -22.19
N LEU B 572 3.17 -31.07 -20.94
CA LEU B 572 4.43 -31.31 -20.25
C LEU B 572 4.71 -32.80 -20.13
N SER B 573 5.95 -33.11 -19.76
CA SER B 573 6.37 -34.47 -19.48
C SER B 573 7.47 -34.43 -18.43
N MET B 574 7.66 -35.55 -17.75
CA MET B 574 8.68 -35.64 -16.73
C MET B 574 9.20 -37.07 -16.64
N ALA B 575 10.38 -37.20 -16.06
CA ALA B 575 11.00 -38.51 -15.85
C ALA B 575 11.62 -38.51 -14.47
N GLN B 576 11.33 -39.54 -13.70
CA GLN B 576 11.84 -39.68 -12.34
C GLN B 576 12.60 -41.00 -12.25
N LEU B 577 13.88 -40.97 -12.57
CA LEU B 577 14.69 -42.17 -12.45
C LEU B 577 14.88 -42.51 -10.97
N PRO B 578 15.15 -43.78 -10.67
CA PRO B 578 15.32 -44.17 -9.26
C PRO B 578 16.39 -43.37 -8.55
N ALA B 579 16.33 -43.36 -7.22
CA ALA B 579 17.26 -42.56 -6.44
C ALA B 579 18.69 -42.99 -6.71
N GLY B 580 19.60 -42.01 -6.70
CA GLY B 580 20.99 -42.28 -7.01
C GLY B 580 21.31 -42.36 -8.48
N ALA B 581 20.33 -42.17 -9.35
CA ALA B 581 20.62 -42.18 -10.78
C ALA B 581 21.47 -40.99 -11.15
N THR B 582 22.31 -41.17 -12.15
CA THR B 582 23.22 -40.14 -12.59
C THR B 582 22.61 -39.35 -13.74
N GLN B 583 23.32 -38.31 -14.16
CA GLN B 583 22.82 -37.44 -15.21
C GLN B 583 22.71 -38.18 -16.54
N GLU B 584 23.69 -39.04 -16.84
CA GLU B 584 23.71 -39.73 -18.13
C GLU B 584 22.52 -40.66 -18.27
N ARG B 585 22.17 -41.38 -17.19
CA ARG B 585 21.03 -42.27 -17.25
C ARG B 585 19.73 -41.50 -17.45
N THR B 586 19.63 -40.32 -16.86
CA THR B 586 18.46 -39.47 -17.10
C THR B 586 18.43 -38.99 -18.54
N GLN B 587 19.60 -38.66 -19.09
CA GLN B 587 19.65 -38.13 -20.46
C GLN B 587 19.23 -39.20 -21.45
N LYS B 588 19.58 -40.46 -21.18
CA LYS B 588 19.14 -41.53 -22.06
C LYS B 588 17.62 -41.65 -22.08
N VAL B 589 17.00 -41.55 -20.91
CA VAL B 589 15.54 -41.63 -20.83
C VAL B 589 14.90 -40.45 -21.55
N LEU B 590 15.47 -39.26 -21.36
CA LEU B 590 14.94 -38.08 -22.05
C LEU B 590 15.08 -38.22 -23.55
N ASP B 591 16.18 -38.79 -24.03
CA ASP B 591 16.33 -39.04 -25.45
C ASP B 591 15.30 -40.03 -25.95
N GLU B 592 15.00 -41.07 -25.17
CA GLU B 592 13.96 -42.01 -25.56
C GLU B 592 12.61 -41.31 -25.67
N MET B 593 12.30 -40.44 -24.70
CA MET B 593 11.04 -39.70 -24.75
C MET B 593 10.98 -38.81 -25.97
N THR B 594 12.07 -38.09 -26.26
CA THR B 594 12.09 -37.20 -27.41
C THR B 594 11.94 -37.98 -28.70
N ASN B 595 12.60 -39.13 -28.79
CA ASN B 595 12.47 -39.96 -29.98
C ASN B 595 11.03 -40.42 -30.17
N TYR B 596 10.39 -40.83 -29.07
CA TYR B 596 8.99 -41.22 -29.16
C TYR B 596 8.14 -40.07 -29.67
N TYR B 597 8.34 -38.88 -29.11
CA TYR B 597 7.53 -37.75 -29.51
C TYR B 597 7.73 -37.40 -30.98
N LEU B 598 8.96 -37.44 -31.45
CA LEU B 598 9.27 -37.00 -32.80
C LEU B 598 9.15 -38.09 -33.84
N THR B 599 8.87 -39.33 -33.47
CA THR B 599 8.64 -40.38 -34.45
C THR B 599 7.22 -40.91 -34.39
N LYS B 600 6.74 -41.33 -33.21
CA LYS B 600 5.40 -41.89 -33.15
C LYS B 600 4.32 -40.81 -33.23
N GLU B 601 4.64 -39.58 -32.85
CA GLU B 601 3.67 -38.49 -32.90
C GLU B 601 4.15 -37.35 -33.80
N LYS B 602 4.85 -37.68 -34.89
CA LYS B 602 5.46 -36.64 -35.70
C LYS B 602 4.42 -35.73 -36.34
N ASP B 603 3.21 -36.24 -36.57
CA ASP B 603 2.19 -35.42 -37.22
C ASP B 603 1.57 -34.44 -36.26
N ASN B 604 1.59 -34.73 -34.96
CA ASN B 604 0.97 -33.85 -33.99
C ASN B 604 1.95 -33.01 -33.20
N VAL B 605 3.19 -33.47 -33.02
CA VAL B 605 4.17 -32.80 -32.18
C VAL B 605 5.02 -31.89 -33.04
N GLU B 606 5.11 -30.62 -32.66
CA GLU B 606 5.91 -29.67 -33.41
C GLU B 606 7.37 -29.68 -32.96
N SER B 607 7.60 -29.59 -31.66
CA SER B 607 8.96 -29.58 -31.15
C SER B 607 8.96 -30.02 -29.69
N VAL B 608 10.11 -30.50 -29.25
CA VAL B 608 10.30 -31.00 -27.88
C VAL B 608 11.52 -30.31 -27.30
N PHE B 609 11.41 -29.81 -26.08
CA PHE B 609 12.49 -29.10 -25.41
C PHE B 609 12.78 -29.80 -24.09
N ALA B 610 13.63 -30.81 -24.13
CA ALA B 610 13.93 -31.61 -22.94
C ALA B 610 14.97 -30.90 -22.09
N VAL B 611 14.73 -30.85 -20.79
CA VAL B 611 15.62 -30.18 -19.85
C VAL B 611 16.06 -31.22 -18.84
N ASN B 612 17.30 -31.68 -18.95
CA ASN B 612 17.83 -32.65 -18.01
C ASN B 612 18.14 -31.98 -16.69
N GLY B 613 18.02 -32.75 -15.61
CA GLY B 613 18.45 -32.27 -14.31
C GLY B 613 17.57 -31.23 -13.67
N PHE B 614 16.39 -30.96 -14.23
CA PHE B 614 15.49 -29.95 -13.70
C PHE B 614 14.08 -30.51 -13.67
N GLY B 615 13.41 -30.39 -12.54
CA GLY B 615 12.06 -30.90 -12.40
C GLY B 615 11.13 -29.84 -11.84
N PHE B 616 9.84 -30.04 -12.06
CA PHE B 616 8.86 -29.09 -11.55
C PHE B 616 8.87 -29.05 -10.03
N ALA B 617 8.96 -30.20 -9.39
CA ALA B 617 9.06 -30.30 -7.94
C ALA B 617 10.25 -31.20 -7.62
N GLY B 618 11.33 -30.61 -7.13
CA GLY B 618 12.54 -31.35 -6.87
C GLY B 618 13.52 -31.24 -8.01
N ARG B 619 14.75 -30.80 -7.70
CA ARG B 619 15.79 -30.61 -8.69
C ARG B 619 16.92 -31.58 -8.39
N GLY B 620 17.25 -32.44 -9.34
CA GLY B 620 18.31 -33.41 -9.11
C GLY B 620 18.76 -34.04 -10.41
N GLN B 621 19.82 -34.84 -10.30
CA GLN B 621 20.34 -35.52 -11.48
C GLN B 621 19.42 -36.62 -11.97
N ASN B 622 18.52 -37.11 -11.12
CA ASN B 622 17.64 -38.20 -11.50
C ASN B 622 16.30 -37.74 -12.03
N THR B 623 16.14 -36.45 -12.33
CA THR B 623 14.90 -35.92 -12.84
C THR B 623 15.14 -35.18 -14.15
N GLY B 624 14.07 -34.97 -14.89
CA GLY B 624 14.12 -34.22 -16.13
C GLY B 624 12.72 -33.94 -16.64
N ILE B 625 12.54 -32.85 -17.38
CA ILE B 625 11.25 -32.49 -17.92
C ILE B 625 11.39 -32.16 -19.40
N ALA B 626 10.28 -32.21 -20.10
CA ALA B 626 10.25 -31.87 -21.52
C ALA B 626 8.98 -31.09 -21.81
N PHE B 627 9.12 -29.92 -22.39
CA PHE B 627 8.00 -29.13 -22.86
C PHE B 627 7.71 -29.54 -24.29
N VAL B 628 6.51 -30.05 -24.53
CA VAL B 628 6.12 -30.51 -25.85
C VAL B 628 5.12 -29.51 -26.43
N SER B 629 5.45 -28.97 -27.59
CA SER B 629 4.56 -28.04 -28.29
C SER B 629 4.00 -28.74 -29.52
N LEU B 630 2.69 -28.73 -29.64
CA LEU B 630 2.02 -29.42 -30.72
C LEU B 630 1.91 -28.54 -31.96
N LYS B 631 1.44 -29.13 -33.05
CA LYS B 631 1.18 -28.37 -34.26
C LYS B 631 0.04 -27.38 -34.01
N ASP B 632 -0.26 -26.57 -35.00
CA ASP B 632 -1.40 -25.69 -34.90
C ASP B 632 -2.69 -26.50 -34.81
N TRP B 633 -3.69 -25.94 -34.15
CA TRP B 633 -4.96 -26.65 -33.98
C TRP B 633 -5.54 -27.04 -35.33
N SER B 634 -5.32 -26.21 -36.35
CA SER B 634 -5.81 -26.53 -37.68
C SER B 634 -5.18 -27.80 -38.22
N GLN B 635 -3.91 -28.03 -37.90
CA GLN B 635 -3.22 -29.19 -38.45
C GLN B 635 -3.58 -30.48 -37.72
N ARG B 636 -4.27 -30.37 -36.59
CA ARG B 636 -4.63 -31.56 -35.82
C ARG B 636 -6.15 -31.70 -35.81
N PRO B 637 -6.74 -32.42 -36.74
CA PRO B 637 -8.20 -32.58 -36.73
C PRO B 637 -8.63 -33.81 -35.98
N GLY B 638 -9.87 -33.82 -35.50
CA GLY B 638 -10.37 -35.01 -34.87
C GLY B 638 -10.04 -35.06 -33.39
N GLU B 639 -10.73 -35.95 -32.68
CA GLU B 639 -10.48 -36.10 -31.26
C GLU B 639 -9.21 -36.88 -30.98
N GLU B 640 -8.80 -37.73 -31.91
CA GLU B 640 -7.58 -38.50 -31.72
C GLU B 640 -6.35 -37.60 -31.67
N ASN B 641 -6.38 -36.48 -32.37
CA ASN B 641 -5.28 -35.52 -32.36
C ASN B 641 -5.53 -34.38 -31.39
N LYS B 642 -5.75 -34.70 -30.12
CA LYS B 642 -5.90 -33.69 -29.08
C LYS B 642 -5.05 -34.08 -27.89
N VAL B 643 -4.83 -33.11 -26.99
CA VAL B 643 -3.90 -33.34 -25.88
C VAL B 643 -4.35 -34.52 -25.03
N GLU B 644 -5.66 -34.66 -24.85
CA GLU B 644 -6.15 -35.80 -24.08
C GLU B 644 -5.72 -37.11 -24.73
N ALA B 645 -6.03 -37.28 -26.01
CA ALA B 645 -5.68 -38.51 -26.69
C ALA B 645 -4.18 -38.64 -26.89
N ILE B 646 -3.50 -37.52 -27.16
CA ILE B 646 -2.05 -37.57 -27.37
C ILE B 646 -1.35 -38.04 -26.12
N THR B 647 -1.68 -37.46 -24.97
CA THR B 647 -1.05 -37.87 -23.73
C THR B 647 -1.51 -39.27 -23.32
N ALA B 648 -2.73 -39.65 -23.66
CA ALA B 648 -3.17 -41.01 -23.37
C ALA B 648 -2.35 -42.02 -24.14
N ARG B 649 -2.08 -41.75 -25.41
CA ARG B 649 -1.24 -42.64 -26.19
C ARG B 649 0.19 -42.64 -25.67
N ALA B 650 0.69 -41.46 -25.27
CA ALA B 650 2.05 -41.38 -24.74
C ALA B 650 2.20 -42.20 -23.47
N MET B 651 1.24 -42.08 -22.55
CA MET B 651 1.34 -42.79 -21.29
C MET B 651 1.31 -44.30 -21.51
N GLY B 652 0.58 -44.75 -22.53
CA GLY B 652 0.61 -46.16 -22.87
C GLY B 652 1.99 -46.65 -23.20
N TYR B 653 2.75 -45.85 -23.94
CA TYR B 653 4.14 -46.20 -24.20
C TYR B 653 5.03 -45.92 -23.00
N PHE B 654 4.77 -44.83 -22.28
CA PHE B 654 5.62 -44.43 -21.16
C PHE B 654 5.45 -45.32 -19.94
N SER B 655 4.40 -46.14 -19.88
CA SER B 655 4.21 -47.02 -18.76
C SER B 655 4.99 -48.31 -18.88
N GLN B 656 5.73 -48.49 -19.98
CA GLN B 656 6.54 -49.69 -20.19
C GLN B 656 8.02 -49.36 -20.19
N ILE B 657 8.41 -48.19 -19.67
CA ILE B 657 9.80 -47.77 -19.73
C ILE B 657 10.68 -48.70 -18.92
N LYS B 658 10.25 -49.05 -17.71
CA LYS B 658 10.94 -50.01 -16.84
C LYS B 658 12.23 -49.41 -16.28
N ASP B 659 12.62 -48.24 -16.76
CA ASP B 659 13.83 -47.61 -16.26
C ASP B 659 13.53 -46.42 -15.37
N ALA B 660 12.35 -45.82 -15.52
CA ALA B 660 11.99 -44.64 -14.75
C ALA B 660 10.48 -44.57 -14.63
N MET B 661 10.01 -43.53 -13.98
CA MET B 661 8.58 -43.21 -13.92
C MET B 661 8.37 -41.99 -14.81
N VAL B 662 7.84 -42.22 -16.00
CA VAL B 662 7.65 -41.15 -16.98
C VAL B 662 6.17 -40.80 -17.03
N PHE B 663 5.86 -39.52 -16.97
CA PHE B 663 4.48 -39.05 -17.01
C PHE B 663 4.36 -37.92 -18.01
N ALA B 664 3.28 -37.93 -18.77
CA ALA B 664 2.90 -36.82 -19.65
C ALA B 664 1.53 -36.35 -19.24
N PHE B 665 1.40 -35.06 -18.96
CA PHE B 665 0.15 -34.54 -18.41
C PHE B 665 -0.20 -33.21 -19.07
N ASN B 666 -1.50 -32.93 -19.08
CA ASN B 666 -2.02 -31.69 -19.64
C ASN B 666 -1.93 -30.57 -18.61
N LEU B 667 -1.83 -29.35 -19.11
CA LEU B 667 -1.73 -28.19 -18.24
C LEU B 667 -3.05 -27.98 -17.48
N PRO B 668 -2.99 -27.46 -16.26
CA PRO B 668 -4.22 -27.11 -15.55
C PRO B 668 -4.84 -25.86 -16.15
N ALA B 669 -6.14 -25.69 -15.91
CA ALA B 669 -6.85 -24.53 -16.42
C ALA B 669 -6.27 -23.24 -15.82
N ILE B 670 -6.06 -23.22 -14.52
CA ILE B 670 -5.43 -22.09 -13.86
C ILE B 670 -3.95 -22.37 -13.73
N VAL B 671 -3.19 -22.00 -14.74
CA VAL B 671 -1.78 -22.37 -14.84
C VAL B 671 -1.01 -21.83 -13.64
N GLU B 672 -1.44 -20.69 -13.11
CA GLU B 672 -0.74 -20.13 -11.96
C GLU B 672 -0.96 -20.97 -10.71
N LEU B 673 -2.09 -21.67 -10.62
CA LEU B 673 -2.42 -22.38 -9.39
C LEU B 673 -1.55 -23.62 -9.21
N GLY B 674 -1.39 -24.43 -10.25
CA GLY B 674 -0.64 -25.66 -10.16
C GLY B 674 0.14 -25.92 -11.43
N THR B 675 0.91 -27.00 -11.40
CA THR B 675 1.74 -27.37 -12.54
C THR B 675 1.09 -28.38 -13.47
N ALA B 676 0.08 -29.11 -13.00
CA ALA B 676 -0.50 -30.17 -13.81
C ALA B 676 -1.98 -30.28 -13.51
N THR B 677 -2.71 -30.85 -14.46
CA THR B 677 -4.12 -31.12 -14.25
C THR B 677 -4.30 -32.23 -13.23
N GLY B 678 -5.52 -32.33 -12.69
CA GLY B 678 -5.86 -33.37 -11.74
C GLY B 678 -6.05 -32.79 -10.35
N PHE B 679 -5.46 -33.45 -9.35
CA PHE B 679 -5.59 -33.03 -7.97
C PHE B 679 -4.22 -32.94 -7.31
N ASP B 680 -4.17 -32.23 -6.19
CA ASP B 680 -2.96 -32.08 -5.40
C ASP B 680 -3.22 -32.60 -3.99
N PHE B 681 -3.01 -33.89 -3.81
CA PHE B 681 -3.19 -34.50 -2.49
C PHE B 681 -1.99 -34.22 -1.62
N GLU B 682 -2.24 -33.96 -0.34
CA GLU B 682 -1.18 -33.70 0.63
C GLU B 682 -1.36 -34.67 1.81
N LEU B 683 -0.60 -35.76 1.78
CA LEU B 683 -0.60 -36.69 2.91
C LEU B 683 0.20 -36.09 4.04
N ILE B 684 -0.43 -35.92 5.20
CA ILE B 684 0.12 -35.15 6.31
C ILE B 684 0.33 -36.07 7.50
N ASP B 685 1.49 -35.97 8.13
CA ASP B 685 1.81 -36.73 9.34
C ASP B 685 1.40 -35.89 10.54
N GLN B 686 0.15 -36.05 10.95
CA GLN B 686 -0.40 -35.23 12.03
C GLN B 686 -0.06 -35.76 13.42
N GLY B 687 0.39 -37.01 13.52
CA GLY B 687 0.64 -37.58 14.83
C GLY B 687 2.11 -37.64 15.19
N GLY B 688 2.94 -36.95 14.43
CA GLY B 688 4.37 -36.99 14.69
C GLY B 688 4.96 -38.38 14.55
N LEU B 689 4.45 -39.15 13.60
CA LEU B 689 4.92 -40.52 13.44
C LEU B 689 6.37 -40.56 12.96
N GLY B 690 6.76 -39.59 12.14
CA GLY B 690 8.12 -39.56 11.63
C GLY B 690 8.15 -39.77 10.14
N HIS B 691 9.28 -39.46 9.51
CA HIS B 691 9.36 -39.56 8.05
C HIS B 691 9.19 -41.00 7.59
N GLU B 692 9.79 -41.94 8.30
CA GLU B 692 9.75 -43.34 7.87
C GLU B 692 8.33 -43.87 7.83
N LYS B 693 7.54 -43.58 8.87
CA LYS B 693 6.15 -44.00 8.89
C LYS B 693 5.38 -43.34 7.75
N LEU B 694 5.65 -42.06 7.50
CA LEU B 694 4.90 -41.33 6.49
C LEU B 694 5.10 -41.92 5.11
N THR B 695 6.33 -42.27 4.75
CA THR B 695 6.57 -42.94 3.48
C THR B 695 5.94 -44.32 3.46
N GLN B 696 5.93 -45.01 4.61
CA GLN B 696 5.21 -46.27 4.68
C GLN B 696 3.71 -46.06 4.49
N ALA B 697 3.16 -44.99 5.06
CA ALA B 697 1.76 -44.68 4.83
C ALA B 697 1.50 -44.37 3.36
N ARG B 698 2.40 -43.61 2.73
CA ARG B 698 2.21 -43.28 1.33
C ARG B 698 2.26 -44.53 0.46
N ASN B 699 3.19 -45.44 0.75
CA ASN B 699 3.30 -46.65 -0.04
C ASN B 699 2.04 -47.49 0.06
N GLN B 700 1.46 -47.57 1.26
CA GLN B 700 0.20 -48.27 1.41
C GLN B 700 -0.91 -47.57 0.63
N LEU B 701 -0.89 -46.24 0.63
CA LEU B 701 -1.92 -45.49 -0.10
C LEU B 701 -1.83 -45.78 -1.59
N PHE B 702 -0.61 -45.86 -2.13
CA PHE B 702 -0.47 -46.23 -3.52
C PHE B 702 -0.93 -47.66 -3.76
N GLY B 703 -0.72 -48.54 -2.79
CA GLY B 703 -1.22 -49.89 -2.92
C GLY B 703 -2.73 -49.93 -3.03
N MET B 704 -3.41 -49.11 -2.24
CA MET B 704 -4.86 -49.01 -2.36
C MET B 704 -5.25 -48.38 -3.69
N VAL B 705 -4.54 -47.33 -4.11
CA VAL B 705 -4.90 -46.61 -5.32
C VAL B 705 -4.81 -47.51 -6.54
N ALA B 706 -3.76 -48.33 -6.60
CA ALA B 706 -3.58 -49.20 -7.75
C ALA B 706 -4.73 -50.18 -7.90
N GLN B 707 -5.49 -50.39 -6.82
CA GLN B 707 -6.62 -51.31 -6.88
C GLN B 707 -7.85 -50.67 -7.50
N HIS B 708 -7.81 -49.37 -7.78
CA HIS B 708 -8.92 -48.66 -8.40
C HIS B 708 -8.41 -47.93 -9.64
N PRO B 709 -8.06 -48.67 -10.70
CA PRO B 709 -7.65 -48.01 -11.93
C PRO B 709 -8.80 -47.46 -12.73
N ASP B 710 -10.04 -47.77 -12.33
CA ASP B 710 -11.21 -47.25 -13.03
C ASP B 710 -11.47 -45.79 -12.70
N VAL B 711 -10.93 -45.28 -11.60
CA VAL B 711 -11.13 -43.91 -11.18
C VAL B 711 -9.84 -43.13 -11.19
N LEU B 712 -8.84 -43.58 -10.45
CA LEU B 712 -7.56 -42.88 -10.37
C LEU B 712 -6.63 -43.39 -11.44
N THR B 713 -5.91 -42.48 -12.08
CA THR B 713 -4.91 -42.85 -13.06
C THR B 713 -3.75 -41.86 -12.99
N GLY B 714 -2.57 -42.36 -13.28
CA GLY B 714 -1.39 -41.51 -13.26
C GLY B 714 -1.13 -40.87 -11.91
N VAL B 715 -1.29 -41.64 -10.84
CA VAL B 715 -1.07 -41.10 -9.49
C VAL B 715 0.41 -41.26 -9.15
N ARG B 716 1.06 -40.14 -8.85
CA ARG B 716 2.49 -40.10 -8.66
C ARG B 716 2.82 -39.22 -7.48
N PRO B 717 3.93 -39.48 -6.79
CA PRO B 717 4.40 -38.53 -5.78
C PRO B 717 4.92 -37.27 -6.44
N ASN B 718 4.89 -36.17 -5.69
CA ASN B 718 5.43 -34.91 -6.15
C ASN B 718 6.73 -34.57 -5.42
N GLY B 719 7.51 -35.57 -5.08
CA GLY B 719 8.75 -35.34 -4.37
C GLY B 719 9.85 -36.26 -4.86
N LEU B 720 10.89 -36.44 -4.03
CA LEU B 720 12.02 -37.29 -4.37
C LEU B 720 12.15 -38.39 -3.33
N GLU B 721 12.30 -39.63 -3.79
CA GLU B 721 12.42 -40.75 -2.88
C GLU B 721 13.77 -40.70 -2.15
N ASP B 722 13.84 -41.45 -1.05
CA ASP B 722 15.05 -41.49 -0.26
C ASP B 722 16.22 -42.02 -1.07
N THR B 723 17.35 -41.34 -0.98
CA THR B 723 18.53 -41.62 -1.78
C THR B 723 19.67 -42.08 -0.91
N PRO B 724 20.55 -42.93 -1.43
CA PRO B 724 21.77 -43.27 -0.68
C PRO B 724 22.63 -42.03 -0.48
N GLN B 725 23.25 -41.95 0.69
CA GLN B 725 24.09 -40.82 1.06
C GLN B 725 25.43 -41.33 1.55
N PHE B 726 26.49 -40.62 1.21
CA PHE B 726 27.84 -41.02 1.56
C PHE B 726 28.29 -40.22 2.76
N LYS B 727 28.54 -40.90 3.88
CA LYS B 727 28.94 -40.26 5.12
C LYS B 727 30.42 -40.44 5.32
N ILE B 728 31.12 -39.34 5.60
CA ILE B 728 32.54 -39.37 5.90
C ILE B 728 32.71 -38.98 7.37
N ASP B 729 33.28 -39.89 8.16
CA ASP B 729 33.51 -39.65 9.58
C ASP B 729 34.92 -39.12 9.76
N ILE B 730 35.03 -37.85 10.12
CA ILE B 730 36.33 -37.21 10.35
C ILE B 730 36.67 -37.43 11.82
N ASP B 731 37.58 -38.37 12.09
CA ASP B 731 38.03 -38.63 13.45
C ASP B 731 39.02 -37.52 13.81
N GLN B 732 38.51 -36.48 14.47
CA GLN B 732 39.30 -35.28 14.70
C GLN B 732 40.55 -35.55 15.52
N GLU B 733 40.47 -36.48 16.47
CA GLU B 733 41.63 -36.74 17.30
C GLU B 733 42.80 -37.29 16.48
N LYS B 734 42.51 -38.14 15.51
CA LYS B 734 43.58 -38.65 14.65
C LYS B 734 44.17 -37.53 13.81
N ALA B 735 43.35 -36.60 13.35
CA ALA B 735 43.86 -35.46 12.61
C ALA B 735 44.77 -34.60 13.48
N GLN B 736 44.38 -34.38 14.73
CA GLN B 736 45.22 -33.62 15.65
C GLN B 736 46.54 -34.34 15.90
N ALA B 737 46.47 -35.67 16.05
CA ALA B 737 47.69 -36.46 16.23
C ALA B 737 48.61 -36.31 15.03
N LEU B 738 48.05 -36.34 13.83
CA LEU B 738 48.84 -36.16 12.62
C LEU B 738 49.18 -34.70 12.37
N GLY B 739 48.62 -33.80 13.16
CA GLY B 739 48.96 -32.39 13.02
C GLY B 739 48.29 -31.70 11.86
N VAL B 740 47.01 -31.98 11.63
CA VAL B 740 46.27 -31.41 10.50
C VAL B 740 45.08 -30.64 11.05
N SER B 741 44.93 -29.39 10.61
CA SER B 741 43.84 -28.56 11.08
C SER B 741 42.51 -29.08 10.54
N ILE B 742 41.47 -28.96 11.37
CA ILE B 742 40.13 -29.34 10.92
C ILE B 742 39.66 -28.41 9.81
N SER B 743 40.03 -27.13 9.88
CA SER B 743 39.64 -26.20 8.84
C SER B 743 40.24 -26.60 7.51
N ASP B 744 41.50 -27.06 7.51
CA ASP B 744 42.11 -27.54 6.28
C ASP B 744 41.36 -28.74 5.74
N ILE B 745 40.97 -29.67 6.63
CA ILE B 745 40.23 -30.84 6.18
C ILE B 745 38.93 -30.44 5.51
N ASN B 746 38.16 -29.56 6.17
CA ASN B 746 36.88 -29.15 5.64
C ASN B 746 37.05 -28.42 4.32
N THR B 747 38.01 -27.49 4.25
CA THR B 747 38.22 -26.73 3.03
C THR B 747 38.64 -27.63 1.89
N THR B 748 39.58 -28.54 2.16
CA THR B 748 40.06 -29.44 1.12
C THR B 748 38.93 -30.31 0.60
N LEU B 749 38.17 -30.92 1.50
CA LEU B 749 37.09 -31.79 1.08
C LEU B 749 36.04 -31.02 0.28
N GLY B 750 35.63 -29.86 0.79
CA GLY B 750 34.60 -29.09 0.11
C GLY B 750 35.04 -28.62 -1.26
N ALA B 751 36.23 -28.04 -1.35
CA ALA B 751 36.72 -27.53 -2.62
C ALA B 751 36.96 -28.67 -3.60
N ALA B 752 37.40 -29.83 -3.12
CA ALA B 752 37.68 -30.94 -4.02
C ALA B 752 36.39 -31.55 -4.57
N TRP B 753 35.40 -31.80 -3.71
CA TRP B 753 34.28 -32.61 -4.14
C TRP B 753 33.01 -31.81 -4.44
N GLY B 754 32.95 -30.54 -4.08
CA GLY B 754 31.75 -29.78 -4.32
C GLY B 754 32.02 -28.44 -4.96
N GLY B 755 33.28 -28.17 -5.26
CA GLY B 755 33.64 -26.91 -5.87
C GLY B 755 33.65 -25.81 -4.85
N SER B 756 34.30 -24.70 -5.17
CA SER B 756 34.33 -23.56 -4.25
C SER B 756 34.35 -22.28 -5.05
N TYR B 757 33.38 -21.41 -4.77
CA TYR B 757 33.30 -20.11 -5.43
C TYR B 757 34.29 -19.19 -4.76
N VAL B 758 35.49 -19.07 -5.37
CA VAL B 758 36.56 -18.33 -4.73
C VAL B 758 36.29 -16.83 -4.78
N ASN B 759 36.27 -16.26 -5.97
CA ASN B 759 35.92 -14.86 -6.16
C ASN B 759 35.49 -14.63 -7.60
N ASP B 760 35.43 -13.38 -8.03
CA ASP B 760 34.94 -13.03 -9.36
C ASP B 760 36.11 -12.76 -10.30
N PHE B 761 35.78 -12.63 -11.58
CA PHE B 761 36.72 -12.17 -12.58
C PHE B 761 35.93 -11.49 -13.69
N ILE B 762 36.63 -10.74 -14.52
CA ILE B 762 35.99 -9.94 -15.56
C ILE B 762 36.16 -10.69 -16.88
N ASP B 763 35.04 -11.10 -17.47
CA ASP B 763 35.04 -11.80 -18.73
C ASP B 763 34.34 -10.95 -19.78
N ARG B 764 35.11 -10.37 -20.69
CA ARG B 764 34.57 -9.48 -21.72
C ARG B 764 33.73 -8.38 -21.10
N GLY B 765 34.21 -7.83 -19.99
CA GLY B 765 33.56 -6.73 -19.33
C GLY B 765 32.44 -7.12 -18.40
N ARG B 766 32.16 -8.40 -18.21
CA ARG B 766 31.09 -8.87 -17.35
C ARG B 766 31.66 -9.61 -16.16
N VAL B 767 31.08 -9.35 -14.98
CA VAL B 767 31.55 -9.97 -13.74
C VAL B 767 31.07 -11.41 -13.72
N LYS B 768 31.99 -12.36 -13.77
CA LYS B 768 31.65 -13.77 -13.68
C LYS B 768 32.44 -14.43 -12.57
N LYS B 769 31.95 -15.56 -12.10
CA LYS B 769 32.49 -16.24 -10.94
C LYS B 769 33.75 -17.01 -11.30
N VAL B 770 34.49 -17.41 -10.26
CA VAL B 770 35.65 -18.28 -10.39
C VAL B 770 35.45 -19.45 -9.44
N TYR B 771 35.45 -20.66 -9.99
CA TYR B 771 35.27 -21.87 -9.21
C TYR B 771 36.52 -22.72 -9.28
N ILE B 772 36.80 -23.43 -8.20
CA ILE B 772 37.79 -24.49 -8.19
C ILE B 772 37.10 -25.77 -7.74
N MET B 773 37.35 -26.85 -8.47
CA MET B 773 36.83 -28.15 -8.11
C MET B 773 37.78 -29.20 -8.67
N SER B 774 37.72 -30.38 -8.09
CA SER B 774 38.58 -31.44 -8.59
C SER B 774 38.18 -31.82 -10.01
N GLU B 775 39.14 -32.39 -10.72
CA GLU B 775 38.83 -32.97 -12.02
C GLU B 775 37.87 -34.13 -11.83
N ALA B 776 37.13 -34.45 -12.88
CA ALA B 776 36.03 -35.40 -12.74
C ALA B 776 36.52 -36.77 -12.28
N LYS B 777 37.62 -37.26 -12.85
CA LYS B 777 37.99 -38.65 -12.60
C LYS B 777 38.47 -38.89 -11.18
N TYR B 778 38.70 -37.84 -10.40
CA TYR B 778 39.09 -37.97 -9.00
C TYR B 778 37.93 -37.70 -8.05
N ARG B 779 36.72 -37.70 -8.57
CA ARG B 779 35.56 -37.24 -7.82
C ARG B 779 34.37 -38.15 -8.05
N MET B 780 34.61 -39.45 -8.19
CA MET B 780 33.56 -40.34 -8.67
C MET B 780 33.29 -41.52 -7.74
N LEU B 781 34.33 -42.02 -7.08
CA LEU B 781 34.18 -43.25 -6.33
C LEU B 781 34.53 -43.03 -4.86
N PRO B 782 34.03 -43.88 -3.96
CA PRO B 782 34.48 -43.78 -2.58
C PRO B 782 35.98 -44.00 -2.43
N GLU B 783 36.59 -44.72 -3.38
CA GLU B 783 38.03 -44.90 -3.33
C GLU B 783 38.76 -43.57 -3.54
N ASP B 784 38.13 -42.63 -4.24
CA ASP B 784 38.81 -41.40 -4.59
C ASP B 784 39.04 -40.50 -3.39
N ILE B 785 38.46 -40.84 -2.24
CA ILE B 785 38.69 -40.07 -1.02
C ILE B 785 40.17 -40.19 -0.65
N GLY B 786 40.72 -41.39 -0.79
CA GLY B 786 42.09 -41.62 -0.37
C GLY B 786 43.10 -40.89 -1.24
N LYS B 787 42.69 -40.50 -2.45
CA LYS B 787 43.62 -39.83 -3.35
C LYS B 787 43.88 -38.38 -2.95
N TRP B 788 43.07 -37.82 -2.06
CA TRP B 788 43.19 -36.42 -1.71
C TRP B 788 44.02 -36.25 -0.44
N TYR B 789 45.08 -35.47 -0.54
CA TYR B 789 46.04 -35.28 0.54
C TYR B 789 45.91 -33.87 1.12
N VAL B 790 46.09 -33.76 2.42
CA VAL B 790 46.07 -32.50 3.13
C VAL B 790 47.39 -32.35 3.86
N ARG B 791 47.93 -31.13 3.88
CA ARG B 791 49.24 -30.90 4.46
C ARG B 791 49.14 -30.70 5.96
N GLY B 792 49.95 -31.44 6.71
CA GLY B 792 50.00 -31.26 8.14
C GLY B 792 50.89 -30.11 8.57
N SER B 793 50.84 -29.79 9.86
CA SER B 793 51.66 -28.69 10.38
C SER B 793 53.14 -28.99 10.23
N ASP B 794 53.52 -30.26 10.30
CA ASP B 794 54.92 -30.64 10.10
C ASP B 794 55.36 -30.47 8.66
N GLY B 795 54.43 -30.28 7.73
CA GLY B 795 54.77 -30.18 6.33
C GLY B 795 54.71 -31.48 5.55
N GLN B 796 54.20 -32.55 6.16
CA GLN B 796 54.10 -33.84 5.50
C GLN B 796 52.67 -34.07 5.06
N MET B 797 52.49 -34.34 3.77
CA MET B 797 51.16 -34.63 3.25
C MET B 797 50.64 -35.93 3.83
N VAL B 798 49.39 -35.94 4.24
CA VAL B 798 48.75 -37.11 4.84
C VAL B 798 47.45 -37.36 4.09
N PRO B 799 47.17 -38.58 3.66
CA PRO B 799 45.96 -38.84 2.89
C PRO B 799 44.71 -38.76 3.74
N PHE B 800 43.57 -38.61 3.08
CA PHE B 800 42.30 -38.61 3.78
C PHE B 800 42.00 -39.95 4.42
N SER B 801 42.56 -41.02 3.86
CA SER B 801 42.29 -42.35 4.39
C SER B 801 42.84 -42.52 5.79
N ALA B 802 43.87 -41.74 6.13
CA ALA B 802 44.51 -41.91 7.43
C ALA B 802 43.57 -41.54 8.58
N PHE B 803 42.85 -40.43 8.44
CA PHE B 803 42.10 -39.89 9.55
C PHE B 803 40.58 -39.88 9.33
N SER B 804 40.08 -40.65 8.37
CA SER B 804 38.65 -40.64 8.09
C SER B 804 38.18 -42.03 7.69
N THR B 805 36.89 -42.27 7.91
CA THR B 805 36.23 -43.48 7.46
C THR B 805 34.94 -43.08 6.74
N SER B 806 34.40 -44.02 5.99
CA SER B 806 33.23 -43.74 5.17
C SER B 806 32.19 -44.84 5.34
N ARG B 807 30.93 -44.44 5.26
CA ARG B 807 29.82 -45.37 5.42
C ARG B 807 28.62 -44.86 4.65
N TRP B 808 27.75 -45.77 4.25
CA TRP B 808 26.57 -45.44 3.45
C TRP B 808 25.34 -45.35 4.33
N GLU B 809 24.53 -44.32 4.09
CA GLU B 809 23.24 -44.15 4.75
C GLU B 809 22.19 -43.84 3.71
N TYR B 810 20.94 -43.84 4.15
CA TYR B 810 19.80 -43.53 3.28
C TYR B 810 18.98 -42.44 3.92
N GLY B 811 18.97 -41.25 3.31
CA GLY B 811 18.19 -40.14 3.81
C GLY B 811 17.46 -39.45 2.67
N SER B 812 16.42 -38.74 3.03
CA SER B 812 15.60 -38.07 2.03
C SER B 812 16.35 -36.86 1.48
N PRO B 813 16.31 -36.65 0.16
CA PRO B 813 16.99 -35.47 -0.38
C PRO B 813 16.12 -34.22 -0.35
N ARG B 814 14.80 -34.38 -0.34
CA ARG B 814 13.88 -33.25 -0.26
C ARG B 814 12.75 -33.58 0.69
N LEU B 815 12.74 -32.96 1.85
CA LEU B 815 11.68 -33.11 2.83
C LEU B 815 10.68 -31.98 2.67
N GLU B 816 9.41 -32.28 2.91
CA GLU B 816 8.33 -31.33 2.68
C GLU B 816 7.52 -31.15 3.95
N ARG B 817 6.95 -29.96 4.11
CA ARG B 817 6.04 -29.67 5.20
C ARG B 817 4.85 -28.92 4.65
N TYR B 818 3.66 -29.24 5.14
CA TYR B 818 2.44 -28.56 4.75
C TYR B 818 1.74 -28.04 5.99
N ASN B 819 1.61 -26.72 6.09
CA ASN B 819 0.99 -26.07 7.25
C ASN B 819 1.68 -26.49 8.54
N GLY B 820 3.00 -26.52 8.50
CA GLY B 820 3.76 -26.77 9.71
C GLY B 820 3.89 -28.22 10.11
N LEU B 821 3.40 -29.15 9.31
CA LEU B 821 3.52 -30.56 9.63
C LEU B 821 4.20 -31.30 8.49
N PRO B 822 5.06 -32.27 8.79
CA PRO B 822 5.72 -33.03 7.72
C PRO B 822 4.68 -33.71 6.84
N SER B 823 4.89 -33.64 5.53
CA SER B 823 3.86 -34.10 4.62
C SER B 823 4.49 -34.60 3.33
N LEU B 824 3.72 -35.41 2.62
CA LEU B 824 4.08 -35.93 1.31
C LEU B 824 3.01 -35.51 0.32
N GLU B 825 3.41 -34.86 -0.75
CA GLU B 825 2.46 -34.40 -1.75
C GLU B 825 2.25 -35.47 -2.82
N ILE B 826 0.99 -35.70 -3.18
CA ILE B 826 0.61 -36.71 -4.16
C ILE B 826 -0.15 -36.00 -5.28
N LEU B 827 0.24 -36.29 -6.52
CA LEU B 827 -0.47 -35.76 -7.68
C LEU B 827 -1.11 -36.90 -8.44
N GLY B 828 -2.22 -36.62 -9.10
CA GLY B 828 -2.91 -37.66 -9.84
C GLY B 828 -3.99 -37.08 -10.72
N GLN B 829 -4.63 -37.95 -11.49
CA GLN B 829 -5.69 -37.58 -12.40
C GLN B 829 -6.83 -38.57 -12.27
N ALA B 830 -8.02 -38.13 -12.67
CA ALA B 830 -9.16 -39.02 -12.75
C ALA B 830 -9.11 -39.80 -14.04
N ALA B 831 -9.55 -41.05 -13.99
CA ALA B 831 -9.54 -41.90 -15.17
C ALA B 831 -10.51 -41.33 -16.21
N PRO B 832 -10.27 -41.60 -17.49
CA PRO B 832 -11.18 -41.11 -18.52
C PRO B 832 -12.60 -41.59 -18.26
N GLY B 833 -13.56 -40.69 -18.44
CA GLY B 833 -14.93 -40.98 -18.09
C GLY B 833 -15.27 -40.73 -16.64
N LYS B 834 -14.34 -40.17 -15.86
CA LYS B 834 -14.60 -39.82 -14.47
C LYS B 834 -14.22 -38.37 -14.25
N SER B 835 -14.90 -37.71 -13.33
CA SER B 835 -14.62 -36.32 -13.03
C SER B 835 -13.61 -36.20 -11.90
N THR B 836 -13.11 -34.99 -11.71
CA THR B 836 -12.16 -34.75 -10.62
C THR B 836 -12.82 -34.97 -9.27
N GLY B 837 -14.11 -34.67 -9.17
CA GLY B 837 -14.80 -34.83 -7.89
C GLY B 837 -14.83 -36.28 -7.44
N GLU B 838 -15.09 -37.20 -8.36
CA GLU B 838 -15.10 -38.61 -8.02
C GLU B 838 -13.72 -39.07 -7.55
N ALA B 839 -12.67 -38.61 -8.24
CA ALA B 839 -11.32 -38.97 -7.86
C ALA B 839 -10.99 -38.43 -6.48
N MET B 840 -11.37 -37.19 -6.21
CA MET B 840 -11.10 -36.61 -4.89
C MET B 840 -11.86 -37.35 -3.80
N ALA B 841 -13.11 -37.71 -4.05
CA ALA B 841 -13.88 -38.47 -3.07
C ALA B 841 -13.22 -39.81 -2.78
N LEU B 842 -12.78 -40.49 -3.83
CA LEU B 842 -12.12 -41.78 -3.63
C LEU B 842 -10.81 -41.61 -2.89
N MET B 843 -10.07 -40.54 -3.18
CA MET B 843 -8.82 -40.30 -2.48
C MET B 843 -9.06 -40.06 -1.00
N GLU B 844 -10.08 -39.27 -0.66
CA GLU B 844 -10.40 -39.06 0.74
C GLU B 844 -10.80 -40.36 1.42
N GLU B 845 -11.62 -41.17 0.74
CA GLU B 845 -12.03 -42.44 1.31
C GLU B 845 -10.84 -43.34 1.57
N LEU B 846 -9.92 -43.41 0.61
CA LEU B 846 -8.74 -44.23 0.78
C LEU B 846 -7.86 -43.72 1.91
N ALA B 847 -7.68 -42.40 2.00
CA ALA B 847 -6.88 -41.85 3.07
C ALA B 847 -7.52 -42.11 4.43
N GLY B 848 -8.82 -42.34 4.45
CA GLY B 848 -9.47 -42.71 5.70
C GLY B 848 -8.95 -44.01 6.27
N LYS B 849 -8.58 -44.95 5.41
CA LYS B 849 -8.18 -46.27 5.86
C LYS B 849 -6.71 -46.36 6.24
N LEU B 850 -5.97 -45.26 6.14
CA LEU B 850 -4.57 -45.25 6.51
C LEU B 850 -4.43 -45.33 8.02
N PRO B 851 -3.25 -45.69 8.52
CA PRO B 851 -3.08 -45.81 9.97
C PRO B 851 -3.28 -44.47 10.67
N SER B 852 -3.65 -44.54 11.94
CA SER B 852 -3.95 -43.34 12.71
C SER B 852 -2.71 -42.45 12.82
N GLY B 853 -2.96 -41.15 12.98
CA GLY B 853 -1.89 -40.18 12.98
C GLY B 853 -1.49 -39.68 11.62
N ILE B 854 -2.08 -40.20 10.55
CA ILE B 854 -1.78 -39.78 9.19
C ILE B 854 -3.03 -39.10 8.66
N GLY B 855 -3.00 -37.77 8.61
CA GLY B 855 -4.08 -36.98 8.07
C GLY B 855 -3.92 -36.76 6.59
N TYR B 856 -4.67 -35.77 6.09
CA TYR B 856 -4.57 -35.40 4.68
C TYR B 856 -5.15 -34.01 4.50
N ASP B 857 -4.87 -33.43 3.34
CA ASP B 857 -5.43 -32.14 3.00
C ASP B 857 -5.27 -31.90 1.50
N TRP B 858 -6.12 -31.04 0.96
CA TRP B 858 -6.06 -30.66 -0.44
C TRP B 858 -5.43 -29.28 -0.55
N THR B 859 -4.71 -29.06 -1.65
CA THR B 859 -4.06 -27.78 -1.88
C THR B 859 -4.18 -27.40 -3.35
N GLY B 860 -4.04 -26.11 -3.62
CA GLY B 860 -4.05 -25.63 -4.98
C GLY B 860 -5.39 -25.80 -5.66
N MET B 861 -5.37 -26.44 -6.82
CA MET B 861 -6.59 -26.62 -7.60
C MET B 861 -7.62 -27.42 -6.81
N SER B 862 -7.18 -28.45 -6.10
CA SER B 862 -8.12 -29.22 -5.30
C SER B 862 -8.69 -28.39 -4.16
N TYR B 863 -7.86 -27.53 -3.56
CA TYR B 863 -8.36 -26.64 -2.52
C TYR B 863 -9.48 -25.76 -3.08
N GLN B 864 -9.23 -25.15 -4.24
CA GLN B 864 -10.25 -24.28 -4.83
C GLN B 864 -11.50 -25.07 -5.20
N GLU B 865 -11.32 -26.29 -5.70
CA GLU B 865 -12.47 -27.10 -6.07
C GLU B 865 -13.32 -27.46 -4.87
N ARG B 866 -12.67 -27.85 -3.77
CA ARG B 866 -13.40 -28.15 -2.55
C ARG B 866 -14.11 -26.91 -2.03
N LEU B 867 -13.45 -25.75 -2.12
CA LEU B 867 -14.07 -24.51 -1.69
C LEU B 867 -15.32 -24.22 -2.50
N SER B 868 -15.24 -24.41 -3.82
CA SER B 868 -16.40 -24.20 -4.68
C SER B 868 -17.54 -25.12 -4.29
N GLY B 869 -17.23 -26.40 -4.09
CA GLY B 869 -18.25 -27.34 -3.71
C GLY B 869 -18.91 -27.00 -2.40
N ASN B 870 -18.13 -26.49 -1.46
CA ASN B 870 -18.68 -26.16 -0.15
C ASN B 870 -19.50 -24.88 -0.17
N GLN B 871 -19.11 -23.91 -0.97
CA GLN B 871 -19.80 -22.63 -0.98
C GLN B 871 -21.03 -22.61 -1.87
N ALA B 872 -21.14 -23.58 -2.76
CA ALA B 872 -22.26 -23.58 -3.70
C ALA B 872 -23.61 -23.50 -3.03
N PRO B 873 -23.93 -24.44 -2.13
CA PRO B 873 -25.29 -24.41 -1.56
C PRO B 873 -25.67 -23.06 -0.96
N ALA B 874 -24.73 -22.41 -0.31
CA ALA B 874 -25.00 -21.09 0.25
C ALA B 874 -25.37 -20.14 -0.87
N LEU B 875 -24.60 -20.15 -1.94
CA LEU B 875 -24.85 -19.25 -3.06
C LEU B 875 -26.26 -19.46 -3.59
N TYR B 876 -26.63 -20.71 -3.80
CA TYR B 876 -27.96 -21.00 -4.31
C TYR B 876 -29.02 -20.46 -3.36
N ALA B 877 -28.88 -20.75 -2.07
CA ALA B 877 -29.87 -20.30 -1.11
C ALA B 877 -29.98 -18.77 -1.09
N ILE B 878 -28.83 -18.09 -1.08
CA ILE B 878 -28.86 -16.64 -1.03
C ILE B 878 -29.44 -16.07 -2.31
N SER B 879 -29.10 -16.65 -3.46
CA SER B 879 -29.67 -16.16 -4.71
C SER B 879 -31.18 -16.32 -4.73
N LEU B 880 -31.68 -17.47 -4.28
CA LEU B 880 -33.12 -17.68 -4.24
C LEU B 880 -33.79 -16.69 -3.31
N ILE B 881 -33.20 -16.45 -2.14
CA ILE B 881 -33.79 -15.51 -1.19
C ILE B 881 -33.83 -14.11 -1.79
N VAL B 882 -32.74 -13.70 -2.45
CA VAL B 882 -32.69 -12.36 -3.03
C VAL B 882 -33.75 -12.22 -4.12
N VAL B 883 -33.90 -13.24 -4.95
CA VAL B 883 -34.90 -13.18 -6.01
C VAL B 883 -36.30 -13.10 -5.41
N PHE B 884 -36.55 -13.90 -4.37
CA PHE B 884 -37.86 -13.86 -3.72
C PHE B 884 -38.15 -12.48 -3.16
N LEU B 885 -37.17 -11.87 -2.50
CA LEU B 885 -37.39 -10.56 -1.91
C LEU B 885 -37.63 -9.51 -2.98
N CYS B 886 -36.88 -9.57 -4.09
CA CYS B 886 -37.10 -8.62 -5.18
C CYS B 886 -38.50 -8.78 -5.75
N LEU B 887 -38.95 -10.01 -5.93
CA LEU B 887 -40.30 -10.22 -6.44
C LEU B 887 -41.35 -9.70 -5.47
N ALA B 888 -41.15 -9.92 -4.18
CA ALA B 888 -42.11 -9.42 -3.20
C ALA B 888 -42.17 -7.90 -3.22
N ALA B 889 -41.00 -7.26 -3.29
CA ALA B 889 -40.97 -5.80 -3.32
C ALA B 889 -41.64 -5.26 -4.57
N LEU B 890 -41.36 -5.88 -5.72
CA LEU B 890 -41.87 -5.33 -6.97
C LEU B 890 -43.37 -5.50 -7.09
N TYR B 891 -43.88 -6.68 -6.77
CA TYR B 891 -45.29 -6.99 -6.97
C TYR B 891 -46.13 -6.77 -5.72
N GLU B 892 -45.51 -6.35 -4.63
CA GLU B 892 -46.24 -6.01 -3.40
C GLU B 892 -47.15 -7.15 -2.97
N SER B 893 -46.56 -8.34 -2.90
CA SER B 893 -47.32 -9.51 -2.48
C SER B 893 -46.34 -10.56 -1.99
N TRP B 894 -46.86 -11.49 -1.19
CA TRP B 894 -46.14 -12.71 -0.86
C TRP B 894 -46.65 -13.92 -1.63
N SER B 895 -47.88 -13.86 -2.15
CA SER B 895 -48.40 -14.96 -2.94
C SER B 895 -47.69 -15.06 -4.28
N ILE B 896 -47.54 -13.93 -4.97
CA ILE B 896 -46.93 -13.90 -6.30
C ILE B 896 -45.51 -14.45 -6.26
N PRO B 897 -44.63 -13.99 -5.35
CA PRO B 897 -43.28 -14.54 -5.34
C PRO B 897 -43.23 -16.02 -5.09
N PHE B 898 -44.11 -16.56 -4.25
CA PHE B 898 -44.09 -17.99 -3.99
C PHE B 898 -44.46 -18.77 -5.25
N SER B 899 -45.50 -18.31 -5.95
CA SER B 899 -45.91 -18.97 -7.18
C SER B 899 -44.80 -18.91 -8.21
N VAL B 900 -44.08 -17.79 -8.30
CA VAL B 900 -42.98 -17.70 -9.25
C VAL B 900 -41.85 -18.63 -8.85
N MET B 901 -41.49 -18.64 -7.56
CA MET B 901 -40.36 -19.43 -7.12
C MET B 901 -40.64 -20.92 -7.25
N LEU B 902 -41.92 -21.30 -7.30
CA LEU B 902 -42.25 -22.71 -7.48
C LEU B 902 -41.87 -23.19 -8.87
N VAL B 903 -41.41 -22.29 -9.73
CA VAL B 903 -41.02 -22.65 -11.10
C VAL B 903 -39.54 -23.01 -11.21
N VAL B 904 -38.71 -22.59 -10.26
CA VAL B 904 -37.27 -22.81 -10.38
C VAL B 904 -36.90 -24.29 -10.56
N PRO B 905 -37.50 -25.24 -9.84
CA PRO B 905 -37.17 -26.64 -10.11
C PRO B 905 -37.39 -27.05 -11.55
N LEU B 906 -38.36 -26.46 -12.23
CA LEU B 906 -38.62 -26.83 -13.62
C LEU B 906 -37.42 -26.51 -14.50
N GLY B 907 -36.77 -25.39 -14.27
CA GLY B 907 -35.57 -25.06 -15.03
C GLY B 907 -34.36 -25.83 -14.55
N VAL B 908 -34.27 -26.07 -13.25
CA VAL B 908 -33.10 -26.74 -12.70
C VAL B 908 -33.04 -28.19 -13.17
N VAL B 909 -34.18 -28.87 -13.22
CA VAL B 909 -34.19 -30.26 -13.68
C VAL B 909 -33.76 -30.34 -15.13
N GLY B 910 -34.15 -29.36 -15.94
CA GLY B 910 -33.71 -29.35 -17.32
C GLY B 910 -32.22 -29.09 -17.45
N ALA B 911 -31.70 -28.20 -16.62
CA ALA B 911 -30.26 -27.95 -16.63
C ALA B 911 -29.50 -29.21 -16.24
N LEU B 912 -29.98 -29.92 -15.22
CA LEU B 912 -29.32 -31.15 -14.79
C LEU B 912 -29.40 -32.23 -15.86
N LEU B 913 -30.58 -32.37 -16.49
CA LEU B 913 -30.73 -33.37 -17.53
C LEU B 913 -29.80 -33.08 -18.70
N ALA B 914 -29.62 -31.82 -19.04
CA ALA B 914 -28.72 -31.47 -20.14
C ALA B 914 -27.30 -31.90 -19.84
N ALA B 915 -26.83 -31.64 -18.62
CA ALA B 915 -25.49 -32.05 -18.25
C ALA B 915 -25.37 -33.57 -18.17
N THR B 916 -26.40 -34.24 -17.66
CA THR B 916 -26.35 -35.69 -17.54
C THR B 916 -26.27 -36.35 -18.92
N PHE B 917 -27.05 -35.86 -19.87
CA PHE B 917 -27.04 -36.45 -21.20
C PHE B 917 -25.70 -36.24 -21.91
N ARG B 918 -25.13 -35.05 -21.78
CA ARG B 918 -23.86 -34.77 -22.44
C ARG B 918 -22.66 -35.27 -21.66
N GLY B 919 -22.87 -35.84 -20.47
CA GLY B 919 -21.74 -36.34 -19.72
C GLY B 919 -20.88 -35.27 -19.12
N LEU B 920 -21.36 -34.03 -19.06
CA LEU B 920 -20.62 -32.98 -18.39
C LEU B 920 -20.76 -33.12 -16.88
N THR B 921 -20.10 -32.25 -16.15
CA THR B 921 -20.04 -32.34 -14.70
C THR B 921 -20.53 -31.04 -14.08
N ASN B 922 -20.47 -30.99 -12.75
CA ASN B 922 -20.95 -29.85 -11.97
C ASN B 922 -19.79 -28.87 -11.76
N ASP B 923 -19.42 -28.17 -12.82
CA ASP B 923 -18.29 -27.23 -12.73
C ASP B 923 -18.74 -25.89 -12.23
N VAL B 924 -17.80 -24.96 -12.14
CA VAL B 924 -18.15 -23.61 -11.73
C VAL B 924 -19.07 -23.03 -12.79
N TYR B 925 -18.81 -23.38 -14.05
CA TYR B 925 -19.65 -22.88 -15.14
C TYR B 925 -21.07 -23.40 -14.98
N PHE B 926 -21.22 -24.65 -14.58
CA PHE B 926 -22.55 -25.21 -14.39
C PHE B 926 -23.26 -24.46 -13.28
N GLN B 927 -22.51 -24.12 -12.24
CA GLN B 927 -23.10 -23.37 -11.15
C GLN B 927 -23.61 -22.03 -11.66
N VAL B 928 -22.81 -21.37 -12.50
CA VAL B 928 -23.25 -20.11 -13.08
C VAL B 928 -24.49 -20.34 -13.92
N GLY B 929 -24.50 -21.43 -14.67
CA GLY B 929 -25.66 -21.75 -15.49
C GLY B 929 -26.89 -21.97 -14.64
N LEU B 930 -26.76 -22.76 -13.59
CA LEU B 930 -27.89 -23.00 -12.71
C LEU B 930 -28.51 -21.68 -12.26
N LEU B 931 -27.67 -20.71 -11.88
CA LEU B 931 -28.20 -19.41 -11.52
C LEU B 931 -28.93 -18.76 -12.70
N THR B 932 -28.37 -18.88 -13.90
CA THR B 932 -29.03 -18.32 -15.07
C THR B 932 -30.37 -18.99 -15.30
N THR B 933 -30.46 -20.30 -15.09
CA THR B 933 -31.74 -20.99 -15.27
C THR B 933 -32.74 -20.56 -14.23
N ILE B 934 -32.28 -20.29 -13.01
CA ILE B 934 -33.15 -19.73 -11.98
C ILE B 934 -33.77 -18.47 -12.54
N GLY B 935 -32.91 -17.60 -13.07
CA GLY B 935 -33.39 -16.34 -13.62
C GLY B 935 -34.37 -16.54 -14.76
N LEU B 936 -34.08 -17.47 -15.66
CA LEU B 936 -34.91 -17.65 -16.85
C LEU B 936 -36.28 -18.21 -16.49
N SER B 937 -36.31 -19.22 -15.62
CA SER B 937 -37.59 -19.78 -15.19
C SER B 937 -38.42 -18.73 -14.48
N ALA B 938 -37.77 -17.93 -13.63
CA ALA B 938 -38.49 -16.85 -12.97
C ALA B 938 -39.01 -15.84 -13.98
N LYS B 939 -38.25 -15.59 -15.05
CA LYS B 939 -38.70 -14.66 -16.07
C LYS B 939 -39.97 -15.14 -16.75
N ASN B 940 -40.00 -16.42 -17.12
CA ASN B 940 -41.21 -16.95 -17.75
C ASN B 940 -42.39 -16.89 -16.78
N ALA B 941 -42.16 -17.27 -15.53
CA ALA B 941 -43.22 -17.19 -14.54
C ALA B 941 -43.73 -15.77 -14.41
N ILE B 942 -42.83 -14.78 -14.47
CA ILE B 942 -43.26 -13.38 -14.43
C ILE B 942 -44.13 -13.07 -15.64
N LEU B 943 -43.67 -13.45 -16.82
CA LEU B 943 -44.40 -13.10 -18.04
C LEU B 943 -45.82 -13.61 -18.00
N ILE B 944 -46.06 -14.72 -17.30
CA ILE B 944 -47.45 -15.18 -17.19
C ILE B 944 -48.15 -14.51 -16.02
N VAL B 945 -47.55 -14.58 -14.83
CA VAL B 945 -48.25 -14.19 -13.61
C VAL B 945 -48.57 -12.71 -13.60
N GLU B 946 -47.59 -11.88 -13.97
CA GLU B 946 -47.79 -10.44 -13.89
C GLU B 946 -48.95 -10.00 -14.76
N PHE B 947 -49.07 -10.57 -15.96
CA PHE B 947 -50.21 -10.25 -16.80
C PHE B 947 -51.49 -10.83 -16.22
N ALA B 948 -51.42 -12.03 -15.63
CA ALA B 948 -52.59 -12.60 -14.99
C ALA B 948 -53.04 -11.76 -13.81
N LYS B 949 -52.08 -11.26 -13.03
CA LYS B 949 -52.42 -10.46 -11.86
C LYS B 949 -53.12 -9.17 -12.24
N ASP B 950 -52.66 -8.53 -13.33
CA ASP B 950 -53.24 -7.25 -13.74
C ASP B 950 -54.72 -7.39 -14.07
N LEU B 951 -55.07 -8.45 -14.79
CA LEU B 951 -56.47 -8.64 -15.17
C LEU B 951 -57.36 -8.83 -13.95
N MET B 952 -56.85 -9.52 -12.93
CA MET B 952 -57.65 -9.74 -11.73
C MET B 952 -57.95 -8.44 -11.01
N GLU B 953 -57.06 -7.44 -11.11
CA GLU B 953 -57.25 -6.18 -10.40
C GLU B 953 -57.86 -5.12 -11.28
N LYS B 954 -57.21 -4.80 -12.41
CA LYS B 954 -57.66 -3.69 -13.23
C LYS B 954 -59.00 -3.97 -13.89
N GLU B 955 -59.16 -5.17 -14.45
CA GLU B 955 -60.41 -5.54 -15.10
C GLU B 955 -61.34 -6.33 -14.19
N GLY B 956 -60.88 -6.71 -13.01
CA GLY B 956 -61.73 -7.44 -12.08
C GLY B 956 -62.22 -8.77 -12.61
N LYS B 957 -61.41 -9.47 -13.39
CA LYS B 957 -61.81 -10.75 -13.92
C LYS B 957 -61.64 -11.84 -12.87
N GLY B 958 -62.24 -12.99 -13.14
CA GLY B 958 -62.12 -14.12 -12.23
C GLY B 958 -60.73 -14.72 -12.25
N LEU B 959 -60.47 -15.61 -11.29
CA LEU B 959 -59.16 -16.22 -11.19
C LEU B 959 -58.86 -17.07 -12.43
N ILE B 960 -59.77 -17.96 -12.78
CA ILE B 960 -59.50 -18.87 -13.90
C ILE B 960 -59.52 -18.12 -15.22
N GLU B 961 -60.49 -17.22 -15.39
CA GLU B 961 -60.61 -16.48 -16.63
C GLU B 961 -59.36 -15.64 -16.89
N ALA B 962 -58.88 -14.94 -15.86
CA ALA B 962 -57.69 -14.12 -16.02
C ALA B 962 -56.48 -14.96 -16.37
N THR B 963 -56.33 -16.11 -15.71
CA THR B 963 -55.19 -16.98 -15.99
C THR B 963 -55.24 -17.48 -17.43
N LEU B 964 -56.42 -17.89 -17.89
CA LEU B 964 -56.53 -18.35 -19.27
C LEU B 964 -56.21 -17.24 -20.25
N GLU B 965 -56.71 -16.03 -19.99
CA GLU B 965 -56.41 -14.91 -20.88
C GLU B 965 -54.92 -14.60 -20.91
N ALA B 966 -54.28 -14.62 -19.74
CA ALA B 966 -52.85 -14.33 -19.67
C ALA B 966 -52.05 -15.40 -20.40
N VAL B 967 -52.44 -16.65 -20.24
CA VAL B 967 -51.72 -17.75 -20.89
C VAL B 967 -51.90 -17.67 -22.39
N ARG B 968 -53.08 -17.24 -22.85
CA ARG B 968 -53.30 -17.13 -24.28
C ARG B 968 -52.50 -15.98 -24.87
N MET B 969 -52.55 -14.82 -24.24
CA MET B 969 -51.93 -13.64 -24.85
C MET B 969 -50.41 -13.67 -24.74
N ARG B 970 -49.88 -14.13 -23.61
CA ARG B 970 -48.45 -14.06 -23.38
C ARG B 970 -47.70 -15.30 -23.85
N LEU B 971 -48.35 -16.21 -24.57
CA LEU B 971 -47.67 -17.39 -25.09
C LEU B 971 -46.58 -16.99 -26.06
N ARG B 972 -46.92 -16.17 -27.05
CA ARG B 972 -45.96 -15.83 -28.10
C ARG B 972 -44.73 -15.10 -27.59
N PRO B 973 -44.81 -14.08 -26.73
CA PRO B 973 -43.58 -13.49 -26.20
C PRO B 973 -42.72 -14.48 -25.45
N ILE B 974 -43.34 -15.40 -24.70
CA ILE B 974 -42.57 -16.39 -23.95
C ILE B 974 -41.78 -17.25 -24.91
N LEU B 975 -42.43 -17.77 -25.95
CA LEU B 975 -41.73 -18.59 -26.92
C LEU B 975 -40.65 -17.81 -27.64
N MET B 976 -40.92 -16.55 -27.97
CA MET B 976 -39.92 -15.75 -28.67
C MET B 976 -38.67 -15.60 -27.83
N THR B 977 -38.83 -15.19 -26.58
CA THR B 977 -37.67 -15.01 -25.71
C THR B 977 -36.95 -16.33 -25.46
N SER B 978 -37.72 -17.41 -25.23
CA SER B 978 -37.11 -18.69 -24.95
C SER B 978 -36.27 -19.18 -26.13
N LEU B 979 -36.84 -19.14 -27.33
CA LEU B 979 -36.09 -19.57 -28.50
C LEU B 979 -34.92 -18.66 -28.77
N ALA B 980 -35.08 -17.35 -28.49
CA ALA B 980 -33.96 -16.44 -28.67
C ALA B 980 -32.80 -16.84 -27.79
N PHE B 981 -33.08 -17.17 -26.53
CA PHE B 981 -31.99 -17.59 -25.65
C PHE B 981 -31.43 -18.93 -26.07
N ILE B 982 -32.28 -19.88 -26.46
CA ILE B 982 -31.82 -21.22 -26.80
C ILE B 982 -30.89 -21.17 -28.00
N LEU B 983 -31.28 -20.44 -29.03
CA LEU B 983 -30.39 -20.29 -30.19
C LEU B 983 -29.23 -19.36 -29.89
N GLY B 984 -29.35 -18.53 -28.85
CA GLY B 984 -28.22 -17.71 -28.45
C GLY B 984 -27.08 -18.54 -27.89
N VAL B 985 -27.39 -19.52 -27.03
CA VAL B 985 -26.36 -20.38 -26.46
C VAL B 985 -26.15 -21.63 -27.30
N MET B 986 -26.88 -21.80 -28.39
CA MET B 986 -26.62 -22.93 -29.28
C MET B 986 -25.20 -22.94 -29.81
N PRO B 987 -24.61 -21.82 -30.25
CA PRO B 987 -23.21 -21.90 -30.71
C PRO B 987 -22.24 -22.37 -29.62
N LEU B 988 -22.50 -22.03 -28.36
CA LEU B 988 -21.65 -22.54 -27.29
C LEU B 988 -21.77 -24.07 -27.19
N VAL B 989 -22.99 -24.59 -27.29
CA VAL B 989 -23.20 -26.01 -27.07
C VAL B 989 -22.54 -26.84 -28.17
N ILE B 990 -22.66 -26.40 -29.42
CA ILE B 990 -22.19 -27.21 -30.54
C ILE B 990 -20.77 -26.81 -30.92
N SER B 991 -20.15 -25.96 -30.13
CA SER B 991 -18.78 -25.54 -30.43
C SER B 991 -17.82 -26.70 -30.25
N SER B 992 -16.82 -26.78 -31.13
CA SER B 992 -15.77 -27.77 -31.03
C SER B 992 -14.50 -27.15 -31.62
N GLY B 993 -13.69 -26.57 -30.74
CA GLY B 993 -12.47 -25.89 -31.16
C GLY B 993 -11.52 -25.75 -30.01
N ALA B 994 -10.79 -24.62 -29.98
CA ALA B 994 -9.76 -24.44 -28.97
C ALA B 994 -10.35 -24.36 -27.57
N GLY B 995 -11.33 -23.50 -27.37
CA GLY B 995 -11.90 -23.32 -26.05
C GLY B 995 -13.20 -24.08 -25.87
N SER B 996 -13.38 -25.13 -26.67
CA SER B 996 -14.66 -25.85 -26.66
C SER B 996 -14.96 -26.41 -25.28
N GLY B 997 -13.94 -26.74 -24.51
CA GLY B 997 -14.18 -27.31 -23.20
C GLY B 997 -14.97 -26.38 -22.30
N ALA B 998 -14.59 -25.12 -22.26
CA ALA B 998 -15.29 -24.15 -21.43
C ALA B 998 -16.62 -23.75 -22.06
N GLN B 999 -16.64 -23.58 -23.37
CA GLN B 999 -17.85 -23.13 -24.04
C GLN B 999 -18.98 -24.14 -23.89
N ASN B 1000 -18.67 -25.42 -24.04
CA ASN B 1000 -19.68 -26.45 -23.86
C ASN B 1000 -20.20 -26.45 -22.43
N ALA B 1001 -19.32 -26.28 -21.46
CA ALA B 1001 -19.74 -26.26 -20.07
C ALA B 1001 -20.65 -25.08 -19.79
N VAL B 1002 -20.34 -23.92 -20.34
CA VAL B 1002 -21.16 -22.74 -20.12
C VAL B 1002 -22.51 -22.88 -20.79
N GLY B 1003 -22.53 -23.41 -22.01
CA GLY B 1003 -23.75 -23.41 -22.79
C GLY B 1003 -24.68 -24.57 -22.53
N THR B 1004 -24.12 -25.78 -22.38
CA THR B 1004 -24.96 -26.98 -22.31
C THR B 1004 -25.92 -26.93 -21.14
N GLY B 1005 -25.42 -26.54 -19.97
CA GLY B 1005 -26.26 -26.58 -18.78
C GLY B 1005 -27.44 -25.63 -18.87
N VAL B 1006 -27.19 -24.41 -19.34
CA VAL B 1006 -28.23 -23.39 -19.31
C VAL B 1006 -29.19 -23.57 -20.48
N MET B 1007 -28.77 -24.24 -21.54
CA MET B 1007 -29.64 -24.43 -22.69
C MET B 1007 -30.82 -25.34 -22.36
N GLY B 1008 -30.53 -26.50 -21.77
CA GLY B 1008 -31.61 -27.41 -21.41
C GLY B 1008 -32.50 -26.83 -20.33
N GLY B 1009 -31.90 -26.06 -19.41
CA GLY B 1009 -32.70 -25.36 -18.42
C GLY B 1009 -33.73 -24.46 -19.07
N MET B 1010 -33.35 -23.78 -20.14
CA MET B 1010 -34.31 -22.94 -20.85
C MET B 1010 -35.43 -23.77 -21.48
N VAL B 1011 -35.10 -24.90 -22.08
CA VAL B 1011 -36.13 -25.68 -22.77
C VAL B 1011 -37.13 -26.23 -21.77
N THR B 1012 -36.68 -26.59 -20.57
CA THR B 1012 -37.64 -27.09 -19.59
C THR B 1012 -38.36 -25.95 -18.88
N ALA B 1013 -37.68 -24.84 -18.63
CA ALA B 1013 -38.34 -23.67 -18.07
C ALA B 1013 -39.32 -23.05 -19.05
N THR B 1014 -39.28 -23.46 -20.32
CA THR B 1014 -40.28 -23.08 -21.29
C THR B 1014 -41.39 -24.12 -21.42
N ILE B 1015 -41.03 -25.38 -21.68
CA ILE B 1015 -42.03 -26.41 -21.92
C ILE B 1015 -42.83 -26.69 -20.65
N LEU B 1016 -42.13 -26.89 -19.53
CA LEU B 1016 -42.81 -27.25 -18.30
C LEU B 1016 -43.55 -26.06 -17.71
N ALA B 1017 -42.88 -24.90 -17.67
CA ALA B 1017 -43.47 -23.74 -17.01
C ALA B 1017 -44.69 -23.23 -17.75
N ILE B 1018 -44.69 -23.34 -19.08
CA ILE B 1018 -45.83 -22.85 -19.85
C ILE B 1018 -47.10 -23.60 -19.46
N PHE B 1019 -46.96 -24.77 -18.86
CA PHE B 1019 -48.10 -25.53 -18.35
C PHE B 1019 -48.22 -25.46 -16.84
N PHE B 1020 -47.11 -25.42 -16.11
CA PHE B 1020 -47.19 -25.53 -14.66
C PHE B 1020 -47.43 -24.18 -14.01
N VAL B 1021 -46.96 -23.09 -14.62
CA VAL B 1021 -47.15 -21.77 -14.03
C VAL B 1021 -48.63 -21.44 -13.80
N PRO B 1022 -49.54 -21.71 -14.74
CA PRO B 1022 -50.96 -21.53 -14.41
C PRO B 1022 -51.41 -22.31 -13.19
N VAL B 1023 -50.92 -23.54 -13.04
CA VAL B 1023 -51.28 -24.34 -11.87
C VAL B 1023 -50.80 -23.66 -10.60
N PHE B 1024 -49.53 -23.21 -10.59
CA PHE B 1024 -48.99 -22.59 -9.40
C PHE B 1024 -49.75 -21.31 -9.07
N PHE B 1025 -50.06 -20.51 -10.09
CA PHE B 1025 -50.75 -19.25 -9.85
C PHE B 1025 -52.15 -19.50 -9.32
N VAL B 1026 -52.88 -20.43 -9.92
CA VAL B 1026 -54.26 -20.68 -9.50
C VAL B 1026 -54.29 -21.26 -8.10
N VAL B 1027 -53.43 -22.24 -7.83
CA VAL B 1027 -53.44 -22.91 -6.54
C VAL B 1027 -53.09 -21.93 -5.42
N VAL B 1028 -52.06 -21.11 -5.63
CA VAL B 1028 -51.63 -20.19 -4.59
C VAL B 1028 -52.71 -19.15 -4.31
N ARG B 1029 -53.31 -18.60 -5.36
CA ARG B 1029 -54.31 -17.55 -5.17
C ARG B 1029 -55.52 -18.06 -4.42
N ARG B 1030 -55.91 -19.31 -4.65
CA ARG B 1030 -57.06 -19.86 -3.95
C ARG B 1030 -56.81 -19.90 -2.45
N ARG B 1031 -55.62 -20.28 -2.04
CA ARG B 1031 -55.28 -20.39 -0.62
C ARG B 1031 -54.81 -19.07 -0.03
N PHE B 1032 -54.52 -18.07 -0.85
CA PHE B 1032 -54.05 -16.76 -0.40
C PHE B 1032 -52.85 -16.90 0.53
N SER B 1033 -51.97 -17.82 0.19
CA SER B 1033 -50.82 -18.12 1.04
C SER B 1033 -49.58 -17.33 0.62
N MET C 1 -35.93 21.58 -8.91
CA MET C 1 -36.94 22.39 -9.57
C MET C 1 -36.92 23.80 -9.01
N PRO C 2 -36.74 24.79 -9.88
CA PRO C 2 -36.72 26.19 -9.42
C PRO C 2 -38.01 26.63 -8.75
N ASN C 3 -39.14 26.00 -9.09
CA ASN C 3 -40.40 26.40 -8.49
C ASN C 3 -40.43 26.06 -7.00
N PHE C 4 -39.72 25.00 -6.60
CA PHE C 4 -39.69 24.65 -5.19
C PHE C 4 -38.92 25.67 -4.37
N PHE C 5 -37.82 26.21 -4.90
CA PHE C 5 -37.02 27.16 -4.15
C PHE C 5 -37.48 28.59 -4.35
N ILE C 6 -38.27 28.86 -5.37
CA ILE C 6 -38.68 30.24 -5.63
C ILE C 6 -39.58 30.74 -4.52
N ASP C 7 -40.32 29.85 -3.87
CA ASP C 7 -41.13 30.22 -2.72
C ASP C 7 -40.52 29.78 -1.39
N ARG C 8 -39.31 29.22 -1.41
CA ARG C 8 -38.56 28.89 -0.20
C ARG C 8 -37.17 29.49 -0.33
N PRO C 9 -37.07 30.82 -0.32
CA PRO C 9 -35.77 31.46 -0.59
C PRO C 9 -34.69 31.09 0.40
N ILE C 10 -35.06 30.93 1.68
CA ILE C 10 -34.06 30.69 2.71
C ILE C 10 -33.39 29.33 2.51
N PHE C 11 -34.16 28.35 2.05
CA PHE C 11 -33.57 27.05 1.77
C PHE C 11 -32.47 27.17 0.72
N ALA C 12 -32.72 27.94 -0.33
CA ALA C 12 -31.69 28.17 -1.34
C ALA C 12 -30.49 28.88 -0.71
N TRP C 13 -30.75 29.84 0.16
CA TRP C 13 -29.66 30.55 0.82
C TRP C 13 -28.80 29.60 1.64
N VAL C 14 -29.43 28.73 2.42
CA VAL C 14 -28.64 27.84 3.28
C VAL C 14 -27.92 26.81 2.44
N ILE C 15 -28.49 26.40 1.30
CA ILE C 15 -27.75 25.51 0.41
C ILE C 15 -26.51 26.20 -0.11
N ALA C 16 -26.65 27.46 -0.51
CA ALA C 16 -25.50 28.22 -0.99
C ALA C 16 -24.45 28.36 0.10
N ILE C 17 -24.87 28.66 1.32
CA ILE C 17 -23.92 28.86 2.41
C ILE C 17 -23.25 27.54 2.78
N ILE C 18 -23.98 26.44 2.70
CA ILE C 18 -23.39 25.14 2.96
C ILE C 18 -22.31 24.84 1.92
N ILE C 19 -22.60 25.14 0.65
CA ILE C 19 -21.60 24.92 -0.40
C ILE C 19 -20.38 25.80 -0.16
N MET C 20 -20.61 27.07 0.19
CA MET C 20 -19.50 27.97 0.44
C MET C 20 -18.67 27.50 1.63
N LEU C 21 -19.33 27.04 2.69
CA LEU C 21 -18.62 26.54 3.86
C LEU C 21 -17.80 25.30 3.53
N ALA C 22 -18.38 24.40 2.73
CA ALA C 22 -17.66 23.20 2.32
C ALA C 22 -16.44 23.56 1.49
N GLY C 23 -16.57 24.57 0.63
CA GLY C 23 -15.43 25.03 -0.13
C GLY C 23 -14.36 25.63 0.75
N GLY C 24 -14.78 26.47 1.70
CA GLY C 24 -13.81 27.11 2.57
C GLY C 24 -13.05 26.11 3.41
N LEU C 25 -13.75 25.13 3.98
CA LEU C 25 -13.09 24.11 4.78
C LEU C 25 -12.16 23.26 3.92
N SER C 26 -12.58 22.93 2.70
CA SER C 26 -11.73 22.13 1.83
C SER C 26 -10.45 22.88 1.48
N ILE C 27 -10.55 24.19 1.25
CA ILE C 27 -9.37 24.98 0.92
C ILE C 27 -8.33 24.88 2.02
N LEU C 28 -8.77 24.87 3.28
CA LEU C 28 -7.83 24.72 4.39
C LEU C 28 -7.12 23.39 4.34
N LYS C 29 -7.85 22.31 4.02
CA LYS C 29 -7.27 20.98 4.04
C LYS C 29 -6.66 20.56 2.71
N LEU C 30 -6.85 21.34 1.65
CA LEU C 30 -6.33 20.95 0.35
C LEU C 30 -4.82 21.20 0.28
N PRO C 31 -4.05 20.26 -0.25
CA PRO C 31 -2.64 20.51 -0.48
C PRO C 31 -2.46 21.53 -1.59
N VAL C 32 -1.33 22.24 -1.52
CA VAL C 32 -0.99 23.25 -2.51
C VAL C 32 0.33 22.87 -3.16
N ALA C 33 0.36 22.87 -4.48
CA ALA C 33 1.56 22.55 -5.23
C ALA C 33 1.58 23.41 -6.48
N GLN C 34 2.56 23.17 -7.35
CA GLN C 34 2.65 23.90 -8.60
C GLN C 34 2.01 23.12 -9.74
N TYR C 35 2.41 21.88 -9.92
CA TYR C 35 1.84 20.98 -10.91
C TYR C 35 1.58 19.65 -10.26
N PRO C 36 0.65 18.86 -10.79
CA PRO C 36 0.40 17.54 -10.23
C PRO C 36 1.62 16.64 -10.40
N THR C 37 1.71 15.64 -9.53
CA THR C 37 2.84 14.73 -9.56
C THR C 37 2.80 13.92 -10.85
N ILE C 38 3.65 14.29 -11.80
CA ILE C 38 3.73 13.60 -13.08
C ILE C 38 5.07 12.92 -13.28
N ALA C 39 6.06 13.20 -12.44
CA ALA C 39 7.36 12.60 -12.58
C ALA C 39 7.29 11.09 -12.33
N PRO C 40 8.04 10.30 -13.08
CA PRO C 40 8.14 8.88 -12.77
C PRO C 40 8.95 8.67 -11.52
N PRO C 41 8.48 7.85 -10.59
CA PRO C 41 9.24 7.60 -9.37
C PRO C 41 10.59 6.99 -9.68
N ALA C 42 11.61 7.41 -8.93
CA ALA C 42 12.97 6.94 -9.15
C ALA C 42 13.57 6.55 -7.81
N ILE C 43 14.23 5.41 -7.77
CA ILE C 43 14.93 4.92 -6.58
C ILE C 43 16.41 4.96 -6.85
N SER C 44 17.17 5.55 -5.93
CA SER C 44 18.60 5.69 -6.08
C SER C 44 19.31 4.81 -5.07
N ILE C 45 20.31 4.08 -5.52
CA ILE C 45 21.20 3.32 -4.65
C ILE C 45 22.58 3.94 -4.73
N THR C 46 23.13 4.31 -3.58
CA THR C 46 24.45 4.92 -3.51
C THR C 46 25.35 4.09 -2.61
N ALA C 47 26.58 3.89 -3.05
CA ALA C 47 27.57 3.18 -2.26
C ALA C 47 28.93 3.76 -2.57
N MET C 48 29.70 4.06 -1.53
CA MET C 48 31.00 4.68 -1.69
C MET C 48 32.09 3.69 -1.33
N TYR C 49 33.03 3.50 -2.26
CA TYR C 49 34.20 2.68 -2.04
C TYR C 49 35.38 3.63 -1.88
N PRO C 50 35.90 3.82 -0.68
CA PRO C 50 36.90 4.88 -0.46
C PRO C 50 38.18 4.61 -1.23
N GLY C 51 38.53 5.54 -2.11
CA GLY C 51 39.75 5.47 -2.86
C GLY C 51 39.67 4.73 -4.17
N ALA C 52 38.63 3.93 -4.38
CA ALA C 52 38.52 3.16 -5.60
C ALA C 52 38.33 4.09 -6.80
N ASP C 53 38.98 3.75 -7.90
CA ASP C 53 38.78 4.50 -9.13
C ASP C 53 37.47 4.08 -9.79
N ALA C 54 37.20 4.63 -10.97
CA ALA C 54 35.93 4.34 -11.63
C ALA C 54 35.82 2.86 -12.00
N GLU C 55 36.89 2.28 -12.52
CA GLU C 55 36.84 0.89 -12.96
C GLU C 55 36.57 -0.05 -11.80
N THR C 56 37.29 0.16 -10.69
CA THR C 56 37.09 -0.68 -9.52
C THR C 56 35.67 -0.55 -9.00
N VAL C 57 35.16 0.67 -8.94
CA VAL C 57 33.81 0.90 -8.44
C VAL C 57 32.81 0.12 -9.28
N GLN C 58 32.87 0.26 -10.59
CA GLN C 58 31.98 -0.51 -11.45
C GLN C 58 32.12 -2.00 -11.20
N ASN C 59 33.30 -2.55 -11.46
CA ASN C 59 33.48 -3.99 -11.52
C ASN C 59 33.34 -4.66 -10.16
N THR C 60 33.33 -3.89 -9.06
CA THR C 60 33.16 -4.53 -7.77
C THR C 60 31.85 -4.20 -7.09
N VAL C 61 31.15 -3.13 -7.49
CA VAL C 61 29.93 -2.76 -6.79
C VAL C 61 28.78 -2.69 -7.78
N THR C 62 28.95 -1.93 -8.85
CA THR C 62 27.82 -1.58 -9.68
C THR C 62 27.33 -2.78 -10.47
N GLN C 63 28.25 -3.52 -11.08
CA GLN C 63 27.85 -4.72 -11.81
C GLN C 63 27.25 -5.74 -10.86
N VAL C 64 27.84 -5.92 -9.68
CA VAL C 64 27.34 -6.90 -8.72
C VAL C 64 25.92 -6.56 -8.30
N ILE C 65 25.65 -5.28 -8.04
CA ILE C 65 24.31 -4.88 -7.62
C ILE C 65 23.33 -5.01 -8.78
N GLU C 66 23.71 -4.55 -9.96
CA GLU C 66 22.75 -4.47 -11.05
C GLU C 66 22.47 -5.84 -11.65
N GLN C 67 23.36 -6.81 -11.43
CA GLN C 67 23.05 -8.15 -11.89
C GLN C 67 21.96 -8.80 -11.07
N ASN C 68 21.67 -8.27 -9.88
CA ASN C 68 20.60 -8.77 -9.05
C ASN C 68 19.35 -7.91 -9.10
N MET C 69 19.35 -6.85 -9.89
CA MET C 69 18.19 -5.96 -9.99
C MET C 69 17.26 -6.46 -11.09
N ASN C 70 16.58 -7.55 -10.79
CA ASN C 70 15.60 -8.12 -11.69
C ASN C 70 14.42 -8.63 -10.89
N GLY C 71 13.26 -8.68 -11.51
CA GLY C 71 12.04 -9.08 -10.86
C GLY C 71 11.27 -7.94 -10.24
N ILE C 72 11.84 -6.73 -10.23
CA ILE C 72 11.12 -5.58 -9.72
C ILE C 72 10.03 -5.19 -10.71
N ASP C 73 8.91 -4.72 -10.17
CA ASP C 73 7.75 -4.41 -10.98
C ASP C 73 7.79 -2.99 -11.49
N HIS C 74 7.20 -2.78 -12.67
CA HIS C 74 7.01 -1.45 -13.24
C HIS C 74 8.32 -0.69 -13.37
N LEU C 75 9.37 -1.40 -13.76
CA LEU C 75 10.70 -0.80 -13.90
C LEU C 75 10.84 -0.29 -15.32
N MET C 76 10.84 1.03 -15.48
CA MET C 76 11.03 1.62 -16.81
C MET C 76 12.43 1.31 -17.34
N TYR C 77 13.45 1.85 -16.68
CA TYR C 77 14.82 1.65 -17.11
C TYR C 77 15.74 1.89 -15.92
N MET C 78 16.97 1.38 -16.05
CA MET C 78 17.95 1.44 -14.98
C MET C 78 19.25 2.00 -15.52
N SER C 79 19.77 3.02 -14.86
CA SER C 79 21.06 3.59 -15.22
C SER C 79 21.94 3.68 -13.98
N SER C 80 23.24 3.56 -14.18
CA SER C 80 24.18 3.56 -13.07
C SER C 80 25.52 4.09 -13.55
N ASN C 81 26.25 4.73 -12.65
CA ASN C 81 27.55 5.29 -12.98
C ASN C 81 28.45 5.26 -11.77
N GLY C 82 29.75 5.08 -12.00
CA GLY C 82 30.73 5.10 -10.94
C GLY C 82 31.91 5.98 -11.31
N ASP C 83 32.25 6.92 -10.45
CA ASP C 83 33.28 7.91 -10.74
C ASP C 83 34.53 7.66 -9.93
N SER C 84 35.53 8.51 -10.16
CA SER C 84 36.84 8.29 -9.55
C SER C 84 36.83 8.54 -8.06
N THR C 85 35.86 9.31 -7.56
CA THR C 85 35.77 9.56 -6.13
C THR C 85 35.36 8.32 -5.36
N GLY C 86 34.95 7.26 -6.06
CA GLY C 86 34.65 6.01 -5.40
C GLY C 86 33.19 5.76 -5.14
N THR C 87 32.29 6.58 -5.67
CA THR C 87 30.87 6.46 -5.38
C THR C 87 30.16 5.82 -6.56
N ALA C 88 29.33 4.82 -6.28
CA ALA C 88 28.51 4.17 -7.28
C ALA C 88 27.06 4.58 -7.09
N THR C 89 26.39 4.92 -8.17
CA THR C 89 25.02 5.44 -8.12
C THR C 89 24.17 4.70 -9.13
N ILE C 90 23.32 3.80 -8.65
CA ILE C 90 22.38 3.07 -9.49
C ILE C 90 21.02 3.72 -9.31
N THR C 91 20.42 4.14 -10.41
CA THR C 91 19.10 4.77 -10.39
C THR C 91 18.12 3.93 -11.18
N LEU C 92 17.00 3.59 -10.55
CA LEU C 92 15.95 2.79 -11.18
C LEU C 92 14.69 3.63 -11.29
N THR C 93 14.30 3.95 -12.52
CA THR C 93 13.12 4.75 -12.77
C THR C 93 11.92 3.83 -12.99
N PHE C 94 10.80 4.16 -12.36
CA PHE C 94 9.60 3.35 -12.44
C PHE C 94 8.52 4.08 -13.21
N GLU C 95 7.51 3.34 -13.62
CA GLU C 95 6.40 3.93 -14.37
C GLU C 95 5.60 4.86 -13.47
N SER C 96 4.99 5.87 -14.09
CA SER C 96 4.17 6.80 -13.33
C SER C 96 3.03 6.07 -12.66
N GLY C 97 2.75 6.43 -11.42
CA GLY C 97 1.72 5.81 -10.63
C GLY C 97 2.20 4.65 -9.77
N THR C 98 3.44 4.22 -9.96
CA THR C 98 4.01 3.18 -9.12
C THR C 98 4.14 3.69 -7.70
N ASP C 99 3.78 2.86 -6.73
CA ASP C 99 3.89 3.27 -5.35
C ASP C 99 5.37 3.35 -4.98
N PRO C 100 5.88 4.52 -4.61
CA PRO C 100 7.32 4.61 -4.28
C PRO C 100 7.74 3.73 -3.13
N ASP C 101 6.88 3.54 -2.12
CA ASP C 101 7.25 2.73 -0.97
C ASP C 101 7.46 1.28 -1.37
N ILE C 102 6.54 0.73 -2.16
CA ILE C 102 6.65 -0.66 -2.57
C ILE C 102 7.85 -0.84 -3.50
N ALA C 103 8.08 0.12 -4.38
CA ALA C 103 9.24 0.05 -5.25
C ALA C 103 10.53 0.05 -4.45
N GLN C 104 10.60 0.91 -3.43
CA GLN C 104 11.77 0.94 -2.57
C GLN C 104 11.93 -0.38 -1.82
N VAL C 105 10.82 -0.96 -1.38
CA VAL C 105 10.89 -2.23 -0.66
C VAL C 105 11.47 -3.31 -1.56
N GLN C 106 10.98 -3.39 -2.79
CA GLN C 106 11.46 -4.44 -3.71
C GLN C 106 12.93 -4.23 -4.06
N VAL C 107 13.30 -2.99 -4.35
CA VAL C 107 14.69 -2.69 -4.67
C VAL C 107 15.59 -3.04 -3.48
N GLN C 108 15.13 -2.71 -2.28
CA GLN C 108 15.89 -3.02 -1.08
C GLN C 108 16.04 -4.52 -0.89
N ASN C 109 15.01 -5.28 -1.24
CA ASN C 109 15.09 -6.73 -1.13
C ASN C 109 16.16 -7.29 -2.06
N LYS C 110 16.16 -6.83 -3.32
CA LYS C 110 17.18 -7.28 -4.24
C LYS C 110 18.58 -6.86 -3.78
N LEU C 111 18.70 -5.63 -3.29
CA LEU C 111 19.98 -5.16 -2.81
C LEU C 111 20.45 -5.94 -1.60
N ALA C 112 19.53 -6.37 -0.74
CA ALA C 112 19.90 -7.20 0.40
C ALA C 112 20.42 -8.54 -0.07
N LEU C 113 19.83 -9.07 -1.14
CA LEU C 113 20.39 -10.30 -1.72
C LEU C 113 21.80 -10.06 -2.25
N ALA C 114 22.04 -8.93 -2.89
CA ALA C 114 23.33 -8.68 -3.53
C ALA C 114 24.40 -8.12 -2.60
N THR C 115 24.03 -7.70 -1.40
CA THR C 115 24.98 -7.01 -0.52
C THR C 115 26.16 -7.87 -0.08
N PRO C 116 26.00 -9.10 0.40
CA PRO C 116 27.16 -9.81 0.96
C PRO C 116 28.28 -10.03 -0.03
N LEU C 117 28.00 -9.93 -1.32
CA LEU C 117 29.06 -10.06 -2.33
C LEU C 117 29.91 -8.80 -2.45
N LEU C 118 29.50 -7.70 -1.86
CA LEU C 118 30.22 -6.45 -2.00
C LEU C 118 31.44 -6.42 -1.09
N PRO C 119 32.41 -5.55 -1.40
CA PRO C 119 33.58 -5.43 -0.53
C PRO C 119 33.20 -4.94 0.85
N GLN C 120 34.00 -5.32 1.84
CA GLN C 120 33.70 -4.96 3.22
C GLN C 120 33.71 -3.44 3.41
N GLU C 121 34.64 -2.75 2.75
CA GLU C 121 34.73 -1.31 2.90
C GLU C 121 33.45 -0.63 2.43
N VAL C 122 32.90 -1.09 1.32
CA VAL C 122 31.66 -0.51 0.80
C VAL C 122 30.54 -0.68 1.81
N GLN C 123 30.43 -1.87 2.39
CA GLN C 123 29.38 -2.10 3.38
C GLN C 123 29.58 -1.23 4.60
N GLN C 124 30.81 -1.10 5.08
CA GLN C 124 31.06 -0.30 6.26
C GLN C 124 30.73 1.16 6.03
N GLN C 125 31.02 1.67 4.83
CA GLN C 125 30.69 3.06 4.52
C GLN C 125 29.19 3.29 4.61
N GLY C 126 28.38 2.27 4.32
CA GLY C 126 26.95 2.40 4.43
C GLY C 126 26.25 2.64 3.11
N ILE C 127 25.61 1.61 2.59
CA ILE C 127 24.82 1.76 1.36
C ILE C 127 23.49 2.42 1.68
N SER C 128 23.08 3.37 0.85
CA SER C 128 21.87 4.12 1.10
C SER C 128 20.91 3.98 -0.07
N VAL C 129 19.63 3.82 0.23
CA VAL C 129 18.57 3.75 -0.76
C VAL C 129 17.59 4.87 -0.48
N GLU C 130 17.33 5.71 -1.48
CA GLU C 130 16.55 6.91 -1.29
C GLU C 130 15.51 7.05 -2.40
N LYS C 131 14.27 7.29 -2.03
CA LYS C 131 13.20 7.52 -2.99
C LYS C 131 12.97 9.02 -3.15
N ALA C 132 14.02 9.70 -3.59
CA ALA C 132 14.02 11.15 -3.68
C ALA C 132 13.98 11.59 -5.14
N SER C 133 13.73 12.88 -5.33
CA SER C 133 13.72 13.47 -6.66
C SER C 133 15.15 13.68 -7.13
N SER C 134 15.28 14.41 -8.24
CA SER C 134 16.60 14.74 -8.77
C SER C 134 17.01 16.16 -8.42
N SER C 135 16.12 17.13 -8.59
CA SER C 135 16.44 18.52 -8.32
C SER C 135 16.33 18.81 -6.84
N PHE C 136 17.09 19.81 -6.40
CA PHE C 136 17.06 20.23 -5.00
C PHE C 136 15.78 21.00 -4.73
N LEU C 137 15.02 20.55 -3.72
CA LEU C 137 13.87 21.33 -3.28
C LEU C 137 14.29 22.68 -2.75
N MET C 138 15.33 22.71 -1.92
CA MET C 138 15.82 23.95 -1.36
C MET C 138 17.23 23.73 -0.85
N VAL C 139 17.96 24.83 -0.70
CA VAL C 139 19.30 24.81 -0.13
C VAL C 139 19.30 25.71 1.08
N VAL C 140 19.74 25.19 2.22
CA VAL C 140 19.78 25.94 3.46
C VAL C 140 21.24 26.21 3.78
N GLY C 141 21.75 27.35 3.34
CA GLY C 141 23.12 27.73 3.62
C GLY C 141 23.27 28.24 5.02
N VAL C 142 24.48 28.12 5.56
CA VAL C 142 24.79 28.57 6.90
C VAL C 142 26.03 29.45 6.85
N ILE C 143 25.95 30.62 7.48
CA ILE C 143 26.98 31.64 7.40
C ILE C 143 27.34 32.08 8.81
N ASN C 144 28.62 32.25 9.07
CA ASN C 144 29.08 32.84 10.32
C ASN C 144 29.39 34.31 10.07
N THR C 145 28.57 35.19 10.64
CA THR C 145 28.71 36.61 10.36
C THR C 145 30.00 37.18 10.94
N ASN C 146 30.43 36.67 12.09
CA ASN C 146 31.67 37.15 12.70
C ASN C 146 32.86 36.88 11.78
N GLY C 147 32.79 35.82 10.99
CA GLY C 147 33.92 35.42 10.18
C GLY C 147 34.98 34.65 10.92
N THR C 148 34.77 34.35 12.20
CA THR C 148 35.76 33.63 12.97
C THR C 148 35.87 32.18 12.55
N MET C 149 34.73 31.52 12.31
CA MET C 149 34.76 30.11 11.97
C MET C 149 35.13 29.90 10.51
N ASN C 150 35.41 28.66 10.16
CA ASN C 150 35.85 28.26 8.84
C ASN C 150 34.82 27.31 8.23
N GLN C 151 35.08 26.92 6.98
CA GLN C 151 34.15 26.02 6.30
C GLN C 151 34.02 24.69 7.02
N ASP C 152 35.13 24.13 7.49
CA ASP C 152 35.07 22.85 8.18
C ASP C 152 34.30 22.98 9.50
N ASP C 153 34.49 24.09 10.21
CA ASP C 153 33.77 24.28 11.47
C ASP C 153 32.27 24.39 11.23
N ILE C 154 31.87 25.20 10.26
CA ILE C 154 30.46 25.35 9.94
C ILE C 154 29.88 24.03 9.48
N SER C 155 30.62 23.32 8.62
CA SER C 155 30.13 22.04 8.13
C SER C 155 29.97 21.04 9.26
N ASP C 156 30.91 21.01 10.19
CA ASP C 156 30.78 20.11 11.32
C ASP C 156 29.57 20.47 12.17
N TYR C 157 29.33 21.77 12.39
CA TYR C 157 28.17 22.15 13.18
C TYR C 157 26.88 21.72 12.47
N VAL C 158 26.81 21.93 11.17
CA VAL C 158 25.60 21.59 10.42
C VAL C 158 25.38 20.09 10.44
N ALA C 159 26.45 19.31 10.27
CA ALA C 159 26.32 17.86 10.29
C ALA C 159 25.91 17.35 11.67
N ALA C 160 26.49 17.92 12.72
CA ALA C 160 26.27 17.40 14.06
C ALA C 160 24.98 17.88 14.68
N ASN C 161 24.42 19.00 14.22
CA ASN C 161 23.26 19.56 14.88
C ASN C 161 22.07 19.81 13.98
N MET C 162 22.27 19.90 12.67
CA MET C 162 21.17 20.26 11.78
C MET C 162 20.85 19.19 10.75
N LYS C 163 21.84 18.40 10.32
CA LYS C 163 21.59 17.48 9.21
C LYS C 163 20.61 16.38 9.60
N ASP C 164 20.81 15.78 10.77
CA ASP C 164 19.96 14.67 11.18
C ASP C 164 18.49 15.04 11.39
N PRO C 165 18.15 16.08 12.16
CA PRO C 165 16.73 16.40 12.31
C PRO C 165 16.05 16.75 11.01
N ILE C 166 16.77 17.40 10.09
CA ILE C 166 16.21 17.69 8.77
C ILE C 166 16.02 16.39 8.00
N SER C 167 16.97 15.46 8.13
CA SER C 167 16.86 14.19 7.43
C SER C 167 15.64 13.40 7.89
N ARG C 168 15.38 13.39 9.19
CA ARG C 168 14.26 12.61 9.69
C ARG C 168 12.91 13.28 9.43
N THR C 169 12.91 14.55 9.01
CA THR C 169 11.65 15.24 8.75
C THR C 169 10.89 14.55 7.62
N SER C 170 9.58 14.41 7.81
CA SER C 170 8.77 13.75 6.80
C SER C 170 8.79 14.52 5.49
N GLY C 171 8.88 13.79 4.39
CA GLY C 171 8.88 14.38 3.07
C GLY C 171 10.25 14.68 2.51
N VAL C 172 11.29 14.70 3.35
CA VAL C 172 12.64 15.00 2.89
C VAL C 172 13.25 13.71 2.38
N GLY C 173 13.33 13.57 1.05
CA GLY C 173 13.85 12.34 0.47
C GLY C 173 15.33 12.14 0.75
N ASP C 174 16.12 13.20 0.62
CA ASP C 174 17.56 13.07 0.75
C ASP C 174 18.17 14.41 1.10
N VAL C 175 19.16 14.40 1.96
CA VAL C 175 19.92 15.59 2.34
C VAL C 175 21.37 15.35 1.99
N GLN C 176 21.94 16.26 1.21
CA GLN C 176 23.37 16.25 0.92
C GLN C 176 24.00 17.45 1.61
N LEU C 177 25.05 17.19 2.37
CA LEU C 177 25.74 18.26 3.09
C LEU C 177 26.84 18.84 2.21
N PHE C 178 26.81 20.15 2.03
CA PHE C 178 27.84 20.84 1.26
C PHE C 178 29.06 21.11 2.14
N GLY C 179 29.70 20.02 2.53
CA GLY C 179 30.80 20.08 3.48
C GLY C 179 31.10 18.69 3.99
N SER C 180 31.67 18.62 5.18
CA SER C 180 31.97 17.34 5.78
C SER C 180 32.03 17.47 7.29
N GLN C 181 31.44 16.51 7.98
CA GLN C 181 31.50 16.44 9.43
C GLN C 181 32.96 16.29 9.86
N TYR C 182 33.23 16.70 11.09
CA TYR C 182 34.57 16.52 11.63
C TYR C 182 34.92 15.04 11.72
N ALA C 183 36.20 14.75 11.51
CA ALA C 183 36.71 13.41 11.71
C ALA C 183 38.10 13.52 12.30
N MET C 184 38.52 12.50 13.03
CA MET C 184 39.88 12.47 13.54
C MET C 184 40.81 12.10 12.39
N ARG C 185 41.56 13.07 11.90
CA ARG C 185 42.47 12.86 10.78
C ARG C 185 43.87 12.58 11.32
N ILE C 186 44.48 11.52 10.85
CA ILE C 186 45.86 11.19 11.16
C ILE C 186 46.65 11.30 9.85
N TRP C 187 47.43 12.36 9.72
CA TRP C 187 48.22 12.58 8.51
C TRP C 187 49.59 11.95 8.70
N MET C 188 49.75 10.73 8.20
CA MET C 188 50.99 10.00 8.40
C MET C 188 52.13 10.63 7.61
N ASP C 189 53.34 10.51 8.16
CA ASP C 189 54.55 10.99 7.53
C ASP C 189 55.41 9.82 7.14
N PRO C 190 55.61 9.53 5.86
CA PRO C 190 56.37 8.33 5.49
C PRO C 190 57.80 8.33 6.00
N ASN C 191 58.45 9.49 6.07
CA ASN C 191 59.82 9.54 6.54
C ASN C 191 59.91 9.13 8.00
N LYS C 192 59.03 9.70 8.83
CA LYS C 192 59.02 9.33 10.24
C LYS C 192 58.66 7.87 10.43
N LEU C 193 57.70 7.38 9.65
CA LEU C 193 57.34 5.97 9.74
C LEU C 193 58.53 5.08 9.39
N ASN C 194 59.29 5.47 8.36
CA ASN C 194 60.46 4.68 7.98
C ASN C 194 61.53 4.73 9.06
N ASN C 195 61.67 5.85 9.75
CA ASN C 195 62.67 5.95 10.79
C ASN C 195 62.43 4.94 11.90
N PHE C 196 61.18 4.75 12.29
CA PHE C 196 60.83 3.89 13.39
C PHE C 196 60.41 2.50 12.95
N GLN C 197 60.63 2.14 11.70
CA GLN C 197 60.27 0.82 11.18
C GLN C 197 58.79 0.53 11.38
N LEU C 198 57.96 1.47 10.93
CA LEU C 198 56.52 1.36 11.04
C LEU C 198 55.85 1.57 9.69
N THR C 199 54.77 0.86 9.45
CA THR C 199 53.92 0.98 8.29
C THR C 199 52.53 1.43 8.70
N PRO C 200 51.70 1.87 7.76
CA PRO C 200 50.32 2.22 8.12
C PRO C 200 49.55 1.06 8.72
N VAL C 201 49.95 -0.18 8.43
CA VAL C 201 49.28 -1.33 9.04
C VAL C 201 49.44 -1.29 10.56
N ASP C 202 50.63 -0.94 11.03
CA ASP C 202 50.86 -0.83 12.47
C ASP C 202 50.01 0.27 13.06
N VAL C 203 49.88 1.40 12.35
CA VAL C 203 49.03 2.48 12.83
C VAL C 203 47.59 2.02 12.94
N ILE C 204 47.11 1.27 11.94
CA ILE C 204 45.74 0.77 11.97
C ILE C 204 45.54 -0.17 13.15
N SER C 205 46.48 -1.08 13.36
CA SER C 205 46.36 -2.01 14.49
C SER C 205 46.36 -1.27 15.81
N ALA C 206 47.24 -0.27 15.95
CA ALA C 206 47.28 0.50 17.18
C ALA C 206 45.98 1.26 17.41
N LEU C 207 45.42 1.85 16.34
CA LEU C 207 44.16 2.58 16.50
C LEU C 207 43.04 1.64 16.89
N LYS C 208 42.98 0.45 16.29
CA LYS C 208 41.97 -0.51 16.68
C LYS C 208 42.14 -0.93 18.14
N ALA C 209 43.39 -1.16 18.57
CA ALA C 209 43.62 -1.69 19.90
C ALA C 209 43.35 -0.64 20.97
N GLN C 210 43.88 0.57 20.79
CA GLN C 210 43.88 1.56 21.86
C GLN C 210 42.74 2.56 21.77
N ASN C 211 41.99 2.58 20.68
CA ASN C 211 40.78 3.38 20.56
C ASN C 211 39.63 2.41 20.35
N ALA C 212 39.09 1.88 21.45
CA ALA C 212 38.05 0.89 21.38
C ALA C 212 37.10 1.06 22.55
N GLN C 213 35.86 0.68 22.34
CA GLN C 213 34.84 0.69 23.39
C GLN C 213 34.67 -0.74 23.85
N VAL C 214 35.29 -1.07 24.97
CA VAL C 214 35.35 -2.44 25.45
C VAL C 214 34.17 -2.72 26.37
N ALA C 215 33.45 -3.80 26.08
CA ALA C 215 32.35 -4.25 26.92
C ALA C 215 32.88 -5.28 27.90
N ALA C 216 33.09 -4.85 29.15
CA ALA C 216 33.77 -5.67 30.13
C ALA C 216 32.81 -6.37 31.10
N GLY C 217 31.52 -6.35 30.81
CA GLY C 217 30.63 -7.11 31.67
C GLY C 217 30.28 -6.39 32.96
N GLN C 218 29.98 -7.17 33.99
CA GLN C 218 29.53 -6.64 35.25
C GLN C 218 30.25 -7.31 36.39
N LEU C 219 30.30 -6.62 37.51
CA LEU C 219 30.92 -7.11 38.74
C LEU C 219 29.82 -7.61 39.66
N GLY C 220 29.76 -8.91 39.89
CA GLY C 220 28.66 -9.50 40.61
C GLY C 220 27.44 -9.77 39.76
N GLY C 221 27.60 -9.83 38.44
CA GLY C 221 26.45 -10.00 37.57
C GLY C 221 25.91 -11.41 37.56
N THR C 222 24.75 -11.54 36.94
CA THR C 222 24.04 -12.81 36.93
C THR C 222 24.74 -13.81 36.02
N PRO C 223 24.79 -15.09 36.42
CA PRO C 223 24.30 -15.67 37.68
C PRO C 223 25.26 -15.38 38.82
N PRO C 224 24.78 -14.86 39.93
CA PRO C 224 25.68 -14.57 41.04
C PRO C 224 25.83 -15.76 41.96
N VAL C 225 26.83 -15.74 42.84
CA VAL C 225 26.91 -16.74 43.87
C VAL C 225 25.83 -16.49 44.91
N LYS C 226 25.49 -17.52 45.67
CA LYS C 226 24.49 -17.40 46.71
C LYS C 226 24.99 -16.46 47.80
N GLY C 227 24.43 -15.25 47.87
CA GLY C 227 24.79 -14.29 48.88
C GLY C 227 25.46 -13.03 48.39
N GLN C 228 25.45 -12.77 47.08
CA GLN C 228 26.11 -11.59 46.56
C GLN C 228 25.40 -10.33 47.01
N GLN C 229 26.18 -9.31 47.38
CA GLN C 229 25.63 -8.07 47.90
C GLN C 229 25.90 -6.85 47.03
N LEU C 230 26.84 -6.92 46.10
CA LEU C 230 27.21 -5.77 45.29
C LEU C 230 27.13 -6.13 43.83
N ASN C 231 26.53 -5.25 43.04
CA ASN C 231 26.47 -5.42 41.58
C ASN C 231 26.83 -4.10 40.93
N ALA C 232 27.93 -4.09 40.17
CA ALA C 232 28.38 -2.87 39.51
C ALA C 232 28.86 -3.22 38.11
N SER C 233 28.79 -2.24 37.22
CA SER C 233 29.30 -2.40 35.86
C SER C 233 30.81 -2.21 35.87
N ILE C 234 31.51 -3.04 35.11
CA ILE C 234 32.95 -2.87 34.94
C ILE C 234 33.17 -2.03 33.69
N ILE C 235 33.83 -0.90 33.86
CA ILE C 235 34.18 -0.03 32.74
C ILE C 235 35.61 -0.32 32.33
N ALA C 236 35.84 -0.38 31.02
CA ALA C 236 37.14 -0.64 30.44
C ALA C 236 37.45 0.47 29.46
N GLN C 237 38.47 0.28 28.61
CA GLN C 237 38.78 1.26 27.58
C GLN C 237 37.53 1.81 26.92
N THR C 238 37.53 3.12 26.69
CA THR C 238 36.48 3.82 25.97
C THR C 238 37.09 4.45 24.73
N ARG C 239 36.22 4.92 23.84
CA ARG C 239 36.70 5.54 22.61
C ARG C 239 37.34 6.88 22.93
N LEU C 240 38.52 7.13 22.37
CA LEU C 240 39.22 8.37 22.62
C LEU C 240 38.41 9.53 22.04
N THR C 241 38.60 10.72 22.61
CA THR C 241 37.71 11.82 22.31
C THR C 241 38.38 13.10 21.85
N ASN C 242 39.66 13.30 22.11
CA ASN C 242 40.34 14.52 21.68
C ASN C 242 41.68 14.17 21.04
N THR C 243 42.26 15.14 20.36
CA THR C 243 43.46 14.90 19.56
C THR C 243 44.63 14.49 20.45
N GLU C 244 44.72 15.07 21.64
CA GLU C 244 45.83 14.73 22.52
C GLU C 244 45.81 13.25 22.88
N GLU C 245 44.63 12.71 23.14
CA GLU C 245 44.52 11.29 23.43
C GLU C 245 44.95 10.46 22.24
N PHE C 246 44.51 10.84 21.03
CA PHE C 246 44.94 10.11 19.85
C PHE C 246 46.42 10.25 19.60
N GLY C 247 46.98 11.43 19.84
CA GLY C 247 48.40 11.62 19.65
C GLY C 247 49.22 10.82 20.64
N ASN C 248 48.63 10.45 21.77
CA ASN C 248 49.34 9.73 22.81
C ASN C 248 49.30 8.23 22.63
N ILE C 249 48.69 7.73 21.57
CA ILE C 249 48.58 6.30 21.32
C ILE C 249 49.99 5.73 21.18
N LEU C 250 50.28 4.68 21.94
CA LEU C 250 51.62 4.09 21.98
C LEU C 250 51.76 3.10 20.84
N LEU C 251 52.53 3.48 19.81
CA LEU C 251 52.73 2.59 18.68
C LEU C 251 53.69 1.46 19.03
N LYS C 252 54.90 1.81 19.46
CA LYS C 252 55.86 0.79 19.87
C LYS C 252 56.90 1.45 20.76
N VAL C 253 57.64 0.62 21.48
CA VAL C 253 58.73 1.06 22.34
C VAL C 253 60.02 0.42 21.84
N ASN C 254 61.05 1.24 21.66
CA ASN C 254 62.27 0.79 20.99
C ASN C 254 63.06 -0.12 21.91
N GLN C 255 64.29 -0.45 21.51
CA GLN C 255 65.14 -1.30 22.33
C GLN C 255 65.44 -0.66 23.67
N ASP C 256 65.67 0.64 23.68
CA ASP C 256 65.82 1.39 24.91
C ASP C 256 64.45 1.82 25.41
N GLY C 257 64.44 2.69 26.42
CA GLY C 257 63.19 3.10 27.02
C GLY C 257 62.35 4.02 26.17
N SER C 258 62.87 4.48 25.03
CA SER C 258 62.16 5.42 24.19
C SER C 258 60.85 4.83 23.71
N GLN C 259 59.79 5.64 23.78
CA GLN C 259 58.46 5.24 23.38
C GLN C 259 58.04 6.04 22.15
N VAL C 260 57.48 5.35 21.16
CA VAL C 260 57.06 5.98 19.92
C VAL C 260 55.55 6.20 19.99
N ARG C 261 55.15 7.44 20.25
CA ARG C 261 53.74 7.78 20.26
C ARG C 261 53.27 8.09 18.84
N LEU C 262 51.95 8.16 18.68
CA LEU C 262 51.41 8.49 17.37
C LEU C 262 51.73 9.93 16.98
N ARG C 263 52.04 10.78 17.97
CA ARG C 263 52.51 12.12 17.64
C ARG C 263 53.79 12.06 16.83
N ASP C 264 54.67 11.11 17.15
CA ASP C 264 56.01 11.13 16.58
C ASP C 264 56.02 10.74 15.11
N VAL C 265 54.93 10.18 14.59
CA VAL C 265 54.90 9.69 13.23
C VAL C 265 53.80 10.31 12.40
N ALA C 266 53.03 11.24 12.93
CA ALA C 266 51.91 11.76 12.18
C ALA C 266 51.50 13.12 12.74
N LYS C 267 50.57 13.75 12.05
CA LYS C 267 49.96 14.99 12.49
C LYS C 267 48.50 14.71 12.79
N ILE C 268 48.12 14.78 14.05
CA ILE C 268 46.76 14.50 14.47
C ILE C 268 46.01 15.81 14.57
N GLU C 269 44.90 15.91 13.84
CA GLU C 269 44.07 17.11 13.90
C GLU C 269 42.64 16.74 13.59
N LEU C 270 41.73 17.58 14.05
CA LEU C 270 40.30 17.36 13.85
C LEU C 270 39.90 18.03 12.55
N GLY C 271 39.73 17.24 11.49
CA GLY C 271 39.41 17.77 10.19
C GLY C 271 38.20 17.07 9.60
N GLY C 272 37.80 17.53 8.42
CA GLY C 272 36.62 16.98 7.77
C GLY C 272 36.86 15.55 7.30
N GLU C 273 35.77 14.81 7.17
CA GLU C 273 35.85 13.47 6.62
C GLU C 273 36.34 13.50 5.18
N SER C 274 35.80 14.42 4.39
CA SER C 274 36.18 14.55 2.99
C SER C 274 36.32 16.03 2.66
N TYR C 275 37.42 16.39 2.03
CA TYR C 275 37.68 17.76 1.64
C TYR C 275 37.24 18.06 0.22
N ASP C 276 36.47 17.16 -0.40
CA ASP C 276 36.11 17.33 -1.80
C ASP C 276 35.21 18.53 -2.00
N VAL C 277 34.24 18.75 -1.12
CA VAL C 277 33.21 19.74 -1.34
C VAL C 277 33.48 20.96 -0.49
N VAL C 278 33.47 22.13 -1.12
CA VAL C 278 33.69 23.41 -0.46
C VAL C 278 32.61 24.38 -0.91
N ALA C 279 31.97 25.04 0.05
CA ALA C 279 30.84 25.93 -0.23
C ALA C 279 31.22 27.37 0.09
N LYS C 280 30.79 28.30 -0.76
CA LYS C 280 30.97 29.72 -0.53
C LYS C 280 29.64 30.42 -0.75
N PHE C 281 29.30 31.35 0.13
CA PHE C 281 28.11 32.17 -0.02
C PHE C 281 28.53 33.62 -0.16
N ASN C 282 28.38 34.17 -1.36
CA ASN C 282 28.81 35.53 -1.68
C ASN C 282 30.31 35.70 -1.38
N GLY C 283 31.07 34.64 -1.62
CA GLY C 283 32.49 34.69 -1.37
C GLY C 283 32.90 34.49 0.07
N GLN C 284 31.96 34.20 0.95
CA GLN C 284 32.31 33.91 2.33
C GLN C 284 32.27 32.42 2.57
N PRO C 285 33.10 31.90 3.47
CA PRO C 285 33.02 30.49 3.82
C PRO C 285 31.64 30.17 4.36
N ALA C 286 31.11 29.01 3.99
CA ALA C 286 29.76 28.64 4.38
C ALA C 286 29.60 27.14 4.24
N SER C 287 28.44 26.65 4.68
CA SER C 287 28.05 25.27 4.52
C SER C 287 26.54 25.22 4.42
N GLY C 288 26.03 24.10 3.93
CA GLY C 288 24.59 24.02 3.77
C GLY C 288 24.12 22.60 3.56
N LEU C 289 22.80 22.48 3.46
CA LEU C 289 22.14 21.20 3.19
C LEU C 289 21.34 21.33 1.92
N GLY C 290 21.52 20.39 1.00
CA GLY C 290 20.69 20.37 -0.19
C GLY C 290 19.57 19.36 -0.05
N ILE C 291 18.37 19.85 0.26
CA ILE C 291 17.24 18.97 0.52
C ILE C 291 16.61 18.57 -0.81
N LYS C 292 16.41 17.28 -1.00
CA LYS C 292 15.69 16.76 -2.15
C LYS C 292 14.36 16.18 -1.68
N LEU C 293 13.27 16.65 -2.28
CA LEU C 293 11.95 16.20 -1.89
C LEU C 293 11.76 14.72 -2.23
N ALA C 294 11.16 13.98 -1.30
CA ALA C 294 10.84 12.59 -1.57
C ALA C 294 9.74 12.51 -2.63
N THR C 295 9.80 11.47 -3.44
CA THR C 295 8.79 11.27 -4.46
C THR C 295 7.42 11.14 -3.82
N GLY C 296 6.42 11.74 -4.44
CA GLY C 296 5.09 11.72 -3.91
C GLY C 296 4.96 12.45 -2.59
N ALA C 297 5.51 13.65 -2.51
CA ALA C 297 5.40 14.45 -1.31
C ALA C 297 5.15 15.89 -1.72
N ASN C 298 4.52 16.65 -0.83
CA ASN C 298 4.18 18.04 -1.12
C ASN C 298 5.37 18.92 -0.83
N ALA C 299 5.76 19.74 -1.82
CA ALA C 299 6.91 20.61 -1.64
C ALA C 299 6.64 21.67 -0.58
N LEU C 300 5.44 22.24 -0.57
CA LEU C 300 5.13 23.31 0.36
C LEU C 300 5.14 22.82 1.80
N ASP C 301 4.51 21.68 2.05
CA ASP C 301 4.46 21.16 3.42
C ASP C 301 5.85 20.81 3.90
N THR C 302 6.64 20.17 3.04
CA THR C 302 8.01 19.81 3.42
C THR C 302 8.84 21.05 3.71
N ALA C 303 8.70 22.09 2.89
CA ALA C 303 9.45 23.32 3.12
C ALA C 303 9.04 23.96 4.44
N ASN C 304 7.74 23.96 4.74
CA ASN C 304 7.29 24.51 6.01
C ASN C 304 7.83 23.72 7.18
N ALA C 305 7.85 22.39 7.07
CA ALA C 305 8.38 21.56 8.14
C ALA C 305 9.87 21.83 8.35
N ILE C 306 10.61 21.97 7.26
CA ILE C 306 12.04 22.26 7.36
C ILE C 306 12.25 23.61 8.04
N ARG C 307 11.45 24.60 7.68
CA ARG C 307 11.60 25.92 8.29
C ARG C 307 11.25 25.87 9.77
N ALA C 308 10.24 25.09 10.14
CA ALA C 308 9.91 24.93 11.55
C ALA C 308 11.06 24.29 12.31
N GLU C 309 11.67 23.26 11.72
CA GLU C 309 12.79 22.59 12.38
C GLU C 309 13.97 23.55 12.54
N LEU C 310 14.25 24.34 11.51
CA LEU C 310 15.33 25.31 11.61
C LEU C 310 15.02 26.36 12.66
N ALA C 311 13.76 26.77 12.78
CA ALA C 311 13.38 27.72 13.82
C ALA C 311 13.62 27.12 15.20
N LYS C 312 13.32 25.84 15.36
CA LYS C 312 13.63 25.19 16.63
C LYS C 312 15.13 25.15 16.91
N MET C 313 15.93 24.89 15.88
CA MET C 313 17.38 24.83 16.09
C MET C 313 18.00 26.20 16.35
N GLU C 314 17.39 27.25 15.82
CA GLU C 314 18.02 28.58 15.81
C GLU C 314 18.47 29.09 17.17
N PRO C 315 17.69 29.00 18.24
CA PRO C 315 18.15 29.62 19.51
C PRO C 315 19.42 29.03 20.06
N PHE C 316 19.84 27.86 19.60
CA PHE C 316 21.02 27.18 20.13
C PHE C 316 22.24 27.36 19.26
N PHE C 317 22.20 28.26 18.30
CA PHE C 317 23.35 28.46 17.43
C PHE C 317 24.49 29.12 18.20
N PRO C 318 25.73 28.78 17.89
CA PRO C 318 26.86 29.57 18.40
C PRO C 318 26.76 31.00 17.92
N SER C 319 27.29 31.91 18.72
CA SER C 319 27.19 33.33 18.39
C SER C 319 27.79 33.59 17.02
N GLY C 320 27.02 34.27 16.17
CA GLY C 320 27.45 34.65 14.85
C GLY C 320 26.95 33.77 13.73
N MET C 321 26.50 32.55 14.03
CA MET C 321 25.98 31.68 12.99
C MET C 321 24.61 32.17 12.55
N LYS C 322 24.41 32.28 11.24
CA LYS C 322 23.16 32.76 10.68
C LYS C 322 22.76 31.84 9.56
N ILE C 323 21.46 31.55 9.46
CA ILE C 323 20.95 30.70 8.39
C ILE C 323 20.59 31.60 7.21
N VAL C 324 21.08 31.26 6.04
CA VAL C 324 20.72 31.93 4.80
C VAL C 324 19.98 30.94 3.92
N TYR C 325 19.26 31.46 2.92
CA TYR C 325 18.45 30.63 2.02
C TYR C 325 18.86 30.95 0.60
N PRO C 326 19.98 30.40 0.14
CA PRO C 326 20.49 30.75 -1.19
C PRO C 326 19.59 30.30 -2.33
N TYR C 327 18.76 29.29 -2.11
CA TYR C 327 18.02 28.70 -3.21
C TYR C 327 16.78 28.03 -2.68
N ASP C 328 15.62 28.46 -3.16
CA ASP C 328 14.35 27.86 -2.76
C ASP C 328 13.36 28.03 -3.89
N THR C 329 12.55 26.99 -4.12
CA THR C 329 11.58 27.00 -5.20
C THR C 329 10.15 27.16 -4.74
N THR C 330 9.87 26.89 -3.46
CA THR C 330 8.50 27.04 -2.96
C THR C 330 7.97 28.47 -2.98
N PRO C 331 8.74 29.52 -2.63
CA PRO C 331 8.14 30.86 -2.63
C PRO C 331 7.57 31.26 -3.98
N PHE C 332 8.19 30.80 -5.06
CA PHE C 332 7.63 31.05 -6.39
C PHE C 332 6.25 30.42 -6.51
N VAL C 333 6.10 29.19 -6.04
CA VAL C 333 4.79 28.52 -6.11
C VAL C 333 3.76 29.33 -5.33
N LYS C 334 4.14 29.75 -4.13
CA LYS C 334 3.20 30.49 -3.29
C LYS C 334 2.77 31.79 -3.97
N ILE C 335 3.74 32.55 -4.48
CA ILE C 335 3.41 33.84 -5.06
C ILE C 335 2.61 33.68 -6.34
N SER C 336 2.90 32.63 -7.11
CA SER C 336 2.13 32.38 -8.32
C SER C 336 0.67 32.09 -8.00
N ILE C 337 0.43 31.19 -7.04
CA ILE C 337 -0.95 30.87 -6.68
C ILE C 337 -1.65 32.10 -6.12
N HIS C 338 -0.94 32.89 -5.32
CA HIS C 338 -1.52 34.11 -4.78
C HIS C 338 -1.91 35.08 -5.89
N GLU C 339 -1.07 35.19 -6.91
CA GLU C 339 -1.40 36.05 -8.03
C GLU C 339 -2.66 35.58 -8.75
N VAL C 340 -2.77 34.26 -8.95
CA VAL C 340 -3.97 33.75 -9.61
C VAL C 340 -5.22 34.03 -8.77
N VAL C 341 -5.11 33.88 -7.45
CA VAL C 341 -6.26 34.13 -6.58
C VAL C 341 -6.66 35.61 -6.65
N LYS C 342 -5.68 36.50 -6.63
CA LYS C 342 -6.00 37.92 -6.76
C LYS C 342 -6.64 38.20 -8.10
N THR C 343 -6.23 37.48 -9.14
CA THR C 343 -6.87 37.62 -10.44
C THR C 343 -8.33 37.22 -10.37
N LEU C 344 -8.63 36.12 -9.67
CA LEU C 344 -10.02 35.69 -9.54
C LEU C 344 -10.85 36.73 -8.81
N VAL C 345 -10.31 37.30 -7.73
CA VAL C 345 -11.06 38.30 -6.97
C VAL C 345 -11.31 39.54 -7.83
N GLU C 346 -10.28 39.99 -8.55
CA GLU C 346 -10.45 41.12 -9.44
C GLU C 346 -11.49 40.82 -10.51
N ALA C 347 -11.53 39.57 -10.97
CA ALA C 347 -12.53 39.18 -11.96
C ALA C 347 -13.93 39.31 -11.39
N ILE C 348 -14.12 38.89 -10.15
CA ILE C 348 -15.43 39.04 -9.52
C ILE C 348 -15.82 40.50 -9.43
N ILE C 349 -14.88 41.35 -9.02
CA ILE C 349 -15.19 42.78 -8.88
C ILE C 349 -15.57 43.36 -10.24
N LEU C 350 -14.82 43.01 -11.28
CA LEU C 350 -15.11 43.51 -12.61
C LEU C 350 -16.45 43.01 -13.11
N VAL C 351 -16.81 41.78 -12.75
CA VAL C 351 -18.13 41.25 -13.10
C VAL C 351 -19.21 42.09 -12.46
N PHE C 352 -19.04 42.42 -11.18
CA PHE C 352 -20.00 43.26 -10.50
C PHE C 352 -20.15 44.60 -11.22
N LEU C 353 -19.02 45.22 -11.57
CA LEU C 353 -19.07 46.52 -12.23
C LEU C 353 -19.78 46.42 -13.58
N VAL C 354 -19.47 45.39 -14.37
CA VAL C 354 -20.06 45.27 -15.69
C VAL C 354 -21.57 45.07 -15.58
N MET C 355 -22.00 44.20 -14.67
CA MET C 355 -23.43 43.98 -14.51
C MET C 355 -24.13 45.25 -14.07
N TYR C 356 -23.53 45.99 -13.14
CA TYR C 356 -24.15 47.24 -12.71
C TYR C 356 -24.14 48.27 -13.84
N LEU C 357 -23.26 48.11 -14.81
CA LEU C 357 -23.26 49.04 -15.94
C LEU C 357 -24.50 48.87 -16.81
N PHE C 358 -24.90 47.63 -17.07
CA PHE C 358 -26.04 47.37 -17.96
C PHE C 358 -27.35 47.40 -17.18
N LEU C 359 -27.47 46.52 -16.18
CA LEU C 359 -28.71 46.46 -15.40
C LEU C 359 -28.97 47.77 -14.67
N GLN C 360 -27.91 48.45 -14.24
CA GLN C 360 -28.03 49.72 -13.53
C GLN C 360 -28.89 49.58 -12.29
N ASN C 361 -28.77 48.45 -11.61
CA ASN C 361 -29.57 48.16 -10.42
C ASN C 361 -28.72 47.39 -9.44
N PHE C 362 -28.56 47.92 -8.23
CA PHE C 362 -27.70 47.28 -7.25
C PHE C 362 -28.26 45.91 -6.84
N ARG C 363 -29.58 45.80 -6.71
CA ARG C 363 -30.17 44.51 -6.38
C ARG C 363 -29.92 43.49 -7.49
N ALA C 364 -30.05 43.93 -8.75
CA ALA C 364 -29.86 43.00 -9.86
C ALA C 364 -28.39 42.64 -10.04
N THR C 365 -27.50 43.64 -9.94
CA THR C 365 -26.08 43.40 -10.15
C THR C 365 -25.44 42.60 -9.04
N LEU C 366 -26.17 42.36 -7.96
CA LEU C 366 -25.67 41.62 -6.81
C LEU C 366 -25.86 40.12 -6.95
N ILE C 367 -26.83 39.68 -7.73
CA ILE C 367 -27.11 38.25 -7.88
C ILE C 367 -25.95 37.53 -8.53
N PRO C 368 -25.43 37.95 -9.69
CA PRO C 368 -24.27 37.23 -10.24
C PRO C 368 -23.06 37.26 -9.35
N THR C 369 -22.83 38.37 -8.64
CA THR C 369 -21.68 38.47 -7.76
C THR C 369 -21.77 37.51 -6.58
N ILE C 370 -22.94 36.95 -6.31
CA ILE C 370 -23.12 35.95 -5.27
C ILE C 370 -23.00 34.54 -5.83
N ALA C 371 -23.55 34.30 -7.01
CA ALA C 371 -23.57 32.96 -7.57
C ALA C 371 -22.16 32.46 -7.87
N VAL C 372 -21.32 33.31 -8.45
CA VAL C 372 -20.01 32.86 -8.91
C VAL C 372 -19.12 32.39 -7.75
N PRO C 373 -18.95 33.14 -6.65
CA PRO C 373 -18.11 32.61 -5.56
C PRO C 373 -18.61 31.29 -5.00
N VAL C 374 -19.93 31.10 -4.95
CA VAL C 374 -20.49 29.83 -4.50
C VAL C 374 -19.97 28.70 -5.37
N VAL C 375 -19.99 28.91 -6.69
CA VAL C 375 -19.56 27.86 -7.60
C VAL C 375 -18.06 27.60 -7.45
N LEU C 376 -17.28 28.65 -7.23
CA LEU C 376 -15.85 28.47 -7.05
C LEU C 376 -15.56 27.63 -5.81
N LEU C 377 -16.21 27.96 -4.70
CA LEU C 377 -15.97 27.21 -3.47
C LEU C 377 -16.45 25.77 -3.62
N GLY C 378 -17.59 25.57 -4.29
CA GLY C 378 -18.03 24.22 -4.58
C GLY C 378 -17.02 23.46 -5.43
N THR C 379 -16.38 24.15 -6.38
CA THR C 379 -15.35 23.53 -7.19
C THR C 379 -14.18 23.10 -6.32
N PHE C 380 -13.80 23.94 -5.36
CA PHE C 380 -12.74 23.55 -4.43
C PHE C 380 -13.13 22.31 -3.65
N ALA C 381 -14.38 22.25 -3.20
CA ALA C 381 -14.85 21.07 -2.49
C ALA C 381 -14.77 19.83 -3.36
N VAL C 382 -15.17 19.97 -4.63
CA VAL C 382 -15.12 18.84 -5.55
C VAL C 382 -13.67 18.40 -5.77
N LEU C 383 -12.77 19.35 -5.91
CA LEU C 383 -11.35 19.00 -6.03
C LEU C 383 -10.88 18.24 -4.81
N ALA C 384 -11.32 18.65 -3.62
CA ALA C 384 -10.95 17.94 -2.40
C ALA C 384 -11.48 16.51 -2.43
N ALA C 385 -12.71 16.34 -2.90
CA ALA C 385 -13.30 15.00 -2.93
C ALA C 385 -12.51 14.06 -3.83
N PHE C 386 -12.09 14.54 -5.00
CA PHE C 386 -11.39 13.67 -5.94
C PHE C 386 -9.92 13.52 -5.59
N GLY C 387 -9.41 14.28 -4.62
CA GLY C 387 -8.03 14.18 -4.23
C GLY C 387 -7.09 15.13 -4.93
N PHE C 388 -7.59 15.94 -5.87
CA PHE C 388 -6.74 16.88 -6.57
C PHE C 388 -6.24 17.96 -5.62
N SER C 389 -5.08 18.54 -5.94
CA SER C 389 -4.50 19.59 -5.14
C SER C 389 -4.81 20.96 -5.73
N ILE C 390 -4.45 22.01 -5.01
CA ILE C 390 -4.61 23.37 -5.52
C ILE C 390 -3.33 23.75 -6.25
N ASN C 391 -3.23 23.38 -7.51
CA ASN C 391 -2.04 23.69 -8.29
C ASN C 391 -2.33 24.83 -9.26
N THR C 392 -1.31 25.22 -10.02
CA THR C 392 -1.51 26.25 -11.02
C THR C 392 -2.51 25.80 -12.08
N LEU C 393 -2.49 24.52 -12.42
CA LEU C 393 -3.41 24.02 -13.43
C LEU C 393 -4.86 24.17 -13.00
N THR C 394 -5.19 23.72 -11.79
CA THR C 394 -6.57 23.83 -11.33
C THR C 394 -6.98 25.28 -11.15
N MET C 395 -6.07 26.12 -10.65
CA MET C 395 -6.42 27.52 -10.46
C MET C 395 -6.69 28.21 -11.79
N PHE C 396 -5.87 27.93 -12.80
CA PHE C 396 -6.14 28.51 -14.11
C PHE C 396 -7.38 27.91 -14.74
N GLY C 397 -7.69 26.66 -14.42
CA GLY C 397 -8.96 26.10 -14.84
C GLY C 397 -10.13 26.85 -14.25
N MET C 398 -10.03 27.23 -12.98
CA MET C 398 -11.07 28.05 -12.38
C MET C 398 -11.14 29.43 -13.02
N VAL C 399 -9.98 30.01 -13.33
CA VAL C 399 -9.96 31.32 -13.98
C VAL C 399 -10.69 31.25 -15.31
N LEU C 400 -10.40 30.21 -16.09
CA LEU C 400 -11.09 30.05 -17.37
C LEU C 400 -12.58 29.78 -17.17
N ALA C 401 -12.93 28.99 -16.16
CA ALA C 401 -14.33 28.65 -15.93
C ALA C 401 -15.11 29.85 -15.42
N ILE C 402 -14.42 30.89 -14.97
CA ILE C 402 -15.12 32.09 -14.52
C ILE C 402 -16.02 32.62 -15.63
N GLY C 403 -15.58 32.49 -16.88
CA GLY C 403 -16.41 32.94 -17.98
C GLY C 403 -17.71 32.18 -18.08
N LEU C 404 -17.65 30.86 -17.95
CA LEU C 404 -18.85 30.05 -18.01
C LEU C 404 -19.77 30.34 -16.83
N LEU C 405 -19.20 30.47 -15.63
CA LEU C 405 -20.02 30.72 -14.45
C LEU C 405 -20.74 32.06 -14.57
N VAL C 406 -19.99 33.10 -14.92
CA VAL C 406 -20.61 34.42 -15.07
C VAL C 406 -21.62 34.38 -16.20
N ASP C 407 -21.37 33.57 -17.23
CA ASP C 407 -22.34 33.49 -18.31
C ASP C 407 -23.65 32.90 -17.84
N ASP C 408 -23.60 31.84 -17.04
CA ASP C 408 -24.84 31.26 -16.52
C ASP C 408 -25.60 32.26 -15.66
N ALA C 409 -24.88 32.91 -14.73
CA ALA C 409 -25.54 33.89 -13.87
C ALA C 409 -26.16 35.01 -14.71
N ILE C 410 -25.42 35.48 -15.71
CA ILE C 410 -25.87 36.61 -16.51
C ILE C 410 -27.06 36.22 -17.37
N VAL C 411 -27.05 35.03 -17.96
CA VAL C 411 -28.19 34.66 -18.80
C VAL C 411 -29.45 34.58 -17.95
N VAL C 412 -29.35 33.97 -16.76
CA VAL C 412 -30.55 33.87 -15.93
C VAL C 412 -31.06 35.26 -15.54
N VAL C 413 -30.17 36.10 -15.01
CA VAL C 413 -30.60 37.38 -14.47
C VAL C 413 -31.09 38.29 -15.59
N GLU C 414 -30.37 38.32 -16.71
CA GLU C 414 -30.79 39.15 -17.84
C GLU C 414 -32.13 38.70 -18.38
N ASN C 415 -32.34 37.40 -18.49
CA ASN C 415 -33.60 36.91 -19.04
C ASN C 415 -34.76 37.31 -18.14
N VAL C 416 -34.61 37.14 -16.83
CA VAL C 416 -35.72 37.50 -15.95
C VAL C 416 -35.93 39.00 -15.94
N GLU C 417 -34.85 39.79 -16.00
CA GLU C 417 -35.00 41.23 -16.05
C GLU C 417 -35.73 41.66 -17.32
N ARG C 418 -35.43 41.03 -18.44
CA ARG C 418 -36.08 41.39 -19.70
C ARG C 418 -37.55 41.03 -19.67
N VAL C 419 -37.89 39.82 -19.20
CA VAL C 419 -39.29 39.43 -19.17
C VAL C 419 -40.05 40.26 -18.15
N MET C 420 -39.35 40.77 -17.14
CA MET C 420 -40.01 41.63 -16.17
C MET C 420 -40.26 43.03 -16.74
N ALA C 421 -39.30 43.55 -17.50
CA ALA C 421 -39.43 44.90 -18.04
C ALA C 421 -40.41 44.94 -19.20
N GLU C 422 -40.42 43.90 -20.04
CA GLU C 422 -41.26 43.91 -21.23
C GLU C 422 -42.71 43.57 -20.89
N GLU C 423 -42.93 42.41 -20.29
CA GLU C 423 -44.28 42.00 -19.95
C GLU C 423 -44.82 42.68 -18.70
N GLY C 424 -43.98 43.34 -17.92
CA GLY C 424 -44.43 44.02 -16.72
C GLY C 424 -44.79 43.09 -15.58
N LEU C 425 -44.36 41.83 -15.69
CA LEU C 425 -44.73 40.84 -14.70
C LEU C 425 -44.08 41.14 -13.35
N PRO C 426 -44.70 40.71 -12.26
CA PRO C 426 -44.04 40.80 -10.95
C PRO C 426 -42.83 39.89 -10.90
N PRO C 427 -41.85 40.20 -10.04
CA PRO C 427 -40.59 39.45 -10.07
C PRO C 427 -40.75 37.95 -9.89
N LYS C 428 -41.67 37.51 -9.04
CA LYS C 428 -41.89 36.08 -8.86
C LYS C 428 -42.42 35.45 -10.14
N GLU C 429 -43.48 36.04 -10.70
CA GLU C 429 -44.03 35.55 -11.95
C GLU C 429 -43.02 35.69 -13.09
N ALA C 430 -42.29 36.79 -13.12
CA ALA C 430 -41.26 36.96 -14.15
C ALA C 430 -40.21 35.87 -14.05
N THR C 431 -39.78 35.56 -12.83
CA THR C 431 -38.77 34.51 -12.66
C THR C 431 -39.32 33.17 -13.12
N ARG C 432 -40.56 32.86 -12.75
CA ARG C 432 -41.13 31.57 -13.14
C ARG C 432 -41.27 31.46 -14.64
N LYS C 433 -41.69 32.54 -15.30
CA LYS C 433 -41.83 32.51 -16.75
C LYS C 433 -40.48 32.37 -17.43
N SER C 434 -39.50 33.17 -17.01
CA SER C 434 -38.19 33.14 -17.64
C SER C 434 -37.53 31.78 -17.48
N MET C 435 -37.63 31.20 -16.28
CA MET C 435 -37.01 29.91 -16.03
C MET C 435 -37.61 28.83 -16.90
N GLY C 436 -38.87 29.01 -17.31
CA GLY C 436 -39.46 28.07 -18.26
C GLY C 436 -38.77 28.09 -19.60
N GLN C 437 -38.27 29.26 -20.01
CA GLN C 437 -37.69 29.39 -21.35
C GLN C 437 -36.33 28.73 -21.46
N ILE C 438 -35.51 28.85 -20.42
CA ILE C 438 -34.09 28.53 -20.55
C ILE C 438 -33.65 27.31 -19.75
N GLN C 439 -34.52 26.72 -18.94
CA GLN C 439 -34.13 25.58 -18.12
C GLN C 439 -33.59 24.44 -18.97
N GLY C 440 -34.36 24.02 -19.97
CA GLY C 440 -33.88 23.02 -20.90
C GLY C 440 -32.65 23.50 -21.64
N ALA C 441 -32.63 24.78 -21.99
CA ALA C 441 -31.45 25.34 -22.64
C ALA C 441 -30.22 25.23 -21.75
N LEU C 442 -30.38 25.54 -20.46
CA LEU C 442 -29.25 25.46 -19.54
C LEU C 442 -28.76 24.02 -19.40
N VAL C 443 -29.67 23.06 -19.28
CA VAL C 443 -29.25 21.67 -19.14
C VAL C 443 -28.53 21.21 -20.41
N GLY C 444 -29.08 21.55 -21.57
CA GLY C 444 -28.43 21.18 -22.82
C GLY C 444 -27.07 21.80 -22.96
N ILE C 445 -26.93 23.06 -22.56
CA ILE C 445 -25.64 23.73 -22.60
C ILE C 445 -24.65 23.03 -21.67
N ALA C 446 -25.11 22.64 -20.49
CA ALA C 446 -24.23 21.92 -19.56
C ALA C 446 -23.73 20.64 -20.18
N MET C 447 -24.63 19.87 -20.79
CA MET C 447 -24.22 18.61 -21.40
C MET C 447 -23.26 18.85 -22.55
N VAL C 448 -23.52 19.87 -23.37
CA VAL C 448 -22.66 20.16 -24.51
C VAL C 448 -21.27 20.55 -24.04
N LEU C 449 -21.20 21.40 -23.02
CA LEU C 449 -19.89 21.82 -22.52
C LEU C 449 -19.15 20.66 -21.86
N SER C 450 -19.87 19.78 -21.17
CA SER C 450 -19.23 18.57 -20.65
C SER C 450 -18.65 17.75 -21.78
N ALA C 451 -19.41 17.57 -22.86
CA ALA C 451 -18.91 16.88 -24.04
C ALA C 451 -17.71 17.56 -24.65
N VAL C 452 -17.61 18.88 -24.51
CA VAL C 452 -16.43 19.59 -24.98
C VAL C 452 -15.22 19.30 -24.10
N PHE C 453 -15.38 19.30 -22.78
CA PHE C 453 -14.25 19.22 -21.87
C PHE C 453 -13.92 17.83 -21.35
N ILE C 454 -14.89 16.90 -21.36
CA ILE C 454 -14.60 15.55 -20.87
C ILE C 454 -13.51 14.85 -21.67
N PRO C 455 -13.55 14.82 -23.01
CA PRO C 455 -12.55 14.02 -23.74
C PRO C 455 -11.11 14.42 -23.47
N MET C 456 -10.84 15.70 -23.17
CA MET C 456 -9.47 16.07 -22.87
C MET C 456 -8.99 15.48 -21.56
N ALA C 457 -9.90 14.93 -20.75
CA ALA C 457 -9.47 14.23 -19.55
C ALA C 457 -8.74 12.94 -19.90
N PHE C 458 -9.17 12.27 -20.97
CA PHE C 458 -8.63 10.96 -21.33
C PHE C 458 -7.40 11.04 -22.22
N PHE C 459 -6.67 12.15 -22.16
CA PHE C 459 -5.38 12.22 -22.84
C PHE C 459 -4.46 11.15 -22.30
N GLY C 460 -3.73 10.50 -23.20
CA GLY C 460 -2.77 9.50 -22.78
C GLY C 460 -1.43 10.12 -22.41
N GLY C 461 -0.50 9.25 -22.05
CA GLY C 461 0.86 9.66 -21.83
C GLY C 461 1.06 10.44 -20.55
N SER C 462 2.26 11.01 -20.44
CA SER C 462 2.62 11.76 -19.24
C SER C 462 1.76 12.99 -19.07
N THR C 463 1.44 13.67 -20.18
CA THR C 463 0.63 14.88 -20.11
C THR C 463 -0.82 14.58 -19.74
N GLY C 464 -1.20 13.32 -19.69
CA GLY C 464 -2.60 12.98 -19.45
C GLY C 464 -3.14 13.57 -18.17
N ALA C 465 -2.34 13.53 -17.09
CA ALA C 465 -2.77 14.14 -15.85
C ALA C 465 -2.87 15.66 -15.98
N ILE C 466 -1.93 16.26 -16.72
CA ILE C 466 -1.92 17.70 -16.89
C ILE C 466 -3.25 18.18 -17.45
N TYR C 467 -3.72 17.54 -18.53
CA TYR C 467 -5.00 17.93 -19.11
C TYR C 467 -6.15 17.49 -18.23
N ARG C 468 -5.98 16.41 -17.48
CA ARG C 468 -7.05 15.92 -16.62
C ARG C 468 -7.38 16.92 -15.53
N GLN C 469 -6.36 17.62 -15.03
CA GLN C 469 -6.61 18.65 -14.02
C GLN C 469 -7.57 19.72 -14.54
N PHE C 470 -7.25 20.29 -15.70
CA PHE C 470 -8.13 21.30 -16.30
C PHE C 470 -9.50 20.73 -16.58
N SER C 471 -9.55 19.51 -17.13
CA SER C 471 -10.84 18.93 -17.49
C SER C 471 -11.73 18.78 -16.28
N ILE C 472 -11.20 18.18 -15.21
CA ILE C 472 -12.00 17.96 -14.00
C ILE C 472 -12.43 19.28 -13.39
N THR C 473 -11.50 20.25 -13.31
CA THR C 473 -11.83 21.53 -12.72
C THR C 473 -12.97 22.20 -13.47
N ILE C 474 -12.85 22.30 -14.80
CA ILE C 474 -13.84 23.04 -15.58
C ILE C 474 -15.15 22.29 -15.61
N VAL C 475 -15.11 20.96 -15.72
CA VAL C 475 -16.35 20.19 -15.73
C VAL C 475 -17.09 20.35 -14.42
N SER C 476 -16.38 20.25 -13.30
CA SER C 476 -17.03 20.43 -12.01
C SER C 476 -17.59 21.84 -11.87
N ALA C 477 -16.84 22.83 -12.35
CA ALA C 477 -17.32 24.21 -12.28
C ALA C 477 -18.60 24.38 -13.07
N MET C 478 -18.68 23.82 -14.27
CA MET C 478 -19.88 23.94 -15.08
C MET C 478 -21.06 23.22 -14.43
N ALA C 479 -20.82 22.03 -13.89
CA ALA C 479 -21.89 21.30 -13.23
C ALA C 479 -22.44 22.11 -12.06
N LEU C 480 -21.55 22.64 -11.23
CA LEU C 480 -22.00 23.47 -10.12
C LEU C 480 -22.70 24.72 -10.62
N SER C 481 -22.23 25.28 -11.73
CA SER C 481 -22.83 26.51 -12.25
C SER C 481 -24.26 26.28 -12.68
N VAL C 482 -24.51 25.19 -13.41
CA VAL C 482 -25.86 24.92 -13.86
C VAL C 482 -26.75 24.50 -12.69
N LEU C 483 -26.17 23.83 -11.70
CA LEU C 483 -26.94 23.52 -10.50
C LEU C 483 -27.36 24.79 -9.78
N VAL C 484 -26.45 25.74 -9.66
CA VAL C 484 -26.77 27.02 -9.01
C VAL C 484 -27.81 27.77 -9.80
N ALA C 485 -27.63 27.84 -11.13
CA ALA C 485 -28.56 28.58 -11.96
C ALA C 485 -29.93 27.92 -11.97
N LEU C 486 -29.99 26.62 -11.73
CA LEU C 486 -31.28 25.93 -11.73
C LEU C 486 -32.06 26.21 -10.46
N ILE C 487 -31.41 26.26 -9.30
CA ILE C 487 -32.15 26.31 -8.05
C ILE C 487 -31.82 27.56 -7.25
N LEU C 488 -30.54 27.92 -7.17
CA LEU C 488 -30.14 29.05 -6.32
C LEU C 488 -30.59 30.36 -6.93
N THR C 489 -30.12 30.67 -8.13
CA THR C 489 -30.39 31.98 -8.71
C THR C 489 -31.86 32.29 -8.88
N PRO C 490 -32.71 31.38 -9.39
CA PRO C 490 -34.13 31.74 -9.52
C PRO C 490 -34.76 32.16 -8.20
N ALA C 491 -34.35 31.53 -7.11
CA ALA C 491 -34.85 31.94 -5.80
C ALA C 491 -34.41 33.37 -5.46
N LEU C 492 -33.16 33.70 -5.79
CA LEU C 492 -32.68 35.06 -5.52
C LEU C 492 -33.38 36.08 -6.39
N CYS C 493 -33.64 35.73 -7.66
CA CYS C 493 -34.26 36.68 -8.58
C CYS C 493 -35.65 37.08 -8.10
N ALA C 494 -36.40 36.12 -7.56
CA ALA C 494 -37.75 36.41 -7.09
C ALA C 494 -37.73 37.40 -5.94
N THR C 495 -36.80 37.24 -5.01
CA THR C 495 -36.82 38.04 -3.79
C THR C 495 -36.07 39.35 -3.98
N MET C 496 -34.82 39.29 -4.44
CA MET C 496 -33.99 40.48 -4.49
C MET C 496 -34.51 41.51 -5.48
N LEU C 497 -34.92 41.06 -6.67
CA LEU C 497 -35.25 41.98 -7.76
C LEU C 497 -36.52 42.75 -7.43
N LYS C 498 -36.37 44.05 -7.20
CA LYS C 498 -37.53 44.91 -7.03
C LYS C 498 -38.30 45.00 -8.35
N PRO C 499 -39.61 45.11 -8.30
CA PRO C 499 -40.39 45.21 -9.55
C PRO C 499 -40.00 46.46 -10.34
N ILE C 500 -39.73 46.27 -11.62
CA ILE C 500 -39.35 47.35 -12.51
C ILE C 500 -40.47 47.69 -13.48
N GLN C 501 -41.71 47.37 -13.14
CA GLN C 501 -42.83 47.75 -14.00
C GLN C 501 -42.92 49.26 -14.15
N LYS C 502 -42.69 49.99 -13.07
CA LYS C 502 -42.62 51.45 -13.15
C LYS C 502 -41.43 51.88 -13.99
N GLY C 503 -41.67 52.81 -14.91
CA GLY C 503 -40.62 53.29 -15.80
C GLY C 503 -40.46 52.42 -17.03
N SER C 504 -40.00 51.17 -16.83
CA SER C 504 -39.81 50.21 -17.90
C SER C 504 -38.90 50.75 -19.00
N HIS C 505 -37.85 51.45 -18.59
CA HIS C 505 -36.88 52.01 -19.53
C HIS C 505 -35.61 52.35 -18.77
N GLY C 506 -34.69 53.01 -19.46
CA GLY C 506 -33.42 53.38 -18.85
C GLY C 506 -33.54 54.59 -17.94
N ALA C 507 -32.40 54.94 -17.33
CA ALA C 507 -32.36 56.07 -16.40
C ALA C 507 -32.64 57.38 -17.12
N THR C 508 -32.10 57.54 -18.33
CA THR C 508 -32.23 58.77 -19.13
C THR C 508 -31.64 59.99 -18.44
N THR C 509 -30.75 59.78 -17.48
CA THR C 509 -30.14 60.86 -16.73
C THR C 509 -28.67 60.55 -16.47
N GLY C 510 -27.82 61.55 -16.66
CA GLY C 510 -26.43 61.38 -16.34
C GLY C 510 -25.70 60.40 -17.27
N PHE C 511 -24.66 59.78 -16.71
CA PHE C 511 -23.85 58.85 -17.49
C PHE C 511 -24.67 57.65 -17.93
N PHE C 512 -25.52 57.13 -17.03
CA PHE C 512 -26.37 56.00 -17.41
C PHE C 512 -27.37 56.39 -18.48
N GLY C 513 -27.84 57.64 -18.44
CA GLY C 513 -28.73 58.10 -19.49
C GLY C 513 -28.07 58.10 -20.85
N TRP C 514 -26.81 58.55 -20.90
CA TRP C 514 -26.07 58.51 -22.15
C TRP C 514 -25.86 57.07 -22.61
N PHE C 515 -25.51 56.19 -21.68
CA PHE C 515 -25.22 54.81 -22.04
C PHE C 515 -26.47 54.09 -22.55
N ASN C 516 -27.60 54.30 -21.88
CA ASN C 516 -28.84 53.62 -22.26
C ASN C 516 -29.25 54.01 -23.68
N ARG C 517 -29.21 55.29 -23.99
CA ARG C 517 -29.57 55.73 -25.33
C ARG C 517 -28.57 55.20 -26.35
N MET C 518 -27.28 55.23 -26.02
CA MET C 518 -26.27 54.72 -26.93
C MET C 518 -26.47 53.24 -27.19
N PHE C 519 -26.69 52.47 -26.12
CA PHE C 519 -26.87 51.04 -26.28
C PHE C 519 -28.15 50.73 -27.05
N ASP C 520 -29.24 51.44 -26.73
CA ASP C 520 -30.49 51.22 -27.44
C ASP C 520 -30.33 51.54 -28.92
N LYS C 521 -29.67 52.67 -29.22
CA LYS C 521 -29.35 52.96 -30.61
C LYS C 521 -28.43 51.91 -31.19
N SER C 522 -27.48 51.43 -30.39
CA SER C 522 -26.62 50.35 -30.86
C SER C 522 -27.41 49.08 -31.14
N THR C 523 -28.39 48.79 -30.28
CA THR C 523 -29.24 47.62 -30.52
C THR C 523 -30.01 47.76 -31.82
N HIS C 524 -30.56 48.95 -32.07
CA HIS C 524 -31.31 49.17 -33.30
C HIS C 524 -30.41 49.05 -34.52
N HIS C 525 -29.19 49.61 -34.43
CA HIS C 525 -28.26 49.50 -35.55
C HIS C 525 -27.87 48.05 -35.80
N TYR C 526 -27.66 47.27 -34.74
CA TYR C 526 -27.34 45.86 -34.91
C TYR C 526 -28.48 45.11 -35.57
N THR C 527 -29.71 45.38 -35.13
CA THR C 527 -30.85 44.71 -35.73
C THR C 527 -30.99 45.09 -37.20
N ASP C 528 -30.72 46.36 -37.52
CA ASP C 528 -30.77 46.79 -38.91
C ASP C 528 -29.71 46.09 -39.74
N SER C 529 -28.48 46.02 -39.22
CA SER C 529 -27.39 45.40 -39.98
C SER C 529 -27.63 43.92 -40.19
N VAL C 530 -28.03 43.21 -39.13
CA VAL C 530 -28.29 41.78 -39.26
C VAL C 530 -29.47 41.55 -40.19
N GLY C 531 -30.38 42.52 -40.30
CA GLY C 531 -31.47 42.40 -41.26
C GLY C 531 -30.97 42.41 -42.69
N ASN C 532 -29.94 43.23 -42.96
CA ASN C 532 -29.46 43.36 -44.33
C ASN C 532 -28.63 42.15 -44.75
N ILE C 533 -27.87 41.57 -43.82
CA ILE C 533 -27.02 40.44 -44.17
C ILE C 533 -27.86 39.23 -44.52
N LEU C 534 -29.01 39.06 -43.86
CA LEU C 534 -29.87 37.93 -44.18
C LEU C 534 -30.45 38.05 -45.57
N ARG C 535 -30.53 39.25 -46.10
CA ARG C 535 -31.02 39.44 -47.46
C ARG C 535 -30.00 38.95 -48.49
N SER C 536 -28.71 39.15 -48.19
CA SER C 536 -27.64 38.83 -49.13
C SER C 536 -26.78 37.71 -48.57
N THR C 537 -27.43 36.66 -48.06
CA THR C 537 -26.76 35.62 -47.29
C THR C 537 -25.54 35.03 -48.01
N GLY C 538 -25.65 34.84 -49.33
CA GLY C 538 -24.62 34.15 -50.08
C GLY C 538 -23.22 34.72 -49.93
N ARG C 539 -23.12 36.05 -49.94
CA ARG C 539 -21.81 36.69 -49.80
C ARG C 539 -21.18 36.36 -48.45
N TYR C 540 -21.98 36.37 -47.38
CA TYR C 540 -21.41 36.19 -46.06
C TYR C 540 -21.00 34.75 -45.81
N LEU C 541 -21.59 33.79 -46.53
CA LEU C 541 -21.06 32.44 -46.50
C LEU C 541 -19.66 32.42 -47.10
N VAL C 542 -19.44 33.15 -48.20
CA VAL C 542 -18.10 33.24 -48.77
C VAL C 542 -17.14 33.87 -47.79
N LEU C 543 -17.60 34.91 -47.07
CA LEU C 543 -16.75 35.54 -46.07
C LEU C 543 -16.39 34.57 -44.95
N TYR C 544 -17.36 33.76 -44.52
CA TYR C 544 -17.09 32.76 -43.50
C TYR C 544 -16.08 31.74 -44.01
N LEU C 545 -16.21 31.33 -45.27
CA LEU C 545 -15.24 30.41 -45.85
C LEU C 545 -13.85 31.03 -45.85
N ILE C 546 -13.76 32.32 -46.17
CA ILE C 546 -12.48 33.02 -46.14
C ILE C 546 -11.87 32.94 -44.75
N ILE C 547 -12.70 33.19 -43.73
CA ILE C 547 -12.20 33.14 -42.35
C ILE C 547 -11.74 31.72 -42.01
N VAL C 548 -12.51 30.72 -42.41
CA VAL C 548 -12.17 29.33 -42.08
C VAL C 548 -10.85 28.95 -42.71
N VAL C 549 -10.64 29.35 -43.97
CA VAL C 549 -9.34 29.13 -44.59
C VAL C 549 -8.26 29.87 -43.82
N GLY C 550 -8.57 31.07 -43.35
CA GLY C 550 -7.57 31.86 -42.63
C GLY C 550 -7.09 31.20 -41.35
N MET C 551 -8.03 30.71 -40.54
CA MET C 551 -7.63 30.13 -39.26
C MET C 551 -6.80 28.86 -39.45
N ALA C 552 -7.16 28.05 -40.44
CA ALA C 552 -6.33 26.89 -40.75
C ALA C 552 -4.94 27.32 -41.20
N TRP C 553 -4.86 28.44 -41.91
CA TRP C 553 -3.56 28.97 -42.30
C TRP C 553 -2.76 29.41 -41.08
N LEU C 554 -3.43 30.07 -40.12
CA LEU C 554 -2.73 30.49 -38.91
C LEU C 554 -2.34 29.30 -38.05
N PHE C 555 -3.18 28.27 -38.01
CA PHE C 555 -2.98 27.16 -37.08
C PHE C 555 -1.66 26.46 -37.34
N VAL C 556 -1.34 26.20 -38.61
CA VAL C 556 -0.14 25.44 -38.93
C VAL C 556 1.10 26.27 -38.63
N ARG C 557 1.00 27.59 -38.72
CA ARG C 557 2.16 28.44 -38.49
C ARG C 557 2.53 28.50 -37.01
N LEU C 558 1.56 28.30 -36.13
CA LEU C 558 1.81 28.39 -34.70
C LEU C 558 2.76 27.29 -34.26
N PRO C 559 3.85 27.64 -33.57
CA PRO C 559 4.72 26.60 -33.02
C PRO C 559 3.99 25.82 -31.94
N SER C 560 4.57 24.67 -31.59
CA SER C 560 4.02 23.80 -30.57
C SER C 560 4.95 23.76 -29.36
N SER C 561 4.36 23.75 -28.17
CA SER C 561 5.13 23.67 -26.94
C SER C 561 4.25 23.02 -25.88
N PHE C 562 4.87 22.64 -24.78
CA PHE C 562 4.13 22.00 -23.70
C PHE C 562 3.77 22.98 -22.60
N LEU C 563 4.76 23.63 -22.00
CA LEU C 563 4.53 24.54 -20.89
C LEU C 563 5.51 25.70 -20.97
N PRO C 564 5.07 26.93 -20.78
CA PRO C 564 6.00 28.06 -20.79
C PRO C 564 6.99 27.98 -19.64
N ASP C 565 8.21 28.42 -19.89
CA ASP C 565 9.18 28.59 -18.83
C ASP C 565 8.98 29.95 -18.17
N GLU C 566 9.22 30.02 -16.87
CA GLU C 566 9.00 31.28 -16.15
C GLU C 566 10.16 31.60 -15.23
N ASP C 567 10.42 32.90 -15.05
CA ASP C 567 11.46 33.30 -14.13
C ASP C 567 11.01 32.96 -12.73
N GLN C 568 11.67 32.00 -12.10
CA GLN C 568 11.29 31.57 -10.77
C GLN C 568 12.09 32.32 -9.72
N GLY C 569 13.00 33.18 -10.17
CA GLY C 569 13.81 33.95 -9.24
C GLY C 569 15.12 33.27 -8.91
N VAL C 570 15.30 32.04 -9.39
CA VAL C 570 16.51 31.29 -9.09
C VAL C 570 16.95 30.46 -10.28
N PHE C 571 18.19 30.63 -10.71
CA PHE C 571 18.71 29.82 -11.81
C PHE C 571 20.03 29.18 -11.38
N LEU C 572 20.28 27.98 -11.86
CA LEU C 572 21.44 27.20 -11.47
C LEU C 572 22.54 27.34 -12.51
N SER C 573 23.74 27.63 -12.06
CA SER C 573 24.90 27.73 -12.92
C SER C 573 25.91 26.66 -12.54
N MET C 574 26.67 26.19 -13.53
CA MET C 574 27.64 25.14 -13.28
C MET C 574 28.88 25.39 -14.13
N ALA C 575 29.99 24.82 -13.69
CA ALA C 575 31.26 24.91 -14.40
C ALA C 575 31.87 23.52 -14.47
N GLN C 576 32.27 23.11 -15.67
CA GLN C 576 32.92 21.83 -15.89
C GLN C 576 34.31 22.09 -16.42
N LEU C 577 35.30 21.98 -15.55
CA LEU C 577 36.67 22.18 -15.96
C LEU C 577 37.17 20.97 -16.74
N PRO C 578 38.24 21.13 -17.54
CA PRO C 578 38.71 20.02 -18.37
C PRO C 578 39.18 18.85 -17.52
N ALA C 579 39.52 17.77 -18.22
CA ALA C 579 39.91 16.53 -17.56
C ALA C 579 41.13 16.74 -16.67
N GLY C 580 41.07 16.21 -15.46
CA GLY C 580 42.19 16.22 -14.55
C GLY C 580 42.44 17.54 -13.84
N ALA C 581 41.55 18.51 -13.98
CA ALA C 581 41.77 19.79 -13.33
C ALA C 581 41.74 19.62 -11.81
N THR C 582 42.53 20.44 -11.13
CA THR C 582 42.59 20.36 -9.68
C THR C 582 41.50 21.20 -9.06
N GLN C 583 41.33 21.01 -7.75
CA GLN C 583 40.29 21.74 -7.02
C GLN C 583 40.59 23.23 -6.99
N GLU C 584 41.86 23.60 -6.95
CA GLU C 584 42.22 25.02 -6.90
C GLU C 584 41.75 25.76 -8.14
N ARG C 585 41.93 25.15 -9.31
CA ARG C 585 41.50 25.78 -10.55
C ARG C 585 39.98 25.91 -10.60
N THR C 586 39.27 24.88 -10.16
CA THR C 586 37.81 24.95 -10.11
C THR C 586 37.36 26.07 -9.17
N GLN C 587 38.04 26.21 -8.04
CA GLN C 587 37.70 27.28 -7.12
C GLN C 587 37.92 28.64 -7.76
N LYS C 588 39.00 28.79 -8.51
CA LYS C 588 39.25 30.04 -9.21
C LYS C 588 38.13 30.34 -10.21
N VAL C 589 37.72 29.33 -10.97
CA VAL C 589 36.65 29.54 -11.95
C VAL C 589 35.35 29.93 -11.25
N LEU C 590 35.03 29.24 -10.15
CA LEU C 590 33.82 29.57 -9.42
C LEU C 590 33.88 30.97 -8.84
N ASP C 591 35.06 31.39 -8.38
CA ASP C 591 35.20 32.75 -7.88
C ASP C 591 34.96 33.76 -8.99
N GLU C 592 35.46 33.48 -10.19
CA GLU C 592 35.21 34.40 -11.30
C GLU C 592 33.72 34.48 -11.63
N MET C 593 33.04 33.33 -11.65
CA MET C 593 31.60 33.34 -11.90
C MET C 593 30.87 34.14 -10.82
N THR C 594 31.24 33.93 -9.56
CA THR C 594 30.59 34.63 -8.46
C THR C 594 30.82 36.13 -8.55
N ASN C 595 32.04 36.53 -8.91
CA ASN C 595 32.35 37.95 -9.04
C ASN C 595 31.53 38.57 -10.16
N TYR C 596 31.41 37.86 -11.28
CA TYR C 596 30.58 38.35 -12.37
C TYR C 596 29.15 38.55 -11.90
N TYR C 597 28.60 37.55 -11.23
CA TYR C 597 27.20 37.63 -10.81
C TYR C 597 26.99 38.77 -9.83
N LEU C 598 27.93 38.94 -8.89
CA LEU C 598 27.74 39.93 -7.84
C LEU C 598 28.14 41.33 -8.24
N THR C 599 28.82 41.52 -9.37
CA THR C 599 29.17 42.88 -9.79
C THR C 599 28.47 43.27 -11.06
N LYS C 600 28.60 42.45 -12.11
CA LYS C 600 28.00 42.81 -13.39
C LYS C 600 26.49 42.74 -13.33
N GLU C 601 25.95 41.77 -12.60
CA GLU C 601 24.52 41.63 -12.50
C GLU C 601 24.06 41.93 -11.08
N LYS C 602 24.74 42.87 -10.43
CA LYS C 602 24.40 43.20 -9.06
C LYS C 602 22.96 43.60 -8.96
N ASP C 603 22.46 44.28 -9.99
CA ASP C 603 21.09 44.78 -9.97
C ASP C 603 20.06 43.66 -9.90
N ASN C 604 20.41 42.48 -10.37
CA ASN C 604 19.44 41.39 -10.41
C ASN C 604 19.80 40.25 -9.49
N VAL C 605 21.08 39.97 -9.32
CA VAL C 605 21.50 38.86 -8.48
C VAL C 605 21.47 39.27 -7.01
N GLU C 606 20.85 38.44 -6.18
CA GLU C 606 20.75 38.74 -4.77
C GLU C 606 21.81 37.99 -3.98
N SER C 607 22.07 36.75 -4.36
CA SER C 607 23.04 35.93 -3.65
C SER C 607 23.57 34.81 -4.51
N VAL C 608 24.82 34.42 -4.29
CA VAL C 608 25.40 33.33 -5.06
C VAL C 608 25.95 32.32 -4.07
N PHE C 609 25.60 31.05 -4.25
CA PHE C 609 26.04 29.98 -3.37
C PHE C 609 26.86 29.00 -4.19
N ALA C 610 28.14 29.26 -4.31
CA ALA C 610 29.03 28.42 -5.09
C ALA C 610 29.40 27.18 -4.29
N VAL C 611 29.39 26.03 -4.96
CA VAL C 611 29.74 24.76 -4.33
C VAL C 611 30.83 24.14 -5.20
N ASN C 612 32.06 24.19 -4.72
CA ASN C 612 33.17 23.57 -5.43
C ASN C 612 33.20 22.08 -5.15
N GLY C 613 33.54 21.30 -6.16
CA GLY C 613 33.71 19.88 -6.01
C GLY C 613 32.46 19.05 -6.22
N PHE C 614 31.30 19.68 -6.34
CA PHE C 614 30.03 18.98 -6.49
C PHE C 614 29.34 19.45 -7.77
N GLY C 615 28.85 18.51 -8.56
CA GLY C 615 28.19 18.82 -9.81
C GLY C 615 26.82 18.16 -9.88
N PHE C 616 25.97 18.69 -10.76
CA PHE C 616 24.65 18.11 -10.94
C PHE C 616 24.71 16.72 -11.53
N ALA C 617 25.61 16.51 -12.49
CA ALA C 617 25.75 15.22 -13.17
C ALA C 617 27.12 14.61 -12.91
N GLY C 618 27.55 14.63 -11.66
CA GLY C 618 28.82 14.05 -11.30
C GLY C 618 29.38 14.73 -10.06
N ARG C 619 30.62 14.39 -9.74
CA ARG C 619 31.35 15.04 -8.66
C ARG C 619 32.84 14.75 -8.79
N GLY C 620 33.65 15.79 -8.73
CA GLY C 620 35.09 15.63 -8.82
C GLY C 620 35.74 16.98 -8.66
N GLN C 621 37.06 16.96 -8.59
CA GLN C 621 37.78 18.21 -8.38
C GLN C 621 37.59 19.18 -9.53
N ASN C 622 37.15 18.71 -10.69
CA ASN C 622 37.02 19.54 -11.87
C ASN C 622 35.60 20.03 -12.10
N THR C 623 34.71 19.89 -11.12
CA THR C 623 33.31 20.26 -11.30
C THR C 623 32.84 21.10 -10.13
N GLY C 624 32.03 22.11 -10.42
CA GLY C 624 31.41 22.92 -9.39
C GLY C 624 30.15 23.57 -9.93
N ILE C 625 29.29 23.97 -9.01
CA ILE C 625 28.01 24.59 -9.35
C ILE C 625 27.83 25.85 -8.54
N ALA C 626 26.72 26.55 -8.81
CA ALA C 626 26.41 27.79 -8.11
C ALA C 626 24.91 28.00 -8.16
N PHE C 627 24.28 28.09 -6.99
CA PHE C 627 22.86 28.42 -6.88
C PHE C 627 22.76 29.93 -6.80
N VAL C 628 22.18 30.54 -7.82
CA VAL C 628 22.05 31.99 -7.83
C VAL C 628 20.62 32.41 -7.61
N SER C 629 20.39 33.26 -6.63
CA SER C 629 19.04 33.71 -6.32
C SER C 629 18.85 35.15 -6.77
N LEU C 630 18.04 35.35 -7.79
CA LEU C 630 17.81 36.69 -8.31
C LEU C 630 16.91 37.48 -7.37
N LYS C 631 16.91 38.79 -7.52
CA LYS C 631 16.09 39.65 -6.65
C LYS C 631 14.62 39.57 -7.00
N ASP C 632 13.77 40.11 -6.13
CA ASP C 632 12.33 40.01 -6.36
C ASP C 632 11.94 40.47 -7.76
N TRP C 633 10.95 39.81 -8.33
CA TRP C 633 10.51 40.17 -9.67
C TRP C 633 10.31 41.67 -9.74
N SER C 634 9.76 42.24 -8.68
CA SER C 634 9.52 43.67 -8.65
C SER C 634 10.83 44.42 -8.82
N GLN C 635 11.85 44.00 -8.11
CA GLN C 635 13.14 44.68 -8.19
C GLN C 635 13.75 44.55 -9.57
N ARG C 636 13.45 43.46 -10.25
CA ARG C 636 13.98 43.26 -11.60
C ARG C 636 12.91 43.51 -12.65
N PRO C 637 12.82 44.75 -13.14
CA PRO C 637 11.80 45.09 -14.14
C PRO C 637 12.35 44.98 -15.56
N GLY C 638 11.51 44.60 -16.51
CA GLY C 638 11.94 44.52 -17.89
C GLY C 638 12.45 43.15 -18.28
N GLU C 639 12.24 42.76 -19.52
CA GLU C 639 12.65 41.44 -19.97
C GLU C 639 14.14 41.24 -19.80
N GLU C 640 14.91 42.29 -20.01
CA GLU C 640 16.37 42.20 -19.88
C GLU C 640 16.76 41.80 -18.47
N ASN C 641 15.89 42.09 -17.50
CA ASN C 641 16.18 41.72 -16.13
C ASN C 641 15.55 40.39 -15.74
N LYS C 642 14.99 39.69 -16.73
CA LYS C 642 14.40 38.39 -16.45
C LYS C 642 15.42 37.28 -16.64
N VAL C 643 15.16 36.12 -16.04
CA VAL C 643 16.13 35.02 -16.10
C VAL C 643 16.70 34.77 -17.48
N GLU C 644 15.85 34.52 -18.47
CA GLU C 644 16.39 34.16 -19.78
C GLU C 644 17.45 35.17 -20.24
N ALA C 645 17.17 36.45 -20.06
CA ALA C 645 18.13 37.48 -20.50
C ALA C 645 19.39 37.41 -19.66
N ILE C 646 19.26 37.25 -18.35
CA ILE C 646 20.43 37.16 -17.49
C ILE C 646 21.25 35.93 -17.85
N THR C 647 20.58 34.81 -18.09
CA THR C 647 21.28 33.59 -18.46
C THR C 647 22.01 33.75 -19.78
N ALA C 648 21.35 34.37 -20.76
CA ALA C 648 21.99 34.56 -22.07
C ALA C 648 23.21 35.48 -21.95
N ARG C 649 23.08 36.56 -21.19
CA ARG C 649 24.21 37.46 -21.00
C ARG C 649 25.36 36.74 -20.31
N ALA C 650 25.04 35.95 -19.28
CA ALA C 650 26.07 35.21 -18.56
C ALA C 650 26.76 34.22 -19.47
N MET C 651 25.99 33.50 -20.28
CA MET C 651 26.58 32.54 -21.21
C MET C 651 27.49 33.25 -22.20
N GLY C 652 27.06 34.41 -22.68
CA GLY C 652 27.90 35.18 -23.57
C GLY C 652 29.21 35.58 -22.91
N TYR C 653 29.14 36.04 -21.66
CA TYR C 653 30.36 36.44 -20.96
C TYR C 653 31.22 35.22 -20.63
N PHE C 654 30.61 34.16 -20.11
CA PHE C 654 31.39 33.01 -19.68
C PHE C 654 32.03 32.29 -20.85
N SER C 655 31.24 31.95 -21.87
CA SER C 655 31.74 31.11 -22.95
C SER C 655 32.87 31.81 -23.69
N GLN C 656 32.77 33.12 -23.87
CA GLN C 656 33.80 33.85 -24.59
C GLN C 656 35.13 33.80 -23.86
N ILE C 657 35.10 33.91 -22.53
CA ILE C 657 36.34 34.15 -21.78
C ILE C 657 36.84 32.87 -21.12
N LYS C 658 35.93 32.15 -20.44
CA LYS C 658 36.35 31.04 -19.60
C LYS C 658 36.97 29.91 -20.42
N ASP C 659 38.07 29.36 -19.90
CA ASP C 659 38.72 28.22 -20.55
C ASP C 659 37.93 26.93 -20.34
N ALA C 660 37.20 26.83 -19.24
CA ALA C 660 36.35 25.68 -18.95
C ALA C 660 34.95 25.90 -19.48
N MET C 661 34.18 24.81 -19.54
CA MET C 661 32.81 24.87 -20.03
C MET C 661 31.88 25.27 -18.90
N VAL C 662 31.36 26.49 -18.97
CA VAL C 662 30.45 27.04 -17.96
C VAL C 662 29.07 27.15 -18.57
N PHE C 663 28.07 26.68 -17.83
CA PHE C 663 26.70 26.65 -18.33
C PHE C 663 25.76 27.26 -17.30
N ALA C 664 25.39 28.53 -17.49
CA ALA C 664 24.31 29.13 -16.74
C ALA C 664 23.00 28.76 -17.44
N PHE C 665 22.03 28.30 -16.65
CA PHE C 665 20.78 27.85 -17.22
C PHE C 665 19.66 27.97 -16.20
N ASN C 666 18.43 27.89 -16.68
CA ASN C 666 17.25 28.01 -15.86
C ASN C 666 16.50 26.70 -15.86
N LEU C 667 16.13 26.24 -14.67
CA LEU C 667 15.38 24.99 -14.57
C LEU C 667 14.03 25.14 -15.26
N PRO C 668 13.53 24.10 -15.91
CA PRO C 668 12.26 24.21 -16.64
C PRO C 668 11.08 24.22 -15.68
N ALA C 669 9.89 24.44 -16.26
CA ALA C 669 8.67 24.41 -15.46
C ALA C 669 8.48 23.05 -14.81
N ILE C 670 8.57 21.99 -15.59
CA ILE C 670 8.59 20.61 -15.09
C ILE C 670 10.02 20.14 -15.19
N VAL C 671 10.64 19.88 -14.04
CA VAL C 671 12.08 19.62 -14.00
C VAL C 671 12.44 18.37 -14.77
N GLU C 672 11.57 17.35 -14.74
CA GLU C 672 11.88 16.09 -15.41
C GLU C 672 11.87 16.25 -16.93
N LEU C 673 10.87 16.95 -17.46
CA LEU C 673 10.81 17.21 -18.89
C LEU C 673 11.78 18.35 -19.20
N GLY C 674 12.91 18.02 -19.79
CA GLY C 674 13.95 19.00 -20.06
C GLY C 674 13.60 19.92 -21.21
N THR C 675 14.64 20.35 -21.92
CA THR C 675 14.43 21.24 -23.06
C THR C 675 13.50 20.60 -24.08
N ALA C 676 12.56 21.39 -24.59
CA ALA C 676 11.60 20.87 -25.56
C ALA C 676 12.28 20.25 -26.76
N THR C 677 13.39 20.85 -27.19
CA THR C 677 14.19 20.32 -28.29
C THR C 677 15.25 19.33 -27.84
N GLY C 678 15.52 19.20 -26.54
CA GLY C 678 16.59 18.34 -26.09
C GLY C 678 16.24 16.88 -26.23
N PHE C 679 17.27 16.03 -26.18
CA PHE C 679 17.07 14.59 -26.18
C PHE C 679 18.24 13.92 -25.50
N ASP C 680 17.98 12.76 -24.89
CA ASP C 680 19.00 11.94 -24.25
C ASP C 680 19.20 10.68 -25.06
N PHE C 681 20.43 10.40 -25.46
CA PHE C 681 20.72 9.30 -26.38
C PHE C 681 21.83 8.43 -25.79
N GLU C 682 21.44 7.32 -25.18
CA GLU C 682 22.42 6.38 -24.67
C GLU C 682 22.98 5.53 -25.78
N LEU C 683 24.31 5.41 -25.83
CA LEU C 683 24.99 4.60 -26.83
C LEU C 683 25.52 3.35 -26.14
N ILE C 684 24.80 2.25 -26.30
CA ILE C 684 25.04 1.04 -25.53
C ILE C 684 26.01 0.13 -26.26
N ASP C 685 26.98 -0.41 -25.52
CA ASP C 685 27.92 -1.39 -26.06
C ASP C 685 27.33 -2.79 -25.87
N GLN C 686 26.60 -3.23 -26.90
CA GLN C 686 25.92 -4.51 -26.82
C GLN C 686 26.88 -5.68 -26.89
N GLY C 687 27.89 -5.60 -27.75
CA GLY C 687 28.72 -6.75 -28.03
C GLY C 687 29.90 -6.94 -27.09
N GLY C 688 29.92 -6.20 -25.99
CA GLY C 688 31.04 -6.33 -25.06
C GLY C 688 32.35 -5.91 -25.67
N LEU C 689 32.34 -4.86 -26.48
CA LEU C 689 33.55 -4.44 -27.19
C LEU C 689 34.58 -3.87 -26.23
N GLY C 690 34.14 -3.08 -25.26
CA GLY C 690 35.07 -2.42 -24.35
C GLY C 690 34.90 -0.93 -24.36
N HIS C 691 35.47 -0.24 -23.38
CA HIS C 691 35.30 1.20 -23.29
C HIS C 691 35.98 1.92 -24.45
N GLU C 692 37.14 1.44 -24.87
CA GLU C 692 37.87 2.13 -25.93
C GLU C 692 37.09 2.12 -27.23
N LYS C 693 36.57 0.96 -27.62
CA LYS C 693 35.81 0.87 -28.86
C LYS C 693 34.51 1.65 -28.76
N LEU C 694 33.89 1.66 -27.58
CA LEU C 694 32.69 2.45 -27.40
C LEU C 694 32.97 3.94 -27.58
N THR C 695 34.08 4.41 -27.02
CA THR C 695 34.45 5.80 -27.20
C THR C 695 34.74 6.12 -28.66
N GLN C 696 35.41 5.19 -29.36
CA GLN C 696 35.65 5.40 -30.78
C GLN C 696 34.34 5.50 -31.55
N ALA C 697 33.38 4.64 -31.22
CA ALA C 697 32.08 4.72 -31.87
C ALA C 697 31.39 6.04 -31.57
N ARG C 698 31.52 6.52 -30.33
CA ARG C 698 30.95 7.82 -29.98
C ARG C 698 31.59 8.93 -30.80
N ASN C 699 32.91 8.87 -30.99
CA ASN C 699 33.59 9.88 -31.80
C ASN C 699 33.11 9.84 -33.25
N GLN C 700 32.94 8.63 -33.79
CA GLN C 700 32.42 8.51 -35.15
C GLN C 700 31.02 9.11 -35.24
N LEU C 701 30.18 8.84 -34.25
CA LEU C 701 28.83 9.39 -34.25
C LEU C 701 28.87 10.91 -34.16
N PHE C 702 29.80 11.46 -33.37
CA PHE C 702 29.91 12.90 -33.28
C PHE C 702 30.34 13.51 -34.60
N GLY C 703 31.26 12.86 -35.31
CA GLY C 703 31.62 13.33 -36.64
C GLY C 703 30.44 13.32 -37.60
N MET C 704 29.69 12.21 -37.60
CA MET C 704 28.51 12.12 -38.46
C MET C 704 27.47 13.17 -38.08
N VAL C 705 27.36 13.48 -36.79
CA VAL C 705 26.47 14.54 -36.33
C VAL C 705 26.94 15.88 -36.88
N ALA C 706 28.24 16.12 -36.85
CA ALA C 706 28.78 17.35 -37.42
C ALA C 706 28.48 17.43 -38.91
N GLN C 707 28.32 16.28 -39.56
CA GLN C 707 27.98 16.29 -40.98
C GLN C 707 26.59 16.82 -41.26
N HIS C 708 25.72 16.89 -40.25
CA HIS C 708 24.33 17.35 -40.43
C HIS C 708 24.01 18.45 -39.43
N PRO C 709 24.64 19.62 -39.55
CA PRO C 709 24.36 20.69 -38.58
C PRO C 709 22.99 21.30 -38.74
N ASP C 710 22.30 21.02 -39.85
CA ASP C 710 20.99 21.62 -40.07
C ASP C 710 19.90 20.91 -39.29
N VAL C 711 20.21 19.76 -38.70
CA VAL C 711 19.22 18.96 -37.98
C VAL C 711 19.56 18.83 -36.50
N LEU C 712 20.81 18.52 -36.18
CA LEU C 712 21.23 18.26 -34.80
C LEU C 712 22.09 19.41 -34.32
N THR C 713 21.70 20.01 -33.19
CA THR C 713 22.38 21.18 -32.65
C THR C 713 22.70 20.96 -31.18
N GLY C 714 23.87 21.45 -30.78
CA GLY C 714 24.29 21.37 -29.40
C GLY C 714 24.47 19.97 -28.88
N VAL C 715 24.96 19.08 -29.74
CA VAL C 715 25.14 17.68 -29.37
C VAL C 715 26.38 17.57 -28.51
N ARG C 716 26.21 17.13 -27.27
CA ARG C 716 27.30 17.05 -26.30
C ARG C 716 27.39 15.65 -25.75
N PRO C 717 28.58 15.23 -25.35
CA PRO C 717 28.67 14.04 -24.50
C PRO C 717 28.46 14.40 -23.05
N ASN C 718 27.44 13.84 -22.42
CA ASN C 718 27.19 14.08 -21.01
C ASN C 718 28.08 13.14 -20.20
N GLY C 719 29.29 13.58 -19.89
CA GLY C 719 30.23 12.75 -19.18
C GLY C 719 31.60 13.38 -19.20
N LEU C 720 32.61 12.56 -18.88
CA LEU C 720 33.98 13.01 -18.76
C LEU C 720 34.85 12.21 -19.70
N GLU C 721 35.75 12.89 -20.41
CA GLU C 721 36.69 12.22 -21.28
C GLU C 721 37.75 11.48 -20.46
N ASP C 722 38.42 10.55 -21.12
CA ASP C 722 39.47 9.79 -20.44
C ASP C 722 40.62 10.69 -20.03
N THR C 723 41.16 10.43 -18.86
CA THR C 723 42.22 11.20 -18.25
C THR C 723 43.44 10.32 -18.03
N PRO C 724 44.62 10.90 -17.89
CA PRO C 724 45.78 10.11 -17.50
C PRO C 724 45.57 9.47 -16.14
N GLN C 725 46.05 8.24 -15.98
CA GLN C 725 45.95 7.51 -14.74
C GLN C 725 47.29 6.86 -14.42
N PHE C 726 47.61 6.79 -13.14
CA PHE C 726 48.85 6.17 -12.72
C PHE C 726 48.62 4.69 -12.45
N LYS C 727 49.44 3.85 -13.07
CA LYS C 727 49.31 2.41 -12.95
C LYS C 727 50.52 1.87 -12.21
N ILE C 728 50.28 1.11 -11.15
CA ILE C 728 51.34 0.53 -10.33
C ILE C 728 51.24 -0.98 -10.44
N ASP C 729 52.28 -1.60 -11.00
CA ASP C 729 52.35 -3.05 -11.14
C ASP C 729 53.11 -3.63 -9.96
N ILE C 730 52.41 -4.43 -9.16
CA ILE C 730 53.02 -5.06 -8.00
C ILE C 730 53.54 -6.42 -8.43
N ASP C 731 54.86 -6.58 -8.39
CA ASP C 731 55.48 -7.85 -8.78
C ASP C 731 55.38 -8.79 -7.58
N GLN C 732 54.51 -9.79 -7.71
CA GLN C 732 54.27 -10.71 -6.60
C GLN C 732 55.52 -11.50 -6.25
N GLU C 733 56.25 -11.96 -7.27
CA GLU C 733 57.43 -12.78 -7.02
C GLU C 733 58.46 -12.01 -6.21
N LYS C 734 58.72 -10.77 -6.58
CA LYS C 734 59.68 -9.96 -5.84
C LYS C 734 59.19 -9.70 -4.42
N ALA C 735 57.88 -9.49 -4.26
CA ALA C 735 57.33 -9.27 -2.94
C ALA C 735 57.55 -10.49 -2.05
N GLN C 736 57.32 -11.68 -2.58
CA GLN C 736 57.61 -12.89 -1.81
C GLN C 736 59.10 -13.02 -1.52
N ALA C 737 59.93 -12.71 -2.51
CA ALA C 737 61.37 -12.85 -2.33
C ALA C 737 61.88 -11.92 -1.24
N LEU C 738 61.39 -10.68 -1.23
CA LEU C 738 61.81 -9.74 -0.20
C LEU C 738 61.12 -9.99 1.13
N GLY C 739 60.05 -10.79 1.14
CA GLY C 739 59.40 -11.16 2.37
C GLY C 739 58.26 -10.27 2.80
N VAL C 740 57.71 -9.44 1.91
CA VAL C 740 56.62 -8.55 2.23
C VAL C 740 55.32 -9.19 1.78
N SER C 741 54.35 -9.28 2.71
CA SER C 741 53.05 -9.81 2.38
C SER C 741 52.31 -8.83 1.49
N ILE C 742 51.57 -9.35 0.51
CA ILE C 742 50.88 -8.51 -0.45
C ILE C 742 49.79 -7.71 0.25
N SER C 743 49.24 -8.26 1.33
CA SER C 743 48.23 -7.53 2.08
C SER C 743 48.81 -6.26 2.67
N ASP C 744 50.04 -6.34 3.19
CA ASP C 744 50.70 -5.15 3.71
C ASP C 744 50.92 -4.12 2.62
N ILE C 745 51.34 -4.57 1.43
CA ILE C 745 51.56 -3.64 0.32
C ILE C 745 50.27 -2.93 -0.04
N ASN C 746 49.19 -3.70 -0.22
CA ASN C 746 47.93 -3.10 -0.63
C ASN C 746 47.40 -2.16 0.44
N THR C 747 47.46 -2.56 1.70
CA THR C 747 46.96 -1.70 2.77
C THR C 747 47.78 -0.43 2.87
N THR C 748 49.12 -0.55 2.77
CA THR C 748 49.96 0.62 2.84
C THR C 748 49.63 1.60 1.72
N LEU C 749 49.55 1.09 0.49
CA LEU C 749 49.27 1.98 -0.64
C LEU C 749 47.90 2.63 -0.49
N GLY C 750 46.89 1.83 -0.16
CA GLY C 750 45.55 2.38 -0.06
C GLY C 750 45.41 3.39 1.06
N ALA C 751 45.93 3.07 2.24
CA ALA C 751 45.83 3.99 3.37
C ALA C 751 46.63 5.25 3.13
N ALA C 752 47.79 5.15 2.48
CA ALA C 752 48.59 6.34 2.23
C ALA C 752 47.93 7.24 1.21
N TRP C 753 47.58 6.70 0.05
CA TRP C 753 47.19 7.55 -1.07
C TRP C 753 45.69 7.74 -1.21
N GLY C 754 44.88 7.04 -0.44
CA GLY C 754 43.44 7.15 -0.58
C GLY C 754 42.70 7.31 0.72
N GLY C 755 43.42 7.16 1.83
CA GLY C 755 42.80 7.33 3.12
C GLY C 755 42.03 6.10 3.54
N SER C 756 42.10 5.77 4.83
CA SER C 756 41.43 4.58 5.33
C SER C 756 40.63 4.95 6.57
N TYR C 757 39.40 4.45 6.63
CA TYR C 757 38.50 4.69 7.74
C TYR C 757 38.65 3.53 8.72
N VAL C 758 39.36 3.78 9.82
CA VAL C 758 39.71 2.69 10.73
C VAL C 758 38.53 2.34 11.64
N ASN C 759 38.10 3.28 12.46
CA ASN C 759 36.99 3.04 13.37
C ASN C 759 36.39 4.38 13.76
N ASP C 760 35.55 4.38 14.79
CA ASP C 760 34.84 5.57 15.23
C ASP C 760 35.45 6.11 16.50
N PHE C 761 35.05 7.34 16.84
CA PHE C 761 35.42 7.95 18.11
C PHE C 761 34.32 8.92 18.49
N ILE C 762 34.27 9.27 19.77
CA ILE C 762 33.22 10.13 20.29
C ILE C 762 33.78 11.54 20.40
N ASP C 763 33.13 12.48 19.73
CA ASP C 763 33.54 13.88 19.74
C ASP C 763 32.41 14.70 20.33
N ARG C 764 32.63 15.25 21.52
CA ARG C 764 31.64 16.07 22.20
C ARG C 764 30.31 15.34 22.27
N GLY C 765 30.36 14.03 22.53
CA GLY C 765 29.19 13.22 22.70
C GLY C 765 28.70 12.54 21.44
N ARG C 766 29.17 12.96 20.28
CA ARG C 766 28.70 12.41 19.02
C ARG C 766 29.73 11.47 18.44
N VAL C 767 29.25 10.40 17.81
CA VAL C 767 30.12 9.42 17.18
C VAL C 767 30.57 9.96 15.83
N LYS C 768 31.89 10.03 15.63
CA LYS C 768 32.44 10.53 14.39
C LYS C 768 33.57 9.61 13.95
N LYS C 769 33.84 9.61 12.65
CA LYS C 769 34.76 8.65 12.07
C LYS C 769 36.21 9.04 12.34
N VAL C 770 37.10 8.06 12.20
CA VAL C 770 38.53 8.25 12.30
C VAL C 770 39.15 7.81 10.98
N TYR C 771 39.95 8.69 10.37
CA TYR C 771 40.60 8.41 9.10
C TYR C 771 42.11 8.53 9.24
N ILE C 772 42.83 7.71 8.50
CA ILE C 772 44.28 7.85 8.37
C ILE C 772 44.61 8.04 6.90
N MET C 773 45.57 8.90 6.62
CA MET C 773 45.95 9.21 5.26
C MET C 773 47.34 9.81 5.30
N SER C 774 48.03 9.75 4.17
CA SER C 774 49.32 10.40 4.10
C SER C 774 49.15 11.91 4.16
N GLU C 775 50.12 12.58 4.76
CA GLU C 775 50.12 14.03 4.74
C GLU C 775 50.19 14.50 3.30
N ALA C 776 49.53 15.63 3.02
CA ALA C 776 49.31 16.04 1.65
C ALA C 776 50.60 16.08 0.83
N LYS C 777 51.68 16.56 1.42
CA LYS C 777 52.89 16.80 0.63
C LYS C 777 53.55 15.52 0.17
N TYR C 778 53.17 14.38 0.75
CA TYR C 778 53.82 13.12 0.42
C TYR C 778 53.00 12.26 -0.53
N ARG C 779 51.89 12.75 -1.06
CA ARG C 779 51.07 11.99 -1.99
C ARG C 779 50.62 12.88 -3.14
N MET C 780 51.54 13.69 -3.66
CA MET C 780 51.16 14.67 -4.68
C MET C 780 51.70 14.33 -6.05
N LEU C 781 52.84 13.67 -6.11
CA LEU C 781 53.57 13.44 -7.34
C LEU C 781 53.91 11.98 -7.48
N PRO C 782 54.16 11.50 -8.71
CA PRO C 782 54.58 10.12 -8.88
C PRO C 782 55.85 9.78 -8.13
N GLU C 783 56.76 10.75 -7.98
CA GLU C 783 58.01 10.47 -7.27
C GLU C 783 57.77 10.16 -5.80
N ASP C 784 56.61 10.54 -5.27
CA ASP C 784 56.36 10.35 -3.86
C ASP C 784 56.12 8.88 -3.53
N ILE C 785 55.98 8.03 -4.54
CA ILE C 785 55.83 6.60 -4.29
C ILE C 785 57.04 6.05 -3.56
N GLY C 786 58.23 6.47 -4.00
CA GLY C 786 59.45 5.90 -3.44
C GLY C 786 59.68 6.26 -1.98
N LYS C 787 58.97 7.28 -1.49
CA LYS C 787 59.14 7.66 -0.10
C LYS C 787 58.51 6.64 0.84
N TRP C 788 57.58 5.84 0.33
CA TRP C 788 56.86 4.90 1.17
C TRP C 788 57.56 3.56 1.23
N TYR C 789 57.68 3.02 2.45
CA TYR C 789 58.34 1.75 2.70
C TYR C 789 57.39 0.78 3.36
N VAL C 790 57.63 -0.50 3.13
CA VAL C 790 56.86 -1.59 3.73
C VAL C 790 57.84 -2.51 4.43
N ARG C 791 57.43 -3.05 5.57
CA ARG C 791 58.32 -3.86 6.38
C ARG C 791 58.23 -5.32 5.97
N GLY C 792 59.38 -5.95 5.73
CA GLY C 792 59.40 -7.35 5.35
C GLY C 792 59.29 -8.27 6.55
N SER C 793 59.30 -9.57 6.26
CA SER C 793 59.27 -10.56 7.33
C SER C 793 60.51 -10.47 8.21
N ASP C 794 61.67 -10.26 7.58
CA ASP C 794 62.92 -10.17 8.34
C ASP C 794 62.98 -8.93 9.22
N GLY C 795 62.06 -8.00 9.05
CA GLY C 795 62.06 -6.77 9.80
C GLY C 795 62.72 -5.60 9.11
N GLN C 796 63.10 -5.76 7.85
CA GLN C 796 63.79 -4.70 7.12
C GLN C 796 62.77 -3.91 6.31
N MET C 797 62.92 -2.59 6.31
CA MET C 797 62.06 -1.75 5.48
C MET C 797 62.54 -1.79 4.03
N VAL C 798 61.65 -2.17 3.12
CA VAL C 798 61.96 -2.29 1.71
C VAL C 798 61.08 -1.31 0.93
N PRO C 799 61.66 -0.49 0.05
CA PRO C 799 60.88 0.55 -0.62
C PRO C 799 59.97 -0.02 -1.70
N PHE C 800 59.02 0.80 -2.12
CA PHE C 800 58.08 0.38 -3.16
C PHE C 800 58.80 0.16 -4.49
N SER C 801 59.89 0.87 -4.72
CA SER C 801 60.62 0.73 -5.98
C SER C 801 61.18 -0.68 -6.15
N ALA C 802 61.44 -1.36 -5.04
CA ALA C 802 62.05 -2.68 -5.12
C ALA C 802 61.13 -3.69 -5.79
N PHE C 803 59.83 -3.62 -5.53
CA PHE C 803 58.90 -4.64 -5.99
C PHE C 803 57.77 -4.08 -6.83
N SER C 804 57.95 -2.93 -7.46
CA SER C 804 56.88 -2.36 -8.26
C SER C 804 57.46 -1.52 -9.38
N THR C 805 56.66 -1.34 -10.42
CA THR C 805 57.00 -0.46 -11.54
C THR C 805 55.82 0.44 -11.81
N SER C 806 56.12 1.64 -12.30
CA SER C 806 55.12 2.68 -12.50
C SER C 806 54.93 2.93 -13.99
N ARG C 807 53.73 3.39 -14.35
CA ARG C 807 53.39 3.59 -15.75
C ARG C 807 52.15 4.46 -15.83
N TRP C 808 52.19 5.43 -16.74
CA TRP C 808 51.03 6.26 -17.03
C TRP C 808 50.19 5.62 -18.13
N GLU C 809 48.88 5.80 -18.03
CA GLU C 809 47.98 5.31 -19.05
C GLU C 809 46.67 6.08 -18.96
N TYR C 810 45.84 5.92 -19.98
CA TYR C 810 44.57 6.64 -20.09
C TYR C 810 43.44 5.77 -19.56
N GLY C 811 42.59 6.36 -18.73
CA GLY C 811 41.44 5.66 -18.19
C GLY C 811 40.29 6.62 -17.98
N SER C 812 39.11 6.06 -17.88
CA SER C 812 37.93 6.89 -17.71
C SER C 812 37.77 7.29 -16.25
N PRO C 813 37.60 8.58 -15.96
CA PRO C 813 37.37 8.97 -14.57
C PRO C 813 35.95 8.69 -14.11
N ARG C 814 35.01 8.56 -15.04
CA ARG C 814 33.62 8.27 -14.72
C ARG C 814 33.04 7.33 -15.76
N LEU C 815 32.60 6.17 -15.30
CA LEU C 815 32.00 5.15 -16.16
C LEU C 815 30.52 5.10 -15.87
N GLU C 816 29.73 4.85 -16.91
CA GLU C 816 28.28 4.77 -16.76
C GLU C 816 27.75 3.58 -17.50
N ARG C 817 26.66 3.00 -16.99
CA ARG C 817 26.00 1.87 -17.60
C ARG C 817 24.52 2.15 -17.73
N TYR C 818 23.92 1.72 -18.84
CA TYR C 818 22.50 1.87 -19.06
C TYR C 818 21.87 0.51 -19.25
N ASN C 819 20.89 0.19 -18.40
CA ASN C 819 20.21 -1.10 -18.43
C ASN C 819 21.21 -2.24 -18.29
N GLY C 820 22.26 -2.01 -17.50
CA GLY C 820 23.23 -3.04 -17.22
C GLY C 820 24.30 -3.23 -18.28
N LEU C 821 24.39 -2.36 -19.28
CA LEU C 821 25.41 -2.48 -20.29
C LEU C 821 26.22 -1.20 -20.37
N PRO C 822 27.49 -1.26 -20.71
CA PRO C 822 28.30 -0.04 -20.82
C PRO C 822 27.69 0.91 -21.83
N SER C 823 27.69 2.20 -21.48
CA SER C 823 27.01 3.17 -22.32
C SER C 823 27.68 4.52 -22.17
N LEU C 824 27.44 5.38 -23.16
CA LEU C 824 27.84 6.78 -23.12
C LEU C 824 26.61 7.61 -23.44
N GLU C 825 26.26 8.53 -22.55
CA GLU C 825 25.08 9.36 -22.74
C GLU C 825 25.43 10.54 -23.62
N ILE C 826 24.61 10.78 -24.65
CA ILE C 826 24.79 11.89 -25.58
C ILE C 826 23.63 12.84 -25.38
N LEU C 827 23.93 14.05 -24.94
CA LEU C 827 22.92 15.08 -24.76
C LEU C 827 22.96 16.04 -25.94
N GLY C 828 21.80 16.27 -26.55
CA GLY C 828 21.72 17.17 -27.69
C GLY C 828 20.32 17.69 -27.84
N GLN C 829 20.20 18.71 -28.69
CA GLN C 829 18.92 19.35 -28.96
C GLN C 829 18.65 19.34 -30.46
N ALA C 830 17.38 19.51 -30.80
CA ALA C 830 17.01 19.52 -32.21
C ALA C 830 17.49 20.80 -32.88
N ALA C 831 17.27 20.86 -34.19
CA ALA C 831 17.64 22.03 -34.98
C ALA C 831 16.80 23.22 -34.53
N PRO C 832 17.23 24.45 -34.84
CA PRO C 832 16.41 25.61 -34.43
C PRO C 832 14.98 25.58 -34.94
N GLY C 833 14.76 25.05 -36.13
CA GLY C 833 13.42 25.03 -36.70
C GLY C 833 12.78 23.67 -36.74
N LYS C 834 13.57 22.63 -36.99
CA LYS C 834 13.01 21.29 -37.15
C LYS C 834 12.56 20.73 -35.81
N SER C 835 11.62 19.78 -35.87
CA SER C 835 11.05 19.21 -34.66
C SER C 835 11.96 18.15 -34.06
N THR C 836 11.65 17.76 -32.83
CA THR C 836 12.48 16.80 -32.11
C THR C 836 12.47 15.44 -32.79
N GLY C 837 11.30 15.04 -33.31
CA GLY C 837 11.16 13.75 -33.96
C GLY C 837 12.09 13.57 -35.13
N GLU C 838 12.25 14.61 -35.95
CA GLU C 838 13.18 14.52 -37.07
C GLU C 838 14.60 14.28 -36.59
N ALA C 839 15.02 15.02 -35.57
CA ALA C 839 16.36 14.86 -35.04
C ALA C 839 16.56 13.47 -34.47
N MET C 840 15.58 12.96 -33.73
CA MET C 840 15.70 11.63 -33.16
C MET C 840 15.80 10.57 -34.26
N ALA C 841 14.96 10.69 -35.29
CA ALA C 841 15.00 9.72 -36.37
C ALA C 841 16.33 9.75 -37.09
N LEU C 842 16.85 10.95 -37.35
CA LEU C 842 18.14 11.06 -38.01
C LEU C 842 19.25 10.48 -37.15
N MET C 843 19.19 10.72 -35.84
CA MET C 843 20.25 10.21 -34.97
C MET C 843 20.20 8.69 -34.87
N GLU C 844 18.99 8.12 -34.86
CA GLU C 844 18.88 6.67 -34.93
C GLU C 844 19.45 6.14 -36.23
N GLU C 845 19.17 6.84 -37.34
CA GLU C 845 19.69 6.41 -38.64
C GLU C 845 21.22 6.46 -38.65
N LEU C 846 21.79 7.49 -38.03
CA LEU C 846 23.24 7.57 -37.90
C LEU C 846 23.76 6.43 -37.03
N ALA C 847 23.06 6.11 -35.96
CA ALA C 847 23.50 5.05 -35.06
C ALA C 847 23.54 3.71 -35.78
N GLY C 848 22.70 3.55 -36.81
CA GLY C 848 22.75 2.34 -37.60
C GLY C 848 24.07 2.15 -38.31
N LYS C 849 24.71 3.25 -38.70
CA LYS C 849 25.99 3.17 -39.40
C LYS C 849 27.16 2.88 -38.47
N LEU C 850 26.93 2.89 -37.16
CA LEU C 850 28.00 2.61 -36.22
C LEU C 850 28.39 1.14 -36.30
N PRO C 851 29.63 0.80 -35.93
CA PRO C 851 30.11 -0.57 -36.13
C PRO C 851 29.30 -1.59 -35.34
N SER C 852 29.52 -2.86 -35.67
CA SER C 852 28.75 -3.95 -35.10
C SER C 852 28.95 -4.04 -33.59
N GLY C 853 27.89 -4.42 -32.89
CA GLY C 853 27.92 -4.55 -31.46
C GLY C 853 27.59 -3.29 -30.69
N ILE C 854 27.38 -2.16 -31.37
CA ILE C 854 27.15 -0.88 -30.73
C ILE C 854 25.68 -0.55 -30.90
N GLY C 855 24.88 -0.81 -29.87
CA GLY C 855 23.49 -0.45 -29.88
C GLY C 855 23.27 0.96 -29.41
N TYR C 856 21.99 1.28 -29.14
CA TYR C 856 21.63 2.59 -28.62
C TYR C 856 20.27 2.48 -27.94
N ASP C 857 19.89 3.55 -27.25
CA ASP C 857 18.57 3.63 -26.65
C ASP C 857 18.30 5.07 -26.23
N TRP C 858 17.02 5.38 -26.03
CA TRP C 858 16.59 6.70 -25.61
C TRP C 858 16.13 6.64 -24.17
N THR C 859 16.59 7.61 -23.37
CA THR C 859 16.26 7.66 -21.95
C THR C 859 15.67 9.03 -21.61
N GLY C 860 15.17 9.13 -20.39
CA GLY C 860 14.63 10.37 -19.88
C GLY C 860 13.46 10.86 -20.70
N MET C 861 13.52 12.15 -21.05
CA MET C 861 12.45 12.76 -21.84
C MET C 861 12.28 12.06 -23.17
N SER C 862 13.40 11.71 -23.82
CA SER C 862 13.35 11.03 -25.10
C SER C 862 12.58 9.72 -24.99
N TYR C 863 12.85 8.97 -23.93
CA TYR C 863 12.07 7.76 -23.68
C TYR C 863 10.61 8.07 -23.46
N GLN C 864 10.33 9.13 -22.70
CA GLN C 864 8.94 9.43 -22.33
C GLN C 864 8.14 9.89 -23.53
N GLU C 865 8.79 10.56 -24.49
CA GLU C 865 8.07 11.03 -25.67
C GLU C 865 7.71 9.90 -26.61
N ARG C 866 8.60 8.90 -26.73
CA ARG C 866 8.37 7.82 -27.67
C ARG C 866 7.13 7.01 -27.30
N LEU C 867 6.96 6.73 -26.01
CA LEU C 867 5.81 5.94 -25.58
C LEU C 867 4.51 6.73 -25.74
N SER C 868 4.57 8.04 -25.49
CA SER C 868 3.35 8.84 -25.51
C SER C 868 2.93 9.15 -26.94
N GLY C 869 1.72 8.74 -27.29
CA GLY C 869 1.16 8.99 -28.61
C GLY C 869 0.23 10.19 -28.56
N ASN C 870 0.25 10.98 -29.63
CA ASN C 870 -0.57 12.18 -29.70
C ASN C 870 -1.98 11.79 -30.13
N GLN C 871 -2.85 11.60 -29.16
CA GLN C 871 -4.24 11.24 -29.42
C GLN C 871 -5.14 12.44 -29.59
N ALA C 872 -4.58 13.64 -29.56
CA ALA C 872 -5.38 14.87 -29.60
C ALA C 872 -6.31 14.96 -30.79
N PRO C 873 -5.90 14.69 -32.03
CA PRO C 873 -6.86 14.78 -33.14
C PRO C 873 -8.05 13.83 -32.97
N ALA C 874 -7.79 12.60 -32.53
CA ALA C 874 -8.89 11.66 -32.33
C ALA C 874 -9.82 12.12 -31.22
N LEU C 875 -9.26 12.62 -30.13
CA LEU C 875 -10.08 13.10 -29.03
C LEU C 875 -10.93 14.28 -29.46
N TYR C 876 -10.36 15.20 -30.24
CA TYR C 876 -11.13 16.34 -30.68
C TYR C 876 -12.22 15.94 -31.67
N ALA C 877 -11.94 14.95 -32.52
CA ALA C 877 -12.97 14.44 -33.41
C ALA C 877 -14.12 13.84 -32.62
N ILE C 878 -13.79 13.05 -31.59
CA ILE C 878 -14.81 12.48 -30.73
C ILE C 878 -15.60 13.59 -30.05
N SER C 879 -14.92 14.63 -29.60
CA SER C 879 -15.61 15.75 -28.96
C SER C 879 -16.60 16.40 -29.91
N LEU C 880 -16.17 16.64 -31.15
CA LEU C 880 -17.07 17.24 -32.13
C LEU C 880 -18.28 16.38 -32.37
N ILE C 881 -18.07 15.07 -32.52
CA ILE C 881 -19.18 14.17 -32.79
C ILE C 881 -20.16 14.16 -31.62
N VAL C 882 -19.64 14.10 -30.40
CA VAL C 882 -20.52 14.04 -29.24
C VAL C 882 -21.27 15.35 -29.05
N VAL C 883 -20.61 16.48 -29.33
CA VAL C 883 -21.28 17.77 -29.23
C VAL C 883 -22.40 17.85 -30.25
N PHE C 884 -22.15 17.36 -31.47
CA PHE C 884 -23.21 17.34 -32.47
C PHE C 884 -24.37 16.48 -32.02
N LEU C 885 -24.09 15.33 -31.42
CA LEU C 885 -25.16 14.46 -30.96
C LEU C 885 -25.97 15.14 -29.86
N CYS C 886 -25.29 15.79 -28.92
CA CYS C 886 -25.99 16.49 -27.85
C CYS C 886 -26.87 17.59 -28.40
N LEU C 887 -26.35 18.33 -29.40
CA LEU C 887 -27.15 19.38 -30.01
C LEU C 887 -28.36 18.81 -30.74
N ALA C 888 -28.19 17.68 -31.42
CA ALA C 888 -29.31 17.05 -32.09
C ALA C 888 -30.37 16.63 -31.09
N ALA C 889 -29.96 16.11 -29.94
CA ALA C 889 -30.92 15.79 -28.89
C ALA C 889 -31.60 17.04 -28.37
N LEU C 890 -30.86 18.14 -28.25
CA LEU C 890 -31.43 19.34 -27.65
C LEU C 890 -32.51 19.96 -28.52
N TYR C 891 -32.26 20.05 -29.82
CA TYR C 891 -33.18 20.71 -30.75
C TYR C 891 -34.16 19.74 -31.39
N GLU C 892 -34.01 18.44 -31.16
CA GLU C 892 -34.83 17.43 -31.82
C GLU C 892 -34.76 17.61 -33.34
N SER C 893 -33.54 17.72 -33.84
CA SER C 893 -33.30 17.86 -35.26
C SER C 893 -31.87 17.47 -35.57
N TRP C 894 -31.67 16.90 -36.76
CA TRP C 894 -30.34 16.56 -37.22
C TRP C 894 -29.68 17.69 -37.99
N SER C 895 -30.41 18.74 -38.33
CA SER C 895 -29.89 19.80 -39.17
C SER C 895 -29.55 21.05 -38.37
N ILE C 896 -30.42 21.42 -37.42
CA ILE C 896 -30.25 22.61 -36.60
C ILE C 896 -28.89 22.64 -35.91
N PRO C 897 -28.35 21.52 -35.40
CA PRO C 897 -27.02 21.58 -34.76
C PRO C 897 -25.94 22.24 -35.60
N PHE C 898 -25.98 22.08 -36.91
CA PHE C 898 -24.92 22.63 -37.76
C PHE C 898 -24.79 24.13 -37.58
N SER C 899 -25.90 24.81 -37.32
CA SER C 899 -25.85 26.26 -37.13
C SER C 899 -24.96 26.63 -35.96
N VAL C 900 -25.08 25.90 -34.86
CA VAL C 900 -24.20 26.12 -33.72
C VAL C 900 -22.80 25.63 -34.03
N MET C 901 -22.70 24.48 -34.69
CA MET C 901 -21.40 23.85 -34.90
C MET C 901 -20.49 24.72 -35.76
N LEU C 902 -21.08 25.54 -36.63
CA LEU C 902 -20.27 26.38 -37.50
C LEU C 902 -19.63 27.56 -36.77
N VAL C 903 -19.74 27.63 -35.45
CA VAL C 903 -19.26 28.80 -34.74
C VAL C 903 -17.89 28.62 -34.11
N VAL C 904 -17.38 27.39 -34.04
CA VAL C 904 -16.05 27.18 -33.45
C VAL C 904 -14.95 27.92 -34.20
N PRO C 905 -14.89 27.90 -35.54
CA PRO C 905 -13.82 28.66 -36.20
C PRO C 905 -13.83 30.12 -35.87
N LEU C 906 -14.99 30.69 -35.58
CA LEU C 906 -15.06 32.11 -35.26
C LEU C 906 -14.24 32.44 -34.02
N GLY C 907 -14.33 31.62 -32.98
CA GLY C 907 -13.49 31.83 -31.82
C GLY C 907 -12.05 31.42 -32.05
N VAL C 908 -11.84 30.34 -32.82
CA VAL C 908 -10.49 29.82 -32.99
C VAL C 908 -9.63 30.81 -33.74
N VAL C 909 -10.18 31.45 -34.78
CA VAL C 909 -9.39 32.39 -35.58
C VAL C 909 -8.93 33.56 -34.71
N GLY C 910 -9.80 34.06 -33.86
CA GLY C 910 -9.42 35.14 -32.98
C GLY C 910 -8.39 34.73 -31.95
N ALA C 911 -8.54 33.52 -31.41
CA ALA C 911 -7.54 33.03 -30.45
C ALA C 911 -6.17 32.90 -31.11
N LEU C 912 -6.14 32.36 -32.33
CA LEU C 912 -4.87 32.18 -33.03
C LEU C 912 -4.26 33.53 -33.40
N LEU C 913 -5.09 34.46 -33.85
CA LEU C 913 -4.58 35.75 -34.30
C LEU C 913 -3.92 36.50 -33.16
N ALA C 914 -4.52 36.49 -31.97
CA ALA C 914 -3.94 37.17 -30.83
C ALA C 914 -2.63 36.52 -30.42
N ALA C 915 -2.57 35.18 -30.45
CA ALA C 915 -1.34 34.49 -30.09
C ALA C 915 -0.22 34.83 -31.06
N THR C 916 -0.51 34.88 -32.36
CA THR C 916 0.51 35.20 -33.34
C THR C 916 1.04 36.61 -33.15
N PHE C 917 0.15 37.57 -32.89
CA PHE C 917 0.56 38.96 -32.77
C PHE C 917 1.55 39.14 -31.63
N ARG C 918 1.28 38.49 -30.49
CA ARG C 918 2.20 38.52 -29.37
C ARG C 918 3.21 37.38 -29.41
N GLY C 919 3.15 36.55 -30.45
CA GLY C 919 4.13 35.50 -30.63
C GLY C 919 4.12 34.46 -29.55
N LEU C 920 2.93 34.00 -29.16
CA LEU C 920 2.84 32.90 -28.21
C LEU C 920 3.03 31.57 -28.93
N THR C 921 2.75 30.49 -28.22
CA THR C 921 2.93 29.15 -28.72
C THR C 921 1.70 28.32 -28.39
N ASN C 922 1.48 27.26 -29.18
CA ASN C 922 0.34 26.38 -28.97
C ASN C 922 0.64 25.43 -27.81
N ASP C 923 0.69 26.00 -26.61
CA ASP C 923 0.93 25.22 -25.41
C ASP C 923 -0.40 24.78 -24.79
N VAL C 924 -0.29 24.08 -23.66
CA VAL C 924 -1.49 23.57 -23.00
C VAL C 924 -2.38 24.71 -22.54
N TYR C 925 -1.78 25.80 -22.07
CA TYR C 925 -2.57 26.96 -21.66
C TYR C 925 -3.37 27.51 -22.82
N PHE C 926 -2.74 27.63 -23.99
CA PHE C 926 -3.46 28.11 -25.16
C PHE C 926 -4.58 27.15 -25.54
N GLN C 927 -4.32 25.86 -25.44
CA GLN C 927 -5.34 24.88 -25.83
C GLN C 927 -6.56 24.96 -24.92
N VAL C 928 -6.33 25.06 -23.60
CA VAL C 928 -7.47 25.11 -22.68
C VAL C 928 -8.21 26.43 -22.83
N GLY C 929 -7.47 27.53 -23.05
CA GLY C 929 -8.14 28.79 -23.32
C GLY C 929 -8.97 28.72 -24.59
N LEU C 930 -8.45 28.04 -25.61
CA LEU C 930 -9.18 27.87 -26.85
C LEU C 930 -10.46 27.08 -26.63
N LEU C 931 -10.37 25.99 -25.88
CA LEU C 931 -11.56 25.21 -25.56
C LEU C 931 -12.58 26.05 -24.81
N THR C 932 -12.13 26.85 -23.85
CA THR C 932 -13.05 27.69 -23.11
C THR C 932 -13.72 28.72 -24.01
N THR C 933 -12.95 29.36 -24.89
CA THR C 933 -13.53 30.37 -25.77
C THR C 933 -14.56 29.74 -26.70
N ILE C 934 -14.22 28.59 -27.29
CA ILE C 934 -15.17 27.98 -28.23
C ILE C 934 -16.38 27.45 -27.49
N GLY C 935 -16.20 27.00 -26.25
CA GLY C 935 -17.35 26.59 -25.46
C GLY C 935 -18.28 27.75 -25.17
N LEU C 936 -17.71 28.89 -24.81
CA LEU C 936 -18.54 30.07 -24.54
C LEU C 936 -19.26 30.55 -25.78
N SER C 937 -18.55 30.56 -26.92
CA SER C 937 -19.19 30.96 -28.18
C SER C 937 -20.29 29.99 -28.55
N ALA C 938 -20.05 28.69 -28.35
CA ALA C 938 -21.08 27.69 -28.63
C ALA C 938 -22.28 27.90 -27.72
N LYS C 939 -22.04 28.26 -26.46
CA LYS C 939 -23.15 28.52 -25.55
C LYS C 939 -23.98 29.71 -26.01
N ASN C 940 -23.31 30.78 -26.45
CA ASN C 940 -24.02 31.94 -26.96
C ASN C 940 -24.86 31.55 -28.18
N ALA C 941 -24.25 30.81 -29.10
CA ALA C 941 -24.96 30.39 -30.31
C ALA C 941 -26.14 29.49 -29.97
N ILE C 942 -25.96 28.58 -29.00
CA ILE C 942 -27.03 27.68 -28.60
C ILE C 942 -28.21 28.49 -28.08
N LEU C 943 -27.93 29.48 -27.24
CA LEU C 943 -29.02 30.28 -26.70
C LEU C 943 -29.74 31.04 -27.80
N ILE C 944 -28.98 31.62 -28.74
CA ILE C 944 -29.61 32.37 -29.83
C ILE C 944 -30.51 31.45 -30.65
N VAL C 945 -29.98 30.28 -31.01
CA VAL C 945 -30.75 29.36 -31.85
C VAL C 945 -31.97 28.84 -31.10
N GLU C 946 -31.82 28.58 -29.80
CA GLU C 946 -32.95 28.09 -29.02
C GLU C 946 -34.06 29.13 -28.95
N PHE C 947 -33.70 30.40 -28.74
CA PHE C 947 -34.71 31.44 -28.72
C PHE C 947 -35.38 31.56 -30.09
N ALA C 948 -34.59 31.49 -31.16
CA ALA C 948 -35.18 31.61 -32.50
C ALA C 948 -36.13 30.46 -32.78
N LYS C 949 -35.72 29.24 -32.44
CA LYS C 949 -36.56 28.08 -32.67
C LYS C 949 -37.83 28.14 -31.82
N ASP C 950 -37.70 28.58 -30.58
CA ASP C 950 -38.87 28.70 -29.70
C ASP C 950 -39.85 29.72 -30.27
N LEU C 951 -39.34 30.86 -30.73
CA LEU C 951 -40.22 31.88 -31.31
C LEU C 951 -40.88 31.37 -32.58
N MET C 952 -40.15 30.60 -33.39
CA MET C 952 -40.70 30.16 -34.66
C MET C 952 -41.73 29.06 -34.47
N GLU C 953 -41.46 28.12 -33.57
CA GLU C 953 -42.36 26.97 -33.36
C GLU C 953 -43.52 27.35 -32.46
N LYS C 954 -43.22 27.73 -31.22
CA LYS C 954 -44.29 27.98 -30.25
C LYS C 954 -45.12 29.18 -30.64
N GLU C 955 -44.48 30.30 -30.92
CA GLU C 955 -45.18 31.47 -31.42
C GLU C 955 -45.24 31.42 -32.95
N GLY C 956 -46.14 32.20 -33.51
CA GLY C 956 -46.23 32.27 -34.95
C GLY C 956 -45.28 33.30 -35.53
N LYS C 957 -44.13 32.85 -36.02
CA LYS C 957 -43.13 33.74 -36.56
C LYS C 957 -42.53 33.14 -37.83
N GLY C 958 -42.06 34.01 -38.71
CA GLY C 958 -41.34 33.55 -39.88
C GLY C 958 -39.90 33.24 -39.56
N LEU C 959 -39.18 32.75 -40.57
CA LEU C 959 -37.78 32.41 -40.38
C LEU C 959 -36.95 33.63 -40.06
N ILE C 960 -37.09 34.68 -40.88
CA ILE C 960 -36.29 35.88 -40.68
C ILE C 960 -36.75 36.64 -39.43
N GLU C 961 -38.06 36.77 -39.26
CA GLU C 961 -38.59 37.55 -38.16
C GLU C 961 -38.19 36.95 -36.81
N ALA C 962 -38.31 35.63 -36.68
CA ALA C 962 -37.93 34.99 -35.43
C ALA C 962 -36.44 35.16 -35.15
N THR C 963 -35.61 35.05 -36.19
CA THR C 963 -34.17 35.22 -36.00
C THR C 963 -33.84 36.62 -35.51
N LEU C 964 -34.45 37.64 -36.13
CA LEU C 964 -34.18 39.01 -35.71
C LEU C 964 -34.65 39.24 -34.29
N GLU C 965 -35.82 38.74 -33.94
CA GLU C 965 -36.31 38.90 -32.57
C GLU C 965 -35.38 38.22 -31.58
N ALA C 966 -34.91 37.02 -31.90
CA ALA C 966 -34.03 36.30 -31.00
C ALA C 966 -32.70 37.02 -30.81
N VAL C 967 -32.10 37.49 -31.90
CA VAL C 967 -30.80 38.16 -31.77
C VAL C 967 -30.98 39.49 -31.05
N ARG C 968 -32.14 40.13 -31.23
CA ARG C 968 -32.40 41.35 -30.47
C ARG C 968 -32.48 41.06 -28.98
N MET C 969 -33.15 39.96 -28.61
CA MET C 969 -33.28 39.64 -27.19
C MET C 969 -31.96 39.21 -26.58
N ARG C 970 -31.14 38.48 -27.33
CA ARG C 970 -29.92 37.89 -26.79
C ARG C 970 -28.72 38.82 -26.83
N LEU C 971 -28.84 40.02 -27.40
CA LEU C 971 -27.67 40.86 -27.60
C LEU C 971 -27.08 41.28 -26.25
N ARG C 972 -27.92 41.79 -25.36
CA ARG C 972 -27.41 42.34 -24.11
C ARG C 972 -26.65 41.33 -23.27
N PRO C 973 -27.17 40.13 -22.97
CA PRO C 973 -26.38 39.19 -22.16
C PRO C 973 -25.09 38.79 -22.82
N ILE C 974 -25.08 38.67 -24.15
CA ILE C 974 -23.85 38.31 -24.86
C ILE C 974 -22.78 39.37 -24.62
N LEU C 975 -23.13 40.64 -24.81
CA LEU C 975 -22.16 41.70 -24.59
C LEU C 975 -21.74 41.78 -23.14
N MET C 976 -22.67 41.58 -22.21
CA MET C 976 -22.32 41.62 -20.79
C MET C 976 -21.30 40.54 -20.47
N THR C 977 -21.56 39.31 -20.89
CA THR C 977 -20.63 38.21 -20.62
C THR C 977 -19.28 38.47 -21.27
N SER C 978 -19.28 38.89 -22.53
CA SER C 978 -18.03 39.10 -23.23
C SER C 978 -17.21 40.19 -22.57
N LEU C 979 -17.86 41.31 -22.22
CA LEU C 979 -17.15 42.42 -21.60
C LEU C 979 -16.59 42.02 -20.24
N ALA C 980 -17.39 41.32 -19.44
CA ALA C 980 -16.93 40.91 -18.12
C ALA C 980 -15.73 39.98 -18.24
N PHE C 981 -15.81 39.00 -19.15
CA PHE C 981 -14.71 38.05 -19.31
C PHE C 981 -13.46 38.74 -19.83
N ILE C 982 -13.62 39.65 -20.79
CA ILE C 982 -12.47 40.37 -21.35
C ILE C 982 -11.79 41.19 -20.27
N LEU C 983 -12.58 41.91 -19.47
CA LEU C 983 -11.98 42.71 -18.41
C LEU C 983 -11.32 41.83 -17.36
N GLY C 984 -11.93 40.70 -17.02
CA GLY C 984 -11.33 39.82 -16.03
C GLY C 984 -10.03 39.21 -16.50
N VAL C 985 -9.94 38.90 -17.79
CA VAL C 985 -8.74 38.29 -18.34
C VAL C 985 -7.65 39.31 -18.63
N MET C 986 -8.02 40.56 -18.87
CA MET C 986 -7.04 41.59 -19.22
C MET C 986 -5.86 41.69 -18.26
N PRO C 987 -6.02 41.63 -16.94
CA PRO C 987 -4.84 41.66 -16.06
C PRO C 987 -3.83 40.57 -16.35
N LEU C 988 -4.30 39.39 -16.75
CA LEU C 988 -3.37 38.31 -17.08
C LEU C 988 -2.51 38.67 -18.28
N VAL C 989 -3.08 39.37 -19.25
CA VAL C 989 -2.32 39.75 -20.44
C VAL C 989 -1.23 40.75 -20.10
N ILE C 990 -1.59 41.79 -19.33
CA ILE C 990 -0.64 42.85 -19.04
C ILE C 990 0.28 42.51 -17.87
N SER C 991 0.10 41.36 -17.23
CA SER C 991 0.94 41.01 -16.09
C SER C 991 2.36 40.72 -16.53
N SER C 992 3.32 41.11 -15.69
CA SER C 992 4.72 40.80 -15.94
C SER C 992 5.44 40.35 -14.68
N GLY C 993 4.71 40.07 -13.59
CA GLY C 993 5.32 39.65 -12.34
C GLY C 993 5.58 38.16 -12.30
N ALA C 994 5.37 37.58 -11.13
CA ALA C 994 5.62 36.15 -10.96
C ALA C 994 4.64 35.35 -11.78
N GLY C 995 5.13 34.28 -12.42
CA GLY C 995 4.28 33.42 -13.19
C GLY C 995 3.73 34.11 -14.42
N SER C 996 4.39 35.19 -14.83
CA SER C 996 3.88 35.99 -15.94
C SER C 996 3.75 35.19 -17.22
N GLY C 997 4.61 34.19 -17.40
CA GLY C 997 4.51 33.36 -18.59
C GLY C 997 3.19 32.63 -18.67
N ALA C 998 2.80 31.97 -17.57
CA ALA C 998 1.54 31.25 -17.58
C ALA C 998 0.35 32.18 -17.73
N GLN C 999 0.38 33.31 -17.00
CA GLN C 999 -0.73 34.24 -17.06
C GLN C 999 -0.88 34.83 -18.45
N ASN C 1000 0.24 35.19 -19.09
CA ASN C 1000 0.17 35.72 -20.45
C ASN C 1000 -0.32 34.66 -21.44
N ALA C 1001 0.18 33.43 -21.31
CA ALA C 1001 -0.23 32.38 -22.22
C ALA C 1001 -1.73 32.11 -22.10
N VAL C 1002 -2.25 32.16 -20.87
CA VAL C 1002 -3.69 31.98 -20.68
C VAL C 1002 -4.45 33.18 -21.24
N GLY C 1003 -4.01 34.39 -20.91
CA GLY C 1003 -4.80 35.57 -21.20
C GLY C 1003 -4.87 35.91 -22.68
N THR C 1004 -3.73 35.85 -23.37
CA THR C 1004 -3.70 36.29 -24.76
C THR C 1004 -4.60 35.44 -25.63
N GLY C 1005 -4.61 34.13 -25.39
CA GLY C 1005 -5.47 33.26 -26.18
C GLY C 1005 -6.94 33.55 -25.97
N VAL C 1006 -7.34 33.77 -24.72
CA VAL C 1006 -8.74 34.02 -24.41
C VAL C 1006 -9.17 35.40 -24.92
N MET C 1007 -8.30 36.40 -24.75
CA MET C 1007 -8.66 37.76 -25.13
C MET C 1007 -9.01 37.85 -26.61
N GLY C 1008 -8.13 37.34 -27.47
CA GLY C 1008 -8.43 37.35 -28.89
C GLY C 1008 -9.60 36.46 -29.24
N GLY C 1009 -9.71 35.33 -28.54
CA GLY C 1009 -10.80 34.41 -28.81
C GLY C 1009 -12.16 35.04 -28.53
N MET C 1010 -12.27 35.76 -27.41
CA MET C 1010 -13.56 36.30 -27.01
C MET C 1010 -13.96 37.47 -27.90
N VAL C 1011 -13.02 38.35 -28.24
CA VAL C 1011 -13.36 39.57 -28.97
C VAL C 1011 -13.88 39.21 -30.36
N THR C 1012 -13.24 38.27 -31.03
CA THR C 1012 -13.68 37.89 -32.37
C THR C 1012 -14.95 37.03 -32.31
N ALA C 1013 -14.99 36.08 -31.39
CA ALA C 1013 -16.17 35.24 -31.27
C ALA C 1013 -17.40 36.07 -30.95
N THR C 1014 -17.27 37.03 -30.05
CA THR C 1014 -18.39 37.91 -29.75
C THR C 1014 -18.77 38.75 -30.97
N ILE C 1015 -17.77 39.32 -31.63
CA ILE C 1015 -18.05 40.19 -32.77
C ILE C 1015 -18.60 39.39 -33.94
N LEU C 1016 -17.98 38.26 -34.25
CA LEU C 1016 -18.35 37.52 -35.45
C LEU C 1016 -19.65 36.76 -35.27
N ALA C 1017 -19.84 36.12 -34.11
CA ALA C 1017 -20.97 35.22 -33.95
C ALA C 1017 -22.29 35.96 -34.02
N ILE C 1018 -22.37 37.14 -33.44
CA ILE C 1018 -23.63 37.87 -33.38
C ILE C 1018 -24.10 38.20 -34.79
N PHE C 1019 -23.17 38.17 -35.75
CA PHE C 1019 -23.51 38.39 -37.16
C PHE C 1019 -23.57 37.11 -37.97
N PHE C 1020 -22.92 36.03 -37.50
CA PHE C 1020 -22.84 34.84 -38.34
C PHE C 1020 -23.88 33.79 -37.94
N VAL C 1021 -24.18 33.66 -36.65
CA VAL C 1021 -25.15 32.64 -36.23
C VAL C 1021 -26.55 32.91 -36.77
N PRO C 1022 -27.00 34.16 -36.97
CA PRO C 1022 -28.25 34.30 -37.73
C PRO C 1022 -28.13 33.79 -39.15
N VAL C 1023 -26.99 34.05 -39.79
CA VAL C 1023 -26.77 33.57 -41.15
C VAL C 1023 -26.79 32.05 -41.16
N PHE C 1024 -26.09 31.43 -40.21
CA PHE C 1024 -26.05 29.97 -40.15
C PHE C 1024 -27.43 29.40 -39.91
N PHE C 1025 -28.19 30.01 -39.00
CA PHE C 1025 -29.53 29.51 -38.71
C PHE C 1025 -30.44 29.56 -39.93
N VAL C 1026 -30.46 30.71 -40.61
CA VAL C 1026 -31.38 30.86 -41.73
C VAL C 1026 -30.91 30.03 -42.92
N VAL C 1027 -29.61 29.77 -43.03
CA VAL C 1027 -29.12 28.88 -44.07
C VAL C 1027 -29.58 27.45 -43.81
N VAL C 1028 -29.36 26.99 -42.57
CA VAL C 1028 -29.68 25.60 -42.23
C VAL C 1028 -31.19 25.35 -42.36
N ARG C 1029 -32.00 26.28 -41.86
CA ARG C 1029 -33.44 26.08 -41.90
C ARG C 1029 -33.95 26.04 -43.34
N ARG C 1030 -33.36 26.84 -44.22
CA ARG C 1030 -33.79 26.84 -45.62
C ARG C 1030 -33.28 25.62 -46.36
N ARG C 1031 -32.02 25.24 -46.13
CA ARG C 1031 -31.42 24.17 -46.92
C ARG C 1031 -32.07 22.82 -46.62
N PHE C 1032 -32.22 22.50 -45.34
CA PHE C 1032 -32.77 21.21 -44.92
C PHE C 1032 -34.26 21.27 -44.65
N SER C 1033 -34.90 22.41 -44.87
CA SER C 1033 -36.34 22.51 -44.66
C SER C 1033 -36.91 23.72 -45.39
C10 ERY D . 9.63 -7.48 28.58
C11 ERY D . 8.44 -8.40 28.86
C12 ERY D . 8.45 -8.92 30.29
C13 ERY D . 7.07 -9.45 30.65
O2 ERY D . 6.27 -8.38 31.13
C2 ERY D . 4.25 -6.92 30.51
C3 ERY D . 4.62 -5.60 29.84
C4 ERY D . 5.96 -5.67 29.13
C5 ERY D . 5.91 -4.91 27.82
C6 ERY D . 6.08 -5.88 26.65
C7 ERY D . 7.46 -5.70 26.03
C8 ERY D . 8.36 -6.87 26.41
C9 ERY D . 9.21 -6.46 27.57
O11 ERY D . 9.58 -5.30 27.68
C1 ERY D . 5.23 -8.01 30.18
O1 ERY D . 5.19 -8.57 29.11
O3 ERY D . 4.64 -4.56 30.82
O7 ERY D . 6.94 -3.93 27.76
C34 ERY D . 10.82 -8.28 28.08
C33 ERY D . 9.24 -7.27 25.22
C35 ERY D . 8.88 -7.84 31.27
O12 ERY D . 8.47 -9.51 27.96
O13 ERY D . 9.39 -10.00 30.38
C36 ERY D . 7.15 -10.54 31.71
C30 ERY D . 2.86 -7.38 30.08
C32 ERY D . 4.98 -5.70 25.61
O10 ERY D . 5.99 -7.22 27.15
C22 ERY D . 6.47 -2.59 27.87
C23 ERY D . 5.14 -2.40 27.16
C24 ERY D . 4.63 -0.98 27.35
C25 ERY D . 4.68 -0.58 28.81
C26 ERY D . 6.05 -0.86 29.40
O9 ERY D . 6.32 -2.25 29.25
N1 ERY D . 3.24 -0.88 26.86
C27 ERY D . 6.12 -0.48 30.87
O8 ERY D . 5.30 -2.65 25.76
C28 ERY D . 2.48 0.06 27.70
C14 ERY D . 3.41 -3.85 30.80
C15 ERY D . 3.54 -2.55 31.60
C16 ERY D . 2.24 -1.79 31.53
C17 ERY D . 1.25 -2.59 30.71
C18 ERY D . 1.83 -2.86 29.33
O4 ERY D . 3.08 -3.54 29.45
O5 ERY D . 2.46 -0.52 30.92
O6 ERY D . 0.02 -1.87 30.58
C20 ERY D . 1.74 0.62 31.35
C29 ERY D . 3.22 -0.40 25.47
C21 ERY D . 0.88 -3.72 28.50
C37 ERY D . 5.79 -11.16 31.95
C31 ERY D . 7.08 -5.15 30.04
C19 ERY D . 1.69 -1.55 32.94
#